data_3D54
#
_entry.id   3D54
#
_cell.length_a   256.851
_cell.length_b   187.337
_cell.length_c   159.177
_cell.angle_alpha   90.00
_cell.angle_beta   99.12
_cell.angle_gamma   90.00
#
_symmetry.space_group_name_H-M   'C 1 2 1'
#
loop_
_entity.id
_entity.type
_entity.pdbx_description
1 polymer 'Phosphoribosylformylglycinamidine synthase II'
2 polymer 'Formylglycinamide ribonucleotide amidotransferase'
3 polymer 'Phosphoribosylformylglycinamidine synthase 1'
4 non-polymer 'SODIUM ION'
5 non-polymer "ADENOSINE-5'-DIPHOSPHATE"
#
loop_
_entity_poly.entity_id
_entity_poly.type
_entity_poly.pdbx_seq_one_letter_code
_entity_poly.pdbx_strand_id
1 'polypeptide(L)'
;MGSHHHHHHDITSLYKKAGSENLYFQMKLRYLNILKEKLGREPTFVELQAFSVMWSEHCGYSHTKKYIRRLPKTGFEGNA
GVVNLDDYYSVAFKIESHNHPSAIEPYNGAATGVGGIIRDVLAMGARPTAIFDSLHMSRIIDGIIEGIADYGNSIGVPTV
GGELRISSLYAHNPLVNVLAAGVVRNDMLVDSKASRPGQVIVIFGGATGRDGIHGASFASEDLTGDKATKLSIQVGDPFA
EKMLIEAFLEMVEEGLVEGAQDLGAGGVLSATSELVAKGNLGAIVHLDRVPLREPDMEPWEILISESQERMAVVTSPQKA
SRILEIARKHLLFGDVVAEVIEEPVYRVMYRNDLVMEVPVQLLANAPEEDIVEYTPGKIPEFKRVEFEEVNAREVFEQYD
HMVGTDTVVPPGFGAAVMRIKRDGGYSLVTHSRADLALQDTYWGTLIAVLESVRKTLSVGAEPLAITNCVNYGDPDVDPV
GLSAMMTALKNACEFSGVPVASGNASLYNTYQGKPIPPTLVVGMLGKVNPQKVAKPKPSKVFAVGWNDFELEREKELWRA
IRKLSEEGAFILSSSQLLTRTHVETFREYGLKIEVKLPEVRPAHQMVLVFSERTPVVDVPVKEIGTLSR
;
A,E,I
2 'polypeptide(L)'
;MPLFKFAIDVQYRSNVRDPRGETIERVLREEKGLPVKKLRLGKSIHLEVEAENKEKAYEIVKKACEELLVNPVVEEYEVR
EL
;
B,C,F,G,J,K
3 'polypeptide(L)'
;MKPRACVVVYPGSNCDRDAYHALEINGFEPSYVGLDDKLDDYELIILPGGFSYGDYLRPGAVAAREKIAFEIAKAAERGK
LIMGI(CYG)NGFQILIEMGLLKGALLQNSSGKFICKWVDLIVENNDTPFTNAFEKGEKIRIPIAHGFGRYVKIDDVNVV
LRYVKDVNGSDERIAGVLNESGNVFGLMPHPERAVEELIGGEDGKKVFQSILNYLKR
;
D,H,L
#
# COMPACT_ATOMS: atom_id res chain seq x y z
N LYS A 28 -36.74 49.24 -12.35
CA LYS A 28 -37.34 50.59 -12.19
C LYS A 28 -38.83 50.67 -12.55
N LEU A 29 -39.71 50.33 -11.58
CA LEU A 29 -41.17 50.43 -11.70
C LEU A 29 -41.66 51.40 -10.62
N ARG A 30 -40.78 51.73 -9.67
CA ARG A 30 -41.09 52.63 -8.55
C ARG A 30 -39.82 53.34 -8.10
N TYR A 31 -38.67 52.78 -8.46
CA TYR A 31 -37.34 53.30 -8.11
C TYR A 31 -36.95 54.49 -8.99
N LEU A 32 -37.86 54.87 -9.90
CA LEU A 32 -37.65 55.99 -10.84
C LEU A 32 -37.71 57.32 -10.09
N ASN A 33 -38.68 57.45 -9.19
CA ASN A 33 -38.95 58.66 -8.41
C ASN A 33 -37.80 58.94 -7.43
N ILE A 34 -37.08 57.88 -7.05
CA ILE A 34 -35.95 57.95 -6.10
C ILE A 34 -34.68 58.42 -6.81
N LEU A 35 -34.64 58.26 -8.14
CA LEU A 35 -33.50 58.64 -8.98
C LEU A 35 -33.60 60.11 -9.40
N LYS A 36 -34.83 60.57 -9.59
CA LYS A 36 -35.13 61.95 -10.03
C LYS A 36 -34.74 62.98 -8.97
N GLU A 37 -34.86 62.62 -7.68
CA GLU A 37 -34.53 63.56 -6.60
C GLU A 37 -33.03 63.58 -6.28
N LYS A 38 -32.26 62.63 -6.83
CA LYS A 38 -30.82 62.58 -6.59
C LYS A 38 -30.05 63.20 -7.77
N LEU A 39 -30.74 63.35 -8.91
CA LEU A 39 -30.17 63.94 -10.12
C LEU A 39 -30.61 65.40 -10.28
N GLY A 40 -31.80 65.72 -9.77
CA GLY A 40 -32.35 67.07 -9.82
C GLY A 40 -33.03 67.49 -11.09
N ARG A 41 -33.29 66.52 -11.97
CA ARG A 41 -33.92 66.71 -13.29
C ARG A 41 -34.46 65.37 -13.79
N GLU A 42 -34.81 65.32 -15.07
CA GLU A 42 -35.31 64.10 -15.71
C GLU A 42 -34.13 63.37 -16.35
N PRO A 43 -34.12 62.01 -16.32
CA PRO A 43 -33.01 61.24 -16.92
C PRO A 43 -33.06 61.15 -18.45
N THR A 44 -31.88 61.06 -19.09
CA THR A 44 -31.80 60.93 -20.55
C THR A 44 -32.02 59.48 -20.94
N PHE A 45 -32.04 59.17 -22.25
CA PHE A 45 -32.28 57.81 -22.73
C PHE A 45 -31.07 56.90 -22.46
N VAL A 46 -29.92 57.52 -22.23
CA VAL A 46 -28.67 56.81 -21.95
C VAL A 46 -28.66 56.41 -20.47
N GLU A 47 -29.16 57.31 -19.62
CA GLU A 47 -29.21 57.11 -18.17
C GLU A 47 -30.36 56.19 -17.79
N LEU A 48 -31.49 56.28 -18.48
CA LEU A 48 -32.69 55.45 -18.21
C LEU A 48 -32.40 53.97 -18.44
N GLN A 49 -31.62 53.65 -19.48
CA GLN A 49 -31.28 52.26 -19.81
C GLN A 49 -30.14 51.75 -18.94
N ALA A 50 -29.32 52.68 -18.45
CA ALA A 50 -28.15 52.36 -17.61
C ALA A 50 -28.58 51.92 -16.21
N PHE A 51 -29.49 52.68 -15.60
CA PHE A 51 -29.98 52.41 -14.24
C PHE A 51 -31.13 51.42 -14.23
N SER A 52 -31.61 51.00 -15.40
CA SER A 52 -32.69 50.00 -15.45
C SER A 52 -32.07 48.61 -15.34
N VAL A 53 -30.76 48.56 -15.59
CA VAL A 53 -29.97 47.32 -15.55
C VAL A 53 -29.04 47.32 -14.33
N MET A 54 -28.57 48.51 -13.90
CA MET A 54 -27.67 48.65 -12.75
C MET A 54 -28.43 48.55 -11.41
N TRP A 55 -29.68 49.01 -11.43
CA TRP A 55 -30.53 48.98 -10.25
C TRP A 55 -31.64 47.94 -10.39
N SER A 56 -31.32 46.84 -11.07
CA SER A 56 -32.25 45.70 -11.22
C SER A 56 -32.02 44.76 -10.03
N GLU A 57 -32.73 43.65 -9.99
CA GLU A 57 -32.51 42.77 -8.83
C GLU A 57 -31.36 41.79 -9.10
N HIS A 58 -30.80 41.81 -10.32
CA HIS A 58 -29.71 40.89 -10.66
C HIS A 58 -28.37 41.43 -10.16
N CYS A 59 -27.95 42.61 -10.65
CA CYS A 59 -26.66 43.18 -10.22
C CYS A 59 -26.89 44.47 -9.43
N GLY A 60 -27.98 44.50 -8.67
CA GLY A 60 -28.33 45.64 -7.83
C GLY A 60 -28.40 45.27 -6.36
N TYR A 61 -29.01 44.12 -6.08
CA TYR A 61 -29.20 43.54 -4.74
C TYR A 61 -29.90 44.54 -3.81
N SER A 62 -31.18 44.77 -4.06
CA SER A 62 -31.95 45.74 -3.26
C SER A 62 -32.54 45.07 -2.02
N HIS A 63 -33.05 43.86 -2.19
CA HIS A 63 -33.70 43.14 -1.09
C HIS A 63 -32.73 42.22 -0.34
N THR A 64 -31.41 42.37 -0.52
CA THR A 64 -30.48 41.44 0.13
C THR A 64 -29.24 42.10 0.71
N LYS A 65 -28.90 43.29 0.20
CA LYS A 65 -27.69 44.05 0.59
C LYS A 65 -27.54 44.19 2.11
N LYS A 66 -28.62 44.52 2.81
CA LYS A 66 -28.57 44.76 4.26
C LYS A 66 -28.38 43.45 5.05
N TYR A 67 -28.94 42.34 4.55
CA TYR A 67 -28.81 41.04 5.25
C TYR A 67 -27.40 40.49 5.04
N ILE A 68 -26.82 40.79 3.87
CA ILE A 68 -25.51 40.30 3.43
C ILE A 68 -24.35 40.89 4.24
N ARG A 69 -24.62 41.98 4.94
CA ARG A 69 -23.59 42.61 5.77
C ARG A 69 -23.56 41.97 7.17
N ARG A 70 -24.70 41.39 7.56
CA ARG A 70 -24.89 40.73 8.87
C ARG A 70 -24.23 39.35 8.90
N LEU A 71 -23.94 38.76 7.74
CA LEU A 71 -23.31 37.43 7.64
C LEU A 71 -21.79 37.58 7.80
N PRO A 72 -21.15 36.74 8.66
CA PRO A 72 -19.70 36.81 8.86
C PRO A 72 -18.87 36.40 7.64
N LYS A 73 -18.05 37.32 7.15
CA LYS A 73 -17.20 37.08 5.96
C LYS A 73 -15.77 36.73 6.35
N THR A 74 -14.88 36.56 5.36
CA THR A 74 -13.46 36.25 5.59
C THR A 74 -12.61 37.52 5.49
N GLY A 78 -7.83 41.59 1.77
CA GLY A 78 -9.12 42.23 1.68
C GLY A 78 -9.84 41.97 0.37
N ASN A 79 -10.02 40.69 0.04
CA ASN A 79 -10.68 40.26 -1.20
C ASN A 79 -11.80 39.27 -0.87
N ALA A 80 -12.96 39.51 -1.49
CA ALA A 80 -14.15 38.66 -1.31
C ALA A 80 -14.23 37.63 -2.45
N GLY A 81 -13.92 36.38 -2.11
CA GLY A 81 -13.94 35.26 -3.06
C GLY A 81 -12.77 34.28 -2.94
N VAL A 82 -11.74 34.64 -2.16
CA VAL A 82 -10.53 33.83 -1.98
C VAL A 82 -10.37 33.42 -0.52
N VAL A 83 -9.83 32.21 -0.31
CA VAL A 83 -9.56 31.62 1.01
C VAL A 83 -8.12 31.10 1.05
N ASN A 84 -7.39 31.37 2.13
CA ASN A 84 -6.00 30.91 2.27
C ASN A 84 -5.99 29.43 2.63
N LEU A 85 -5.21 28.66 1.88
CA LEU A 85 -5.16 27.21 2.09
C LEU A 85 -3.82 26.78 2.71
N ASP A 86 -2.70 27.15 2.09
CA ASP A 86 -1.38 26.71 2.56
C ASP A 86 -0.37 27.83 2.81
N ASP A 87 -0.79 29.11 2.81
CA ASP A 87 0.06 30.30 2.99
C ASP A 87 1.01 30.50 1.80
N TYR A 88 1.12 29.43 1.01
CA TYR A 88 1.86 29.31 -0.25
C TYR A 88 0.77 29.49 -1.31
N TYR A 89 -0.34 28.74 -1.18
CA TYR A 89 -1.48 28.82 -2.11
C TYR A 89 -2.78 29.27 -1.45
N SER A 90 -3.77 29.57 -2.30
CA SER A 90 -5.12 30.01 -1.91
C SER A 90 -6.14 29.68 -3.00
N VAL A 91 -7.27 29.09 -2.58
CA VAL A 91 -8.35 28.68 -3.49
C VAL A 91 -9.40 29.78 -3.62
N ALA A 92 -9.79 30.06 -4.86
CA ALA A 92 -10.81 31.09 -5.15
C ALA A 92 -12.07 30.40 -5.67
N PHE A 93 -13.22 30.70 -5.07
CA PHE A 93 -14.47 30.08 -5.53
C PHE A 93 -15.68 31.00 -5.30
N LYS A 94 -16.66 30.82 -6.17
CA LYS A 94 -17.91 31.59 -6.14
C LYS A 94 -18.97 30.75 -6.84
N ILE A 95 -20.23 31.10 -6.61
CA ILE A 95 -21.37 30.41 -7.22
C ILE A 95 -22.32 31.48 -7.75
N GLU A 96 -22.81 31.28 -8.97
CA GLU A 96 -23.76 32.23 -9.57
C GLU A 96 -25.02 31.45 -9.96
N SER A 97 -26.10 32.18 -10.20
CA SER A 97 -27.39 31.59 -10.55
C SER A 97 -27.90 32.12 -11.89
N HIS A 98 -27.99 31.21 -12.83
CA HIS A 98 -28.52 31.51 -14.17
C HIS A 98 -29.77 30.65 -14.41
N ASN A 99 -30.87 31.04 -13.73
CA ASN A 99 -32.16 30.33 -13.77
C ASN A 99 -33.06 30.93 -14.87
N HIS A 100 -32.95 32.24 -15.00
CA HIS A 100 -33.75 33.06 -15.93
C HIS A 100 -33.39 32.74 -17.38
N PRO A 101 -32.08 32.80 -17.79
CA PRO A 101 -31.88 32.48 -19.21
C PRO A 101 -32.07 30.98 -19.52
N SER A 102 -32.07 30.17 -18.47
CA SER A 102 -32.24 28.72 -18.59
C SER A 102 -33.72 28.40 -18.74
N ALA A 103 -34.57 29.35 -18.36
CA ALA A 103 -36.03 29.18 -18.43
C ALA A 103 -36.47 29.17 -19.90
N ILE A 104 -36.05 30.19 -20.65
CA ILE A 104 -36.40 30.34 -22.07
C ILE A 104 -35.66 29.31 -22.93
N GLU A 105 -34.33 29.22 -22.78
CA GLU A 105 -33.52 28.27 -23.54
C GLU A 105 -32.58 27.50 -22.60
N PRO A 106 -32.77 26.17 -22.46
CA PRO A 106 -31.95 25.31 -21.61
C PRO A 106 -30.47 25.17 -21.94
N TYR A 107 -30.15 24.70 -23.15
CA TYR A 107 -28.76 24.56 -23.57
C TYR A 107 -28.01 25.88 -23.44
N ASN A 108 -28.29 26.81 -24.34
CA ASN A 108 -27.58 28.09 -24.41
C ASN A 108 -27.76 28.88 -23.11
N GLY A 109 -28.49 28.32 -22.15
CA GLY A 109 -28.69 29.00 -20.86
C GLY A 109 -27.69 28.56 -19.80
N ALA A 110 -27.58 27.24 -19.63
CA ALA A 110 -26.64 26.64 -18.66
C ALA A 110 -25.23 26.84 -19.19
N ALA A 111 -25.10 26.80 -20.52
CA ALA A 111 -23.82 26.97 -21.22
C ALA A 111 -23.28 28.37 -20.88
N THR A 112 -24.19 29.35 -21.02
CA THR A 112 -23.93 30.77 -20.72
C THR A 112 -23.54 30.88 -19.25
N GLY A 113 -24.20 30.08 -18.41
CA GLY A 113 -23.95 30.08 -16.97
C GLY A 113 -22.53 29.72 -16.53
N VAL A 114 -21.95 28.71 -17.18
CA VAL A 114 -20.59 28.24 -16.87
C VAL A 114 -19.61 29.34 -17.28
N GLY A 115 -19.97 30.06 -18.34
CA GLY A 115 -19.14 31.13 -18.85
C GLY A 115 -18.95 32.27 -17.88
N GLY A 116 -20.06 32.80 -17.37
CA GLY A 116 -20.04 33.93 -16.46
C GLY A 116 -19.43 33.69 -15.11
N ILE A 117 -19.40 32.44 -14.69
CA ILE A 117 -18.84 32.08 -13.38
C ILE A 117 -17.35 31.74 -13.52
N ILE A 118 -16.95 31.20 -14.66
CA ILE A 118 -15.53 30.85 -14.89
C ILE A 118 -14.69 32.13 -14.92
N ARG A 119 -15.28 33.19 -15.45
CA ARG A 119 -14.58 34.48 -15.56
C ARG A 119 -14.46 35.17 -14.20
N ASP A 120 -15.48 35.04 -13.34
CA ASP A 120 -15.50 35.68 -12.02
C ASP A 120 -14.46 35.06 -11.09
N VAL A 121 -13.91 33.91 -11.50
CA VAL A 121 -12.88 33.19 -10.75
C VAL A 121 -11.51 33.56 -11.33
N LEU A 122 -11.49 33.74 -12.64
CA LEU A 122 -10.26 34.09 -13.38
C LEU A 122 -9.83 35.51 -13.01
N ALA A 123 -10.78 36.37 -12.65
CA ALA A 123 -10.53 37.78 -12.28
C ALA A 123 -9.67 37.89 -11.02
N MET A 124 -9.48 36.77 -10.31
CA MET A 124 -8.66 36.75 -9.09
C MET A 124 -7.27 36.19 -9.41
N GLY A 125 -7.05 35.88 -10.68
CA GLY A 125 -5.77 35.36 -11.15
C GLY A 125 -5.58 33.87 -10.97
N ALA A 126 -6.69 33.18 -10.78
CA ALA A 126 -6.67 31.73 -10.55
C ALA A 126 -7.04 30.96 -11.82
N ARG A 127 -6.42 29.79 -11.96
CA ARG A 127 -6.74 28.88 -13.07
C ARG A 127 -7.97 28.10 -12.64
N PRO A 128 -9.06 28.18 -13.43
CA PRO A 128 -10.30 27.45 -13.10
C PRO A 128 -9.96 25.96 -12.99
N THR A 129 -10.07 25.41 -11.78
CA THR A 129 -9.69 24.01 -11.53
C THR A 129 -10.88 23.08 -11.24
N ALA A 130 -12.10 23.59 -11.03
CA ALA A 130 -13.22 22.69 -10.74
C ALA A 130 -14.55 23.42 -10.87
N ILE A 131 -15.54 22.81 -11.55
CA ILE A 131 -16.88 23.42 -11.64
C ILE A 131 -17.92 22.45 -11.10
N PHE A 132 -18.98 23.02 -10.52
CA PHE A 132 -20.10 22.25 -9.94
C PHE A 132 -21.41 22.72 -10.57
N ASP A 133 -22.39 21.82 -10.70
CA ASP A 133 -23.69 22.17 -11.30
C ASP A 133 -24.85 21.75 -10.38
N SER A 134 -25.55 22.74 -9.82
CA SER A 134 -26.69 22.46 -8.93
C SER A 134 -27.99 22.61 -9.72
N LEU A 135 -28.47 21.49 -10.25
CA LEU A 135 -29.68 21.45 -11.08
C LEU A 135 -30.89 21.02 -10.25
N HIS A 136 -32.01 21.70 -10.49
CA HIS A 136 -33.29 21.46 -9.83
C HIS A 136 -34.36 21.55 -10.93
N MET A 137 -34.86 20.41 -11.41
CA MET A 137 -35.82 20.36 -12.53
C MET A 137 -36.96 19.36 -12.27
N SER A 138 -37.86 19.23 -13.26
CA SER A 138 -39.01 18.31 -13.24
C SER A 138 -38.61 16.92 -13.74
N ARG A 139 -37.70 16.92 -14.71
CA ARG A 139 -37.13 15.71 -15.33
C ARG A 139 -35.68 16.05 -15.70
N ILE A 140 -34.84 15.03 -15.87
CA ILE A 140 -33.44 15.28 -16.27
C ILE A 140 -33.43 15.85 -17.71
N ILE A 141 -33.59 17.18 -17.81
CA ILE A 141 -33.63 17.90 -19.10
C ILE A 141 -32.27 17.79 -19.80
N ASP A 142 -32.27 16.98 -20.86
CA ASP A 142 -31.09 16.69 -21.69
C ASP A 142 -30.43 17.99 -22.14
N GLY A 143 -31.25 19.03 -22.30
CA GLY A 143 -30.77 20.32 -22.71
C GLY A 143 -29.84 21.04 -21.72
N ILE A 144 -30.22 21.10 -20.44
CA ILE A 144 -29.41 21.79 -19.42
C ILE A 144 -28.14 21.00 -19.13
N ILE A 145 -28.26 19.69 -19.18
CA ILE A 145 -27.13 18.77 -18.91
C ILE A 145 -26.08 18.96 -20.00
N GLU A 146 -26.50 18.82 -21.26
CA GLU A 146 -25.60 18.97 -22.41
C GLU A 146 -24.99 20.37 -22.44
N GLY A 147 -25.65 21.29 -21.74
CA GLY A 147 -25.21 22.67 -21.68
C GLY A 147 -23.92 22.84 -20.93
N ILE A 148 -23.90 22.29 -19.71
CA ILE A 148 -22.72 22.38 -18.83
C ILE A 148 -21.60 21.52 -19.42
N ALA A 149 -21.98 20.46 -20.15
CA ALA A 149 -21.05 19.50 -20.76
C ALA A 149 -20.22 20.09 -21.90
N ASP A 150 -20.90 20.52 -22.96
CA ASP A 150 -20.24 21.08 -24.15
C ASP A 150 -19.42 22.34 -23.82
N TYR A 151 -19.64 22.93 -22.65
CA TYR A 151 -18.90 24.15 -22.28
C TYR A 151 -17.79 23.83 -21.29
N GLY A 152 -18.07 23.06 -20.26
CA GLY A 152 -17.08 22.72 -19.25
C GLY A 152 -15.94 21.88 -19.79
N ASN A 153 -16.30 20.97 -20.69
CA ASN A 153 -15.34 20.04 -21.29
C ASN A 153 -14.47 20.79 -22.31
N SER A 154 -15.04 21.79 -22.96
CA SER A 154 -14.31 22.55 -23.98
C SER A 154 -13.27 23.50 -23.39
N ILE A 155 -13.37 23.82 -22.10
CA ILE A 155 -12.40 24.76 -21.48
C ILE A 155 -11.41 24.00 -20.61
N GLY A 156 -11.57 22.68 -20.54
CA GLY A 156 -10.65 21.86 -19.77
C GLY A 156 -10.67 22.07 -18.29
N VAL A 157 -11.89 22.33 -17.80
CA VAL A 157 -12.19 22.53 -16.37
C VAL A 157 -13.04 21.35 -15.91
N PRO A 158 -12.50 20.51 -14.99
CA PRO A 158 -13.29 19.36 -14.54
C PRO A 158 -14.58 19.64 -13.74
N THR A 159 -15.64 19.02 -14.20
CA THR A 159 -16.94 19.12 -13.50
C THR A 159 -16.95 17.97 -12.50
N VAL A 160 -16.37 18.24 -11.34
CA VAL A 160 -16.17 17.23 -10.29
C VAL A 160 -17.35 17.05 -9.34
N GLY A 161 -18.57 17.30 -9.79
CA GLY A 161 -19.71 17.11 -8.91
C GLY A 161 -20.82 18.09 -9.03
N GLY A 162 -21.97 17.75 -8.46
CA GLY A 162 -23.08 18.67 -8.52
C GLY A 162 -24.29 18.02 -7.96
N GLU A 163 -25.39 18.78 -7.95
CA GLU A 163 -26.68 18.31 -7.44
C GLU A 163 -27.63 18.00 -8.60
N LEU A 164 -28.65 17.21 -8.27
CA LEU A 164 -29.69 16.75 -9.21
C LEU A 164 -30.97 16.49 -8.42
N ARG A 165 -31.55 17.55 -7.85
CA ARG A 165 -32.80 17.46 -7.09
C ARG A 165 -33.97 17.53 -8.08
N ILE A 166 -34.50 16.36 -8.42
CA ILE A 166 -35.60 16.25 -9.38
C ILE A 166 -36.94 16.12 -8.64
N SER A 167 -37.83 17.10 -8.87
CA SER A 167 -39.19 17.17 -8.29
C SER A 167 -40.08 18.03 -9.18
N SER A 168 -41.36 17.67 -9.23
CA SER A 168 -42.38 18.34 -10.06
C SER A 168 -42.77 19.71 -9.47
N LEU A 169 -42.09 20.14 -8.43
CA LEU A 169 -42.30 21.46 -7.85
C LEU A 169 -41.53 22.53 -8.62
N TYR A 170 -40.49 22.10 -9.33
CA TYR A 170 -39.65 23.02 -10.08
C TYR A 170 -40.03 23.03 -11.56
N ALA A 171 -41.19 22.48 -11.87
CA ALA A 171 -41.53 22.10 -13.24
C ALA A 171 -41.40 23.31 -14.18
N HIS A 172 -42.08 24.39 -13.83
CA HIS A 172 -42.13 25.58 -14.69
C HIS A 172 -41.13 26.63 -14.19
N ASN A 173 -40.21 26.19 -13.33
CA ASN A 173 -39.21 27.14 -12.82
C ASN A 173 -37.94 26.37 -12.44
N PRO A 174 -37.04 26.12 -13.41
CA PRO A 174 -35.81 25.39 -13.08
C PRO A 174 -34.70 26.30 -12.56
N LEU A 175 -33.84 25.72 -11.73
CA LEU A 175 -32.70 26.43 -11.12
C LEU A 175 -31.39 25.77 -11.53
N VAL A 176 -30.43 26.60 -11.93
CA VAL A 176 -29.09 26.14 -12.35
C VAL A 176 -28.05 27.00 -11.63
N ASN A 177 -27.45 26.45 -10.57
CA ASN A 177 -26.41 27.16 -9.82
C ASN A 177 -25.06 26.50 -10.12
N VAL A 178 -24.24 27.22 -10.87
CA VAL A 178 -22.91 26.71 -11.25
C VAL A 178 -21.87 27.29 -10.30
N LEU A 179 -20.99 26.45 -9.79
CA LEU A 179 -19.95 26.89 -8.86
C LEU A 179 -18.57 26.63 -9.47
N ALA A 180 -17.88 27.69 -9.85
CA ALA A 180 -16.51 27.56 -10.39
C ALA A 180 -15.50 27.75 -9.26
N ALA A 181 -14.37 27.08 -9.35
CA ALA A 181 -13.33 27.18 -8.32
C ALA A 181 -11.96 27.24 -9.01
N GLY A 182 -11.00 27.89 -8.36
CA GLY A 182 -9.68 28.01 -8.94
C GLY A 182 -8.59 28.12 -7.92
N VAL A 183 -7.39 27.70 -8.30
CA VAL A 183 -6.22 27.74 -7.41
C VAL A 183 -5.30 28.88 -7.84
N VAL A 184 -4.62 29.51 -6.89
CA VAL A 184 -3.69 30.61 -7.19
C VAL A 184 -2.66 30.77 -6.06
N ARG A 185 -1.49 31.29 -6.42
CA ARG A 185 -0.42 31.59 -5.46
C ARG A 185 -0.80 32.92 -4.80
N ASN A 186 -0.35 33.17 -3.57
CA ASN A 186 -0.71 34.41 -2.86
C ASN A 186 0.17 35.58 -3.32
N ASP A 187 1.33 35.25 -3.88
CA ASP A 187 2.28 36.26 -4.38
C ASP A 187 1.98 36.62 -5.84
N MET A 188 0.85 36.15 -6.37
CA MET A 188 0.43 36.40 -7.77
C MET A 188 -1.04 36.82 -7.78
N LEU A 189 -1.63 37.04 -6.60
CA LEU A 189 -3.05 37.40 -6.48
C LEU A 189 -3.35 38.77 -7.10
N VAL A 190 -4.54 38.84 -7.69
CA VAL A 190 -5.04 40.05 -8.38
C VAL A 190 -6.20 40.63 -7.59
N ASP A 191 -6.25 41.97 -7.57
CA ASP A 191 -7.29 42.77 -6.89
C ASP A 191 -8.56 42.77 -7.74
N SER A 192 -9.57 43.51 -7.30
CA SER A 192 -10.84 43.63 -8.05
C SER A 192 -11.32 45.09 -7.96
N LYS A 193 -10.35 46.00 -7.96
CA LYS A 193 -10.55 47.46 -7.87
C LYS A 193 -9.35 48.20 -8.45
N ALA A 194 -9.57 49.43 -8.90
CA ALA A 194 -8.50 50.30 -9.40
C ALA A 194 -7.91 50.99 -8.17
N SER A 195 -6.62 50.79 -7.90
CA SER A 195 -5.98 51.35 -6.71
C SER A 195 -5.61 52.82 -6.80
N ARG A 196 -4.84 53.23 -7.81
CA ARG A 196 -4.38 54.63 -7.92
C ARG A 196 -4.77 55.28 -9.25
N PRO A 197 -4.85 56.65 -9.31
CA PRO A 197 -5.19 57.35 -10.56
C PRO A 197 -4.00 57.44 -11.51
N GLY A 198 -4.28 57.58 -12.80
CA GLY A 198 -3.24 57.62 -13.80
C GLY A 198 -3.14 56.25 -14.46
N GLN A 199 -4.04 55.37 -14.04
CA GLN A 199 -4.16 53.98 -14.55
C GLN A 199 -5.20 53.93 -15.66
N VAL A 200 -5.10 52.89 -16.50
CA VAL A 200 -6.02 52.68 -17.63
C VAL A 200 -6.69 51.30 -17.52
N ILE A 201 -7.95 51.23 -17.98
CA ILE A 201 -8.70 49.97 -17.98
C ILE A 201 -8.76 49.44 -19.42
N VAL A 202 -8.28 48.22 -19.62
CA VAL A 202 -8.27 47.58 -20.93
C VAL A 202 -9.36 46.50 -20.99
N ILE A 203 -10.12 46.53 -22.06
CA ILE A 203 -11.19 45.55 -22.34
C ILE A 203 -10.70 44.66 -23.48
N PHE A 204 -10.75 43.34 -23.28
CA PHE A 204 -10.34 42.40 -24.33
C PHE A 204 -11.21 41.14 -24.29
N GLY A 205 -11.01 40.26 -25.25
CA GLY A 205 -11.78 39.04 -25.33
C GLY A 205 -12.49 39.02 -26.65
N GLY A 206 -13.73 38.53 -26.66
CA GLY A 206 -14.52 38.46 -27.87
C GLY A 206 -14.99 39.80 -28.39
N ALA A 207 -15.77 39.73 -29.46
CA ALA A 207 -16.34 40.94 -30.07
C ALA A 207 -17.53 41.40 -29.21
N THR A 208 -17.75 42.72 -29.17
CA THR A 208 -18.85 43.33 -28.40
C THR A 208 -19.99 43.70 -29.35
N GLY A 209 -21.08 42.92 -29.36
CA GLY A 209 -22.20 43.17 -30.27
C GLY A 209 -23.59 43.42 -29.68
N ARG A 210 -24.64 43.13 -30.45
CA ARG A 210 -26.02 43.34 -30.01
C ARG A 210 -26.57 42.06 -29.36
N ASP A 211 -26.33 41.98 -28.05
CA ASP A 211 -26.75 40.84 -27.22
C ASP A 211 -27.58 41.33 -26.03
N GLY A 212 -27.82 42.65 -25.93
CA GLY A 212 -28.59 43.22 -24.84
C GLY A 212 -28.77 44.71 -24.96
N THR A 229 -36.63 36.69 -25.78
CA THR A 229 -36.99 35.94 -27.00
C THR A 229 -36.45 36.65 -28.23
N LYS A 230 -35.75 37.77 -28.02
CA LYS A 230 -35.13 38.51 -29.12
C LYS A 230 -33.76 39.02 -28.71
N LEU A 231 -33.72 39.84 -27.66
CA LEU A 231 -32.53 40.61 -27.32
C LEU A 231 -31.92 40.12 -26.01
N SER A 232 -31.88 38.80 -25.83
CA SER A 232 -31.61 38.20 -24.53
C SER A 232 -31.04 36.80 -24.66
N ILE A 233 -31.20 36.21 -25.85
CA ILE A 233 -30.62 34.89 -26.14
C ILE A 233 -29.30 35.07 -26.87
N GLN A 234 -28.27 34.44 -26.33
CA GLN A 234 -26.90 34.49 -26.87
C GLN A 234 -26.22 33.14 -26.69
N VAL A 235 -25.38 32.74 -27.64
CA VAL A 235 -24.66 31.46 -27.55
C VAL A 235 -23.24 31.75 -27.06
N GLY A 236 -22.73 30.85 -26.22
CA GLY A 236 -21.39 31.00 -25.70
C GLY A 236 -20.38 30.37 -26.63
N ASP A 237 -19.18 30.95 -26.62
CA ASP A 237 -18.04 30.49 -27.42
C ASP A 237 -17.00 29.95 -26.43
N PRO A 238 -17.13 28.66 -26.02
CA PRO A 238 -16.19 28.09 -25.08
C PRO A 238 -14.73 28.09 -25.53
N PHE A 239 -14.52 28.19 -26.83
CA PHE A 239 -13.17 28.21 -27.40
C PHE A 239 -12.50 29.55 -27.04
N ALA A 240 -13.26 30.64 -27.20
CA ALA A 240 -12.73 31.98 -26.90
C ALA A 240 -12.47 32.11 -25.41
N GLU A 241 -13.25 31.37 -24.62
CA GLU A 241 -13.14 31.38 -23.15
C GLU A 241 -11.81 30.72 -22.73
N LYS A 242 -11.40 29.69 -23.46
CA LYS A 242 -10.12 29.02 -23.15
C LYS A 242 -8.98 29.96 -23.55
N MET A 243 -9.15 30.65 -24.67
CA MET A 243 -8.10 31.58 -25.14
C MET A 243 -8.03 32.82 -24.23
N LEU A 244 -9.12 33.05 -23.51
CA LEU A 244 -9.24 34.18 -22.57
C LEU A 244 -8.56 33.80 -21.26
N ILE A 245 -8.64 32.52 -20.92
CA ILE A 245 -8.03 32.01 -19.69
C ILE A 245 -6.51 32.02 -19.84
N GLU A 246 -6.02 31.41 -20.91
CA GLU A 246 -4.57 31.31 -21.14
C GLU A 246 -3.99 32.68 -21.45
N ALA A 247 -4.83 33.60 -21.89
CA ALA A 247 -4.38 34.97 -22.21
C ALA A 247 -4.17 35.75 -20.91
N PHE A 248 -5.18 35.71 -20.05
CA PHE A 248 -5.20 36.41 -18.75
C PHE A 248 -4.10 35.89 -17.82
N LEU A 249 -3.96 34.56 -17.75
CA LEU A 249 -2.97 33.93 -16.87
C LEU A 249 -1.53 34.18 -17.31
N GLU A 250 -1.32 34.70 -18.51
CA GLU A 250 0.05 35.00 -18.94
C GLU A 250 0.33 36.47 -18.57
N MET A 251 -0.75 37.26 -18.52
CA MET A 251 -0.70 38.69 -18.17
C MET A 251 -0.43 38.82 -16.66
N VAL A 252 -0.91 37.83 -15.92
CA VAL A 252 -0.76 37.75 -14.46
C VAL A 252 0.71 37.44 -14.14
N GLU A 253 1.25 36.42 -14.78
CA GLU A 253 2.63 35.98 -14.57
C GLU A 253 3.62 37.01 -15.10
N GLU A 254 3.15 37.88 -15.98
CA GLU A 254 3.99 38.95 -16.54
C GLU A 254 3.93 40.15 -15.60
N GLY A 255 3.04 40.05 -14.60
CA GLY A 255 2.86 41.09 -13.57
C GLY A 255 2.28 42.39 -14.09
N LEU A 256 1.40 42.28 -15.07
CA LEU A 256 0.78 43.47 -15.67
C LEU A 256 -0.65 43.66 -15.17
N VAL A 257 -1.14 42.74 -14.33
CA VAL A 257 -2.51 42.88 -13.82
C VAL A 257 -2.48 43.44 -12.40
N GLU A 258 -3.04 44.65 -12.27
CA GLU A 258 -3.11 45.39 -11.00
C GLU A 258 -4.56 45.43 -10.50
N GLY A 259 -5.48 44.89 -11.31
CA GLY A 259 -6.89 44.82 -10.96
C GLY A 259 -7.70 44.27 -12.13
N ALA A 260 -8.83 43.59 -11.86
CA ALA A 260 -9.66 43.02 -12.92
C ALA A 260 -11.08 42.70 -12.45
N GLN A 261 -11.99 42.63 -13.42
CA GLN A 261 -13.41 42.29 -13.18
C GLN A 261 -13.97 41.63 -14.44
N ASP A 262 -14.91 40.71 -14.25
CA ASP A 262 -15.56 39.99 -15.35
C ASP A 262 -16.66 40.85 -15.98
N LEU A 263 -17.01 40.52 -17.22
CA LEU A 263 -18.08 41.22 -17.92
C LEU A 263 -19.22 40.23 -18.17
N GLY A 264 -20.13 40.20 -17.21
CA GLY A 264 -21.29 39.33 -17.31
C GLY A 264 -22.47 40.27 -17.49
N ALA A 265 -23.24 40.40 -16.41
CA ALA A 265 -24.43 41.26 -16.35
C ALA A 265 -24.01 42.73 -16.41
N GLY A 266 -24.74 43.51 -17.19
CA GLY A 266 -24.45 44.94 -17.33
C GLY A 266 -23.35 45.27 -18.31
N GLY A 267 -22.36 44.39 -18.41
CA GLY A 267 -21.26 44.57 -19.35
C GLY A 267 -20.26 45.63 -18.98
N VAL A 268 -19.87 46.43 -19.99
CA VAL A 268 -18.86 47.50 -19.87
C VAL A 268 -19.23 48.51 -18.77
N LEU A 269 -20.52 48.74 -18.60
CA LEU A 269 -21.06 49.66 -17.60
C LEU A 269 -20.81 49.12 -16.19
N SER A 270 -21.31 47.92 -15.90
CA SER A 270 -21.23 47.27 -14.59
C SER A 270 -19.83 46.73 -14.30
N ALA A 271 -18.90 46.89 -15.24
CA ALA A 271 -17.53 46.39 -15.03
C ALA A 271 -16.58 47.54 -14.70
N THR A 272 -16.57 48.57 -15.53
CA THR A 272 -15.69 49.72 -15.33
C THR A 272 -16.19 50.58 -14.16
N SER A 273 -17.48 50.52 -13.87
CA SER A 273 -18.05 51.31 -12.76
C SER A 273 -17.74 50.64 -11.42
N GLU A 274 -17.80 49.31 -11.37
CA GLU A 274 -17.54 48.57 -10.14
C GLU A 274 -16.03 48.42 -9.88
N LEU A 275 -15.22 48.80 -10.86
CA LEU A 275 -13.75 48.71 -10.76
C LEU A 275 -13.17 49.96 -10.09
N VAL A 276 -13.96 51.03 -10.11
CA VAL A 276 -13.53 52.30 -9.51
C VAL A 276 -14.44 52.67 -8.34
N ALA A 277 -15.49 51.87 -8.10
CA ALA A 277 -16.44 52.13 -7.02
C ALA A 277 -15.93 51.54 -5.70
N LYS A 278 -15.12 50.48 -5.80
CA LYS A 278 -14.53 49.83 -4.64
C LYS A 278 -13.15 50.44 -4.39
N GLY A 279 -12.82 51.45 -5.19
CA GLY A 279 -11.56 52.18 -5.07
C GLY A 279 -11.79 53.65 -4.71
N ASN A 280 -13.07 54.06 -4.71
CA ASN A 280 -13.57 55.41 -4.40
C ASN A 280 -13.07 56.45 -5.40
N LEU A 281 -12.58 55.98 -6.54
CA LEU A 281 -12.04 56.83 -7.62
C LEU A 281 -13.04 56.91 -8.78
N GLY A 282 -12.62 57.50 -9.92
CA GLY A 282 -13.48 57.65 -11.08
C GLY A 282 -12.93 57.15 -12.40
N ALA A 283 -13.65 57.40 -13.51
CA ALA A 283 -13.21 56.93 -14.82
C ALA A 283 -13.88 57.68 -15.98
N ILE A 284 -13.10 57.87 -17.04
CA ILE A 284 -13.55 58.49 -18.31
C ILE A 284 -13.56 57.37 -19.35
N VAL A 285 -14.73 56.95 -19.81
CA VAL A 285 -14.82 55.84 -20.78
C VAL A 285 -15.05 56.33 -22.21
N HIS A 286 -14.14 55.89 -23.08
CA HIS A 286 -14.16 56.18 -24.52
C HIS A 286 -14.73 54.93 -25.19
N LEU A 287 -15.96 55.02 -25.67
CA LEU A 287 -16.64 53.86 -26.27
C LEU A 287 -16.27 53.61 -27.73
N ASP A 288 -15.48 54.49 -28.34
CA ASP A 288 -15.07 54.34 -29.75
C ASP A 288 -13.92 53.34 -29.88
N ARG A 289 -13.32 53.02 -28.73
CA ARG A 289 -12.16 52.12 -28.62
C ARG A 289 -12.58 50.69 -28.26
N VAL A 290 -13.89 50.45 -28.10
CA VAL A 290 -14.41 49.12 -27.75
C VAL A 290 -14.49 48.26 -29.02
N PRO A 291 -13.93 47.01 -28.98
CA PRO A 291 -13.96 46.11 -30.14
C PRO A 291 -15.39 45.76 -30.59
N LEU A 292 -15.86 46.46 -31.62
CA LEU A 292 -17.22 46.26 -32.15
C LEU A 292 -17.26 45.12 -33.18
N ARG A 293 -18.41 44.43 -33.23
CA ARG A 293 -18.67 43.35 -34.18
C ARG A 293 -19.44 43.97 -35.35
N GLU A 294 -20.41 44.82 -35.00
CA GLU A 294 -21.25 45.57 -35.94
C GLU A 294 -20.93 47.06 -35.70
N PRO A 295 -20.09 47.70 -36.55
CA PRO A 295 -19.73 49.12 -36.37
C PRO A 295 -20.84 50.17 -36.35
N ASP A 296 -22.04 49.75 -36.75
CA ASP A 296 -23.25 50.58 -36.83
C ASP A 296 -24.01 50.60 -35.51
N MET A 297 -23.29 50.51 -34.39
CA MET A 297 -23.92 50.51 -33.06
C MET A 297 -23.95 51.92 -32.47
N GLU A 298 -25.07 52.23 -31.82
CA GLU A 298 -25.30 53.52 -31.14
C GLU A 298 -24.63 53.47 -29.77
N PRO A 299 -23.99 54.58 -29.30
CA PRO A 299 -23.28 54.66 -28.00
C PRO A 299 -23.83 53.96 -26.75
N TRP A 300 -25.16 53.91 -26.59
CA TRP A 300 -25.77 53.28 -25.40
C TRP A 300 -25.73 51.75 -25.48
N GLU A 301 -25.79 51.21 -26.70
CA GLU A 301 -25.76 49.76 -26.96
C GLU A 301 -24.37 49.18 -26.73
N ILE A 302 -23.34 50.01 -26.84
CA ILE A 302 -21.94 49.60 -26.63
C ILE A 302 -21.68 49.49 -25.12
N LEU A 303 -22.38 50.32 -24.37
CA LEU A 303 -22.26 50.39 -22.92
C LEU A 303 -23.04 49.26 -22.25
N ILE A 304 -24.32 49.14 -22.62
CA ILE A 304 -25.25 48.16 -22.04
C ILE A 304 -25.05 46.75 -22.62
N SER A 305 -24.11 46.58 -23.56
CA SER A 305 -23.85 45.30 -24.23
C SER A 305 -23.42 44.24 -23.22
N GLU A 306 -24.25 43.20 -23.13
CA GLU A 306 -24.03 42.07 -22.20
C GLU A 306 -23.44 40.87 -22.95
N SER A 307 -22.56 41.17 -23.90
CA SER A 307 -21.88 40.16 -24.73
C SER A 307 -20.87 39.40 -23.86
N GLN A 308 -20.80 38.08 -24.08
CA GLN A 308 -19.92 37.19 -23.31
C GLN A 308 -18.50 37.12 -23.87
N GLU A 309 -17.66 36.40 -23.12
CA GLU A 309 -16.24 36.10 -23.35
C GLU A 309 -15.35 37.35 -23.24
N ARG A 310 -15.85 38.38 -22.55
CA ARG A 310 -15.09 39.62 -22.38
C ARG A 310 -14.56 39.73 -20.95
N MET A 311 -13.44 40.45 -20.80
CA MET A 311 -12.74 40.67 -19.51
C MET A 311 -12.26 42.12 -19.40
N ALA A 312 -12.08 42.60 -18.17
CA ALA A 312 -11.60 43.96 -17.86
C ALA A 312 -10.33 43.89 -17.01
N VAL A 313 -9.30 44.63 -17.41
CA VAL A 313 -8.02 44.65 -16.69
C VAL A 313 -7.60 46.08 -16.41
N VAL A 314 -7.12 46.35 -15.20
CA VAL A 314 -6.63 47.69 -14.79
C VAL A 314 -5.10 47.60 -14.75
N THR A 315 -4.43 48.41 -15.58
CA THR A 315 -2.97 48.44 -15.65
C THR A 315 -2.49 49.87 -15.91
N SER A 316 -1.16 50.07 -15.93
CA SER A 316 -0.53 51.37 -16.20
C SER A 316 -0.31 51.54 -17.70
N PRO A 317 -0.40 52.78 -18.24
CA PRO A 317 -0.22 53.05 -19.68
C PRO A 317 1.09 52.67 -20.38
N GLN A 318 2.11 52.26 -19.61
CA GLN A 318 3.41 51.86 -20.17
C GLN A 318 3.43 50.35 -20.38
N LYS A 319 2.58 49.66 -19.63
CA LYS A 319 2.43 48.19 -19.63
C LYS A 319 1.23 47.76 -20.50
N ALA A 320 0.63 48.67 -21.24
CA ALA A 320 -0.54 48.36 -22.08
C ALA A 320 -0.12 47.91 -23.47
N SER A 321 1.09 48.27 -23.89
CA SER A 321 1.61 47.92 -25.23
C SER A 321 2.01 46.44 -25.27
N ARG A 322 2.22 45.85 -24.10
CA ARG A 322 2.63 44.44 -23.95
C ARG A 322 1.40 43.57 -23.65
N ILE A 323 0.31 44.18 -23.20
CA ILE A 323 -0.92 43.46 -22.85
C ILE A 323 -1.77 43.17 -24.09
N LEU A 324 -1.76 44.08 -25.07
CA LEU A 324 -2.54 43.91 -26.30
C LEU A 324 -1.87 42.90 -27.24
N GLU A 325 -0.55 42.76 -27.10
CA GLU A 325 0.22 41.82 -27.92
C GLU A 325 -0.07 40.39 -27.47
N ILE A 326 -0.45 40.22 -26.19
CA ILE A 326 -0.78 38.90 -25.63
C ILE A 326 -2.18 38.49 -26.10
N ALA A 327 -3.05 39.49 -26.27
CA ALA A 327 -4.44 39.26 -26.72
C ALA A 327 -4.46 38.86 -28.19
N ARG A 328 -3.73 39.61 -29.03
CA ARG A 328 -3.63 39.37 -30.47
C ARG A 328 -2.94 38.03 -30.76
N LYS A 329 -2.16 37.56 -29.79
CA LYS A 329 -1.43 36.28 -29.89
C LYS A 329 -2.41 35.14 -29.62
N HIS A 330 -3.39 35.41 -28.77
CA HIS A 330 -4.40 34.42 -28.37
C HIS A 330 -5.71 34.59 -29.15
N LEU A 331 -5.60 35.17 -30.35
CA LEU A 331 -6.70 35.40 -31.30
C LEU A 331 -7.80 36.32 -30.78
N LEU A 332 -7.55 37.04 -29.67
CA LEU A 332 -8.56 37.95 -29.09
C LEU A 332 -8.32 39.39 -29.51
N PHE A 333 -9.38 40.20 -29.40
CA PHE A 333 -9.35 41.62 -29.78
C PHE A 333 -9.42 42.48 -28.52
N GLY A 334 -8.63 43.55 -28.49
CA GLY A 334 -8.62 44.42 -27.34
C GLY A 334 -7.97 45.77 -27.56
N ASP A 335 -8.36 46.75 -26.73
CA ASP A 335 -7.85 48.12 -26.77
C ASP A 335 -8.10 48.79 -25.42
N VAL A 336 -7.52 49.97 -25.22
CA VAL A 336 -7.67 50.78 -23.99
C VAL A 336 -8.98 51.56 -24.11
N VAL A 337 -9.86 51.45 -23.10
CA VAL A 337 -11.18 52.10 -23.15
C VAL A 337 -11.39 53.19 -22.11
N ALA A 338 -10.95 52.99 -20.87
CA ALA A 338 -11.18 53.99 -19.82
C ALA A 338 -9.88 54.44 -19.16
N GLU A 339 -9.95 55.60 -18.50
CA GLU A 339 -8.85 56.24 -17.77
C GLU A 339 -9.33 56.51 -16.34
N VAL A 340 -8.52 56.13 -15.35
CA VAL A 340 -8.87 56.31 -13.93
C VAL A 340 -8.43 57.69 -13.45
N ILE A 341 -9.40 58.51 -13.04
CA ILE A 341 -9.14 59.86 -12.54
C ILE A 341 -9.30 59.91 -11.01
N GLU A 342 -9.07 61.09 -10.43
CA GLU A 342 -9.13 61.30 -8.98
C GLU A 342 -10.56 61.62 -8.52
N GLU A 343 -11.27 62.45 -9.30
CA GLU A 343 -12.64 62.89 -8.98
C GLU A 343 -13.63 61.72 -9.06
N PRO A 344 -14.41 61.44 -7.97
CA PRO A 344 -15.40 60.33 -7.94
C PRO A 344 -16.65 60.46 -8.80
N VAL A 345 -16.42 60.59 -10.12
CA VAL A 345 -17.47 60.72 -11.13
C VAL A 345 -17.20 59.72 -12.27
N TYR A 346 -18.28 59.36 -12.97
CA TYR A 346 -18.25 58.41 -14.09
C TYR A 346 -18.61 59.16 -15.37
N ARG A 347 -17.60 59.38 -16.23
CA ARG A 347 -17.79 60.10 -17.51
C ARG A 347 -17.76 59.11 -18.68
N VAL A 348 -18.80 59.15 -19.52
CA VAL A 348 -18.94 58.29 -20.70
C VAL A 348 -19.13 59.15 -21.95
N MET A 349 -18.24 58.94 -22.92
CA MET A 349 -18.24 59.68 -24.19
C MET A 349 -17.83 58.79 -25.37
N TYR A 350 -18.16 59.26 -26.57
CA TYR A 350 -17.86 58.62 -27.85
C TYR A 350 -17.01 59.68 -28.54
N ARG A 351 -15.71 59.40 -28.66
CA ARG A 351 -14.77 60.39 -29.20
C ARG A 351 -14.89 61.72 -28.47
N ASN A 352 -15.55 62.68 -29.11
CA ASN A 352 -15.53 64.06 -28.65
C ASN A 352 -16.82 64.46 -27.95
N ASP A 353 -17.91 63.79 -28.32
CA ASP A 353 -19.24 64.15 -27.81
C ASP A 353 -19.63 63.27 -26.63
N LEU A 354 -20.31 63.87 -25.66
CA LEU A 354 -20.69 63.16 -24.42
C LEU A 354 -22.06 62.49 -24.58
N VAL A 355 -22.35 61.52 -23.70
CA VAL A 355 -23.64 60.81 -23.72
C VAL A 355 -24.19 60.67 -22.30
N MET A 356 -23.31 60.48 -21.31
CA MET A 356 -23.76 60.31 -19.92
C MET A 356 -22.64 60.67 -18.94
N GLU A 357 -23.03 61.32 -17.83
CA GLU A 357 -22.14 61.67 -16.71
C GLU A 357 -22.98 61.74 -15.43
N VAL A 358 -22.65 60.88 -14.48
CA VAL A 358 -23.32 60.75 -13.17
C VAL A 358 -22.29 60.34 -12.13
N PRO A 359 -22.52 60.63 -10.81
CA PRO A 359 -21.56 60.23 -9.77
C PRO A 359 -21.37 58.72 -9.72
N VAL A 360 -20.14 58.28 -9.49
CA VAL A 360 -19.77 56.85 -9.50
C VAL A 360 -20.50 56.01 -8.44
N GLN A 361 -20.60 56.53 -7.21
CA GLN A 361 -21.20 55.79 -6.09
C GLN A 361 -22.71 55.65 -6.22
N LEU A 362 -23.32 56.40 -7.15
CA LEU A 362 -24.78 56.36 -7.38
C LEU A 362 -25.13 55.13 -8.23
N LEU A 363 -24.10 54.48 -8.77
CA LEU A 363 -24.30 53.31 -9.64
C LEU A 363 -24.09 51.99 -8.90
N ALA A 364 -22.97 51.85 -8.16
CA ALA A 364 -22.65 50.60 -7.46
C ALA A 364 -23.58 50.34 -6.26
N ASN A 365 -24.08 51.43 -5.66
CA ASN A 365 -24.96 51.32 -4.49
C ASN A 365 -26.42 51.58 -4.88
N ALA A 366 -27.18 50.48 -4.89
CA ALA A 366 -28.61 50.46 -5.22
C ALA A 366 -29.41 50.84 -3.98
N PRO A 367 -30.70 51.25 -4.13
CA PRO A 367 -31.50 51.61 -2.96
C PRO A 367 -31.76 50.39 -2.08
N GLU A 368 -31.15 50.43 -0.91
CA GLU A 368 -31.21 49.36 0.11
C GLU A 368 -32.57 49.33 0.80
N GLU A 369 -33.28 48.20 0.62
CA GLU A 369 -34.60 48.01 1.25
C GLU A 369 -34.41 47.60 2.70
N ASP A 370 -35.47 47.75 3.49
CA ASP A 370 -35.42 47.46 4.93
C ASP A 370 -35.72 45.99 5.24
N ILE A 371 -34.91 45.49 6.17
CA ILE A 371 -34.92 44.13 6.71
C ILE A 371 -36.09 43.96 7.68
N VAL A 372 -36.61 42.74 7.74
CA VAL A 372 -37.67 42.37 8.68
C VAL A 372 -37.17 41.18 9.49
N GLU A 373 -36.22 41.47 10.40
CA GLU A 373 -35.52 40.53 11.29
C GLU A 373 -36.42 39.43 11.83
N TYR A 374 -35.95 38.19 11.74
CA TYR A 374 -36.70 37.01 12.20
C TYR A 374 -35.95 36.37 13.36
N THR A 375 -36.70 35.92 14.36
CA THR A 375 -36.15 35.10 15.43
C THR A 375 -36.76 33.70 15.41
N PRO A 376 -36.03 32.73 15.95
CA PRO A 376 -36.18 31.33 15.54
C PRO A 376 -37.29 30.63 16.32
N GLY A 377 -37.88 29.61 15.72
CA GLY A 377 -38.96 28.87 16.34
C GLY A 377 -38.63 27.39 16.49
N LYS A 378 -39.49 26.67 17.21
CA LYS A 378 -39.27 25.24 17.47
C LYS A 378 -38.97 24.33 16.27
N ILE A 379 -37.99 23.41 16.41
CA ILE A 379 -37.61 22.46 15.33
C ILE A 379 -38.83 21.59 15.02
N PRO A 380 -39.50 21.83 13.89
CA PRO A 380 -40.69 21.01 13.60
C PRO A 380 -40.52 19.53 13.25
N GLU A 381 -41.65 18.82 13.27
CA GLU A 381 -41.70 17.39 12.89
C GLU A 381 -41.86 17.36 11.37
N PHE A 382 -40.80 16.94 10.69
CA PHE A 382 -40.76 16.93 9.22
C PHE A 382 -41.32 15.63 8.62
N LYS A 383 -42.20 15.77 7.61
CA LYS A 383 -42.75 14.63 6.88
C LYS A 383 -41.93 14.52 5.59
N ARG A 384 -41.75 13.31 5.05
CA ARG A 384 -40.92 13.12 3.85
C ARG A 384 -41.60 13.61 2.57
N VAL A 385 -40.91 14.54 1.91
CA VAL A 385 -41.32 15.08 0.62
C VAL A 385 -40.55 14.27 -0.43
N GLU A 386 -41.28 13.57 -1.30
CA GLU A 386 -40.69 12.68 -2.31
C GLU A 386 -40.01 13.43 -3.45
N PHE A 387 -38.70 13.20 -3.50
CA PHE A 387 -37.77 13.72 -4.51
C PHE A 387 -37.27 12.49 -5.28
N GLU A 388 -37.55 12.43 -6.59
CA GLU A 388 -37.19 11.28 -7.44
C GLU A 388 -35.71 10.90 -7.31
N GLU A 389 -35.49 9.70 -6.78
CA GLU A 389 -34.15 9.14 -6.57
C GLU A 389 -33.57 8.70 -7.92
N VAL A 390 -32.63 9.49 -8.41
CA VAL A 390 -32.00 9.20 -9.70
C VAL A 390 -30.52 8.85 -9.54
N ASN A 391 -29.98 8.29 -10.63
CA ASN A 391 -28.60 7.86 -10.80
C ASN A 391 -27.82 9.04 -11.38
N ALA A 392 -26.87 9.58 -10.60
CA ALA A 392 -26.08 10.75 -11.05
C ALA A 392 -25.02 10.36 -12.07
N ARG A 393 -24.63 9.08 -12.12
CA ARG A 393 -23.59 8.61 -13.07
C ARG A 393 -23.97 8.99 -14.50
N GLU A 394 -25.25 8.80 -14.87
CA GLU A 394 -25.78 9.09 -16.21
C GLU A 394 -25.61 10.57 -16.56
N VAL A 395 -25.47 11.40 -15.53
CA VAL A 395 -25.30 12.84 -15.78
C VAL A 395 -23.83 13.23 -15.71
N PHE A 396 -23.03 12.66 -14.81
CA PHE A 396 -21.63 13.11 -14.80
C PHE A 396 -20.71 12.32 -15.71
N GLU A 397 -21.17 11.20 -16.26
CA GLU A 397 -20.34 10.43 -17.21
C GLU A 397 -20.40 11.13 -18.57
N GLN A 398 -21.06 12.28 -18.59
CA GLN A 398 -21.18 13.16 -19.77
C GLN A 398 -20.27 14.37 -19.58
N TYR A 399 -19.63 14.47 -18.40
CA TYR A 399 -18.75 15.58 -18.02
C TYR A 399 -17.33 15.05 -17.82
N ASP A 400 -16.34 15.81 -18.29
CA ASP A 400 -14.92 15.44 -18.11
C ASP A 400 -14.55 15.82 -16.68
N HIS A 401 -14.55 14.81 -15.81
CA HIS A 401 -14.27 15.02 -14.38
C HIS A 401 -12.87 14.53 -14.01
N MET A 402 -11.94 14.46 -14.98
CA MET A 402 -10.58 14.00 -14.68
C MET A 402 -9.49 14.89 -15.30
N VAL A 403 -9.88 15.77 -16.21
CA VAL A 403 -8.95 16.70 -16.88
C VAL A 403 -8.20 17.54 -15.85
N GLY A 404 -6.95 17.91 -16.20
CA GLY A 404 -6.12 18.70 -15.31
C GLY A 404 -5.27 17.75 -14.49
N THR A 405 -5.70 16.48 -14.44
CA THR A 405 -5.09 15.35 -13.74
C THR A 405 -5.04 15.60 -12.23
N ASP A 406 -5.77 16.63 -11.78
CA ASP A 406 -5.78 17.08 -10.38
C ASP A 406 -6.95 16.52 -9.57
N THR A 407 -7.80 15.67 -10.14
CA THR A 407 -8.95 15.18 -9.37
C THR A 407 -8.62 13.88 -8.63
N VAL A 408 -8.56 13.95 -7.29
CA VAL A 408 -8.23 12.82 -6.42
C VAL A 408 -9.46 11.95 -6.17
N VAL A 409 -10.57 12.59 -5.78
CA VAL A 409 -11.85 11.89 -5.55
C VAL A 409 -12.88 12.30 -6.61
N PRO A 410 -13.21 11.37 -7.53
CA PRO A 410 -14.17 11.64 -8.57
C PRO A 410 -15.56 11.61 -7.91
N PRO A 411 -16.56 12.29 -8.52
CA PRO A 411 -17.90 12.30 -7.94
C PRO A 411 -18.66 10.97 -7.88
N GLY A 412 -19.66 10.95 -7.00
CA GLY A 412 -20.48 9.77 -6.79
C GLY A 412 -20.76 9.72 -5.31
N PHE A 413 -19.70 9.63 -4.53
CA PHE A 413 -19.77 9.59 -3.06
C PHE A 413 -19.68 11.02 -2.51
N GLY A 414 -20.71 11.81 -2.80
CA GLY A 414 -20.78 13.18 -2.31
C GLY A 414 -19.65 14.16 -2.61
N ALA A 415 -18.91 14.48 -1.55
CA ALA A 415 -17.79 15.45 -1.57
C ALA A 415 -16.71 15.01 -2.57
N ALA A 416 -16.04 16.02 -3.15
CA ALA A 416 -14.97 15.83 -4.14
C ALA A 416 -13.66 16.42 -3.62
N VAL A 417 -12.56 15.65 -3.71
CA VAL A 417 -11.25 16.11 -3.25
C VAL A 417 -10.31 16.30 -4.45
N MET A 418 -9.54 17.39 -4.40
CA MET A 418 -8.58 17.75 -5.46
C MET A 418 -7.18 17.89 -4.86
N ARG A 419 -6.22 18.34 -5.67
CA ARG A 419 -4.90 18.71 -5.19
C ARG A 419 -4.27 19.78 -6.06
N ILE A 420 -3.16 20.34 -5.59
CA ILE A 420 -2.38 21.28 -6.39
C ILE A 420 -0.90 20.88 -6.42
N LYS A 421 -0.65 19.63 -6.80
CA LYS A 421 0.33 19.35 -7.85
C LYS A 421 1.75 19.35 -7.29
N ARG A 422 1.91 19.89 -6.08
CA ARG A 422 3.08 19.61 -5.27
C ARG A 422 2.73 19.63 -3.78
N ASP A 423 1.55 20.14 -3.46
CA ASP A 423 1.37 20.93 -2.25
C ASP A 423 0.58 20.14 -1.20
N GLY A 424 -0.62 19.71 -1.58
CA GLY A 424 -1.78 19.81 -0.71
C GLY A 424 -3.06 20.03 -1.49
N GLY A 425 -4.19 19.71 -0.85
CA GLY A 425 -5.44 19.50 -1.56
C GLY A 425 -6.58 20.29 -0.98
N TYR A 426 -7.74 20.22 -1.64
CA TYR A 426 -8.94 20.87 -1.14
C TYR A 426 -10.19 20.06 -1.46
N SER A 427 -11.29 20.37 -0.79
CA SER A 427 -12.51 19.57 -0.87
C SER A 427 -13.74 20.45 -1.00
N LEU A 428 -14.50 20.24 -2.06
CA LEU A 428 -15.71 21.05 -2.32
C LEU A 428 -16.94 20.15 -2.36
N VAL A 429 -18.03 20.65 -1.77
CA VAL A 429 -19.31 19.94 -1.71
C VAL A 429 -20.43 20.94 -2.00
N THR A 430 -21.51 20.49 -2.59
CA THR A 430 -22.66 21.36 -2.88
C THR A 430 -23.92 20.69 -2.33
N HIS A 431 -24.67 21.41 -1.47
CA HIS A 431 -25.86 20.83 -0.83
C HIS A 431 -26.96 21.87 -0.65
N SER A 432 -28.20 21.37 -0.64
CA SER A 432 -29.41 22.18 -0.47
C SER A 432 -30.55 21.29 -0.01
N ARG A 433 -31.01 21.48 1.22
CA ARG A 433 -32.15 20.68 1.71
C ARG A 433 -33.43 21.43 1.35
N ALA A 434 -33.83 21.22 0.11
CA ALA A 434 -35.01 21.85 -0.51
C ALA A 434 -36.31 21.24 0.03
N ASP A 435 -36.31 19.93 0.29
CA ASP A 435 -37.51 19.22 0.76
C ASP A 435 -37.92 19.63 2.17
N LEU A 436 -36.95 20.02 2.98
CA LEU A 436 -37.23 20.44 4.37
C LEU A 436 -37.59 21.93 4.41
N ALA A 437 -36.95 22.71 3.54
CA ALA A 437 -37.12 24.16 3.45
C ALA A 437 -38.56 24.55 3.11
N LEU A 438 -39.31 23.60 2.55
CA LEU A 438 -40.71 23.81 2.15
C LEU A 438 -41.59 23.92 3.40
N GLN A 439 -41.39 22.98 4.32
CA GLN A 439 -42.16 22.93 5.57
C GLN A 439 -41.68 24.04 6.51
N ASP A 440 -40.36 24.26 6.57
CA ASP A 440 -39.81 25.32 7.43
C ASP A 440 -38.65 26.02 6.73
N THR A 441 -38.92 27.28 6.39
CA THR A 441 -38.01 28.18 5.69
C THR A 441 -36.74 28.44 6.51
N TYR A 442 -36.74 28.14 7.81
CA TYR A 442 -35.55 28.39 8.66
C TYR A 442 -34.77 27.09 8.87
N TRP A 443 -35.34 26.17 9.65
CA TRP A 443 -34.68 24.91 10.02
C TRP A 443 -34.32 24.06 8.80
N GLY A 444 -35.06 24.23 7.71
CA GLY A 444 -34.76 23.48 6.51
C GLY A 444 -33.48 23.95 5.90
N THR A 445 -33.35 25.28 5.87
CA THR A 445 -32.19 25.99 5.33
C THR A 445 -30.99 25.88 6.28
N LEU A 446 -31.25 25.78 7.57
CA LEU A 446 -30.17 25.67 8.56
C LEU A 446 -29.54 24.28 8.51
N ILE A 447 -30.37 23.25 8.42
CA ILE A 447 -29.90 21.86 8.35
C ILE A 447 -29.07 21.68 7.07
N ALA A 448 -29.39 22.49 6.06
CA ALA A 448 -28.68 22.44 4.78
C ALA A 448 -27.22 22.87 4.97
N VAL A 449 -26.98 23.90 5.77
CA VAL A 449 -25.64 24.43 6.02
C VAL A 449 -24.86 23.49 6.93
N LEU A 450 -25.56 22.81 7.83
CA LEU A 450 -24.93 21.89 8.79
C LEU A 450 -24.62 20.55 8.11
N GLU A 451 -25.56 20.07 7.29
CA GLU A 451 -25.40 18.78 6.60
C GLU A 451 -24.35 18.91 5.50
N SER A 452 -24.00 20.16 5.19
CA SER A 452 -22.95 20.45 4.20
C SER A 452 -21.60 20.19 4.88
N VAL A 453 -21.45 20.72 6.10
CA VAL A 453 -20.24 20.58 6.93
C VAL A 453 -20.03 19.11 7.30
N ARG A 454 -21.12 18.37 7.31
CA ARG A 454 -21.12 16.95 7.65
C ARG A 454 -20.49 16.17 6.49
N LYS A 455 -20.79 16.59 5.27
CA LYS A 455 -20.28 15.94 4.05
C LYS A 455 -18.81 16.29 3.81
N THR A 456 -18.37 17.45 4.32
CA THR A 456 -16.99 17.93 4.13
C THR A 456 -16.04 17.23 5.10
N LEU A 457 -16.58 16.74 6.21
CA LEU A 457 -15.74 16.04 7.19
C LEU A 457 -15.69 14.54 6.86
N SER A 458 -16.57 14.11 5.96
CA SER A 458 -16.69 12.69 5.57
C SER A 458 -15.49 12.19 4.77
N VAL A 459 -14.81 13.10 4.09
CA VAL A 459 -13.63 12.75 3.29
C VAL A 459 -12.37 12.83 4.15
N GLY A 460 -12.37 13.83 5.03
CA GLY A 460 -11.26 14.01 5.94
C GLY A 460 -10.74 15.40 5.84
N ALA A 461 -11.64 16.34 5.57
CA ALA A 461 -11.26 17.74 5.41
C ALA A 461 -11.87 18.62 6.50
N GLU A 462 -11.05 19.53 7.03
CA GLU A 462 -11.49 20.50 8.04
C GLU A 462 -11.97 21.74 7.26
N PRO A 463 -13.27 22.09 7.36
CA PRO A 463 -13.91 23.24 6.70
C PRO A 463 -13.18 24.58 6.74
N LEU A 464 -13.32 25.39 5.69
CA LEU A 464 -12.67 26.71 5.60
C LEU A 464 -13.69 27.81 5.28
N ALA A 465 -14.53 27.59 4.28
CA ALA A 465 -15.54 28.59 3.90
C ALA A 465 -16.79 27.96 3.29
N ILE A 466 -17.78 28.83 3.10
CA ILE A 466 -19.11 28.53 2.55
C ILE A 466 -19.39 29.55 1.44
N THR A 467 -20.28 29.18 0.53
CA THR A 467 -20.72 30.09 -0.54
C THR A 467 -22.21 29.88 -0.74
N ASN A 468 -22.99 30.93 -0.45
CA ASN A 468 -24.46 30.90 -0.51
C ASN A 468 -24.99 31.27 -1.90
N CYS A 469 -26.25 30.90 -2.09
CA CYS A 469 -27.02 31.18 -3.31
C CYS A 469 -28.50 31.07 -2.95
N VAL A 470 -29.14 32.23 -2.86
CA VAL A 470 -30.56 32.33 -2.46
C VAL A 470 -31.45 32.26 -3.71
N ASN A 471 -32.35 31.28 -3.72
CA ASN A 471 -33.28 31.07 -4.84
C ASN A 471 -34.71 31.18 -4.32
N TYR A 472 -35.04 32.38 -3.81
CA TYR A 472 -36.35 32.67 -3.22
C TYR A 472 -37.37 33.10 -4.27
N GLY A 473 -38.65 33.01 -3.91
CA GLY A 473 -39.75 33.40 -4.78
C GLY A 473 -39.92 34.92 -4.84
N ASP A 474 -41.14 35.43 -4.59
CA ASP A 474 -41.39 36.87 -4.61
C ASP A 474 -41.12 37.47 -3.23
N PRO A 475 -40.10 38.36 -3.14
CA PRO A 475 -39.68 39.03 -1.90
C PRO A 475 -40.45 40.26 -1.42
N ASP A 476 -41.57 40.55 -2.08
CA ASP A 476 -42.41 41.70 -1.68
C ASP A 476 -43.73 41.19 -1.11
N VAL A 477 -44.14 40.03 -1.61
CA VAL A 477 -45.38 39.36 -1.18
C VAL A 477 -45.10 38.61 0.13
N ASP A 478 -43.85 38.22 0.35
CA ASP A 478 -43.46 37.48 1.56
C ASP A 478 -42.01 37.84 1.96
N PRO A 479 -41.75 39.10 2.41
CA PRO A 479 -40.38 39.47 2.80
C PRO A 479 -39.94 38.80 4.11
N VAL A 480 -40.87 37.99 4.64
CA VAL A 480 -40.75 37.25 5.90
C VAL A 480 -39.93 35.97 5.70
N GLY A 481 -40.24 35.22 4.65
CA GLY A 481 -39.54 33.96 4.36
C GLY A 481 -38.09 34.11 3.97
N LEU A 482 -37.76 35.22 3.31
CA LEU A 482 -36.40 35.52 2.86
C LEU A 482 -35.48 35.73 4.07
N SER A 483 -36.05 36.36 5.12
CA SER A 483 -35.34 36.68 6.36
C SER A 483 -35.07 35.41 7.17
N ALA A 484 -36.03 34.48 7.15
CA ALA A 484 -35.94 33.20 7.86
C ALA A 484 -34.83 32.35 7.22
N MET A 485 -34.49 32.70 6.00
CA MET A 485 -33.46 32.00 5.21
C MET A 485 -32.09 32.62 5.46
N MET A 486 -32.02 33.95 5.33
CA MET A 486 -30.78 34.71 5.50
C MET A 486 -30.30 34.65 6.95
N THR A 487 -31.24 34.57 7.89
CA THR A 487 -30.88 34.48 9.31
C THR A 487 -30.52 33.04 9.64
N ALA A 488 -31.00 32.11 8.81
CA ALA A 488 -30.70 30.68 8.99
C ALA A 488 -29.26 30.41 8.52
N LEU A 489 -28.81 31.26 7.60
CA LEU A 489 -27.46 31.14 7.06
C LEU A 489 -26.50 31.93 7.96
N LYS A 490 -27.01 32.96 8.63
CA LYS A 490 -26.19 33.80 9.51
C LYS A 490 -25.83 33.01 10.77
N ASN A 491 -26.85 32.41 11.39
CA ASN A 491 -26.70 31.66 12.63
C ASN A 491 -25.93 30.35 12.43
N ALA A 492 -26.10 29.73 11.26
CA ALA A 492 -25.43 28.45 10.97
C ALA A 492 -23.93 28.64 10.72
N CYS A 493 -23.54 29.89 10.45
CA CYS A 493 -22.14 30.22 10.20
C CYS A 493 -21.46 30.62 11.51
N GLU A 494 -22.28 30.94 12.51
CA GLU A 494 -21.76 31.32 13.83
C GLU A 494 -21.63 30.07 14.69
N PHE A 495 -22.50 29.08 14.41
CA PHE A 495 -22.57 27.80 15.13
C PHE A 495 -21.38 26.91 14.76
N SER A 496 -21.04 26.92 13.47
CA SER A 496 -19.93 26.12 12.95
C SER A 496 -18.64 26.94 12.90
N GLY A 497 -18.77 28.27 13.02
CA GLY A 497 -17.63 29.17 12.99
C GLY A 497 -17.01 29.27 11.60
N VAL A 498 -17.78 28.83 10.61
CA VAL A 498 -17.38 28.80 9.19
C VAL A 498 -17.92 30.03 8.47
N PRO A 499 -17.02 30.94 8.02
CA PRO A 499 -17.39 32.18 7.30
C PRO A 499 -17.87 32.00 5.85
N VAL A 500 -18.52 33.02 5.33
CA VAL A 500 -19.03 33.04 3.95
C VAL A 500 -18.10 33.90 3.10
N ALA A 501 -17.51 33.32 2.06
CA ALA A 501 -16.56 34.02 1.18
C ALA A 501 -17.29 34.95 0.19
N SER A 502 -18.18 34.36 -0.61
CA SER A 502 -18.95 35.10 -1.61
C SER A 502 -20.37 34.53 -1.72
N GLY A 503 -21.28 35.28 -2.34
CA GLY A 503 -22.65 34.83 -2.49
C GLY A 503 -23.36 35.28 -3.74
N ASN A 504 -24.67 35.01 -3.78
CA ASN A 504 -25.54 35.39 -4.90
C ASN A 504 -27.01 35.26 -4.52
N ALA A 505 -27.87 35.88 -5.31
CA ALA A 505 -29.33 35.85 -5.05
C ALA A 505 -30.14 36.12 -6.32
N SER A 506 -30.94 35.14 -6.70
CA SER A 506 -31.85 35.27 -7.85
C SER A 506 -33.28 35.14 -7.31
N LEU A 507 -33.94 36.28 -7.20
CA LEU A 507 -35.31 36.37 -6.68
C LEU A 507 -36.30 36.50 -7.83
N TYR A 508 -37.58 36.59 -7.49
CA TYR A 508 -38.75 36.73 -8.39
C TYR A 508 -38.99 35.51 -9.28
N ASN A 509 -38.80 34.30 -8.74
CA ASN A 509 -39.01 33.06 -9.51
C ASN A 509 -40.45 32.57 -9.29
N THR A 510 -41.38 32.95 -10.19
CA THR A 510 -42.78 32.57 -10.05
C THR A 510 -43.40 32.18 -11.39
N TYR A 511 -44.40 31.30 -11.33
CA TYR A 511 -45.23 30.87 -12.46
C TYR A 511 -46.66 30.79 -11.94
N GLN A 512 -47.61 31.42 -12.67
CA GLN A 512 -49.03 31.55 -12.33
C GLN A 512 -49.15 32.49 -11.14
N GLY A 513 -48.01 33.04 -10.70
CA GLY A 513 -47.93 33.92 -9.55
C GLY A 513 -47.48 33.18 -8.29
N LYS A 514 -47.57 31.85 -8.32
CA LYS A 514 -47.21 30.92 -7.24
C LYS A 514 -45.68 30.81 -7.08
N PRO A 515 -45.14 31.14 -5.88
CA PRO A 515 -43.69 31.04 -5.67
C PRO A 515 -43.06 29.66 -5.61
N ILE A 516 -41.74 29.67 -5.81
CA ILE A 516 -40.86 28.50 -5.87
C ILE A 516 -40.44 28.09 -4.45
N PRO A 517 -40.20 26.76 -4.22
CA PRO A 517 -39.78 26.30 -2.88
C PRO A 517 -38.45 26.96 -2.52
N PRO A 518 -38.39 27.72 -1.40
CA PRO A 518 -37.16 28.41 -0.95
C PRO A 518 -35.92 27.52 -0.78
N THR A 519 -35.08 27.52 -1.82
CA THR A 519 -33.88 26.68 -1.89
C THR A 519 -32.60 27.50 -1.70
N LEU A 520 -31.85 27.17 -0.66
CA LEU A 520 -30.54 27.82 -0.46
C LEU A 520 -29.48 26.77 -0.78
N VAL A 521 -28.60 27.10 -1.75
CA VAL A 521 -27.52 26.19 -2.15
C VAL A 521 -26.22 26.63 -1.48
N VAL A 522 -25.66 25.71 -0.69
CA VAL A 522 -24.41 25.92 0.05
C VAL A 522 -23.26 25.26 -0.71
N GLY A 523 -22.08 25.86 -0.63
CA GLY A 523 -20.93 25.30 -1.29
C GLY A 523 -19.78 25.38 -0.33
N MET A 524 -19.35 24.21 0.16
CA MET A 524 -18.26 24.08 1.14
C MET A 524 -16.89 23.99 0.47
N LEU A 525 -15.90 24.33 1.27
CA LEU A 525 -14.47 24.27 0.89
C LEU A 525 -13.72 23.82 2.14
N GLY A 526 -12.81 22.86 1.97
CA GLY A 526 -12.04 22.38 3.11
C GLY A 526 -10.61 22.05 2.79
N LYS A 527 -9.74 22.10 3.80
CA LYS A 527 -8.31 21.79 3.63
C LYS A 527 -8.11 20.31 3.96
N VAL A 528 -7.38 19.60 3.10
CA VAL A 528 -7.11 18.18 3.26
C VAL A 528 -5.80 17.80 2.59
N ASN A 529 -5.26 16.67 3.02
CA ASN A 529 -4.03 16.10 2.46
C ASN A 529 -4.49 15.01 1.47
N PRO A 530 -4.21 15.17 0.16
CA PRO A 530 -4.60 14.20 -0.86
C PRO A 530 -4.14 12.75 -0.65
N GLN A 531 -3.26 12.51 0.31
CA GLN A 531 -2.78 11.15 0.62
C GLN A 531 -3.67 10.52 1.70
N LYS A 532 -4.12 11.33 2.66
CA LYS A 532 -4.98 10.84 3.75
C LYS A 532 -6.45 10.92 3.33
N VAL A 533 -6.78 10.22 2.23
CA VAL A 533 -8.15 10.20 1.71
C VAL A 533 -8.72 8.77 1.73
N ALA A 534 -10.02 8.73 1.96
CA ALA A 534 -10.79 7.49 2.04
C ALA A 534 -11.14 6.98 0.65
N LYS A 535 -10.57 5.83 0.33
CA LYS A 535 -10.83 5.14 -0.95
C LYS A 535 -11.53 3.82 -0.60
N PRO A 536 -12.69 3.50 -1.25
CA PRO A 536 -13.46 2.27 -0.99
C PRO A 536 -12.83 0.88 -1.02
N LYS A 537 -12.55 0.35 0.17
CA LYS A 537 -11.94 -0.98 0.35
C LYS A 537 -13.04 -1.96 0.78
N PRO A 538 -12.83 -3.29 0.60
CA PRO A 538 -13.87 -4.25 1.02
C PRO A 538 -13.94 -4.32 2.54
N SER A 539 -15.05 -3.88 3.13
CA SER A 539 -15.18 -3.88 4.60
C SER A 539 -16.64 -4.08 5.04
N LYS A 540 -16.87 -3.93 6.35
CA LYS A 540 -18.18 -4.07 6.99
C LYS A 540 -18.80 -2.67 7.16
N VAL A 541 -20.11 -2.55 6.95
CA VAL A 541 -20.80 -1.26 7.03
C VAL A 541 -21.46 -1.08 8.40
N PHE A 542 -21.21 0.08 9.00
CA PHE A 542 -21.76 0.45 10.32
C PHE A 542 -22.55 1.76 10.19
N ALA A 543 -23.74 1.80 10.78
CA ALA A 543 -24.54 3.04 10.74
C ALA A 543 -24.28 3.78 12.05
N VAL A 544 -23.55 4.90 11.98
CA VAL A 544 -23.26 5.64 13.21
C VAL A 544 -24.04 6.95 13.28
N GLY A 545 -24.53 7.26 14.47
CA GLY A 545 -25.34 8.44 14.71
C GLY A 545 -26.71 8.02 15.22
N TRP A 546 -27.64 8.97 15.35
CA TRP A 546 -28.99 8.63 15.82
C TRP A 546 -30.04 9.02 14.76
N ASN A 547 -31.17 8.30 14.77
CA ASN A 547 -32.29 8.39 13.83
C ASN A 547 -32.99 9.77 13.81
N ASP A 548 -33.02 10.44 14.97
CA ASP A 548 -33.69 11.73 15.17
C ASP A 548 -32.71 12.90 15.09
N PHE A 549 -33.23 14.13 15.05
CA PHE A 549 -32.39 15.35 14.99
C PHE A 549 -32.60 16.21 16.24
N GLU A 550 -31.49 16.76 16.72
CA GLU A 550 -31.42 17.68 17.86
C GLU A 550 -30.09 18.42 17.79
N LEU A 551 -30.17 19.72 17.49
CA LEU A 551 -29.04 20.65 17.34
C LEU A 551 -28.18 20.67 18.61
N GLU A 552 -28.83 20.49 19.76
CA GLU A 552 -28.23 20.52 21.11
C GLU A 552 -27.07 19.53 21.26
N ARG A 553 -26.92 18.60 20.31
CA ARG A 553 -25.85 17.60 20.35
C ARG A 553 -25.49 17.18 18.92
N GLU A 554 -25.26 18.18 18.06
CA GLU A 554 -24.87 17.99 16.65
C GLU A 554 -23.34 17.96 16.56
N LYS A 555 -22.70 18.88 17.29
CA LYS A 555 -21.24 19.01 17.32
C LYS A 555 -20.59 17.70 17.74
N GLU A 556 -21.37 16.86 18.44
CA GLU A 556 -20.92 15.55 18.93
C GLU A 556 -20.84 14.52 17.80
N LEU A 557 -21.50 14.80 16.67
CA LEU A 557 -21.43 13.89 15.52
C LEU A 557 -20.19 14.26 14.69
N TRP A 558 -19.95 15.58 14.56
CA TRP A 558 -18.82 16.10 13.79
C TRP A 558 -17.51 15.61 14.41
N ARG A 559 -17.40 15.77 15.73
CA ARG A 559 -16.19 15.37 16.48
C ARG A 559 -16.13 13.85 16.64
N ALA A 560 -17.11 13.15 16.07
CA ALA A 560 -17.18 11.68 16.08
C ALA A 560 -16.74 11.18 14.70
N ILE A 561 -17.02 11.98 13.68
CA ILE A 561 -16.65 11.68 12.29
C ILE A 561 -15.13 11.90 12.14
N ARG A 562 -14.64 12.97 12.78
CA ARG A 562 -13.21 13.34 12.79
C ARG A 562 -12.39 12.22 13.44
N LYS A 563 -12.87 11.69 14.56
CA LYS A 563 -12.16 10.63 15.28
C LYS A 563 -12.20 9.32 14.50
N LEU A 564 -12.96 9.31 13.40
CA LEU A 564 -13.10 8.12 12.54
C LEU A 564 -12.40 8.29 11.20
N SER A 565 -12.15 9.52 10.77
CA SER A 565 -11.50 9.74 9.46
C SER A 565 -9.98 9.62 9.54
N GLU A 566 -9.30 10.30 10.48
CA GLU A 566 -7.83 10.18 10.58
C GLU A 566 -7.44 8.81 11.15
N GLU A 567 -8.45 7.97 11.36
CA GLU A 567 -8.31 6.59 11.82
C GLU A 567 -8.30 5.69 10.58
N GLY A 568 -8.66 6.26 9.43
CA GLY A 568 -8.65 5.56 8.15
C GLY A 568 -9.91 4.92 7.61
N ALA A 569 -11.08 5.47 7.94
CA ALA A 569 -12.35 4.89 7.49
C ALA A 569 -13.02 5.73 6.40
N PHE A 570 -13.94 5.08 5.69
CA PHE A 570 -14.72 5.70 4.61
C PHE A 570 -16.11 6.04 5.16
N ILE A 571 -16.44 7.33 5.19
CA ILE A 571 -17.73 7.81 5.72
C ILE A 571 -18.61 8.31 4.57
N LEU A 572 -19.93 8.22 4.75
CA LEU A 572 -20.90 8.64 3.73
C LEU A 572 -22.12 9.30 4.40
N SER A 573 -22.23 10.61 4.26
CA SER A 573 -23.36 11.36 4.84
C SER A 573 -24.35 11.75 3.75
N SER A 574 -25.53 11.15 3.77
CA SER A 574 -26.54 11.51 2.77
C SER A 574 -27.93 11.54 3.42
N SER A 575 -28.79 12.33 2.81
CA SER A 575 -30.19 12.56 3.22
C SER A 575 -30.97 11.24 3.29
N GLN A 576 -30.71 10.35 2.33
CA GLN A 576 -31.38 9.04 2.26
C GLN A 576 -30.42 7.90 2.61
N LEU A 577 -29.35 8.23 3.35
CA LEU A 577 -28.29 7.33 3.84
C LEU A 577 -27.45 6.72 2.70
N LEU A 578 -28.12 6.05 1.77
CA LEU A 578 -27.46 5.40 0.62
C LEU A 578 -28.36 5.59 -0.60
N THR A 579 -27.84 6.16 -1.70
CA THR A 579 -28.67 6.36 -2.89
C THR A 579 -28.28 5.42 -4.03
N ARG A 580 -29.10 5.48 -5.07
CA ARG A 580 -28.98 4.70 -6.32
C ARG A 580 -27.60 4.96 -6.91
N THR A 581 -27.17 6.22 -6.70
CA THR A 581 -25.89 6.76 -7.18
C THR A 581 -24.72 6.10 -6.45
N HIS A 582 -24.86 5.91 -5.15
CA HIS A 582 -23.81 5.30 -4.31
C HIS A 582 -23.56 3.85 -4.71
N VAL A 583 -24.61 3.09 -5.00
CA VAL A 583 -24.48 1.67 -5.37
C VAL A 583 -23.85 1.53 -6.76
N GLU A 584 -24.09 2.51 -7.62
CA GLU A 584 -23.56 2.47 -9.00
C GLU A 584 -22.10 2.91 -9.05
N THR A 585 -21.67 3.80 -8.14
CA THR A 585 -20.28 4.26 -8.09
C THR A 585 -19.46 3.20 -7.34
N PHE A 586 -20.15 2.36 -6.57
CA PHE A 586 -19.51 1.27 -5.83
C PHE A 586 -19.22 0.13 -6.81
N ARG A 587 -20.12 -0.06 -7.77
CA ARG A 587 -19.97 -1.13 -8.77
C ARG A 587 -18.79 -0.83 -9.70
N GLU A 588 -18.51 0.46 -9.90
CA GLU A 588 -17.41 0.89 -10.78
C GLU A 588 -16.06 0.59 -10.13
N TYR A 589 -16.06 0.40 -8.80
CA TYR A 589 -14.87 0.06 -8.02
C TYR A 589 -14.87 -1.45 -7.79
N GLY A 590 -15.83 -2.13 -8.43
CA GLY A 590 -16.01 -3.57 -8.34
C GLY A 590 -16.49 -4.04 -6.98
N LEU A 591 -17.45 -3.32 -6.40
CA LEU A 591 -17.98 -3.65 -5.07
C LEU A 591 -19.51 -3.67 -5.06
N LYS A 592 -20.06 -4.59 -4.28
CA LYS A 592 -21.52 -4.73 -4.12
C LYS A 592 -21.85 -4.51 -2.64
N ILE A 593 -22.97 -3.84 -2.39
CA ILE A 593 -23.36 -3.54 -1.01
C ILE A 593 -24.72 -4.18 -0.68
N GLU A 594 -24.77 -4.87 0.45
CA GLU A 594 -25.99 -5.54 0.94
C GLU A 594 -26.14 -5.19 2.43
N VAL A 595 -27.09 -4.29 2.70
CA VAL A 595 -27.31 -3.82 4.08
C VAL A 595 -28.79 -3.66 4.41
N LYS A 596 -29.04 -3.52 5.71
CA LYS A 596 -30.37 -3.28 6.30
C LYS A 596 -30.34 -1.85 6.85
N LEU A 597 -30.63 -0.87 5.98
CA LEU A 597 -30.62 0.56 6.32
C LEU A 597 -31.65 0.88 7.40
N PRO A 598 -31.21 1.34 8.60
CA PRO A 598 -32.17 1.66 9.65
C PRO A 598 -32.94 2.90 9.19
N GLU A 599 -34.26 2.76 9.09
CA GLU A 599 -35.13 3.86 8.64
C GLU A 599 -35.01 5.03 9.62
N VAL A 600 -34.61 6.16 9.05
CA VAL A 600 -34.41 7.41 9.80
C VAL A 600 -35.44 8.44 9.35
N ARG A 601 -35.65 9.42 10.23
CA ARG A 601 -36.58 10.53 9.97
C ARG A 601 -35.87 11.49 9.00
N PRO A 602 -36.62 12.20 8.12
CA PRO A 602 -36.07 13.14 7.15
C PRO A 602 -34.97 14.07 7.67
N ALA A 603 -35.18 14.62 8.86
CA ALA A 603 -34.15 15.46 9.48
C ALA A 603 -33.39 14.53 10.44
N HIS A 604 -32.20 14.05 10.04
CA HIS A 604 -31.44 13.12 10.90
C HIS A 604 -29.97 13.50 11.03
N GLN A 605 -29.32 12.75 11.92
CA GLN A 605 -27.90 12.89 12.27
C GLN A 605 -27.23 11.52 12.19
N MET A 606 -27.21 10.94 10.99
CA MET A 606 -26.60 9.62 10.81
C MET A 606 -25.77 9.55 9.53
N VAL A 607 -24.70 8.77 9.61
CA VAL A 607 -23.76 8.53 8.51
C VAL A 607 -23.41 7.04 8.48
N LEU A 608 -22.99 6.53 7.31
CA LEU A 608 -22.60 5.12 7.17
C LEU A 608 -21.07 5.04 7.11
N VAL A 609 -20.46 4.31 8.06
CA VAL A 609 -19.00 4.18 8.16
C VAL A 609 -18.54 2.78 7.73
N PHE A 610 -17.55 2.74 6.84
CA PHE A 610 -17.01 1.48 6.29
C PHE A 610 -15.58 1.23 6.80
N SER A 611 -15.47 0.75 8.03
CA SER A 611 -14.15 0.49 8.65
C SER A 611 -13.87 -1.01 8.71
N GLU A 612 -12.73 -1.35 9.31
CA GLU A 612 -12.29 -2.75 9.47
C GLU A 612 -12.89 -3.38 10.73
N ARG A 613 -12.71 -2.72 11.87
CA ARG A 613 -13.23 -3.20 13.15
C ARG A 613 -14.30 -2.20 13.65
N THR A 614 -15.11 -2.63 14.63
CA THR A 614 -16.20 -1.85 15.22
C THR A 614 -15.70 -0.47 15.67
N PRO A 615 -16.24 0.63 15.08
CA PRO A 615 -15.88 2.03 15.38
C PRO A 615 -15.94 2.44 16.84
N VAL A 616 -14.87 3.08 17.30
CA VAL A 616 -14.76 3.52 18.69
C VAL A 616 -15.08 5.01 18.81
N VAL A 617 -16.37 5.31 19.03
CA VAL A 617 -16.86 6.70 19.17
C VAL A 617 -17.95 6.80 20.24
N ASP A 618 -18.21 8.05 20.64
CA ASP A 618 -19.19 8.42 21.68
C ASP A 618 -20.50 8.82 21.00
N VAL A 619 -21.08 7.90 20.24
CA VAL A 619 -22.34 8.06 19.49
C VAL A 619 -22.81 6.66 19.05
N PRO A 620 -24.14 6.39 18.95
CA PRO A 620 -24.63 5.05 18.52
C PRO A 620 -24.01 4.40 17.29
N VAL A 621 -23.40 3.22 17.47
CA VAL A 621 -22.72 2.45 16.41
C VAL A 621 -23.38 1.09 16.21
N LYS A 622 -24.16 0.93 15.14
CA LYS A 622 -24.84 -0.34 14.81
C LYS A 622 -24.27 -0.90 13.51
N GLU A 623 -23.97 -2.21 13.50
CA GLU A 623 -23.45 -2.94 12.33
C GLU A 623 -24.60 -3.30 11.38
N ILE A 624 -24.60 -2.78 10.13
CA ILE A 624 -25.73 -3.01 9.22
C ILE A 624 -25.44 -3.92 8.02
N GLY A 625 -24.18 -4.27 7.75
CA GLY A 625 -23.93 -5.14 6.61
C GLY A 625 -22.50 -5.26 6.20
N THR A 626 -22.30 -5.50 4.90
CA THR A 626 -20.96 -5.68 4.33
C THR A 626 -20.86 -5.08 2.93
N LEU A 627 -19.61 -4.99 2.48
CA LEU A 627 -19.17 -4.51 1.15
C LEU A 627 -18.10 -5.51 0.68
N SER A 628 -18.47 -6.46 -0.18
CA SER A 628 -17.57 -7.53 -0.62
C SER A 628 -17.20 -7.45 -2.10
N ARG A 629 -16.55 -8.54 -2.56
CA ARG A 629 -16.02 -8.81 -3.92
C ARG A 629 -15.12 -7.67 -4.40
N MET B 1 -17.93 43.68 -58.02
CA MET B 1 -17.78 42.67 -56.98
C MET B 1 -19.12 42.02 -56.64
N PRO B 2 -19.59 41.02 -57.46
CA PRO B 2 -20.89 40.34 -57.25
C PRO B 2 -20.89 39.17 -56.28
N LEU B 3 -22.03 39.01 -55.59
CA LEU B 3 -22.25 37.96 -54.58
C LEU B 3 -23.08 36.81 -55.15
N PHE B 4 -22.73 35.59 -54.77
CA PHE B 4 -23.42 34.36 -55.19
C PHE B 4 -23.70 33.51 -53.95
N LYS B 5 -24.99 33.42 -53.58
CA LYS B 5 -25.44 32.67 -52.39
C LYS B 5 -25.47 31.17 -52.71
N PHE B 6 -24.88 30.36 -51.83
CA PHE B 6 -24.83 28.91 -52.01
C PHE B 6 -25.24 28.20 -50.71
N ALA B 7 -25.61 26.94 -50.83
CA ALA B 7 -25.99 26.11 -49.67
C ALA B 7 -25.49 24.68 -49.87
N ILE B 8 -24.53 24.23 -49.07
CA ILE B 8 -23.96 22.87 -49.21
C ILE B 8 -24.64 21.89 -48.25
N ASP B 9 -25.26 20.84 -48.81
CA ASP B 9 -25.93 19.79 -48.03
C ASP B 9 -24.93 18.64 -47.86
N VAL B 10 -24.44 18.43 -46.65
CA VAL B 10 -23.47 17.38 -46.35
C VAL B 10 -24.20 16.25 -45.62
N GLN B 11 -23.95 14.99 -45.99
CA GLN B 11 -24.60 13.83 -45.36
C GLN B 11 -23.62 12.66 -45.25
N TYR B 12 -23.85 11.74 -44.31
CA TYR B 12 -23.00 10.54 -44.19
C TYR B 12 -23.41 9.58 -45.31
N ARG B 13 -22.49 8.76 -45.81
CA ARG B 13 -22.79 7.82 -46.90
C ARG B 13 -24.00 6.96 -46.50
N SER B 14 -24.76 6.62 -47.53
CA SER B 14 -26.02 5.87 -47.45
C SER B 14 -25.85 4.48 -46.83
N ASN B 15 -24.64 4.11 -46.43
CA ASN B 15 -24.38 2.79 -45.83
C ASN B 15 -23.52 2.92 -44.57
N VAL B 16 -23.15 4.16 -44.25
CA VAL B 16 -22.41 4.45 -43.02
C VAL B 16 -23.46 4.69 -41.94
N ARG B 17 -23.39 3.89 -40.86
CA ARG B 17 -24.35 3.97 -39.75
C ARG B 17 -24.24 5.28 -38.99
N ASP B 18 -25.40 5.88 -38.74
CA ASP B 18 -25.55 7.14 -38.00
C ASP B 18 -26.58 6.86 -36.91
N PRO B 19 -26.13 6.35 -35.74
CA PRO B 19 -27.00 6.03 -34.62
C PRO B 19 -27.53 7.28 -33.93
N ARG B 20 -26.91 8.42 -34.23
CA ARG B 20 -27.36 9.72 -33.71
C ARG B 20 -28.74 9.96 -34.35
N GLY B 21 -28.88 9.39 -35.55
CA GLY B 21 -30.07 9.50 -36.37
C GLY B 21 -31.06 8.37 -36.18
N GLU B 22 -30.58 7.20 -35.74
CA GLU B 22 -31.48 6.07 -35.48
C GLU B 22 -32.18 6.34 -34.14
N THR B 23 -31.50 7.12 -33.29
CA THR B 23 -32.00 7.54 -31.97
C THR B 23 -33.12 8.56 -32.17
N ILE B 24 -33.01 9.39 -33.21
CA ILE B 24 -34.02 10.41 -33.54
C ILE B 24 -35.24 9.74 -34.18
N GLU B 25 -34.98 8.70 -34.98
CA GLU B 25 -36.06 7.91 -35.57
C GLU B 25 -36.90 7.23 -34.51
N ARG B 26 -36.24 6.49 -33.63
CA ARG B 26 -36.91 5.93 -32.45
C ARG B 26 -37.79 6.97 -31.77
N VAL B 27 -37.26 8.16 -31.55
CA VAL B 27 -37.94 9.19 -30.78
C VAL B 27 -39.29 9.55 -31.41
N LEU B 28 -39.24 10.34 -32.49
CA LEU B 28 -40.44 10.77 -33.17
C LEU B 28 -41.05 9.63 -33.99
N ARG B 29 -41.14 8.46 -33.39
CA ARG B 29 -42.09 7.45 -33.83
C ARG B 29 -42.76 6.76 -32.64
N GLU B 30 -42.01 6.61 -31.55
CA GLU B 30 -42.51 5.90 -30.36
C GLU B 30 -42.89 6.90 -29.25
N GLU B 31 -42.34 8.10 -29.30
CA GLU B 31 -42.64 9.12 -28.27
C GLU B 31 -43.47 10.26 -28.85
N LYS B 32 -43.40 10.47 -30.18
CA LYS B 32 -44.17 11.54 -30.82
C LYS B 32 -45.07 10.95 -31.91
N GLY B 33 -44.98 9.63 -32.07
CA GLY B 33 -45.78 8.86 -33.02
C GLY B 33 -46.21 9.29 -34.41
N LEU B 34 -45.27 9.63 -35.32
CA LEU B 34 -45.57 10.05 -36.70
C LEU B 34 -45.04 9.00 -37.69
N PRO B 35 -45.77 8.73 -38.80
CA PRO B 35 -45.26 7.72 -39.76
C PRO B 35 -44.11 8.31 -40.59
N VAL B 36 -42.90 8.20 -40.05
CA VAL B 36 -41.72 8.76 -40.70
C VAL B 36 -40.54 7.78 -40.62
N LYS B 37 -40.42 6.92 -41.62
CA LYS B 37 -39.30 6.00 -41.71
C LYS B 37 -38.09 6.67 -42.37
N LYS B 38 -36.90 6.12 -42.10
CA LYS B 38 -35.76 6.31 -42.98
C LYS B 38 -35.25 7.75 -42.91
N LEU B 39 -34.45 8.05 -41.90
CA LEU B 39 -34.07 9.42 -41.59
C LEU B 39 -32.57 9.54 -41.32
N ARG B 40 -31.90 10.36 -42.11
CA ARG B 40 -30.45 10.59 -41.93
C ARG B 40 -30.22 12.00 -41.40
N LEU B 41 -29.14 12.19 -40.65
CA LEU B 41 -28.84 13.48 -40.03
C LEU B 41 -27.44 13.95 -40.40
N GLY B 42 -27.29 15.26 -40.59
CA GLY B 42 -26.17 15.80 -41.32
C GLY B 42 -26.01 17.30 -41.12
N LYS B 43 -25.03 17.87 -41.79
CA LYS B 43 -24.73 19.30 -41.66
C LYS B 43 -25.35 20.10 -42.80
N SER B 44 -25.46 21.41 -42.61
CA SER B 44 -25.95 22.30 -43.65
C SER B 44 -25.21 23.64 -43.62
N ILE B 45 -24.37 23.87 -44.62
CA ILE B 45 -23.51 25.06 -44.66
C ILE B 45 -23.96 26.03 -45.75
N HIS B 46 -24.29 27.24 -45.35
CA HIS B 46 -24.67 28.32 -46.28
C HIS B 46 -23.46 29.26 -46.38
N LEU B 47 -23.10 29.67 -47.59
CA LEU B 47 -21.97 30.61 -47.73
C LEU B 47 -22.10 31.48 -48.99
N GLU B 48 -21.91 32.79 -48.83
CA GLU B 48 -21.94 33.75 -49.93
C GLU B 48 -20.51 33.96 -50.43
N VAL B 49 -20.33 34.17 -51.73
CA VAL B 49 -18.98 34.26 -52.31
C VAL B 49 -18.87 35.42 -53.30
N GLU B 50 -17.69 36.06 -53.33
CA GLU B 50 -17.35 37.16 -54.24
C GLU B 50 -16.41 36.62 -55.32
N ALA B 51 -16.69 36.90 -56.59
CA ALA B 51 -15.85 36.46 -57.72
C ALA B 51 -16.20 37.25 -58.98
N GLU B 52 -15.65 36.82 -60.12
CA GLU B 52 -15.91 37.47 -61.42
C GLU B 52 -17.26 36.99 -61.96
N ASN B 53 -17.39 35.69 -62.27
CA ASN B 53 -18.62 35.09 -62.79
C ASN B 53 -19.14 33.99 -61.86
N LYS B 54 -20.24 33.35 -62.24
CA LYS B 54 -20.87 32.30 -61.42
C LYS B 54 -20.09 30.98 -61.52
N GLU B 55 -19.46 30.72 -62.67
CA GLU B 55 -18.73 29.46 -62.86
C GLU B 55 -17.41 29.47 -62.09
N LYS B 56 -16.84 30.66 -61.86
CA LYS B 56 -15.57 30.77 -61.12
C LYS B 56 -15.86 30.88 -59.62
N ALA B 57 -17.11 31.18 -59.29
CA ALA B 57 -17.58 31.30 -57.90
C ALA B 57 -17.83 29.91 -57.32
N TYR B 58 -18.40 29.04 -58.15
CA TYR B 58 -18.71 27.65 -57.79
C TYR B 58 -17.40 26.91 -57.53
N GLU B 59 -16.33 27.37 -58.17
CA GLU B 59 -14.99 26.75 -58.05
C GLU B 59 -14.42 26.95 -56.64
N ILE B 60 -14.74 28.09 -56.02
CA ILE B 60 -14.28 28.44 -54.67
C ILE B 60 -14.96 27.54 -53.64
N VAL B 61 -16.26 27.34 -53.83
CA VAL B 61 -17.08 26.50 -52.95
C VAL B 61 -16.58 25.05 -53.04
N LYS B 62 -16.38 24.58 -54.28
CA LYS B 62 -15.91 23.21 -54.54
C LYS B 62 -14.51 23.01 -53.98
N LYS B 63 -13.74 24.10 -53.83
CA LYS B 63 -12.39 24.00 -53.27
C LYS B 63 -12.48 23.85 -51.75
N ALA B 64 -13.27 24.73 -51.15
CA ALA B 64 -13.49 24.80 -49.69
C ALA B 64 -14.02 23.47 -49.15
N CYS B 65 -14.76 22.75 -49.97
CA CYS B 65 -15.36 21.48 -49.55
C CYS B 65 -14.35 20.34 -49.51
N GLU B 66 -13.37 20.37 -50.43
CA GLU B 66 -12.43 19.27 -50.59
C GLU B 66 -11.38 19.27 -49.47
N GLU B 67 -11.11 20.44 -48.92
CA GLU B 67 -9.87 20.68 -48.19
C GLU B 67 -10.15 21.29 -46.82
N LEU B 68 -11.44 21.46 -46.50
CA LEU B 68 -11.85 21.77 -45.14
C LEU B 68 -13.20 21.13 -44.82
N LEU B 69 -14.22 21.53 -45.57
CA LEU B 69 -15.59 21.53 -45.06
C LEU B 69 -16.17 20.13 -45.02
N VAL B 70 -15.97 19.38 -46.10
CA VAL B 70 -16.48 18.01 -46.19
C VAL B 70 -15.36 16.99 -46.01
N ASN B 71 -15.65 15.96 -45.22
CA ASN B 71 -14.68 14.87 -45.00
C ASN B 71 -14.91 13.84 -46.11
N PRO B 72 -14.03 13.83 -47.13
CA PRO B 72 -14.21 12.87 -48.22
C PRO B 72 -14.23 11.39 -47.86
N VAL B 73 -14.00 11.06 -46.59
CA VAL B 73 -13.95 9.64 -46.19
C VAL B 73 -15.35 9.03 -46.05
N VAL B 74 -16.24 9.70 -45.32
CA VAL B 74 -17.57 9.14 -45.05
C VAL B 74 -18.68 10.14 -45.36
N GLU B 75 -18.36 11.33 -45.86
CA GLU B 75 -19.40 12.33 -46.15
C GLU B 75 -19.50 12.59 -47.65
N GLU B 76 -20.71 12.76 -48.16
CA GLU B 76 -20.96 13.09 -49.58
C GLU B 76 -21.63 14.47 -49.60
N TYR B 77 -21.40 15.29 -50.61
CA TYR B 77 -22.06 16.61 -50.61
C TYR B 77 -22.70 16.93 -51.96
N GLU B 78 -23.72 17.78 -51.89
CA GLU B 78 -24.47 18.27 -53.05
C GLU B 78 -24.79 19.74 -52.79
N VAL B 79 -24.28 20.60 -53.68
CA VAL B 79 -24.45 22.05 -53.55
C VAL B 79 -25.51 22.57 -54.52
N ARG B 80 -26.26 23.58 -54.05
CA ARG B 80 -27.34 24.25 -54.78
C ARG B 80 -27.27 25.76 -54.54
N GLU B 81 -27.96 26.55 -55.38
CA GLU B 81 -27.95 28.01 -55.27
C GLU B 81 -29.13 28.52 -54.44
N LEU B 82 -29.02 29.77 -53.99
CA LEU B 82 -30.07 30.47 -53.21
C LEU B 82 -30.22 31.88 -53.78
N MET C 1 -47.95 2.79 -48.28
CA MET C 1 -48.49 3.58 -49.38
C MET C 1 -49.06 4.91 -48.89
N PRO C 2 -48.46 6.01 -49.35
CA PRO C 2 -47.32 5.94 -50.26
C PRO C 2 -46.08 6.61 -49.67
N LEU C 3 -45.11 6.94 -50.52
CA LEU C 3 -43.85 7.49 -50.06
C LEU C 3 -43.75 8.98 -50.36
N PHE C 4 -42.88 9.67 -49.64
CA PHE C 4 -42.74 11.14 -49.79
C PHE C 4 -41.39 11.60 -49.23
N LYS C 5 -40.40 11.86 -50.09
CA LYS C 5 -39.06 12.28 -49.67
C LYS C 5 -39.01 13.78 -49.40
N PHE C 6 -38.27 14.16 -48.36
CA PHE C 6 -38.10 15.56 -47.94
C PHE C 6 -36.67 15.82 -47.47
N ALA C 7 -36.40 17.09 -47.24
CA ALA C 7 -35.09 17.56 -46.74
C ALA C 7 -35.34 18.86 -45.98
N ILE C 8 -34.91 18.89 -44.72
CA ILE C 8 -35.07 20.08 -43.87
C ILE C 8 -33.72 20.81 -43.78
N ASP C 9 -33.78 22.14 -43.90
CA ASP C 9 -32.59 22.99 -43.80
C ASP C 9 -32.77 23.88 -42.57
N VAL C 10 -32.17 23.47 -41.46
CA VAL C 10 -32.23 24.20 -40.20
C VAL C 10 -31.06 25.19 -40.12
N GLN C 11 -31.24 26.25 -39.36
CA GLN C 11 -30.20 27.29 -39.22
C GLN C 11 -30.53 28.14 -37.99
N TYR C 12 -29.52 28.81 -37.42
CA TYR C 12 -29.76 29.74 -36.31
C TYR C 12 -30.40 31.01 -36.90
N ARG C 13 -31.32 31.65 -36.19
CA ARG C 13 -32.01 32.84 -36.71
C ARG C 13 -31.05 33.98 -37.05
N SER C 14 -31.53 34.92 -37.87
CA SER C 14 -30.81 36.09 -38.40
C SER C 14 -30.12 36.92 -37.31
N ASN C 15 -30.85 37.20 -36.22
CA ASN C 15 -30.39 38.03 -35.11
C ASN C 15 -29.44 37.31 -34.16
N VAL C 16 -29.47 35.97 -34.13
CA VAL C 16 -28.59 35.20 -33.23
C VAL C 16 -27.26 34.92 -33.92
N ARG C 17 -26.16 35.32 -33.28
CA ARG C 17 -24.82 35.10 -33.85
C ARG C 17 -24.35 33.69 -33.52
N ASP C 18 -23.84 33.00 -34.55
CA ASP C 18 -23.33 31.63 -34.42
C ASP C 18 -21.81 31.65 -34.50
N PRO C 19 -21.12 31.46 -33.35
CA PRO C 19 -19.66 31.46 -33.30
C PRO C 19 -19.03 30.27 -34.02
N ARG C 20 -19.77 29.16 -34.10
CA ARG C 20 -19.31 27.95 -34.81
C ARG C 20 -19.10 28.30 -36.28
N GLY C 21 -20.11 28.94 -36.88
CA GLY C 21 -20.01 29.34 -38.27
C GLY C 21 -19.12 30.55 -38.50
N GLU C 22 -18.85 31.31 -37.43
CA GLU C 22 -18.03 32.53 -37.50
C GLU C 22 -16.54 32.23 -37.34
N THR C 23 -16.21 31.11 -36.70
CA THR C 23 -14.80 30.73 -36.53
C THR C 23 -14.32 30.04 -37.81
N ILE C 24 -15.26 29.42 -38.52
CA ILE C 24 -14.96 28.73 -39.78
C ILE C 24 -14.94 29.75 -40.92
N GLU C 25 -15.78 30.78 -40.80
CA GLU C 25 -15.83 31.88 -41.78
C GLU C 25 -14.50 32.63 -41.70
N ARG C 26 -13.94 32.76 -40.50
CA ARG C 26 -12.67 33.46 -40.28
C ARG C 26 -11.50 32.58 -40.72
N VAL C 27 -11.70 31.27 -40.84
CA VAL C 27 -10.63 30.36 -41.27
C VAL C 27 -10.54 30.36 -42.80
N LEU C 28 -11.69 30.21 -43.46
CA LEU C 28 -11.75 30.14 -44.93
C LEU C 28 -11.36 31.47 -45.58
N ARG C 29 -11.24 32.57 -44.82
CA ARG C 29 -10.91 33.87 -45.43
C ARG C 29 -9.50 34.32 -45.09
N GLU C 30 -8.95 33.88 -43.95
CA GLU C 30 -7.60 34.32 -43.56
C GLU C 30 -6.57 33.20 -43.69
N GLU C 31 -6.91 31.96 -43.31
CA GLU C 31 -5.97 30.85 -43.40
C GLU C 31 -6.02 30.19 -44.77
N LYS C 32 -7.20 30.10 -45.38
CA LYS C 32 -7.32 29.47 -46.71
C LYS C 32 -7.40 30.53 -47.81
N GLY C 33 -7.55 31.79 -47.41
CA GLY C 33 -7.59 32.91 -48.35
C GLY C 33 -8.65 32.98 -49.44
N LEU C 34 -9.73 32.21 -49.31
CA LEU C 34 -10.83 32.19 -50.30
C LEU C 34 -11.82 33.30 -49.99
N PRO C 35 -12.18 34.15 -50.98
CA PRO C 35 -13.13 35.26 -50.74
C PRO C 35 -14.56 34.81 -50.42
N VAL C 36 -14.79 34.51 -49.15
CA VAL C 36 -16.12 34.09 -48.70
C VAL C 36 -16.65 35.02 -47.61
N LYS C 37 -17.91 35.41 -47.74
CA LYS C 37 -18.54 36.31 -46.78
C LYS C 37 -19.67 35.61 -46.04
N LYS C 38 -19.74 35.83 -44.73
CA LYS C 38 -20.94 35.55 -43.95
C LYS C 38 -21.51 34.13 -43.95
N LEU C 39 -20.69 33.17 -43.55
CA LEU C 39 -21.13 31.78 -43.44
C LEU C 39 -22.05 31.42 -42.28
N ARG C 40 -23.02 30.54 -42.54
CA ARG C 40 -23.88 30.01 -41.48
C ARG C 40 -23.68 28.48 -41.45
N LEU C 41 -23.68 27.87 -40.27
CA LEU C 41 -23.48 26.42 -40.16
C LEU C 41 -24.65 25.82 -39.38
N GLY C 42 -25.47 25.03 -40.07
CA GLY C 42 -26.64 24.41 -39.46
C GLY C 42 -26.77 22.92 -39.69
N LYS C 43 -27.97 22.39 -39.51
CA LYS C 43 -28.24 20.95 -39.67
C LYS C 43 -29.13 20.73 -40.90
N SER C 44 -28.99 19.60 -41.60
CA SER C 44 -29.85 19.27 -42.74
C SER C 44 -30.39 17.86 -42.52
N ILE C 45 -31.69 17.76 -42.27
CA ILE C 45 -32.31 16.46 -41.97
C ILE C 45 -33.18 15.97 -43.12
N HIS C 46 -32.84 14.78 -43.61
CA HIS C 46 -33.57 14.11 -44.70
C HIS C 46 -34.49 13.09 -44.04
N LEU C 47 -35.74 13.02 -44.48
CA LEU C 47 -36.71 12.05 -43.94
C LEU C 47 -37.77 11.67 -44.98
N GLU C 48 -38.17 10.40 -44.96
CA GLU C 48 -39.18 9.84 -45.86
C GLU C 48 -40.47 9.72 -45.05
N VAL C 49 -41.59 10.19 -45.59
CA VAL C 49 -42.88 10.16 -44.89
C VAL C 49 -43.88 9.27 -45.62
N GLU C 50 -44.74 8.62 -44.85
CA GLU C 50 -45.78 7.77 -45.41
C GLU C 50 -47.17 8.29 -45.06
N ALA C 51 -47.86 8.85 -46.05
CA ALA C 51 -49.05 9.64 -45.80
C ALA C 51 -49.97 9.66 -47.03
N GLU C 52 -51.02 10.46 -46.95
CA GLU C 52 -52.20 10.27 -47.79
C GLU C 52 -52.12 11.12 -49.06
N ASN C 53 -52.08 12.44 -48.88
CA ASN C 53 -51.83 13.36 -49.98
C ASN C 53 -50.49 14.06 -49.85
N LYS C 54 -50.25 15.02 -50.74
CA LYS C 54 -49.01 15.82 -50.68
C LYS C 54 -49.10 16.80 -49.50
N GLU C 55 -50.34 17.21 -49.22
CA GLU C 55 -50.71 18.16 -48.17
C GLU C 55 -50.47 17.57 -46.77
N LYS C 56 -50.96 16.33 -46.57
CA LYS C 56 -50.87 15.60 -45.30
C LYS C 56 -49.41 15.28 -44.98
N ALA C 57 -48.59 15.15 -46.01
CA ALA C 57 -47.16 14.81 -45.87
C ALA C 57 -46.37 16.01 -45.33
N TYR C 58 -46.64 17.20 -45.88
CA TYR C 58 -45.93 18.43 -45.51
C TYR C 58 -46.19 18.77 -44.03
N GLU C 59 -47.43 18.61 -43.58
CA GLU C 59 -47.79 18.95 -42.20
C GLU C 59 -47.22 17.91 -41.22
N ILE C 60 -46.85 16.72 -41.69
CA ILE C 60 -46.25 15.70 -40.82
C ILE C 60 -44.86 16.18 -40.41
N VAL C 61 -44.11 16.62 -41.42
CA VAL C 61 -42.73 17.12 -41.28
C VAL C 61 -42.73 18.34 -40.35
N LYS C 62 -43.80 19.14 -40.45
CA LYS C 62 -43.95 20.37 -39.67
C LYS C 62 -44.19 20.06 -38.18
N LYS C 63 -44.84 18.95 -37.87
CA LYS C 63 -45.09 18.61 -36.47
C LYS C 63 -43.81 18.06 -35.83
N ALA C 64 -43.04 17.33 -36.63
CA ALA C 64 -41.79 16.70 -36.18
C ALA C 64 -40.73 17.77 -35.94
N CYS C 65 -40.94 18.95 -36.49
CA CYS C 65 -39.99 20.05 -36.34
C CYS C 65 -40.26 20.85 -35.08
N GLU C 66 -41.50 21.33 -34.92
CA GLU C 66 -41.91 22.18 -33.79
C GLU C 66 -41.86 21.41 -32.46
N GLU C 67 -41.94 20.08 -32.52
CA GLU C 67 -42.03 19.26 -31.33
C GLU C 67 -40.68 18.64 -30.99
N LEU C 68 -39.78 18.62 -31.96
CA LEU C 68 -38.48 17.98 -31.79
C LEU C 68 -37.37 18.80 -32.45
N LEU C 69 -37.38 18.81 -33.78
CA LEU C 69 -36.13 18.84 -34.54
C LEU C 69 -35.59 20.25 -34.66
N VAL C 70 -36.49 21.22 -34.88
CA VAL C 70 -36.12 22.62 -34.79
C VAL C 70 -36.58 23.22 -33.47
N ASN C 71 -35.62 23.67 -32.66
CA ASN C 71 -35.92 24.46 -31.47
C ASN C 71 -36.54 25.82 -31.83
N PRO C 72 -37.79 26.00 -31.45
CA PRO C 72 -38.52 27.25 -31.77
C PRO C 72 -37.96 28.60 -31.32
N VAL C 73 -37.01 28.55 -30.37
CA VAL C 73 -36.43 29.77 -29.78
C VAL C 73 -35.27 30.33 -30.62
N VAL C 74 -34.20 29.56 -30.84
CA VAL C 74 -33.02 30.06 -31.58
C VAL C 74 -32.91 29.51 -33.01
N GLU C 75 -33.63 28.45 -33.36
CA GLU C 75 -33.53 27.88 -34.71
C GLU C 75 -34.71 28.28 -35.60
N GLU C 76 -34.40 28.42 -36.88
CA GLU C 76 -35.28 28.78 -38.00
C GLU C 76 -35.17 27.63 -39.00
N TYR C 77 -36.15 27.43 -39.89
CA TYR C 77 -36.04 26.31 -40.85
C TYR C 77 -36.88 26.53 -42.11
N GLU C 78 -36.50 25.81 -43.16
CA GLU C 78 -37.20 25.82 -44.45
C GLU C 78 -37.04 24.44 -45.10
N VAL C 79 -38.16 23.81 -45.44
CA VAL C 79 -38.16 22.46 -46.03
C VAL C 79 -38.42 22.51 -47.54
N ARG C 80 -37.79 21.56 -48.26
CA ARG C 80 -37.87 21.39 -49.71
C ARG C 80 -38.07 19.90 -50.03
N GLU C 81 -38.73 19.59 -51.15
CA GLU C 81 -38.99 18.20 -51.55
C GLU C 81 -37.77 17.57 -52.20
N LEU C 82 -37.82 16.25 -52.43
CA LEU C 82 -36.74 15.53 -53.11
C LEU C 82 -37.35 14.60 -54.16
N MET D 1 20.76 15.07 -20.25
CA MET D 1 21.16 13.68 -19.98
C MET D 1 19.98 12.72 -20.17
N LYS D 2 18.79 13.26 -20.43
CA LYS D 2 17.54 12.50 -20.64
C LYS D 2 16.98 12.80 -22.03
N PRO D 3 16.16 11.88 -22.65
CA PRO D 3 15.59 12.10 -23.99
C PRO D 3 14.63 13.28 -24.13
N ARG D 4 14.56 13.82 -25.35
CA ARG D 4 13.75 15.00 -25.65
C ARG D 4 12.36 14.61 -26.18
N ALA D 5 11.34 15.24 -25.60
CA ALA D 5 9.93 15.04 -25.98
C ALA D 5 9.22 16.39 -26.07
N CYS D 6 8.10 16.42 -26.81
CA CYS D 6 7.36 17.68 -26.97
C CYS D 6 5.85 17.45 -27.05
N VAL D 7 5.12 18.43 -26.53
CA VAL D 7 3.65 18.45 -26.49
C VAL D 7 3.20 19.69 -27.29
N VAL D 8 2.39 19.48 -28.32
CA VAL D 8 1.96 20.56 -29.21
C VAL D 8 0.73 21.31 -28.68
N VAL D 9 0.94 22.55 -28.25
CA VAL D 9 -0.17 23.35 -27.72
C VAL D 9 -0.90 24.04 -28.86
N TYR D 10 -1.99 23.42 -29.28
CA TYR D 10 -2.87 23.93 -30.34
C TYR D 10 -3.87 24.88 -29.67
N PRO D 11 -4.26 26.00 -30.34
CA PRO D 11 -5.22 26.95 -29.75
C PRO D 11 -6.56 26.26 -29.42
N GLY D 12 -6.63 25.78 -28.18
CA GLY D 12 -7.80 25.08 -27.69
C GLY D 12 -7.53 23.78 -26.94
N SER D 13 -6.27 23.34 -26.88
CA SER D 13 -5.90 22.09 -26.22
C SER D 13 -6.01 22.19 -24.70
N ASN D 14 -6.54 21.12 -24.08
CA ASN D 14 -6.79 21.04 -22.65
C ASN D 14 -5.87 20.04 -21.93
N CYS D 15 -5.48 18.94 -22.59
CA CYS D 15 -4.62 17.93 -21.94
C CYS D 15 -3.14 18.12 -22.27
N ASP D 16 -2.66 19.37 -22.21
CA ASP D 16 -1.25 19.65 -22.47
C ASP D 16 -0.47 19.56 -21.15
N ARG D 17 -1.07 20.11 -20.10
CA ARG D 17 -0.51 20.13 -18.74
C ARG D 17 -0.43 18.71 -18.19
N ASP D 18 -1.25 17.82 -18.75
CA ASP D 18 -1.31 16.41 -18.32
C ASP D 18 -0.24 15.60 -19.06
N ALA D 19 0.04 15.99 -20.30
CA ALA D 19 1.03 15.31 -21.15
C ALA D 19 2.43 15.65 -20.64
N TYR D 20 2.65 16.93 -20.35
CA TYR D 20 3.93 17.46 -19.84
C TYR D 20 4.31 16.72 -18.55
N HIS D 21 3.34 16.65 -17.64
CA HIS D 21 3.48 16.02 -16.31
C HIS D 21 3.74 14.51 -16.45
N ALA D 22 3.02 13.88 -17.36
CA ALA D 22 3.12 12.43 -17.59
C ALA D 22 4.48 12.10 -18.21
N LEU D 23 5.02 13.09 -18.91
CA LEU D 23 6.32 12.93 -19.57
C LEU D 23 7.47 13.21 -18.59
N GLU D 24 7.26 14.15 -17.67
CA GLU D 24 8.28 14.58 -16.70
C GLU D 24 8.59 13.49 -15.67
N ILE D 25 7.56 12.83 -15.13
CA ILE D 25 7.74 11.79 -14.10
C ILE D 25 8.00 10.40 -14.71
N ASN D 26 8.34 10.35 -16.00
CA ASN D 26 8.60 9.06 -16.66
C ASN D 26 9.87 9.08 -17.51
N GLY D 27 10.89 9.78 -17.02
CA GLY D 27 12.20 9.84 -17.68
C GLY D 27 12.49 10.71 -18.89
N PHE D 28 11.55 11.57 -19.27
CA PHE D 28 11.73 12.45 -20.44
C PHE D 28 11.99 13.88 -19.99
N GLU D 29 12.30 14.74 -20.96
CA GLU D 29 12.50 16.17 -20.75
C GLU D 29 11.56 16.87 -21.74
N PRO D 30 10.31 17.13 -21.31
CA PRO D 30 9.31 17.78 -22.15
C PRO D 30 9.48 19.29 -22.36
N SER D 31 8.96 19.73 -23.49
CA SER D 31 8.99 21.16 -23.84
C SER D 31 7.76 21.48 -24.68
N TYR D 32 7.03 22.51 -24.27
CA TYR D 32 5.84 22.97 -25.01
C TYR D 32 6.27 23.63 -26.32
N VAL D 33 5.68 23.15 -27.41
CA VAL D 33 5.95 23.67 -28.76
C VAL D 33 4.65 24.19 -29.37
N GLY D 34 4.69 25.44 -29.82
CA GLY D 34 3.53 26.06 -30.42
C GLY D 34 3.54 25.98 -31.92
N LEU D 35 2.81 26.90 -32.55
CA LEU D 35 2.74 26.95 -34.02
C LEU D 35 3.98 27.70 -34.53
N ASP D 36 4.33 27.47 -35.80
CA ASP D 36 5.47 28.07 -36.51
C ASP D 36 6.81 27.56 -35.95
N ASP D 37 6.74 26.66 -34.97
CA ASP D 37 7.92 26.06 -34.32
C ASP D 37 8.41 24.87 -35.13
N LYS D 38 9.65 24.45 -34.87
CA LYS D 38 10.30 23.33 -35.56
C LYS D 38 10.42 22.14 -34.61
N LEU D 39 10.19 20.95 -35.18
CA LEU D 39 10.18 19.69 -34.41
C LEU D 39 11.34 18.78 -34.84
N ASP D 40 12.49 19.36 -35.18
CA ASP D 40 13.64 18.55 -35.63
C ASP D 40 14.38 17.94 -34.46
N ASP D 41 14.58 18.76 -33.43
CA ASP D 41 15.36 18.45 -32.21
C ASP D 41 14.68 17.43 -31.29
N TYR D 42 13.40 17.09 -31.52
CA TYR D 42 12.68 16.18 -30.62
C TYR D 42 12.64 14.75 -31.13
N GLU D 43 12.54 13.81 -30.19
CA GLU D 43 12.51 12.36 -30.48
C GLU D 43 11.09 11.79 -30.34
N LEU D 44 10.21 12.49 -29.62
CA LEU D 44 8.82 12.06 -29.42
C LEU D 44 7.89 13.27 -29.56
N ILE D 45 6.94 13.17 -30.49
CA ILE D 45 5.96 14.24 -30.68
C ILE D 45 4.60 13.77 -30.18
N ILE D 46 4.15 14.43 -29.13
CA ILE D 46 2.85 14.17 -28.51
C ILE D 46 1.85 15.22 -28.99
N LEU D 47 0.75 14.73 -29.52
CA LEU D 47 -0.38 15.56 -29.97
C LEU D 47 -1.48 15.35 -28.91
N PRO D 48 -1.58 16.30 -27.96
CA PRO D 48 -2.51 16.35 -26.83
C PRO D 48 -4.03 16.31 -27.02
N GLY D 49 -4.68 16.01 -25.91
CA GLY D 49 -6.13 15.91 -25.85
C GLY D 49 -6.85 17.21 -25.62
N GLY D 50 -8.16 17.10 -25.50
CA GLY D 50 -8.97 18.27 -25.29
C GLY D 50 -9.86 18.57 -26.47
N PHE D 51 -10.09 19.86 -26.69
CA PHE D 51 -10.97 20.36 -27.76
C PHE D 51 -10.21 21.40 -28.60
N SER D 52 -9.34 20.92 -29.48
CA SER D 52 -8.54 21.78 -30.37
C SER D 52 -9.47 22.52 -31.32
N TYR D 53 -9.47 23.84 -31.17
CA TYR D 53 -10.27 24.80 -31.94
C TYR D 53 -11.76 24.63 -31.63
N GLY D 54 -11.99 24.25 -30.37
CA GLY D 54 -13.31 24.02 -29.80
C GLY D 54 -14.17 23.01 -30.51
N ASP D 55 -13.53 22.17 -31.35
CA ASP D 55 -14.15 21.14 -32.20
C ASP D 55 -15.19 21.80 -33.10
N TYR D 56 -14.90 23.00 -33.57
CA TYR D 56 -15.91 23.79 -34.28
C TYR D 56 -16.53 23.24 -35.55
N LEU D 57 -15.80 22.60 -36.46
CA LEU D 57 -16.53 22.04 -37.61
C LEU D 57 -16.64 20.53 -37.41
N ARG D 58 -15.49 19.99 -37.04
CA ARG D 58 -15.23 18.57 -36.78
C ARG D 58 -13.95 18.55 -35.94
N PRO D 59 -13.81 17.59 -35.03
CA PRO D 59 -12.63 17.48 -34.17
C PRO D 59 -11.22 17.60 -34.76
N GLY D 60 -10.56 18.68 -34.36
CA GLY D 60 -9.19 18.95 -34.78
C GLY D 60 -8.90 19.10 -36.27
N ALA D 61 -9.95 19.20 -37.07
CA ALA D 61 -9.87 19.39 -38.52
C ALA D 61 -9.33 20.77 -38.84
N VAL D 62 -9.62 21.74 -37.95
CA VAL D 62 -9.20 23.14 -38.09
C VAL D 62 -7.77 23.28 -37.56
N ALA D 63 -7.30 22.19 -36.96
CA ALA D 63 -5.96 22.08 -36.37
C ALA D 63 -5.08 21.20 -37.25
N ALA D 64 -5.72 20.44 -38.12
CA ALA D 64 -5.00 19.55 -39.04
C ALA D 64 -4.51 20.38 -40.22
N ARG D 65 -5.25 21.44 -40.53
CA ARG D 65 -4.92 22.37 -41.63
C ARG D 65 -4.16 23.59 -41.09
N GLU D 66 -3.25 23.30 -40.16
CA GLU D 66 -2.38 24.30 -39.52
C GLU D 66 -0.94 24.11 -40.02
N LYS D 67 -0.12 25.13 -39.81
CA LYS D 67 1.27 25.19 -40.29
C LYS D 67 2.17 24.08 -39.75
N ILE D 68 2.00 23.64 -38.50
CA ILE D 68 2.89 22.61 -37.95
C ILE D 68 2.56 21.19 -38.44
N ALA D 69 1.69 21.10 -39.44
CA ALA D 69 1.33 19.81 -40.04
C ALA D 69 2.44 19.42 -41.02
N PHE D 70 2.97 20.47 -41.68
CA PHE D 70 4.06 20.41 -42.66
C PHE D 70 5.35 20.05 -41.91
N GLU D 71 5.28 20.14 -40.58
CA GLU D 71 6.40 19.84 -39.68
C GLU D 71 6.19 18.48 -39.00
N ILE D 72 4.93 18.04 -38.87
CA ILE D 72 4.66 16.73 -38.25
C ILE D 72 4.83 15.64 -39.31
N ALA D 73 4.43 15.96 -40.53
CA ALA D 73 4.51 15.05 -41.69
C ALA D 73 5.98 14.76 -42.04
N LYS D 74 6.80 15.81 -41.91
CA LYS D 74 8.24 15.78 -42.19
C LYS D 74 8.93 14.88 -41.15
N ALA D 75 8.41 14.89 -39.93
CA ALA D 75 8.95 14.10 -38.80
C ALA D 75 8.40 12.67 -38.85
N ALA D 76 7.28 12.49 -39.54
CA ALA D 76 6.64 11.18 -39.68
C ALA D 76 7.40 10.34 -40.71
N GLU D 77 7.70 10.94 -41.85
CA GLU D 77 8.43 10.30 -42.95
C GLU D 77 9.86 9.99 -42.51
N ARG D 78 10.38 10.85 -41.63
CA ARG D 78 11.74 10.69 -41.08
C ARG D 78 11.77 9.48 -40.14
N GLY D 79 10.63 9.15 -39.53
CA GLY D 79 10.56 8.00 -38.65
C GLY D 79 10.53 8.24 -37.15
N LYS D 80 10.39 9.50 -36.75
CA LYS D 80 10.32 9.85 -35.33
C LYS D 80 8.92 9.48 -34.81
N LEU D 81 8.90 8.83 -33.64
CA LEU D 81 7.67 8.34 -33.00
C LEU D 81 6.70 9.48 -32.68
N ILE D 82 5.45 9.31 -33.12
CA ILE D 82 4.38 10.30 -32.88
C ILE D 82 3.19 9.58 -32.25
N MET D 83 2.70 10.16 -31.15
CA MET D 83 1.55 9.63 -30.41
C MET D 83 0.51 10.72 -30.23
N GLY D 84 -0.66 10.46 -30.80
CA GLY D 84 -1.77 11.38 -30.70
C GLY D 84 -2.79 10.73 -29.81
N ILE D 85 -3.11 11.40 -28.71
CA ILE D 85 -4.09 10.88 -27.75
C ILE D 85 -5.49 11.38 -28.14
N ASN D 87 -7.87 13.60 -28.54
CA ASN D 87 -8.11 14.61 -29.59
C ASN D 87 -7.00 14.56 -30.64
N GLY D 88 -5.83 14.08 -30.27
CA GLY D 88 -4.69 14.02 -31.17
C GLY D 88 -4.82 13.00 -32.26
N PHE D 89 -5.57 11.94 -31.97
CA PHE D 89 -5.87 10.83 -32.89
C PHE D 89 -6.77 11.38 -34.00
N GLN D 90 -7.72 12.19 -33.57
CA GLN D 90 -8.68 12.83 -34.46
C GLN D 90 -7.95 13.79 -35.41
N ILE D 91 -6.80 14.32 -34.99
CA ILE D 91 -6.01 15.26 -35.78
C ILE D 91 -5.20 14.50 -36.84
N LEU D 92 -4.66 13.36 -36.41
CA LEU D 92 -3.83 12.49 -37.26
C LEU D 92 -4.65 11.81 -38.36
N ILE D 93 -5.95 11.61 -38.14
CA ILE D 93 -6.78 10.97 -39.19
C ILE D 93 -7.15 12.02 -40.24
N GLU D 94 -7.15 13.29 -39.84
CA GLU D 94 -7.50 14.40 -40.74
C GLU D 94 -6.23 14.90 -41.46
N MET D 95 -5.07 14.53 -40.92
CA MET D 95 -3.78 14.88 -41.52
C MET D 95 -3.41 13.80 -42.55
N GLY D 96 -3.94 12.59 -42.32
CA GLY D 96 -3.73 11.46 -43.20
C GLY D 96 -2.61 10.51 -42.86
N LEU D 97 -2.04 10.69 -41.68
CA LEU D 97 -0.93 9.85 -41.19
C LEU D 97 -1.51 8.55 -40.62
N LEU D 98 -2.80 8.60 -40.33
CA LEU D 98 -3.56 7.45 -39.80
C LEU D 98 -4.79 7.20 -40.67
N LYS D 99 -5.09 5.92 -40.89
CA LYS D 99 -6.21 5.47 -41.72
C LYS D 99 -7.54 5.51 -40.96
N GLY D 100 -8.63 5.68 -41.71
CA GLY D 100 -9.98 5.70 -41.16
C GLY D 100 -10.50 7.06 -40.72
N ALA D 101 -11.53 7.03 -39.86
CA ALA D 101 -12.14 8.25 -39.31
C ALA D 101 -12.81 7.99 -37.96
N LEU D 102 -13.01 9.09 -37.22
CA LEU D 102 -13.63 9.12 -35.88
C LEU D 102 -14.87 10.02 -35.88
N LEU D 103 -16.00 9.36 -35.69
CA LEU D 103 -17.36 9.94 -35.68
C LEU D 103 -17.91 9.94 -34.25
N GLN D 104 -19.15 10.43 -34.10
CA GLN D 104 -19.85 10.54 -32.81
C GLN D 104 -20.19 9.16 -32.23
N ASN D 105 -20.12 9.04 -30.90
CA ASN D 105 -20.39 7.79 -30.17
C ASN D 105 -21.83 7.35 -30.46
N SER D 106 -22.08 6.03 -30.53
CA SER D 106 -23.43 5.52 -30.81
C SER D 106 -24.41 5.99 -29.73
N SER D 107 -23.92 5.97 -28.49
CA SER D 107 -24.67 6.41 -27.31
C SER D 107 -24.66 7.94 -27.22
N GLY D 108 -25.18 8.56 -28.27
CA GLY D 108 -25.33 10.01 -28.38
C GLY D 108 -24.34 11.05 -27.86
N LYS D 109 -24.03 11.05 -26.55
CA LYS D 109 -23.08 12.05 -26.04
C LYS D 109 -21.93 11.42 -25.27
N PHE D 110 -21.06 12.35 -24.87
CA PHE D 110 -19.79 12.25 -24.12
C PHE D 110 -19.75 11.07 -23.14
N ILE D 111 -18.58 10.43 -23.07
CA ILE D 111 -18.32 9.33 -22.14
C ILE D 111 -16.99 9.60 -21.42
N CYS D 112 -17.05 9.69 -20.09
CA CYS D 112 -15.87 9.90 -19.24
C CYS D 112 -15.89 8.81 -18.15
N LYS D 113 -15.16 7.73 -18.40
CA LYS D 113 -15.18 6.54 -17.53
C LYS D 113 -13.82 5.86 -17.57
N TRP D 114 -13.61 4.94 -16.63
CA TRP D 114 -12.41 4.10 -16.55
C TRP D 114 -12.70 2.78 -17.27
N VAL D 115 -12.28 2.71 -18.53
CA VAL D 115 -12.52 1.58 -19.44
C VAL D 115 -11.38 0.56 -19.44
N ASP D 116 -11.81 -0.70 -19.55
CA ASP D 116 -10.94 -1.89 -19.59
C ASP D 116 -10.58 -2.20 -21.04
N LEU D 117 -9.26 -2.34 -21.30
CA LEU D 117 -8.73 -2.64 -22.65
C LEU D 117 -7.78 -3.84 -22.64
N ILE D 118 -7.69 -4.47 -23.81
CA ILE D 118 -6.80 -5.61 -24.06
C ILE D 118 -5.83 -5.21 -25.17
N VAL D 119 -4.54 -5.36 -24.88
CA VAL D 119 -3.48 -5.02 -25.84
C VAL D 119 -3.33 -6.18 -26.82
N GLU D 120 -3.90 -6.01 -28.01
CA GLU D 120 -3.86 -7.06 -29.03
C GLU D 120 -2.50 -7.10 -29.72
N ASN D 121 -1.68 -6.08 -29.50
CA ASN D 121 -0.38 -5.99 -30.16
C ASN D 121 0.65 -5.28 -29.29
N ASN D 122 1.59 -6.05 -28.75
CA ASN D 122 2.98 -5.63 -28.67
C ASN D 122 3.70 -5.76 -30.00
N ASP D 123 5.03 -5.76 -29.96
CA ASP D 123 5.84 -5.50 -31.14
C ASP D 123 5.49 -4.15 -31.77
N THR D 124 5.07 -3.21 -30.94
CA THR D 124 4.97 -1.82 -31.34
C THR D 124 5.57 -0.89 -30.28
N PRO D 125 6.39 0.05 -30.72
CA PRO D 125 7.32 0.75 -29.84
C PRO D 125 6.59 1.50 -28.72
N PHE D 126 5.27 1.31 -28.65
CA PHE D 126 4.46 1.99 -27.64
C PHE D 126 3.89 1.01 -26.63
N THR D 127 3.97 -0.28 -26.96
CA THR D 127 3.31 -1.32 -26.15
C THR D 127 4.18 -2.56 -25.94
N ASN D 128 5.47 -2.40 -25.70
CA ASN D 128 6.35 -3.57 -25.52
C ASN D 128 6.64 -3.86 -24.05
N ALA D 129 6.04 -3.08 -23.14
CA ALA D 129 6.19 -3.28 -21.69
C ALA D 129 4.99 -4.07 -21.15
N PHE D 130 4.14 -4.50 -22.09
CA PHE D 130 2.91 -5.27 -21.86
C PHE D 130 3.07 -6.66 -22.50
N GLU D 131 2.31 -7.63 -21.98
CA GLU D 131 2.27 -9.02 -22.47
C GLU D 131 1.32 -9.04 -23.68
N LYS D 132 1.23 -10.16 -24.42
CA LYS D 132 0.31 -10.17 -25.56
C LYS D 132 -1.12 -10.47 -25.10
N GLY D 133 -1.84 -9.39 -24.77
CA GLY D 133 -3.21 -9.47 -24.29
C GLY D 133 -3.47 -9.04 -22.85
N GLU D 134 -2.64 -8.15 -22.32
CA GLU D 134 -2.77 -7.71 -20.92
C GLU D 134 -4.02 -6.85 -20.75
N LYS D 135 -4.77 -7.12 -19.67
CA LYS D 135 -6.00 -6.40 -19.32
C LYS D 135 -5.60 -5.16 -18.50
N ILE D 136 -5.64 -4.01 -19.18
CA ILE D 136 -5.24 -2.74 -18.56
C ILE D 136 -6.41 -1.78 -18.35
N ARG D 137 -6.31 -1.03 -17.26
CA ARG D 137 -7.30 -0.01 -16.87
C ARG D 137 -6.72 1.37 -17.13
N ILE D 138 -7.24 2.01 -18.19
CA ILE D 138 -6.83 3.35 -18.64
C ILE D 138 -8.09 4.11 -19.08
N PRO D 139 -8.37 5.33 -18.53
CA PRO D 139 -9.55 6.19 -18.80
C PRO D 139 -9.83 6.82 -20.17
N ILE D 140 -11.02 7.37 -20.36
CA ILE D 140 -11.42 7.91 -21.65
C ILE D 140 -12.17 9.22 -21.48
N ALA D 141 -12.26 9.98 -22.57
CA ALA D 141 -13.19 11.10 -22.65
C ALA D 141 -13.62 11.37 -24.09
N HIS D 142 -14.68 10.72 -24.53
CA HIS D 142 -15.15 10.84 -25.90
C HIS D 142 -16.44 11.65 -25.97
N GLY D 143 -16.59 12.44 -27.03
CA GLY D 143 -17.86 12.57 -27.73
C GLY D 143 -17.78 12.08 -29.16
N PHE D 144 -16.57 12.05 -29.70
CA PHE D 144 -16.34 11.48 -31.04
C PHE D 144 -15.24 10.41 -30.97
N GLY D 145 -15.58 9.21 -30.54
CA GLY D 145 -14.62 8.11 -30.43
C GLY D 145 -14.94 6.82 -31.18
N ARG D 146 -15.92 6.92 -32.08
CA ARG D 146 -16.39 5.79 -32.89
C ARG D 146 -15.46 5.62 -34.08
N TYR D 147 -14.58 4.62 -33.99
CA TYR D 147 -13.63 4.35 -35.08
C TYR D 147 -14.35 3.59 -36.20
N VAL D 148 -13.98 3.93 -37.43
CA VAL D 148 -14.52 3.26 -38.62
C VAL D 148 -13.36 2.84 -39.51
N LYS D 149 -13.25 1.52 -39.70
CA LYS D 149 -12.19 0.88 -40.50
C LYS D 149 -12.45 1.12 -41.99
N ILE D 150 -11.39 1.59 -42.65
CA ILE D 150 -11.44 1.91 -44.09
C ILE D 150 -10.45 1.04 -44.86
N ASP D 151 -9.41 0.64 -44.16
CA ASP D 151 -8.32 -0.18 -44.72
C ASP D 151 -7.92 -1.15 -43.61
N ASP D 152 -7.43 -2.35 -43.94
CA ASP D 152 -6.99 -3.32 -42.92
C ASP D 152 -5.82 -2.70 -42.16
N VAL D 153 -6.16 -1.93 -41.13
CA VAL D 153 -5.19 -1.21 -40.31
C VAL D 153 -4.70 -2.08 -39.15
N ASN D 154 -3.58 -1.65 -38.56
CA ASN D 154 -2.93 -2.36 -37.46
C ASN D 154 -3.55 -1.99 -36.12
N VAL D 155 -4.36 -2.92 -35.62
CA VAL D 155 -5.07 -2.83 -34.33
C VAL D 155 -4.08 -3.03 -33.18
N VAL D 156 -4.09 -2.10 -32.22
CA VAL D 156 -3.17 -2.15 -31.07
C VAL D 156 -3.97 -2.36 -29.78
N LEU D 157 -4.81 -1.38 -29.49
CA LEU D 157 -5.65 -1.41 -28.29
C LEU D 157 -7.12 -1.61 -28.68
N ARG D 158 -7.78 -2.49 -27.94
CA ARG D 158 -9.20 -2.82 -28.13
C ARG D 158 -9.93 -2.71 -26.79
N TYR D 159 -11.13 -2.15 -26.79
CA TYR D 159 -12.01 -2.21 -25.64
C TYR D 159 -12.45 -3.64 -25.35
N VAL D 160 -12.66 -3.95 -24.07
CA VAL D 160 -13.21 -5.23 -23.67
C VAL D 160 -14.70 -5.31 -24.00
N LYS D 161 -15.38 -4.17 -23.92
CA LYS D 161 -16.81 -4.11 -24.20
C LYS D 161 -17.26 -2.68 -24.45
N ASP D 162 -17.36 -2.31 -25.73
CA ASP D 162 -18.64 -1.91 -26.32
C ASP D 162 -18.88 -0.42 -26.14
N VAL D 163 -17.85 0.31 -25.77
CA VAL D 163 -18.00 1.67 -25.26
C VAL D 163 -18.65 2.58 -26.30
N ASN D 164 -18.04 2.66 -27.47
CA ASN D 164 -18.28 3.77 -28.38
C ASN D 164 -19.08 3.34 -29.61
N GLY D 165 -18.92 2.09 -30.01
CA GLY D 165 -19.36 1.65 -31.33
C GLY D 165 -18.25 1.71 -32.36
N SER D 166 -17.02 1.54 -31.91
CA SER D 166 -15.86 1.50 -32.81
C SER D 166 -15.65 0.11 -33.37
N ASP D 167 -15.63 0.00 -34.70
CA ASP D 167 -15.43 -1.28 -35.36
C ASP D 167 -14.40 -2.14 -34.62
N GLU D 168 -14.64 -3.44 -34.58
CA GLU D 168 -13.80 -4.36 -33.83
C GLU D 168 -13.33 -3.72 -32.53
N ARG D 169 -14.21 -2.95 -31.90
CA ARG D 169 -13.93 -2.38 -30.57
C ARG D 169 -12.54 -1.72 -30.53
N ILE D 170 -12.24 -0.97 -31.57
CA ILE D 170 -10.92 -0.33 -31.74
C ILE D 170 -10.76 0.96 -30.93
N ALA D 171 -9.69 0.94 -30.14
CA ALA D 171 -9.30 2.06 -29.26
C ALA D 171 -8.02 2.71 -29.78
N GLY D 172 -7.10 1.89 -30.27
CA GLY D 172 -5.83 2.42 -30.77
C GLY D 172 -5.30 1.74 -32.00
N VAL D 173 -4.80 2.53 -32.95
CA VAL D 173 -4.25 2.01 -34.21
C VAL D 173 -2.83 2.51 -34.45
N LEU D 174 -2.15 1.88 -35.41
CA LEU D 174 -0.78 2.25 -35.79
C LEU D 174 -0.70 2.54 -37.29
N ASN D 175 0.45 3.08 -37.65
CA ASN D 175 0.83 3.46 -39.02
C ASN D 175 1.22 2.21 -39.81
N GLU D 176 1.65 2.44 -41.06
CA GLU D 176 2.12 1.40 -41.98
C GLU D 176 3.47 0.90 -41.45
N SER D 177 4.36 1.87 -41.22
CA SER D 177 5.73 1.71 -40.72
C SER D 177 5.70 1.28 -39.26
N GLY D 178 5.04 2.11 -38.45
CA GLY D 178 4.90 1.81 -37.04
C GLY D 178 5.44 2.87 -36.12
N ASN D 179 5.53 4.10 -36.61
CA ASN D 179 6.05 5.23 -35.81
C ASN D 179 4.93 6.15 -35.33
N VAL D 180 3.80 6.19 -36.04
CA VAL D 180 2.67 7.05 -35.63
C VAL D 180 1.59 6.22 -34.94
N PHE D 181 1.21 6.66 -33.74
CA PHE D 181 0.23 5.97 -32.87
C PHE D 181 -1.03 6.81 -32.69
N GLY D 182 -2.16 6.14 -32.87
CA GLY D 182 -3.47 6.74 -32.70
C GLY D 182 -4.08 6.08 -31.47
N LEU D 183 -4.52 6.90 -30.51
CA LEU D 183 -5.07 6.37 -29.25
C LEU D 183 -6.30 7.18 -28.82
N MET D 184 -7.29 6.49 -28.29
CA MET D 184 -8.49 7.16 -27.79
C MET D 184 -8.35 7.27 -26.27
N PRO D 185 -8.04 6.17 -25.54
CA PRO D 185 -7.90 6.30 -24.09
C PRO D 185 -6.72 7.18 -23.66
N HIS D 186 -6.94 8.00 -22.65
CA HIS D 186 -5.92 8.93 -22.14
C HIS D 186 -4.91 8.18 -21.27
N PRO D 187 -3.64 8.09 -21.72
CA PRO D 187 -2.64 7.38 -20.92
C PRO D 187 -1.93 8.29 -19.91
N GLU D 188 -2.04 9.60 -20.14
CA GLU D 188 -1.42 10.60 -19.27
C GLU D 188 -2.17 10.72 -17.95
N ARG D 189 -3.25 9.96 -17.82
CA ARG D 189 -4.05 10.02 -16.59
C ARG D 189 -3.76 8.79 -15.73
N ALA D 190 -3.26 7.72 -16.33
CA ALA D 190 -2.98 6.48 -15.59
C ALA D 190 -1.48 6.39 -15.27
N VAL D 191 -0.97 7.40 -14.56
CA VAL D 191 0.46 7.49 -14.20
C VAL D 191 0.66 7.43 -12.70
N GLU D 192 -0.31 7.98 -11.96
CA GLU D 192 -0.29 7.99 -10.49
C GLU D 192 -1.54 7.27 -9.97
N GLU D 193 -1.41 6.60 -8.82
CA GLU D 193 -2.51 5.83 -8.20
C GLU D 193 -3.48 6.74 -7.46
N LEU D 194 -3.15 8.03 -7.41
CA LEU D 194 -4.02 9.02 -6.76
C LEU D 194 -5.21 9.32 -7.69
N ILE D 195 -4.92 9.50 -8.97
CA ILE D 195 -5.95 9.81 -9.98
C ILE D 195 -6.70 8.54 -10.37
N GLY D 196 -6.10 7.35 -10.17
CA GLY D 196 -6.78 6.09 -10.47
C GLY D 196 -6.05 4.77 -10.77
N GLY D 197 -5.01 4.85 -11.58
CA GLY D 197 -4.25 3.68 -11.96
C GLY D 197 -2.84 3.98 -12.40
N GLU D 198 -2.07 2.93 -12.69
CA GLU D 198 -0.66 3.05 -13.10
C GLU D 198 -0.39 2.21 -14.35
N ASP D 199 -1.43 1.55 -14.85
CA ASP D 199 -1.38 0.66 -16.02
C ASP D 199 -0.90 1.44 -17.26
N GLY D 200 -0.97 2.75 -17.18
CA GLY D 200 -0.60 3.60 -18.29
C GLY D 200 0.75 4.27 -18.28
N LYS D 201 1.57 4.03 -17.25
CA LYS D 201 2.91 4.63 -17.25
C LYS D 201 3.87 3.69 -17.99
N LYS D 202 3.33 2.52 -18.36
CA LYS D 202 4.04 1.47 -19.10
C LYS D 202 4.01 1.79 -20.60
N VAL D 203 3.10 2.67 -21.01
CA VAL D 203 2.99 3.09 -22.42
C VAL D 203 4.19 4.00 -22.72
N PHE D 204 4.64 4.67 -21.68
CA PHE D 204 5.80 5.58 -21.75
C PHE D 204 7.11 4.81 -21.54
N GLN D 205 7.10 3.80 -20.66
CA GLN D 205 8.30 2.99 -20.39
C GLN D 205 8.69 2.22 -21.66
N SER D 206 7.70 2.04 -22.53
CA SER D 206 7.84 1.33 -23.80
C SER D 206 8.54 2.20 -24.84
N ILE D 207 8.44 3.52 -24.68
CA ILE D 207 9.06 4.46 -25.62
C ILE D 207 10.55 4.64 -25.28
N LEU D 208 10.87 4.54 -24.00
CA LEU D 208 12.27 4.64 -23.55
C LEU D 208 13.01 3.36 -23.94
N ASN D 209 12.25 2.27 -24.03
CA ASN D 209 12.78 0.94 -24.38
C ASN D 209 13.10 0.82 -25.86
N TYR D 210 12.48 1.67 -26.70
CA TYR D 210 12.73 1.65 -28.15
C TYR D 210 13.98 2.48 -28.45
N LEU D 211 14.15 3.57 -27.69
CA LEU D 211 15.28 4.49 -27.83
C LEU D 211 16.47 3.97 -27.00
N LYS D 212 16.60 2.63 -27.03
CA LYS D 212 17.61 1.79 -26.37
C LYS D 212 18.09 2.36 -25.05
N LYS E 28 -22.35 -76.40 0.33
CA LYS E 28 -22.45 -77.87 0.09
C LYS E 28 -23.89 -78.35 -0.07
N LEU E 29 -24.47 -78.17 -1.29
CA LEU E 29 -25.82 -78.64 -1.63
C LEU E 29 -25.70 -79.66 -2.77
N ARG E 30 -24.51 -79.70 -3.39
CA ARG E 30 -24.25 -80.62 -4.51
C ARG E 30 -22.75 -80.97 -4.54
N TYR E 31 -21.95 -80.15 -3.85
CA TYR E 31 -20.49 -80.30 -3.76
C TYR E 31 -20.10 -81.40 -2.77
N LEU E 32 -21.11 -82.05 -2.17
CA LEU E 32 -20.94 -83.12 -1.19
C LEU E 32 -20.44 -84.41 -1.85
N ASN E 33 -21.04 -84.73 -3.00
CA ASN E 33 -20.74 -85.93 -3.79
C ASN E 33 -19.32 -85.87 -4.37
N ILE E 34 -18.80 -84.66 -4.54
CA ILE E 34 -17.47 -84.39 -5.10
C ILE E 34 -16.40 -84.57 -4.02
N LEU E 35 -16.81 -84.48 -2.76
CA LEU E 35 -15.92 -84.61 -1.59
C LEU E 35 -15.77 -86.06 -1.18
N LYS E 36 -16.85 -86.83 -1.34
CA LYS E 36 -16.92 -88.25 -0.97
C LYS E 36 -15.97 -89.10 -1.83
N GLU E 37 -15.79 -88.73 -3.10
CA GLU E 37 -14.94 -89.51 -4.01
C GLU E 37 -13.46 -89.14 -3.86
N LYS E 38 -13.15 -88.07 -3.12
CA LYS E 38 -11.76 -87.64 -2.92
C LYS E 38 -11.26 -88.10 -1.55
N LEU E 39 -12.19 -88.47 -0.68
CA LEU E 39 -11.89 -88.95 0.68
C LEU E 39 -11.98 -90.48 0.74
N GLY E 40 -12.88 -91.06 -0.08
CA GLY E 40 -13.06 -92.51 -0.16
C GLY E 40 -13.97 -93.16 0.86
N ARG E 41 -14.71 -92.31 1.59
CA ARG E 41 -15.64 -92.71 2.65
C ARG E 41 -16.61 -91.56 2.92
N GLU E 42 -17.34 -91.65 4.04
CA GLU E 42 -18.29 -90.61 4.45
C GLU E 42 -17.56 -89.64 5.40
N PRO E 43 -17.85 -88.32 5.33
CA PRO E 43 -17.20 -87.33 6.20
C PRO E 43 -17.74 -87.30 7.64
N THR E 44 -16.87 -86.96 8.61
CA THR E 44 -17.27 -86.89 10.02
C THR E 44 -17.95 -85.54 10.28
N PHE E 45 -18.43 -85.31 11.50
CA PHE E 45 -19.13 -84.07 11.84
C PHE E 45 -18.16 -82.89 11.91
N VAL E 46 -16.88 -83.20 12.07
CA VAL E 46 -15.81 -82.20 12.16
C VAL E 46 -15.46 -81.74 10.74
N GLU E 47 -15.45 -82.69 9.81
CA GLU E 47 -15.10 -82.46 8.39
C GLU E 47 -16.27 -81.82 7.63
N LEU E 48 -17.50 -82.21 7.98
CA LEU E 48 -18.73 -81.70 7.33
C LEU E 48 -18.88 -80.20 7.58
N GLN E 49 -18.56 -79.75 8.79
CA GLN E 49 -18.69 -78.34 9.17
C GLN E 49 -17.49 -77.54 8.66
N ALA E 50 -16.35 -78.21 8.47
CA ALA E 50 -15.11 -77.56 8.01
C ALA E 50 -15.20 -77.19 6.53
N PHE E 51 -15.66 -78.13 5.71
CA PHE E 51 -15.76 -77.93 4.26
C PHE E 51 -17.07 -77.24 3.87
N SER E 52 -17.96 -77.01 4.83
CA SER E 52 -19.22 -76.31 4.52
C SER E 52 -18.94 -74.80 4.57
N VAL E 53 -17.82 -74.44 5.19
CA VAL E 53 -17.39 -73.05 5.35
C VAL E 53 -16.17 -72.77 4.47
N MET E 54 -15.33 -73.79 4.24
CA MET E 54 -14.12 -73.65 3.41
C MET E 54 -14.45 -73.69 1.92
N TRP E 55 -15.48 -74.44 1.56
CA TRP E 55 -15.91 -74.57 0.17
C TRP E 55 -17.23 -73.83 -0.07
N SER E 56 -17.40 -72.71 0.64
CA SER E 56 -18.58 -71.84 0.47
C SER E 56 -18.24 -70.82 -0.62
N GLU E 57 -19.16 -69.92 -0.91
CA GLU E 57 -18.83 -68.96 -1.99
C GLU E 57 -18.09 -67.75 -1.41
N HIS E 58 -17.95 -67.68 -0.09
CA HIS E 58 -17.26 -66.54 0.53
C HIS E 58 -15.74 -66.72 0.48
N CYS E 59 -15.21 -67.77 1.12
CA CYS E 59 -13.76 -67.99 1.10
C CYS E 59 -13.41 -69.27 0.33
N GLY E 60 -14.17 -69.53 -0.73
CA GLY E 60 -13.95 -70.69 -1.57
C GLY E 60 -13.66 -70.29 -3.00
N TYR E 61 -14.43 -69.31 -3.51
CA TYR E 61 -14.34 -68.74 -4.86
C TYR E 61 -14.46 -69.84 -5.92
N SER E 62 -15.65 -70.39 -6.07
CA SER E 62 -15.89 -71.47 -7.04
C SER E 62 -16.23 -70.91 -8.43
N HIS E 63 -17.07 -69.88 -8.45
CA HIS E 63 -17.51 -69.29 -9.72
C HIS E 63 -16.60 -68.14 -10.16
N THR E 64 -15.41 -67.99 -9.58
CA THR E 64 -14.59 -66.82 -9.96
C THR E 64 -13.11 -67.15 -10.11
N LYS E 65 -12.66 -68.24 -9.49
CA LYS E 65 -11.25 -68.66 -9.46
C LYS E 65 -10.61 -68.71 -10.86
N LYS E 66 -11.33 -69.23 -11.85
CA LYS E 66 -10.78 -69.39 -13.19
C LYS E 66 -10.67 -68.05 -13.93
N TYR E 67 -11.60 -67.13 -13.69
CA TYR E 67 -11.59 -65.81 -14.35
C TYR E 67 -10.48 -64.94 -13.75
N ILE E 68 -10.25 -65.12 -12.44
CA ILE E 68 -9.29 -64.34 -11.65
C ILE E 68 -7.84 -64.60 -12.05
N ARG E 69 -7.58 -65.70 -12.75
CA ARG E 69 -6.23 -66.03 -13.20
C ARG E 69 -5.95 -65.34 -14.55
N ARG E 70 -7.02 -65.03 -15.29
CA ARG E 70 -6.95 -64.39 -16.61
C ARG E 70 -6.67 -62.89 -16.49
N LEU E 71 -6.90 -62.31 -15.30
CA LEU E 71 -6.67 -60.87 -15.06
C LEU E 71 -5.20 -60.63 -14.75
N PRO E 72 -4.55 -59.64 -15.42
CA PRO E 72 -3.13 -59.32 -15.17
C PRO E 72 -2.84 -58.78 -13.78
N LYS E 73 -2.00 -59.48 -13.03
CA LYS E 73 -1.65 -59.10 -11.64
C LYS E 73 -0.28 -58.40 -11.59
N THR E 74 0.20 -58.07 -10.38
CA THR E 74 1.49 -57.41 -10.18
C THR E 74 2.55 -58.43 -9.77
N GLY E 78 6.84 -61.37 -4.63
CA GLY E 78 5.78 -62.31 -4.93
C GLY E 78 4.66 -62.30 -3.91
N ASN E 79 4.08 -61.12 -3.71
CA ASN E 79 2.98 -60.91 -2.74
C ASN E 79 1.79 -60.21 -3.42
N ALA E 80 0.59 -60.74 -3.19
CA ALA E 80 -0.66 -60.21 -3.74
C ALA E 80 -1.31 -59.29 -2.71
N GLY E 81 -1.22 -57.97 -2.97
CA GLY E 81 -1.79 -56.94 -2.10
C GLY E 81 -0.92 -55.70 -1.90
N VAL E 82 0.34 -55.76 -2.33
CA VAL E 82 1.33 -54.68 -2.16
C VAL E 82 1.82 -54.18 -3.53
N VAL E 83 2.08 -52.87 -3.60
CA VAL E 83 2.58 -52.18 -4.81
C VAL E 83 3.77 -51.31 -4.40
N ASN E 84 4.84 -51.34 -5.21
CA ASN E 84 6.05 -50.54 -4.96
C ASN E 84 5.81 -49.09 -5.36
N LEU E 85 6.11 -48.20 -4.43
CA LEU E 85 5.88 -46.76 -4.65
C LEU E 85 7.20 -46.00 -4.86
N ASP E 86 8.15 -46.13 -3.92
CA ASP E 86 9.39 -45.35 -3.99
C ASP E 86 10.67 -46.17 -3.87
N ASP E 87 10.59 -47.52 -3.95
CA ASP E 87 11.73 -48.45 -3.83
C ASP E 87 12.25 -48.49 -2.39
N TYR E 88 11.86 -47.47 -1.65
CA TYR E 88 12.15 -47.21 -0.23
C TYR E 88 10.86 -47.71 0.45
N TYR E 89 9.69 -47.24 -0.03
CA TYR E 89 8.38 -47.61 0.51
C TYR E 89 7.49 -48.34 -0.50
N SER E 90 6.40 -48.92 0.02
CA SER E 90 5.40 -49.66 -0.76
C SER E 90 4.04 -49.63 -0.05
N VAL E 91 2.98 -49.33 -0.79
CA VAL E 91 1.61 -49.23 -0.25
C VAL E 91 0.88 -50.56 -0.41
N ALA E 92 0.21 -50.98 0.67
CA ALA E 92 -0.57 -52.22 0.68
C ALA E 92 -2.06 -51.90 0.76
N PHE E 93 -2.86 -52.42 -0.17
CA PHE E 93 -4.31 -52.15 -0.13
C PHE E 93 -5.12 -53.32 -0.67
N LYS E 94 -6.34 -53.43 -0.16
CA LYS E 94 -7.29 -54.47 -0.53
C LYS E 94 -8.69 -53.94 -0.21
N ILE E 95 -9.69 -54.58 -0.81
CA ILE E 95 -11.10 -54.22 -0.61
C ILE E 95 -11.88 -55.50 -0.35
N GLU E 96 -12.73 -55.48 0.67
CA GLU E 96 -13.56 -56.66 0.98
C GLU E 96 -15.03 -56.23 0.97
N SER E 97 -15.91 -57.21 0.90
CA SER E 97 -17.35 -56.97 0.82
C SER E 97 -18.09 -57.69 1.95
N HIS E 98 -18.71 -56.86 2.79
CA HIS E 98 -19.53 -57.34 3.91
C HIS E 98 -20.95 -56.81 3.73
N ASN E 99 -21.66 -57.42 2.76
CA ASN E 99 -23.03 -57.04 2.39
C ASN E 99 -24.04 -57.88 3.18
N HIS E 100 -23.66 -59.14 3.38
CA HIS E 100 -24.48 -60.15 4.06
C HIS E 100 -24.67 -59.84 5.54
N PRO E 101 -23.58 -59.58 6.33
CA PRO E 101 -23.88 -59.28 7.74
C PRO E 101 -24.53 -57.90 7.93
N SER E 102 -24.40 -57.06 6.90
CA SER E 102 -24.96 -55.70 6.90
C SER E 102 -26.45 -55.75 6.57
N ALA E 103 -26.89 -56.88 6.00
CA ALA E 103 -28.30 -57.08 5.63
C ALA E 103 -29.16 -57.23 6.88
N ILE E 104 -28.75 -58.14 7.77
CA ILE E 104 -29.45 -58.43 9.03
C ILE E 104 -29.30 -57.28 10.03
N GLU E 105 -28.05 -56.87 10.27
CA GLU E 105 -27.75 -55.77 11.20
C GLU E 105 -26.77 -54.77 10.57
N PRO E 106 -27.24 -53.52 10.35
CA PRO E 106 -26.44 -52.44 9.75
C PRO E 106 -25.20 -51.97 10.52
N TYR E 107 -25.39 -51.48 11.74
CA TYR E 107 -24.27 -51.02 12.56
C TYR E 107 -23.21 -52.10 12.70
N ASN E 108 -23.53 -53.12 13.51
CA ASN E 108 -22.56 -54.19 13.81
C ASN E 108 -22.13 -54.94 12.55
N GLY E 109 -22.65 -54.55 11.40
CA GLY E 109 -22.30 -55.19 10.15
C GLY E 109 -21.17 -54.48 9.43
N ALA E 110 -21.32 -53.17 9.25
CA ALA E 110 -20.31 -52.34 8.58
C ALA E 110 -19.12 -52.19 9.53
N ALA E 111 -19.42 -52.19 10.83
CA ALA E 111 -18.42 -52.08 11.91
C ALA E 111 -17.48 -53.28 11.80
N THR E 112 -18.10 -54.45 11.70
CA THR E 112 -17.41 -55.75 11.54
C THR E 112 -16.59 -55.70 10.25
N GLY E 113 -17.15 -55.05 9.23
CA GLY E 113 -16.51 -54.92 7.93
C GLY E 113 -15.17 -54.21 7.92
N VAL E 114 -15.09 -53.12 8.67
CA VAL E 114 -13.85 -52.33 8.76
C VAL E 114 -12.78 -53.16 9.49
N GLY E 115 -13.24 -54.00 10.42
CA GLY E 115 -12.35 -54.85 11.19
C GLY E 115 -11.60 -55.88 10.36
N GLY E 116 -12.35 -56.65 9.58
CA GLY E 116 -11.79 -57.70 8.75
C GLY E 116 -10.89 -57.26 7.62
N ILE E 117 -11.05 -56.01 7.19
CA ILE E 117 -10.22 -55.46 6.11
C ILE E 117 -8.97 -54.79 6.68
N ILE E 118 -9.07 -54.23 7.88
CA ILE E 118 -7.92 -53.56 8.52
C ILE E 118 -6.83 -54.59 8.83
N ARG E 119 -7.29 -55.77 9.21
CA ARG E 119 -6.36 -56.84 9.57
C ARG E 119 -5.66 -57.43 8.33
N ASP E 120 -6.38 -57.52 7.20
CA ASP E 120 -5.84 -58.09 5.96
C ASP E 120 -4.75 -57.20 5.37
N VAL E 121 -4.66 -55.97 5.88
CA VAL E 121 -3.65 -54.99 5.44
C VAL E 121 -2.47 -55.05 6.41
N LEU E 122 -2.79 -55.26 7.68
CA LEU E 122 -1.81 -55.33 8.78
C LEU E 122 -0.93 -56.59 8.61
N ALA E 123 -1.50 -57.63 8.01
CA ALA E 123 -0.83 -58.92 7.78
C ALA E 123 0.37 -58.77 6.84
N MET E 124 0.48 -57.61 6.20
CA MET E 124 1.59 -57.34 5.28
C MET E 124 2.65 -56.48 5.97
N GLY E 125 2.39 -56.18 7.25
CA GLY E 125 3.30 -55.38 8.07
C GLY E 125 3.15 -53.88 7.90
N ALA E 126 2.01 -53.48 7.36
CA ALA E 126 1.76 -52.05 7.09
C ALA E 126 0.86 -51.45 8.16
N ARG E 127 1.10 -50.17 8.44
CA ARG E 127 0.25 -49.43 9.37
C ARG E 127 -0.96 -48.95 8.57
N PRO E 128 -2.17 -49.31 9.01
CA PRO E 128 -3.38 -48.88 8.30
C PRO E 128 -3.40 -47.35 8.26
N THR E 129 -3.28 -46.79 7.05
CA THR E 129 -3.20 -45.33 6.85
C THR E 129 -4.44 -44.73 6.18
N ALA E 130 -5.36 -45.52 5.61
CA ALA E 130 -6.53 -44.94 4.96
C ALA E 130 -7.63 -45.98 4.71
N ILE E 131 -8.88 -45.65 5.03
CA ILE E 131 -10.02 -46.54 4.75
C ILE E 131 -11.05 -45.83 3.89
N PHE E 132 -11.71 -46.60 3.03
CA PHE E 132 -12.75 -46.09 2.11
C PHE E 132 -14.03 -46.90 2.35
N ASP E 133 -15.19 -46.28 2.12
CA ASP E 133 -16.49 -46.96 2.31
C ASP E 133 -17.38 -46.80 1.08
N SER E 134 -17.59 -47.90 0.34
CA SER E 134 -18.46 -47.85 -0.85
C SER E 134 -19.85 -48.36 -0.49
N LEU E 135 -20.72 -47.41 -0.16
CA LEU E 135 -22.11 -47.70 0.26
C LEU E 135 -23.09 -47.54 -0.91
N HIS E 136 -24.02 -48.50 -0.98
CA HIS E 136 -25.08 -48.56 -2.00
C HIS E 136 -26.36 -48.96 -1.28
N MET E 137 -27.25 -47.99 -1.00
CA MET E 137 -28.48 -48.24 -0.24
C MET E 137 -29.68 -47.52 -0.86
N SER E 138 -30.85 -47.63 -0.19
CA SER E 138 -32.12 -47.02 -0.61
C SER E 138 -32.25 -45.60 -0.05
N ARG E 139 -31.69 -45.44 1.14
CA ARG E 139 -31.66 -44.15 1.87
C ARG E 139 -30.36 -44.15 2.68
N ILE E 140 -29.87 -42.97 3.06
CA ILE E 140 -28.65 -42.88 3.88
C ILE E 140 -28.94 -43.48 5.26
N ILE E 141 -28.78 -44.81 5.37
CA ILE E 141 -29.02 -45.58 6.60
C ILE E 141 -28.03 -45.19 7.67
N ASP E 142 -28.54 -44.44 8.65
CA ASP E 142 -27.77 -43.91 9.79
C ASP E 142 -26.97 -45.02 10.47
N GLY E 143 -27.53 -46.22 10.40
CA GLY E 143 -26.90 -47.38 10.98
C GLY E 143 -25.59 -47.79 10.35
N ILE E 144 -25.52 -47.91 9.02
CA ILE E 144 -24.31 -48.34 8.30
C ILE E 144 -23.23 -47.26 8.39
N ILE E 145 -23.66 -46.00 8.36
CA ILE E 145 -22.76 -44.84 8.40
C ILE E 145 -22.07 -44.80 9.77
N GLU E 146 -22.87 -44.83 10.84
CA GLU E 146 -22.37 -44.80 12.22
C GLU E 146 -21.48 -46.02 12.48
N GLY E 147 -21.63 -47.03 11.63
CA GLY E 147 -20.89 -48.27 11.75
C GLY E 147 -19.43 -48.10 11.43
N ILE E 148 -19.17 -47.50 10.28
CA ILE E 148 -17.81 -47.25 9.80
C ILE E 148 -17.16 -46.17 10.66
N ALA E 149 -17.99 -45.28 11.21
CA ALA E 149 -17.54 -44.14 12.03
C ALA E 149 -16.98 -44.58 13.38
N ASP E 150 -17.83 -45.17 14.21
CA ASP E 150 -17.45 -45.60 15.56
C ASP E 150 -16.28 -46.60 15.54
N TYR E 151 -16.00 -47.20 14.38
CA TYR E 151 -14.91 -48.18 14.28
C TYR E 151 -13.65 -47.53 13.70
N GLY E 152 -13.78 -46.83 12.58
CA GLY E 152 -12.65 -46.22 11.91
C GLY E 152 -11.97 -45.14 12.71
N ASN E 153 -12.79 -44.39 13.44
CA ASN E 153 -12.31 -43.29 14.28
C ASN E 153 -11.63 -43.85 15.54
N SER E 154 -12.11 -45.00 16.00
CA SER E 154 -11.58 -45.60 17.23
C SER E 154 -10.20 -46.24 17.02
N ILE E 155 -9.83 -46.53 15.78
CA ILE E 155 -8.52 -47.17 15.53
C ILE E 155 -7.51 -46.16 14.98
N GLY E 156 -7.97 -44.91 14.81
CA GLY E 156 -7.10 -43.86 14.32
C GLY E 156 -6.61 -44.01 12.90
N VAL E 157 -7.53 -44.52 12.08
CA VAL E 157 -7.31 -44.74 10.63
C VAL E 157 -8.25 -43.78 9.91
N PRO E 158 -7.69 -42.81 9.15
CA PRO E 158 -8.56 -41.88 8.46
C PRO E 158 -9.43 -42.42 7.32
N THR E 159 -10.71 -42.08 7.41
CA THR E 159 -11.68 -42.45 6.36
C THR E 159 -11.66 -41.29 5.36
N VAL E 160 -10.73 -41.37 4.42
CA VAL E 160 -10.46 -40.30 3.45
C VAL E 160 -11.29 -40.39 2.16
N GLY E 161 -12.49 -40.93 2.23
CA GLY E 161 -13.32 -40.97 1.04
C GLY E 161 -14.14 -42.21 0.87
N GLY E 162 -15.10 -42.14 -0.03
CA GLY E 162 -15.93 -43.30 -0.27
C GLY E 162 -17.05 -42.96 -1.20
N GLU E 163 -17.86 -43.96 -1.52
CA GLU E 163 -19.01 -43.79 -2.41
C GLU E 163 -20.32 -43.77 -1.60
N LEU E 164 -21.34 -43.22 -2.24
CA LEU E 164 -22.69 -43.08 -1.68
C LEU E 164 -23.70 -43.08 -2.84
N ARG E 165 -23.81 -44.24 -3.49
CA ARG E 165 -24.75 -44.45 -4.61
C ARG E 165 -26.11 -44.84 -4.03
N ILE E 166 -26.99 -43.85 -3.90
CA ILE E 166 -28.33 -44.06 -3.33
C ILE E 166 -29.37 -44.24 -4.43
N SER E 167 -30.02 -45.41 -4.45
CA SER E 167 -31.08 -45.77 -5.40
C SER E 167 -31.95 -46.87 -4.81
N SER E 168 -33.24 -46.82 -5.15
CA SER E 168 -34.26 -47.76 -4.65
C SER E 168 -34.11 -49.15 -5.28
N LEU E 169 -33.04 -49.36 -6.04
CA LEU E 169 -32.78 -50.65 -6.66
C LEU E 169 -32.05 -51.58 -5.70
N TYR E 170 -31.41 -51.00 -4.69
CA TYR E 170 -30.67 -51.78 -3.70
C TYR E 170 -31.45 -51.90 -2.39
N ALA E 171 -32.75 -51.59 -2.46
CA ALA E 171 -33.52 -51.35 -1.25
C ALA E 171 -33.40 -52.50 -0.27
N HIS E 172 -33.67 -53.72 -0.75
CA HIS E 172 -33.65 -54.91 0.12
C HIS E 172 -32.32 -55.64 0.00
N ASN E 173 -31.33 -54.98 -0.57
CA ASN E 173 -30.02 -55.62 -0.72
C ASN E 173 -28.92 -54.55 -0.74
N PRO E 174 -28.44 -54.11 0.44
CA PRO E 174 -27.40 -53.08 0.47
C PRO E 174 -25.99 -53.67 0.33
N LEU E 175 -25.09 -52.87 -0.22
CA LEU E 175 -23.70 -53.27 -0.43
C LEU E 175 -22.78 -52.34 0.34
N VAL E 176 -21.79 -52.91 1.02
CA VAL E 176 -20.81 -52.15 1.82
C VAL E 176 -19.42 -52.70 1.49
N ASN E 177 -18.68 -51.98 0.64
CA ASN E 177 -17.33 -52.38 0.26
C ASN E 177 -16.35 -51.43 0.94
N VAL E 178 -15.62 -51.96 1.93
CA VAL E 178 -14.63 -51.18 2.68
C VAL E 178 -13.23 -51.46 2.12
N LEU E 179 -12.48 -50.41 1.86
CA LEU E 179 -11.13 -50.56 1.30
C LEU E 179 -10.10 -49.99 2.27
N ALA E 180 -9.32 -50.87 2.88
CA ALA E 180 -8.28 -50.42 3.81
C ALA E 180 -6.96 -50.28 3.04
N ALA E 181 -6.12 -49.36 3.46
CA ALA E 181 -4.82 -49.15 2.80
C ALA E 181 -3.75 -48.91 3.87
N GLY E 182 -2.51 -49.30 3.57
CA GLY E 182 -1.42 -49.14 4.52
C GLY E 182 -0.07 -48.93 3.88
N VAL E 183 0.80 -48.23 4.58
CA VAL E 183 2.16 -47.94 4.09
C VAL E 183 3.15 -48.84 4.84
N VAL E 184 4.23 -49.24 4.16
CA VAL E 184 5.26 -50.11 4.75
C VAL E 184 6.58 -49.96 3.99
N ARG E 185 7.69 -50.19 4.70
CA ARG E 185 9.03 -50.17 4.12
C ARG E 185 9.22 -51.52 3.43
N ASN E 186 10.05 -51.60 2.39
CA ASN E 186 10.24 -52.85 1.66
C ASN E 186 11.20 -53.81 2.39
N ASP E 187 12.02 -53.23 3.28
CA ASP E 187 12.98 -53.99 4.08
C ASP E 187 12.35 -54.47 5.41
N MET E 188 11.03 -54.31 5.56
CA MET E 188 10.28 -54.71 6.75
C MET E 188 9.02 -55.48 6.34
N LEU E 189 8.89 -55.81 5.05
CA LEU E 189 7.72 -56.50 4.49
C LEU E 189 7.58 -57.92 5.04
N VAL E 190 6.32 -58.29 5.25
CA VAL E 190 5.96 -59.61 5.80
C VAL E 190 5.27 -60.44 4.71
N ASP E 191 5.57 -61.75 4.72
CA ASP E 191 5.01 -62.74 3.79
C ASP E 191 3.59 -63.10 4.22
N SER E 192 2.95 -64.04 3.52
CA SER E 192 1.60 -64.50 3.85
C SER E 192 1.53 -66.02 3.67
N LYS E 193 2.64 -66.68 3.99
CA LYS E 193 2.84 -68.13 3.91
C LYS E 193 3.96 -68.59 4.84
N ALA E 194 3.91 -69.86 5.24
CA ALA E 194 4.96 -70.45 6.07
C ALA E 194 6.05 -70.92 5.09
N SER E 195 7.26 -70.41 5.23
CA SER E 195 8.36 -70.73 4.30
C SER E 195 9.04 -72.08 4.57
N ARG E 196 9.53 -72.33 5.79
CA ARG E 196 10.25 -73.58 6.07
C ARG E 196 9.64 -74.35 7.25
N PRO E 197 9.89 -75.70 7.33
CA PRO E 197 9.36 -76.53 8.44
C PRO E 197 10.22 -76.37 9.70
N GLY E 198 9.60 -76.62 10.85
CA GLY E 198 10.27 -76.45 12.14
C GLY E 198 9.84 -75.13 12.73
N GLN E 199 8.90 -74.47 12.04
CA GLN E 199 8.32 -73.19 12.43
C GLN E 199 7.00 -73.43 13.18
N VAL E 200 6.59 -72.44 13.97
CA VAL E 200 5.34 -72.51 14.76
C VAL E 200 4.42 -71.34 14.41
N ILE E 201 3.12 -71.59 14.46
CA ILE E 201 2.11 -70.54 14.18
C ILE E 201 1.49 -70.10 15.51
N VAL E 202 1.58 -68.80 15.78
CA VAL E 202 1.04 -68.22 17.03
C VAL E 202 -0.24 -67.45 16.71
N ILE E 203 -1.27 -67.71 17.51
CA ILE E 203 -2.57 -67.04 17.43
C ILE E 203 -2.69 -66.11 18.64
N PHE E 204 -2.99 -64.83 18.40
CA PHE E 204 -3.17 -63.86 19.48
C PHE E 204 -4.27 -62.87 19.12
N GLY E 205 -4.58 -62.00 20.08
CA GLY E 205 -5.61 -61.02 19.87
C GLY E 205 -6.68 -61.24 20.91
N GLY E 206 -7.94 -61.04 20.53
CA GLY E 206 -9.06 -61.20 21.44
C GLY E 206 -9.34 -62.63 21.84
N ALA E 207 -10.42 -62.80 22.61
CA ALA E 207 -10.83 -64.13 23.06
C ALA E 207 -11.55 -64.84 21.92
N THR E 208 -11.41 -66.17 21.85
CA THR E 208 -12.01 -67.00 20.81
C THR E 208 -13.26 -67.69 21.39
N GLY E 209 -14.46 -67.20 21.05
CA GLY E 209 -15.70 -67.78 21.59
C GLY E 209 -16.74 -68.33 20.62
N ARG E 210 -18.02 -68.30 21.03
CA ARG E 210 -19.13 -68.81 20.19
C ARG E 210 -19.73 -67.67 19.35
N ASP E 211 -19.14 -67.49 18.17
CA ASP E 211 -19.54 -66.45 17.20
C ASP E 211 -19.82 -67.08 15.83
N GLY E 212 -19.67 -68.41 15.73
CA GLY E 212 -19.92 -69.11 14.47
C GLY E 212 -19.75 -70.62 14.60
N THR E 229 -29.22 -64.80 12.69
CA THR E 229 -30.11 -64.21 13.71
C THR E 229 -29.81 -64.84 15.08
N LYS E 230 -28.79 -65.72 15.15
CA LYS E 230 -28.39 -66.38 16.39
C LYS E 230 -26.86 -66.53 16.48
N LEU E 231 -26.29 -67.40 15.64
CA LEU E 231 -24.84 -67.71 15.61
C LEU E 231 -24.15 -67.05 14.40
N SER E 232 -24.47 -65.76 14.12
CA SER E 232 -23.90 -65.00 13.00
C SER E 232 -23.72 -63.51 13.32
N ILE E 233 -24.35 -63.01 14.38
CA ILE E 233 -24.23 -61.60 14.79
C ILE E 233 -23.20 -61.48 15.90
N GLN E 234 -22.24 -60.60 15.66
CA GLN E 234 -21.14 -60.35 16.61
C GLN E 234 -20.80 -58.86 16.60
N VAL E 235 -20.39 -58.31 17.76
CA VAL E 235 -20.01 -56.89 17.82
C VAL E 235 -18.48 -56.79 17.78
N GLY E 236 -17.99 -55.76 17.12
CA GLY E 236 -16.57 -55.55 17.02
C GLY E 236 -16.06 -54.73 18.20
N ASP E 237 -14.81 -55.03 18.58
CA ASP E 237 -14.11 -54.34 19.67
C ASP E 237 -12.98 -53.52 19.02
N PRO E 238 -13.31 -52.29 18.55
CA PRO E 238 -12.28 -51.47 17.92
C PRO E 238 -11.05 -51.14 18.78
N PHE E 239 -11.25 -51.22 20.09
CA PHE E 239 -10.16 -50.93 21.05
C PHE E 239 -9.14 -52.06 20.96
N ALA E 240 -9.61 -53.30 20.91
CA ALA E 240 -8.69 -54.46 20.84
C ALA E 240 -7.98 -54.47 19.49
N GLU E 241 -8.64 -53.89 18.48
CA GLU E 241 -8.09 -53.83 17.12
C GLU E 241 -6.90 -52.86 17.09
N LYS E 242 -6.98 -51.78 17.87
CA LYS E 242 -5.89 -50.80 17.94
C LYS E 242 -4.71 -51.44 18.69
N MET E 243 -5.02 -52.19 19.74
CA MET E 243 -3.99 -52.87 20.55
C MET E 243 -3.37 -54.01 19.74
N LEU E 244 -4.11 -54.47 18.73
CA LEU E 244 -3.66 -55.55 17.85
C LEU E 244 -2.72 -54.98 16.79
N ILE E 245 -3.00 -53.73 16.39
CA ILE E 245 -2.20 -53.03 15.39
C ILE E 245 -0.84 -52.66 15.99
N GLU E 246 -0.84 -51.99 17.15
CA GLU E 246 0.40 -51.57 17.80
C GLU E 246 1.20 -52.77 18.31
N ALA E 247 0.52 -53.90 18.50
CA ALA E 247 1.19 -55.12 18.99
C ALA E 247 1.97 -55.76 17.84
N PHE E 248 1.27 -55.96 16.73
CA PHE E 248 1.80 -56.58 15.52
C PHE E 248 2.96 -55.76 14.93
N LEU E 249 2.78 -54.44 14.88
CA LEU E 249 3.80 -53.55 14.30
C LEU E 249 5.05 -53.45 15.16
N GLU E 250 5.01 -53.97 16.40
CA GLU E 250 6.20 -53.96 17.24
C GLU E 250 6.94 -55.29 17.02
N MET E 251 6.16 -56.31 16.66
CA MET E 251 6.67 -57.66 16.39
C MET E 251 7.40 -57.67 15.05
N VAL E 252 6.95 -56.79 14.15
CA VAL E 252 7.52 -56.62 12.81
C VAL E 252 8.89 -55.97 12.92
N GLU E 253 8.96 -54.85 13.66
CA GLU E 253 10.19 -54.08 13.84
C GLU E 253 11.20 -54.86 14.68
N GLU E 254 10.71 -55.85 15.43
CA GLU E 254 11.57 -56.72 16.25
C GLU E 254 12.10 -57.86 15.38
N GLY E 255 11.57 -57.93 14.16
CA GLY E 255 11.95 -58.94 13.18
C GLY E 255 11.55 -60.35 13.53
N LEU E 256 10.42 -60.50 14.20
CA LEU E 256 9.95 -61.83 14.62
C LEU E 256 8.83 -62.34 13.72
N VAL E 257 8.41 -61.53 12.74
CA VAL E 257 7.34 -61.98 11.84
C VAL E 257 7.93 -62.46 10.53
N GLU E 258 7.76 -63.76 10.28
CA GLU E 258 8.25 -64.45 9.07
C GLU E 258 7.07 -64.81 8.15
N GLY E 259 5.87 -64.53 8.62
CA GLY E 259 4.64 -64.79 7.87
C GLY E 259 3.41 -64.51 8.71
N ALA E 260 2.29 -64.12 8.09
CA ALA E 260 1.06 -63.81 8.84
C ALA E 260 -0.19 -63.84 7.95
N GLN E 261 -1.34 -64.05 8.60
CA GLN E 261 -2.66 -64.06 7.95
C GLN E 261 -3.72 -63.63 8.96
N ASP E 262 -4.75 -62.94 8.46
CA ASP E 262 -5.87 -62.43 9.26
C ASP E 262 -6.84 -63.57 9.56
N LEU E 263 -7.62 -63.38 10.61
CA LEU E 263 -8.65 -64.36 10.98
C LEU E 263 -10.02 -63.71 10.84
N GLY E 264 -10.59 -63.84 9.65
CA GLY E 264 -11.89 -63.30 9.36
C GLY E 264 -12.80 -64.48 9.19
N ALA E 265 -13.14 -64.74 7.94
CA ALA E 265 -14.02 -65.85 7.55
C ALA E 265 -13.29 -67.18 7.80
N GLY E 266 -14.02 -68.15 8.36
CA GLY E 266 -13.46 -69.46 8.65
C GLY E 266 -12.67 -69.57 9.94
N GLY E 267 -11.99 -68.48 10.29
CA GLY E 267 -11.20 -68.42 11.51
C GLY E 267 -9.90 -69.18 11.49
N VAL E 268 -9.64 -69.89 12.59
CA VAL E 268 -8.42 -70.68 12.82
C VAL E 268 -8.18 -71.68 11.69
N LEU E 269 -9.28 -72.24 11.16
CA LEU E 269 -9.25 -73.23 10.08
C LEU E 269 -8.73 -72.58 8.79
N SER E 270 -9.39 -71.52 8.33
CA SER E 270 -9.07 -70.82 7.08
C SER E 270 -7.81 -69.95 7.21
N ALA E 271 -7.21 -69.92 8.39
CA ALA E 271 -6.01 -69.09 8.58
C ALA E 271 -4.77 -69.97 8.58
N THR E 272 -4.75 -71.00 9.42
CA THR E 272 -3.59 -71.90 9.53
C THR E 272 -3.47 -72.80 8.30
N SER E 273 -4.59 -73.05 7.62
CA SER E 273 -4.58 -73.91 6.42
C SER E 273 -4.07 -73.13 5.21
N GLU E 274 -4.44 -71.85 5.10
CA GLU E 274 -4.00 -71.00 3.98
C GLU E 274 -2.58 -70.49 4.19
N LEU E 275 -2.03 -70.69 5.39
CA LEU E 275 -0.66 -70.24 5.73
C LEU E 275 0.37 -71.28 5.30
N VAL E 276 -0.10 -72.52 5.13
CA VAL E 276 0.78 -73.62 4.73
C VAL E 276 0.38 -74.15 3.35
N ALA E 277 -0.71 -73.62 2.80
CA ALA E 277 -1.20 -74.05 1.48
C ALA E 277 -0.47 -73.30 0.37
N LYS E 278 -0.01 -72.09 0.67
CA LYS E 278 0.73 -71.26 -0.30
C LYS E 278 2.24 -71.51 -0.11
N GLY E 279 2.54 -72.44 0.78
CA GLY E 279 3.92 -72.84 1.07
C GLY E 279 4.18 -74.30 0.71
N ASN E 280 3.11 -75.02 0.36
CA ASN E 280 3.07 -76.44 -0.03
C ASN E 280 3.48 -77.37 1.10
N LEU E 281 3.47 -76.85 2.33
CA LEU E 281 3.84 -77.58 3.54
C LEU E 281 2.59 -77.95 4.34
N GLY E 282 2.77 -78.45 5.57
CA GLY E 282 1.65 -78.86 6.42
C GLY E 282 1.65 -78.28 7.82
N ALA E 283 0.73 -78.76 8.67
CA ALA E 283 0.61 -78.25 10.05
C ALA E 283 -0.16 -79.19 10.98
N ILE E 284 0.27 -79.22 12.24
CA ILE E 284 -0.37 -79.98 13.31
C ILE E 284 -0.98 -78.95 14.27
N VAL E 285 -2.30 -78.85 14.33
CA VAL E 285 -2.94 -77.84 15.19
C VAL E 285 -3.44 -78.43 16.51
N HIS E 286 -2.98 -77.82 17.60
CA HIS E 286 -3.38 -78.16 18.96
C HIS E 286 -4.41 -77.11 19.39
N LEU E 287 -5.67 -77.52 19.49
CA LEU E 287 -6.77 -76.60 19.82
C LEU E 287 -6.94 -76.33 21.31
N ASP E 288 -6.17 -77.01 22.17
CA ASP E 288 -6.25 -76.81 23.62
C ASP E 288 -5.47 -75.57 24.04
N ARG E 289 -4.64 -75.07 23.13
CA ARG E 289 -3.76 -73.91 23.33
C ARG E 289 -4.38 -72.61 22.79
N VAL E 290 -5.61 -72.67 22.26
CA VAL E 290 -6.31 -71.51 21.73
C VAL E 290 -6.98 -70.75 22.88
N PRO E 291 -6.75 -69.40 22.99
CA PRO E 291 -7.35 -68.59 24.05
C PRO E 291 -8.88 -68.62 24.03
N LEU E 292 -9.47 -69.48 24.87
CA LEU E 292 -10.93 -69.64 24.95
C LEU E 292 -11.55 -68.60 25.88
N ARG E 293 -12.80 -68.18 25.56
CA ARG E 293 -13.58 -67.24 26.36
C ARG E 293 -14.50 -68.07 27.27
N GLU E 294 -15.07 -69.10 26.67
CA GLU E 294 -15.94 -70.08 27.34
C GLU E 294 -15.22 -71.42 27.25
N PRO E 295 -14.54 -71.88 28.35
CA PRO E 295 -13.82 -73.16 28.33
C PRO E 295 -14.57 -74.45 28.01
N ASP E 296 -15.91 -74.36 28.00
CA ASP E 296 -16.86 -75.46 27.75
C ASP E 296 -17.16 -75.62 26.25
N MET E 297 -16.18 -75.31 25.40
CA MET E 297 -16.35 -75.42 23.95
C MET E 297 -15.84 -76.77 23.43
N GLU E 298 -16.59 -77.32 22.48
CA GLU E 298 -16.28 -78.60 21.81
C GLU E 298 -15.27 -78.31 20.71
N PRO E 299 -14.26 -79.21 20.49
CA PRO E 299 -13.21 -79.06 19.47
C PRO E 299 -13.49 -78.47 18.08
N TRP E 300 -14.68 -78.72 17.54
CA TRP E 300 -15.04 -78.21 16.20
C TRP E 300 -15.40 -76.72 16.23
N GLU E 301 -15.97 -76.25 17.34
CA GLU E 301 -16.39 -74.86 17.55
C GLU E 301 -15.17 -73.95 17.72
N ILE E 302 -14.05 -74.50 18.19
CA ILE E 302 -12.81 -73.75 18.40
C ILE E 302 -12.14 -73.51 17.04
N LEU E 303 -12.35 -74.47 16.13
CA LEU E 303 -11.77 -74.45 14.78
C LEU E 303 -12.58 -73.52 13.86
N ILE E 304 -13.90 -73.71 13.84
CA ILE E 304 -14.82 -72.97 12.98
C ILE E 304 -15.16 -71.59 13.55
N SER E 305 -14.63 -71.25 14.72
CA SER E 305 -14.89 -69.97 15.39
C SER E 305 -14.45 -68.80 14.51
N GLU E 306 -15.42 -67.98 14.14
CA GLU E 306 -15.21 -66.80 13.28
C GLU E 306 -15.19 -65.53 14.14
N SER E 307 -14.59 -65.64 15.33
CA SER E 307 -14.47 -64.51 16.27
C SER E 307 -13.46 -63.50 15.72
N GLN E 308 -13.78 -62.22 15.93
CA GLN E 308 -12.95 -61.12 15.41
C GLN E 308 -11.82 -60.73 16.38
N GLU E 309 -11.01 -59.80 15.88
CA GLU E 309 -9.85 -59.18 16.53
C GLU E 309 -8.70 -60.16 16.75
N ARG E 310 -8.69 -61.25 15.99
CA ARG E 310 -7.63 -62.28 16.10
C ARG E 310 -6.68 -62.17 14.90
N MET E 311 -5.43 -62.62 15.11
CA MET E 311 -4.37 -62.59 14.10
C MET E 311 -3.52 -63.87 14.17
N ALA E 312 -2.87 -64.23 13.06
CA ALA E 312 -2.01 -65.42 12.97
C ALA E 312 -0.60 -65.00 12.55
N VAL E 313 0.42 -65.49 13.27
CA VAL E 313 1.83 -65.16 12.98
C VAL E 313 2.66 -66.44 12.90
N VAL E 314 3.53 -66.53 11.89
CA VAL E 314 4.43 -67.67 11.70
C VAL E 314 5.84 -67.22 12.11
N THR E 315 6.39 -67.88 13.11
CA THR E 315 7.73 -67.56 13.65
C THR E 315 8.44 -68.84 14.09
N SER E 316 9.70 -68.71 14.52
CA SER E 316 10.53 -69.82 15.02
C SER E 316 10.31 -69.99 16.51
N PRO E 317 10.36 -71.25 17.05
CA PRO E 317 10.15 -71.52 18.48
C PRO E 317 11.05 -70.87 19.54
N GLN E 318 12.12 -70.20 19.10
CA GLN E 318 13.06 -69.51 19.99
C GLN E 318 12.64 -68.04 20.15
N LYS E 319 11.92 -67.55 19.14
CA LYS E 319 11.43 -66.18 19.06
C LYS E 319 9.97 -66.08 19.51
N ALA E 320 9.41 -67.16 20.08
CA ALA E 320 8.00 -67.18 20.51
C ALA E 320 7.84 -66.70 21.95
N SER E 321 8.92 -66.77 22.73
CA SER E 321 8.91 -66.35 24.14
C SER E 321 8.89 -64.83 24.25
N ARG E 322 9.32 -64.15 23.18
CA ARG E 322 9.40 -62.68 23.11
C ARG E 322 8.14 -62.12 22.43
N ILE E 323 7.41 -62.96 21.69
CA ILE E 323 6.20 -62.55 20.96
C ILE E 323 4.97 -62.53 21.87
N LEU E 324 4.92 -63.45 22.84
CA LEU E 324 3.79 -63.53 23.77
C LEU E 324 3.88 -62.43 24.83
N GLU E 325 5.10 -61.97 25.08
CA GLU E 325 5.34 -60.89 26.06
C GLU E 325 4.86 -59.55 25.49
N ILE E 326 4.85 -59.43 24.15
CA ILE E 326 4.39 -58.20 23.47
C ILE E 326 2.86 -58.18 23.47
N ALA E 327 2.25 -59.37 23.42
CA ALA E 327 0.79 -59.50 23.41
C ALA E 327 0.22 -59.17 24.80
N ARG E 328 0.81 -59.76 25.84
CA ARG E 328 0.41 -59.56 27.24
C ARG E 328 0.63 -58.11 27.66
N LYS E 329 1.54 -57.42 26.98
CA LYS E 329 1.87 -56.00 27.25
C LYS E 329 0.77 -55.13 26.65
N HIS E 330 0.18 -55.60 25.55
CA HIS E 330 -0.87 -54.85 24.84
C HIS E 330 -2.27 -55.35 25.20
N LEU E 331 -2.40 -55.96 26.39
CA LEU E 331 -3.64 -56.49 26.98
C LEU E 331 -4.28 -57.64 26.19
N LEU E 332 -3.54 -58.23 25.24
CA LEU E 332 -4.06 -59.32 24.41
C LEU E 332 -3.61 -60.68 24.94
N PHE E 333 -4.35 -61.71 24.53
CA PHE E 333 -4.10 -63.11 24.94
C PHE E 333 -3.58 -63.89 23.74
N GLY E 334 -2.58 -64.74 23.99
CA GLY E 334 -1.99 -65.55 22.93
C GLY E 334 -1.13 -66.69 23.39
N ASP E 335 -1.01 -67.70 22.52
CA ASP E 335 -0.22 -68.92 22.76
C ASP E 335 0.12 -69.56 21.41
N VAL E 336 1.02 -70.55 21.43
CA VAL E 336 1.45 -71.32 20.25
C VAL E 336 0.39 -72.41 19.98
N VAL E 337 -0.13 -72.47 18.76
CA VAL E 337 -1.21 -73.43 18.43
C VAL E 337 -0.82 -74.50 17.41
N ALA E 338 -0.09 -74.13 16.36
CA ALA E 338 0.25 -75.12 15.31
C ALA E 338 1.77 -75.20 15.09
N GLU E 339 2.18 -76.31 14.49
CA GLU E 339 3.57 -76.63 14.15
C GLU E 339 3.63 -76.94 12.66
N VAL E 340 4.58 -76.34 11.94
CA VAL E 340 4.73 -76.54 10.49
C VAL E 340 5.64 -77.75 10.22
N ILE E 341 5.07 -78.77 9.56
CA ILE E 341 5.79 -80.01 9.21
C ILE E 341 6.11 -80.02 7.71
N GLU E 342 6.78 -81.08 7.27
CA GLU E 342 7.21 -81.24 5.87
C GLU E 342 6.11 -81.89 5.02
N GLU E 343 5.41 -82.89 5.57
CA GLU E 343 4.35 -83.63 4.87
C GLU E 343 3.14 -82.74 4.60
N PRO E 344 2.69 -82.61 3.32
CA PRO E 344 1.52 -81.77 2.97
C PRO E 344 0.12 -82.24 3.42
N VAL E 345 -0.02 -82.38 4.73
CA VAL E 345 -1.26 -82.80 5.39
C VAL E 345 -1.61 -81.83 6.52
N TYR E 346 -2.90 -81.76 6.84
CA TYR E 346 -3.44 -80.87 7.89
C TYR E 346 -3.99 -81.72 9.03
N ARG E 347 -3.26 -81.75 10.15
CA ARG E 347 -3.66 -82.54 11.33
C ARG E 347 -4.22 -81.63 12.42
N VAL E 348 -5.41 -81.96 12.90
CA VAL E 348 -6.09 -81.20 13.96
C VAL E 348 -6.43 -82.14 15.12
N MET E 349 -5.96 -81.76 16.31
CA MET E 349 -6.18 -82.53 17.54
C MET E 349 -6.36 -81.62 18.77
N TYR E 350 -6.92 -82.20 19.82
CA TYR E 350 -7.20 -81.56 21.11
C TYR E 350 -6.36 -82.41 22.07
N ARG E 351 -5.25 -81.86 22.56
CA ARG E 351 -4.32 -82.60 23.38
C ARG E 351 -3.88 -83.89 22.70
N ASN E 352 -4.44 -85.01 23.14
CA ASN E 352 -3.94 -86.32 22.75
C ASN E 352 -4.83 -86.99 21.71
N ASP E 353 -6.11 -86.63 21.72
CA ASP E 353 -7.09 -87.27 20.85
C ASP E 353 -7.30 -86.46 19.57
N LEU E 354 -7.50 -87.17 18.45
CA LEU E 354 -7.67 -86.51 17.15
C LEU E 354 -9.14 -86.21 16.86
N VAL E 355 -9.39 -85.29 15.91
CA VAL E 355 -10.75 -84.90 15.51
C VAL E 355 -10.87 -84.84 13.98
N MET E 356 -9.80 -84.41 13.29
CA MET E 356 -9.81 -84.30 11.83
C MET E 356 -8.40 -84.34 11.25
N GLU E 357 -8.27 -85.03 10.09
CA GLU E 357 -7.04 -85.11 9.30
C GLU E 357 -7.41 -85.33 7.84
N VAL E 358 -7.02 -84.35 7.00
CA VAL E 358 -7.28 -84.34 5.55
C VAL E 358 -6.10 -83.64 4.86
N PRO E 359 -5.85 -83.93 3.54
CA PRO E 359 -4.75 -83.26 2.83
C PRO E 359 -4.95 -81.73 2.77
N VAL E 360 -3.84 -80.99 2.90
CA VAL E 360 -3.84 -79.53 2.98
C VAL E 360 -4.40 -78.84 1.73
N GLN E 361 -3.99 -79.31 0.55
CA GLN E 361 -4.38 -78.71 -0.73
C GLN E 361 -5.86 -78.96 -1.06
N LEU E 362 -6.52 -79.88 -0.33
CA LEU E 362 -7.94 -80.20 -0.56
C LEU E 362 -8.82 -79.15 0.11
N LEU E 363 -8.20 -78.27 0.90
CA LEU E 363 -8.93 -77.23 1.63
C LEU E 363 -8.83 -75.86 0.94
N ALA E 364 -7.62 -75.42 0.56
CA ALA E 364 -7.41 -74.10 -0.06
C ALA E 364 -7.95 -74.03 -1.48
N ASN E 365 -7.97 -75.16 -2.19
CA ASN E 365 -8.46 -75.21 -3.57
C ASN E 365 -9.85 -75.82 -3.64
N ALA E 366 -10.82 -74.95 -3.89
CA ALA E 366 -12.24 -75.31 -4.00
C ALA E 366 -12.53 -75.83 -5.41
N PRO E 367 -13.66 -76.54 -5.63
CA PRO E 367 -13.97 -77.05 -6.97
C PRO E 367 -14.25 -75.90 -7.93
N GLU E 368 -13.30 -75.73 -8.87
CA GLU E 368 -13.30 -74.67 -9.89
C GLU E 368 -14.37 -74.94 -10.95
N GLU E 369 -15.35 -74.03 -11.04
CA GLU E 369 -16.42 -74.14 -12.04
C GLU E 369 -15.90 -73.64 -13.39
N ASP E 370 -16.60 -74.01 -14.46
CA ASP E 370 -16.20 -73.66 -15.82
C ASP E 370 -16.74 -72.30 -16.27
N ILE E 371 -15.82 -71.59 -16.93
CA ILE E 371 -16.02 -70.24 -17.49
C ILE E 371 -16.84 -70.31 -18.77
N VAL E 372 -17.60 -69.25 -19.03
CA VAL E 372 -18.40 -69.11 -20.25
C VAL E 372 -17.98 -67.79 -20.91
N GLU E 373 -16.77 -67.80 -21.48
CA GLU E 373 -16.07 -66.69 -22.15
C GLU E 373 -17.02 -65.81 -22.97
N TYR E 374 -16.91 -64.50 -22.77
CA TYR E 374 -17.75 -63.51 -23.47
C TYR E 374 -16.86 -62.65 -24.37
N THR E 375 -17.35 -62.37 -25.57
CA THR E 375 -16.72 -61.41 -26.45
C THR E 375 -17.62 -60.19 -26.67
N PRO E 376 -17.01 -59.06 -27.01
CA PRO E 376 -17.61 -57.74 -26.72
C PRO E 376 -18.58 -57.31 -27.82
N GLY E 377 -19.55 -56.48 -27.46
CA GLY E 377 -20.53 -56.00 -28.42
C GLY E 377 -20.56 -54.49 -28.50
N LYS E 378 -21.31 -53.97 -29.47
CA LYS E 378 -21.38 -52.52 -29.69
C LYS E 378 -21.68 -51.62 -28.49
N ILE E 379 -20.96 -50.49 -28.35
CA ILE E 379 -21.17 -49.54 -27.25
C ILE E 379 -22.60 -49.00 -27.35
N PRO E 380 -23.53 -49.44 -26.46
CA PRO E 380 -24.90 -48.93 -26.57
C PRO E 380 -25.22 -47.48 -26.22
N GLU E 381 -26.42 -47.05 -26.61
CA GLU E 381 -26.94 -45.71 -26.32
C GLU E 381 -27.57 -45.78 -24.93
N PHE E 382 -26.90 -45.15 -23.97
CA PHE E 382 -27.31 -45.17 -22.57
C PHE E 382 -28.31 -44.07 -22.21
N LYS E 383 -29.39 -44.46 -21.53
CA LYS E 383 -30.41 -43.53 -21.01
C LYS E 383 -30.07 -43.27 -19.55
N ARG E 384 -30.37 -42.09 -19.02
CA ARG E 384 -30.01 -41.75 -17.64
C ARG E 384 -30.91 -42.44 -16.60
N VAL E 385 -30.23 -43.20 -15.73
CA VAL E 385 -30.87 -43.88 -14.59
C VAL E 385 -30.67 -42.95 -13.40
N GLU E 386 -31.78 -42.50 -12.82
CA GLU E 386 -31.77 -41.53 -11.72
C GLU E 386 -31.30 -42.13 -10.39
N PHE E 387 -30.16 -41.60 -9.97
CA PHE E 387 -29.49 -41.91 -8.70
C PHE E 387 -29.56 -40.63 -7.87
N GLU E 388 -30.23 -40.68 -6.71
CA GLU E 388 -30.43 -39.52 -5.83
C GLU E 388 -29.12 -38.80 -5.52
N GLU E 389 -29.04 -37.56 -6.00
CA GLU E 389 -27.88 -36.69 -5.81
C GLU E 389 -27.87 -36.20 -4.36
N VAL E 390 -26.94 -36.73 -3.58
CA VAL E 390 -26.83 -36.35 -2.17
C VAL E 390 -25.50 -35.67 -1.87
N ASN E 391 -25.48 -35.02 -0.71
CA ASN E 391 -24.35 -34.28 -0.13
C ASN E 391 -23.50 -35.24 0.69
N ALA E 392 -22.27 -35.50 0.25
CA ALA E 392 -21.40 -36.46 0.95
C ALA E 392 -20.82 -35.85 2.23
N ARG E 393 -20.81 -34.52 2.35
CA ARG E 393 -20.27 -33.86 3.55
C ARG E 393 -20.95 -34.38 4.81
N GLU E 394 -22.28 -34.55 4.77
CA GLU E 394 -23.10 -35.02 5.89
C GLU E 394 -22.69 -36.43 6.34
N VAL E 395 -22.04 -37.16 5.46
CA VAL E 395 -21.62 -38.52 5.79
C VAL E 395 -20.14 -38.54 6.20
N PHE E 396 -19.27 -37.75 5.56
CA PHE E 396 -17.86 -37.85 5.97
C PHE E 396 -17.45 -36.90 7.09
N GLU E 397 -18.32 -35.93 7.44
CA GLU E 397 -18.03 -35.04 8.56
C GLU E 397 -18.32 -35.78 9.86
N GLN E 398 -18.70 -37.04 9.70
CA GLN E 398 -18.95 -37.97 10.81
C GLN E 398 -17.75 -38.91 10.95
N TYR E 399 -16.79 -38.80 10.02
CA TYR E 399 -15.58 -39.63 9.98
C TYR E 399 -14.34 -38.77 10.21
N ASP E 400 -13.38 -39.28 10.99
CA ASP E 400 -12.11 -38.57 11.23
C ASP E 400 -11.24 -38.79 9.99
N HIS E 401 -11.22 -37.78 9.12
CA HIS E 401 -10.48 -37.85 7.86
C HIS E 401 -9.18 -37.03 7.90
N MET E 402 -8.63 -36.79 9.09
CA MET E 402 -7.40 -36.00 9.21
C MET E 402 -6.38 -36.63 10.15
N VAL E 403 -6.81 -37.62 10.95
CA VAL E 403 -5.93 -38.32 11.90
C VAL E 403 -4.71 -38.91 11.19
N GLY E 404 -3.59 -38.98 11.90
CA GLY E 404 -2.37 -39.49 11.33
C GLY E 404 -1.56 -38.34 10.76
N THR E 405 -2.26 -37.21 10.54
CA THR E 405 -1.76 -35.93 10.02
C THR E 405 -1.18 -36.11 8.60
N ASP E 406 -1.46 -37.26 8.00
CA ASP E 406 -0.93 -37.62 6.68
C ASP E 406 -1.89 -37.32 5.53
N THR E 407 -3.07 -36.76 5.78
CA THR E 407 -4.02 -36.52 4.69
C THR E 407 -3.80 -35.15 4.04
N VAL E 408 -3.33 -35.15 2.79
CA VAL E 408 -3.05 -33.92 2.04
C VAL E 408 -4.34 -33.38 1.40
N VAL E 409 -5.07 -34.26 0.71
CA VAL E 409 -6.34 -33.86 0.09
C VAL E 409 -7.50 -34.57 0.80
N PRO E 410 -8.32 -33.78 1.53
CA PRO E 410 -9.48 -34.32 2.24
C PRO E 410 -10.56 -34.61 1.19
N PRO E 411 -11.47 -35.55 1.47
CA PRO E 411 -12.53 -35.87 0.51
C PRO E 411 -13.53 -34.77 0.18
N GLY E 412 -14.19 -34.94 -0.96
CA GLY E 412 -15.17 -34.00 -1.44
C GLY E 412 -15.02 -33.93 -2.94
N PHE E 413 -13.82 -33.56 -3.37
CA PHE E 413 -13.48 -33.47 -4.80
C PHE E 413 -12.88 -34.80 -5.25
N GLY E 414 -13.70 -35.84 -5.26
CA GLY E 414 -13.28 -37.17 -5.69
C GLY E 414 -12.11 -37.87 -5.01
N ALA E 415 -11.01 -37.96 -5.78
CA ALA E 415 -9.75 -38.61 -5.39
C ALA E 415 -9.16 -37.99 -4.12
N ALA E 416 -8.49 -38.81 -3.33
CA ALA E 416 -7.86 -38.39 -2.08
C ALA E 416 -6.34 -38.61 -2.16
N VAL E 417 -5.55 -37.61 -1.76
CA VAL E 417 -4.08 -37.71 -1.78
C VAL E 417 -3.55 -37.72 -0.35
N MET E 418 -2.55 -38.58 -0.13
CA MET E 418 -1.87 -38.77 1.16
C MET E 418 -0.36 -38.56 1.02
N ARG E 419 0.38 -38.76 2.12
CA ARG E 419 1.84 -38.61 2.15
C ARG E 419 2.45 -39.57 3.17
N ILE E 420 3.77 -39.59 3.24
CA ILE E 420 4.48 -40.44 4.18
C ILE E 420 5.45 -39.63 5.04
N LYS E 421 5.20 -38.33 5.13
CA LYS E 421 5.79 -37.51 6.19
C LYS E 421 7.23 -37.12 5.85
N ARG E 422 7.78 -37.74 4.82
CA ARG E 422 9.17 -37.53 4.44
C ARG E 422 9.16 -37.51 2.92
N ASP E 423 8.47 -38.49 2.33
CA ASP E 423 8.97 -39.15 1.13
C ASP E 423 8.44 -38.59 -0.19
N GLY E 424 7.13 -38.31 -0.23
CA GLY E 424 6.29 -38.74 -1.33
C GLY E 424 4.93 -39.20 -0.86
N GLY E 425 4.02 -39.39 -1.82
CA GLY E 425 2.66 -39.82 -1.51
C GLY E 425 1.91 -40.73 -2.47
N TYR E 426 0.65 -41.04 -2.12
CA TYR E 426 -0.23 -41.91 -2.90
C TYR E 426 -1.66 -41.37 -2.99
N SER E 427 -2.34 -41.71 -4.07
CA SER E 427 -3.72 -41.24 -4.31
C SER E 427 -4.66 -42.43 -4.54
N LEU E 428 -5.71 -42.47 -3.75
CA LEU E 428 -6.70 -43.55 -3.83
C LEU E 428 -8.07 -42.98 -4.21
N VAL E 429 -8.77 -43.70 -5.08
CA VAL E 429 -10.11 -43.33 -5.55
C VAL E 429 -10.96 -44.60 -5.59
N THR E 430 -12.27 -44.44 -5.37
CA THR E 430 -13.19 -45.59 -5.43
C THR E 430 -14.34 -45.23 -6.35
N HIS E 431 -14.60 -46.07 -7.37
CA HIS E 431 -15.64 -45.75 -8.36
C HIS E 431 -16.34 -47.03 -8.84
N SER E 432 -17.62 -46.84 -9.22
CA SER E 432 -18.50 -47.90 -9.73
C SER E 432 -19.63 -47.29 -10.54
N ARG E 433 -19.63 -47.53 -11.85
CA ARG E 433 -20.72 -47.02 -12.69
C ARG E 433 -21.81 -48.09 -12.72
N ALA E 434 -22.62 -48.03 -11.66
CA ALA E 434 -23.73 -48.96 -11.42
C ALA E 434 -24.91 -48.68 -12.35
N ASP E 435 -25.17 -47.40 -12.62
CA ASP E 435 -26.31 -46.97 -13.45
C ASP E 435 -26.17 -47.41 -14.91
N LEU E 436 -24.92 -47.52 -15.37
CA LEU E 436 -24.65 -47.93 -16.76
C LEU E 436 -24.59 -49.46 -16.85
N ALA E 437 -24.07 -50.08 -15.81
CA ALA E 437 -23.90 -51.54 -15.72
C ALA E 437 -25.24 -52.26 -15.82
N LEU E 438 -26.33 -51.55 -15.54
CA LEU E 438 -27.70 -52.10 -15.58
C LEU E 438 -28.12 -52.37 -17.03
N GLN E 439 -27.89 -51.39 -17.89
CA GLN E 439 -28.23 -51.48 -19.32
C GLN E 439 -27.24 -52.41 -20.05
N ASP E 440 -25.95 -52.30 -19.69
CA ASP E 440 -24.92 -53.17 -20.29
C ASP E 440 -23.90 -53.59 -19.23
N THR E 441 -23.92 -54.89 -18.99
CA THR E 441 -23.08 -55.57 -18.00
C THR E 441 -21.60 -55.46 -18.38
N TYR E 442 -21.27 -55.13 -19.64
CA TYR E 442 -19.87 -55.05 -20.07
C TYR E 442 -19.38 -53.61 -20.09
N TRP E 443 -19.90 -52.82 -21.02
CA TRP E 443 -19.49 -51.42 -21.22
C TRP E 443 -19.74 -50.56 -19.98
N GLY E 444 -20.73 -50.93 -19.15
CA GLY E 444 -21.01 -50.19 -17.94
C GLY E 444 -19.89 -50.36 -16.92
N THR E 445 -19.44 -51.60 -16.84
CA THR E 445 -18.35 -52.03 -15.95
C THR E 445 -16.99 -51.61 -16.51
N LEU E 446 -16.87 -51.52 -17.84
CA LEU E 446 -15.60 -51.12 -18.46
C LEU E 446 -15.36 -49.62 -18.27
N ILE E 447 -16.42 -48.81 -18.46
CA ILE E 447 -16.32 -47.36 -18.29
C ILE E 447 -15.99 -47.04 -16.83
N ALA E 448 -16.39 -47.93 -15.93
CA ALA E 448 -16.15 -47.76 -14.49
C ALA E 448 -14.64 -47.80 -14.19
N VAL E 449 -13.94 -48.71 -14.86
CA VAL E 449 -12.49 -48.90 -14.66
C VAL E 449 -11.73 -47.76 -15.33
N LEU E 450 -12.27 -47.25 -16.44
CA LEU E 450 -11.62 -46.17 -17.19
C LEU E 450 -11.88 -44.83 -16.49
N GLU E 451 -13.12 -44.62 -16.02
CA GLU E 451 -13.50 -43.36 -15.36
C GLU E 451 -12.82 -43.27 -13.99
N SER E 452 -12.29 -44.41 -13.55
CA SER E 452 -11.55 -44.47 -12.28
C SER E 452 -10.17 -43.87 -12.54
N VAL E 453 -9.54 -44.28 -13.64
CA VAL E 453 -8.21 -43.83 -14.07
C VAL E 453 -8.25 -42.34 -14.42
N ARG E 454 -9.44 -41.88 -14.77
CA ARG E 454 -9.67 -40.48 -15.14
C ARG E 454 -9.63 -39.61 -13.87
N LYS E 455 -10.16 -40.14 -12.77
CA LYS E 455 -10.23 -39.43 -11.49
C LYS E 455 -8.86 -39.42 -10.79
N THR E 456 -8.03 -40.43 -11.09
CA THR E 456 -6.69 -40.57 -10.51
C THR E 456 -5.70 -39.62 -11.18
N LEU E 457 -5.98 -39.23 -12.40
CA LEU E 457 -5.09 -38.30 -13.11
C LEU E 457 -5.51 -36.86 -12.82
N SER E 458 -6.70 -36.70 -12.23
CA SER E 458 -7.27 -35.39 -11.95
C SER E 458 -6.52 -34.64 -10.85
N VAL E 459 -5.88 -35.38 -9.96
CA VAL E 459 -5.12 -34.77 -8.85
C VAL E 459 -3.67 -34.50 -9.28
N GLY E 460 -3.14 -35.42 -10.09
CA GLY E 460 -1.79 -35.29 -10.58
C GLY E 460 -1.01 -36.54 -10.27
N ALA E 461 -1.69 -37.67 -10.29
CA ALA E 461 -1.03 -38.94 -9.97
C ALA E 461 -1.06 -39.89 -11.17
N GLU E 462 0.08 -40.56 -11.41
CA GLU E 462 0.21 -41.57 -12.47
C GLU E 462 -0.15 -42.92 -11.85
N PRO E 463 -1.24 -43.57 -12.32
CA PRO E 463 -1.76 -44.86 -11.83
C PRO E 463 -0.74 -45.97 -11.59
N LEU E 464 -1.03 -46.85 -10.62
CA LEU E 464 -0.13 -47.97 -10.29
C LEU E 464 -0.89 -49.29 -10.27
N ALA E 465 -2.03 -49.32 -9.57
CA ALA E 465 -2.82 -50.55 -9.47
C ALA E 465 -4.31 -50.25 -9.29
N ILE E 466 -5.06 -51.35 -9.39
CA ILE E 466 -6.53 -51.42 -9.28
C ILE E 466 -6.86 -52.53 -8.26
N THR E 467 -8.06 -52.44 -7.67
CA THR E 467 -8.55 -53.48 -6.75
C THR E 467 -10.04 -53.66 -7.01
N ASN E 468 -10.40 -54.86 -7.49
CA ASN E 468 -11.78 -55.18 -7.87
C ASN E 468 -12.61 -55.69 -6.69
N CYS E 469 -13.91 -55.67 -6.92
CA CYS E 469 -14.93 -56.17 -5.98
C CYS E 469 -16.21 -56.41 -6.78
N VAL E 470 -16.48 -57.69 -7.02
CA VAL E 470 -17.65 -58.10 -7.82
C VAL E 470 -18.86 -58.30 -6.90
N ASN E 471 -19.93 -57.58 -7.21
CA ASN E 471 -21.19 -57.65 -6.44
C ASN E 471 -22.33 -58.10 -7.36
N TYR E 472 -22.19 -59.29 -7.91
CA TYR E 472 -23.15 -59.87 -8.86
C TYR E 472 -24.30 -60.57 -8.13
N GLY E 473 -25.39 -60.81 -8.87
CA GLY E 473 -26.56 -61.49 -8.36
C GLY E 473 -26.37 -63.00 -8.30
N ASP E 474 -27.30 -63.79 -8.88
CA ASP E 474 -27.19 -65.25 -8.88
C ASP E 474 -26.37 -65.71 -10.10
N PRO E 475 -25.17 -66.30 -9.87
CA PRO E 475 -24.25 -66.79 -10.91
C PRO E 475 -24.52 -68.15 -11.55
N ASP E 476 -25.68 -68.74 -11.25
CA ASP E 476 -26.04 -70.04 -11.83
C ASP E 476 -27.22 -69.84 -12.80
N VAL E 477 -28.04 -68.84 -12.48
CA VAL E 477 -29.21 -68.47 -13.30
C VAL E 477 -28.75 -67.64 -14.50
N ASP E 478 -27.63 -66.94 -14.34
CA ASP E 478 -27.07 -66.07 -15.40
C ASP E 478 -25.54 -66.05 -15.32
N PRO E 479 -24.85 -67.19 -15.64
CA PRO E 479 -23.37 -67.19 -15.57
C PRO E 479 -22.74 -66.39 -16.71
N VAL E 480 -23.63 -65.81 -17.53
CA VAL E 480 -23.32 -65.02 -18.72
C VAL E 480 -22.93 -63.58 -18.32
N GLY E 481 -23.73 -62.96 -17.44
CA GLY E 481 -23.47 -61.60 -16.99
C GLY E 481 -22.21 -61.40 -16.17
N LEU E 482 -21.85 -62.43 -15.40
CA LEU E 482 -20.65 -62.42 -14.55
C LEU E 482 -19.40 -62.35 -15.43
N SER E 483 -19.46 -63.03 -16.58
CA SER E 483 -18.35 -63.12 -17.54
C SER E 483 -18.16 -61.79 -18.28
N ALA E 484 -19.27 -61.13 -18.58
CA ALA E 484 -19.27 -59.84 -19.27
C ALA E 484 -18.65 -58.77 -18.35
N MET E 485 -18.62 -59.08 -17.06
CA MET E 485 -18.10 -58.17 -16.03
C MET E 485 -16.60 -58.42 -15.82
N MET E 486 -16.24 -59.70 -15.65
CA MET E 486 -14.85 -60.12 -15.40
C MET E 486 -13.99 -59.89 -16.64
N THR E 487 -14.59 -60.01 -17.82
CA THR E 487 -13.85 -59.78 -19.07
C THR E 487 -13.78 -58.28 -19.31
N ALA E 488 -14.71 -57.53 -18.71
CA ALA E 488 -14.72 -56.06 -18.84
C ALA E 488 -13.62 -55.47 -17.96
N LEU E 489 -13.26 -56.23 -16.92
CA LEU E 489 -12.21 -55.83 -15.99
C LEU E 489 -10.86 -56.32 -16.51
N LYS E 490 -10.88 -57.40 -17.28
CA LYS E 490 -9.65 -57.97 -17.86
C LYS E 490 -9.13 -57.07 -18.98
N ASN E 491 -10.04 -56.71 -19.89
CA ASN E 491 -9.70 -55.89 -21.07
C ASN E 491 -9.38 -54.45 -20.69
N ALA E 492 -10.04 -53.93 -19.66
CA ALA E 492 -9.84 -52.55 -19.20
C ALA E 492 -8.48 -52.38 -18.51
N CYS E 493 -7.90 -53.49 -18.08
CA CYS E 493 -6.59 -53.49 -17.41
C CYS E 493 -5.47 -53.65 -18.44
N GLU E 494 -5.83 -54.11 -19.62
CA GLU E 494 -4.88 -54.30 -20.72
C GLU E 494 -4.81 -53.03 -21.55
N PHE E 495 -5.93 -52.30 -21.59
CA PHE E 495 -6.08 -51.04 -22.34
C PHE E 495 -5.31 -49.92 -21.66
N SER E 496 -5.39 -49.88 -20.33
CA SER E 496 -4.72 -48.86 -19.51
C SER E 496 -3.35 -49.33 -19.03
N GLY E 497 -3.12 -50.64 -19.14
CA GLY E 497 -1.86 -51.25 -18.74
C GLY E 497 -1.70 -51.22 -17.23
N VAL E 498 -2.81 -51.04 -16.53
CA VAL E 498 -2.87 -50.98 -15.06
C VAL E 498 -3.29 -52.33 -14.49
N PRO E 499 -2.35 -53.02 -13.76
CA PRO E 499 -2.62 -54.33 -13.16
C PRO E 499 -3.54 -54.35 -11.94
N VAL E 500 -4.04 -55.53 -11.58
CA VAL E 500 -4.93 -55.73 -10.43
C VAL E 500 -4.10 -56.37 -9.30
N ALA E 501 -4.01 -55.70 -8.15
CA ALA E 501 -3.24 -56.19 -7.01
C ALA E 501 -3.98 -57.29 -6.25
N SER E 502 -5.19 -56.97 -5.78
CA SER E 502 -6.03 -57.92 -5.03
C SER E 502 -7.51 -57.72 -5.37
N GLY E 503 -8.34 -58.69 -5.02
CA GLY E 503 -9.77 -58.61 -5.30
C GLY E 503 -10.70 -59.27 -4.32
N ASN E 504 -11.97 -59.34 -4.70
CA ASN E 504 -13.02 -59.96 -3.87
C ASN E 504 -14.29 -60.16 -4.71
N ALA E 505 -15.18 -60.99 -4.19
CA ALA E 505 -16.45 -61.30 -4.87
C ALA E 505 -17.50 -61.82 -3.89
N SER E 506 -18.61 -61.08 -3.80
CA SER E 506 -19.75 -61.49 -2.97
C SER E 506 -20.95 -61.68 -3.90
N LEU E 507 -21.24 -62.96 -4.17
CA LEU E 507 -22.32 -63.36 -5.08
C LEU E 507 -23.57 -63.75 -4.29
N TYR E 508 -24.62 -64.16 -5.00
CA TYR E 508 -25.92 -64.62 -4.50
C TYR E 508 -26.71 -63.53 -3.75
N ASN E 509 -26.67 -62.30 -4.26
CA ASN E 509 -27.40 -61.17 -3.65
C ASN E 509 -28.77 -61.04 -4.32
N THR E 510 -29.80 -61.68 -3.74
CA THR E 510 -31.16 -61.66 -4.30
C THR E 510 -32.23 -61.48 -3.22
N TYR E 511 -33.34 -60.86 -3.62
CA TYR E 511 -34.54 -60.69 -2.79
C TYR E 511 -35.72 -60.95 -3.73
N GLN E 512 -36.67 -61.80 -3.30
CA GLN E 512 -37.85 -62.26 -4.05
C GLN E 512 -37.36 -63.15 -5.20
N GLY E 513 -36.04 -63.40 -5.23
CA GLY E 513 -35.40 -64.19 -6.27
C GLY E 513 -34.79 -63.32 -7.37
N LYS E 514 -35.21 -62.04 -7.40
CA LYS E 514 -34.79 -61.02 -8.37
C LYS E 514 -33.36 -60.53 -8.05
N PRO E 515 -32.42 -60.65 -9.03
CA PRO E 515 -31.05 -60.20 -8.79
C PRO E 515 -30.78 -58.69 -8.68
N ILE E 516 -29.62 -58.41 -8.10
CA ILE E 516 -29.12 -57.06 -7.82
C ILE E 516 -28.41 -56.49 -9.06
N PRO E 517 -28.45 -55.15 -9.26
CA PRO E 517 -27.76 -54.53 -10.42
C PRO E 517 -26.26 -54.82 -10.35
N PRO E 518 -25.68 -55.50 -11.36
CA PRO E 518 -24.24 -55.84 -11.41
C PRO E 518 -23.26 -54.68 -11.22
N THR E 519 -22.81 -54.52 -9.99
CA THR E 519 -21.93 -53.42 -9.58
C THR E 519 -20.49 -53.90 -9.34
N LEU E 520 -19.56 -53.35 -10.10
CA LEU E 520 -18.13 -53.65 -9.88
C LEU E 520 -17.50 -52.40 -9.29
N VAL E 521 -16.91 -52.54 -8.10
CA VAL E 521 -16.26 -51.40 -7.41
C VAL E 521 -14.75 -51.47 -7.65
N VAL E 522 -14.24 -50.42 -8.27
CA VAL E 522 -12.81 -50.28 -8.59
C VAL E 522 -12.17 -49.39 -7.54
N GLY E 523 -10.90 -49.66 -7.23
CA GLY E 523 -10.16 -48.88 -6.27
C GLY E 523 -8.79 -48.63 -6.85
N MET E 524 -8.54 -47.37 -7.20
CA MET E 524 -7.26 -46.97 -7.81
C MET E 524 -6.22 -46.58 -6.76
N LEU E 525 -4.98 -46.64 -7.22
CA LEU E 525 -3.79 -46.26 -6.44
C LEU E 525 -2.83 -45.57 -7.42
N GLY E 526 -2.28 -44.43 -7.03
CA GLY E 526 -1.37 -43.70 -7.90
C GLY E 526 -0.22 -43.05 -7.16
N LYS E 527 0.91 -42.86 -7.85
CA LYS E 527 2.09 -42.21 -7.27
C LYS E 527 2.02 -40.71 -7.58
N VAL E 528 2.25 -39.90 -6.55
CA VAL E 528 2.20 -38.44 -6.67
C VAL E 528 3.12 -37.80 -5.63
N ASN E 529 3.49 -36.57 -5.93
CA ASN E 529 4.30 -35.73 -5.04
C ASN E 529 3.33 -34.83 -4.29
N PRO E 530 3.24 -34.95 -2.94
CA PRO E 530 2.33 -34.14 -2.12
C PRO E 530 2.45 -32.62 -2.23
N GLN E 531 3.50 -32.12 -2.90
CA GLN E 531 3.69 -30.69 -3.09
C GLN E 531 3.03 -30.23 -4.40
N LYS E 532 3.10 -31.08 -5.43
CA LYS E 532 2.52 -30.79 -6.75
C LYS E 532 1.06 -31.26 -6.78
N VAL E 533 0.26 -30.71 -5.87
CA VAL E 533 -1.18 -31.05 -5.80
C VAL E 533 -2.03 -29.80 -6.03
N ALA E 534 -3.18 -30.07 -6.63
CA ALA E 534 -4.17 -29.06 -6.99
C ALA E 534 -5.06 -28.70 -5.79
N LYS E 535 -4.91 -27.46 -5.34
CA LYS E 535 -5.70 -26.89 -4.24
C LYS E 535 -6.55 -25.77 -4.86
N PRO E 536 -7.89 -25.79 -4.64
CA PRO E 536 -8.83 -24.77 -5.18
C PRO E 536 -8.59 -23.27 -4.96
N LYS E 537 -8.12 -22.63 -6.02
CA LYS E 537 -7.82 -21.19 -6.05
C LYS E 537 -8.93 -20.49 -6.82
N PRO E 538 -9.13 -19.15 -6.61
CA PRO E 538 -10.18 -18.44 -7.35
C PRO E 538 -9.80 -18.34 -8.84
N SER E 539 -10.54 -19.03 -9.72
CA SER E 539 -10.22 -19.03 -11.15
C SER E 539 -11.48 -19.15 -12.02
N LYS E 540 -11.25 -19.28 -13.33
CA LYS E 540 -12.31 -19.42 -14.35
C LYS E 540 -12.48 -20.91 -14.67
N VAL E 541 -13.73 -21.36 -14.83
CA VAL E 541 -14.04 -22.78 -15.09
C VAL E 541 -14.20 -23.07 -16.58
N PHE E 542 -13.51 -24.10 -17.02
CA PHE E 542 -13.51 -24.55 -18.43
C PHE E 542 -13.97 -26.01 -18.48
N ALA E 543 -14.88 -26.33 -19.40
CA ALA E 543 -15.32 -27.71 -19.57
C ALA E 543 -14.50 -28.33 -20.71
N VAL E 544 -13.57 -29.22 -20.40
CA VAL E 544 -12.73 -29.82 -21.46
C VAL E 544 -13.11 -31.28 -21.72
N GLY E 545 -13.12 -31.63 -23.01
CA GLY E 545 -13.49 -32.96 -23.44
C GLY E 545 -14.70 -32.86 -24.36
N TRP E 546 -15.30 -34.00 -24.72
CA TRP E 546 -16.49 -34.00 -25.59
C TRP E 546 -17.68 -34.68 -24.89
N ASN E 547 -18.90 -34.24 -25.26
CA ASN E 547 -20.20 -34.65 -24.71
C ASN E 547 -20.51 -36.14 -24.86
N ASP E 548 -20.02 -36.76 -25.94
CA ASP E 548 -20.26 -38.17 -26.30
C ASP E 548 -19.09 -39.07 -25.87
N PHE E 549 -19.30 -40.39 -25.94
CA PHE E 549 -18.26 -41.38 -25.59
C PHE E 549 -17.87 -42.23 -26.82
N GLU E 550 -16.56 -42.47 -26.92
CA GLU E 550 -15.92 -43.28 -27.97
C GLU E 550 -14.53 -43.67 -27.46
N LEU E 551 -14.37 -44.97 -27.17
CA LEU E 551 -13.14 -45.57 -26.64
C LEU E 551 -11.95 -45.33 -27.57
N GLU E 552 -12.24 -45.28 -28.88
CA GLU E 552 -11.29 -45.10 -29.99
C GLU E 552 -10.41 -43.86 -29.80
N ARG E 553 -10.78 -42.98 -28.88
CA ARG E 553 -10.03 -41.74 -28.63
C ARG E 553 -10.22 -41.31 -27.17
N GLU E 554 -10.04 -42.27 -26.26
CA GLU E 554 -10.16 -42.03 -24.81
C GLU E 554 -8.79 -41.65 -24.25
N LYS E 555 -7.76 -42.34 -24.72
CA LYS E 555 -6.36 -42.11 -24.31
C LYS E 555 -5.97 -40.65 -24.56
N GLU E 556 -6.68 -40.01 -25.48
CA GLU E 556 -6.42 -38.61 -25.86
C GLU E 556 -6.92 -37.65 -24.78
N LEU E 557 -7.83 -38.11 -23.92
CA LEU E 557 -8.34 -37.27 -22.82
C LEU E 557 -7.37 -37.37 -21.65
N TRP E 558 -6.86 -38.58 -21.42
CA TRP E 558 -5.92 -38.84 -20.32
C TRP E 558 -4.63 -38.04 -20.53
N ARG E 559 -4.12 -38.08 -21.76
CA ARG E 559 -2.87 -37.38 -22.12
C ARG E 559 -3.13 -35.88 -22.31
N ALA E 560 -4.37 -35.46 -22.08
CA ALA E 560 -4.78 -34.06 -22.15
C ALA E 560 -4.91 -33.52 -20.73
N ILE E 561 -5.30 -34.40 -19.81
CA ILE E 561 -5.44 -34.06 -18.37
C ILE E 561 -4.03 -33.92 -17.78
N ARG E 562 -3.11 -34.80 -18.21
CA ARG E 562 -1.72 -34.82 -17.77
C ARG E 562 -1.02 -33.52 -18.16
N LYS E 563 -1.25 -33.08 -19.40
CA LYS E 563 -0.63 -31.84 -19.91
C LYS E 563 -1.23 -30.62 -19.21
N LEU E 564 -2.26 -30.84 -18.39
CA LEU E 564 -2.94 -29.74 -17.68
C LEU E 564 -2.64 -29.80 -16.18
N SER E 565 -2.26 -30.96 -15.67
CA SER E 565 -2.01 -31.09 -14.23
C SER E 565 -0.63 -30.59 -13.84
N GLU E 566 0.45 -31.04 -14.49
CA GLU E 566 1.79 -30.57 -14.15
C GLU E 566 1.99 -29.13 -14.61
N GLU E 567 0.91 -28.55 -15.15
CA GLU E 567 0.85 -27.14 -15.59
C GLU E 567 0.27 -26.31 -14.43
N GLY E 568 -0.28 -27.00 -13.44
CA GLY E 568 -0.82 -26.37 -12.24
C GLY E 568 -2.31 -26.06 -12.13
N ALA E 569 -3.15 -26.89 -12.77
CA ALA E 569 -4.60 -26.65 -12.76
C ALA E 569 -5.33 -27.67 -11.87
N PHE E 570 -6.56 -27.30 -11.51
CA PHE E 570 -7.46 -28.14 -10.70
C PHE E 570 -8.49 -28.77 -11.62
N ILE E 571 -8.46 -30.10 -11.71
CA ILE E 571 -9.36 -30.85 -12.59
C ILE E 571 -10.41 -31.58 -11.73
N LEU E 572 -11.59 -31.83 -12.31
CA LEU E 572 -12.71 -32.52 -11.66
C LEU E 572 -13.46 -33.43 -12.64
N SER E 573 -13.30 -34.74 -12.48
CA SER E 573 -13.97 -35.71 -13.34
C SER E 573 -15.11 -36.38 -12.58
N SER E 574 -16.33 -36.10 -12.98
CA SER E 574 -17.48 -36.74 -12.33
C SER E 574 -18.55 -37.06 -13.36
N SER E 575 -19.35 -38.07 -13.02
CA SER E 575 -20.45 -38.62 -13.82
C SER E 575 -21.46 -37.53 -14.18
N GLN E 576 -21.74 -36.63 -13.22
CA GLN E 576 -22.70 -35.53 -13.41
C GLN E 576 -21.99 -34.18 -13.47
N LEU E 577 -20.70 -34.21 -13.85
CA LEU E 577 -19.78 -33.08 -14.01
C LEU E 577 -19.51 -32.34 -12.70
N LEU E 578 -20.56 -31.86 -12.05
CA LEU E 578 -20.46 -31.13 -10.77
C LEU E 578 -21.62 -31.58 -9.88
N THR E 579 -21.33 -32.02 -8.64
CA THR E 579 -22.40 -32.47 -7.76
C THR E 579 -22.61 -31.51 -6.58
N ARG E 580 -23.68 -31.81 -5.85
CA ARG E 580 -24.14 -31.08 -4.65
C ARG E 580 -22.97 -31.04 -3.66
N THR E 581 -22.21 -32.15 -3.66
CA THR E 581 -21.05 -32.39 -2.80
C THR E 581 -19.91 -31.43 -3.17
N HIS E 582 -19.71 -31.21 -4.46
CA HIS E 582 -18.63 -30.36 -4.95
C HIS E 582 -18.86 -28.90 -4.53
N VAL E 583 -20.10 -28.44 -4.60
CA VAL E 583 -20.44 -27.04 -4.27
C VAL E 583 -20.31 -26.82 -2.75
N GLU E 584 -20.55 -27.87 -1.98
CA GLU E 584 -20.50 -27.76 -0.52
C GLU E 584 -19.06 -27.83 -0.01
N THR E 585 -18.18 -28.54 -0.72
CA THR E 585 -16.76 -28.63 -0.32
C THR E 585 -16.05 -27.37 -0.80
N PHE E 586 -16.63 -26.71 -1.81
CA PHE E 586 -16.08 -25.47 -2.36
C PHE E 586 -16.37 -24.33 -1.38
N ARG E 587 -17.54 -24.41 -0.74
CA ARG E 587 -17.97 -23.39 0.22
C ARG E 587 -17.11 -23.44 1.49
N GLU E 588 -16.58 -24.62 1.81
CA GLU E 588 -15.74 -24.80 3.00
C GLU E 588 -14.36 -24.16 2.77
N TYR E 589 -14.03 -23.90 1.51
CA TYR E 589 -12.78 -23.26 1.11
C TYR E 589 -13.07 -21.78 0.81
N GLY E 590 -14.32 -21.40 1.10
CA GLY E 590 -14.81 -20.04 0.91
C GLY E 590 -14.96 -19.65 -0.54
N LEU E 591 -15.48 -20.55 -1.36
CA LEU E 591 -15.65 -20.32 -2.79
C LEU E 591 -17.07 -20.66 -3.26
N LYS E 592 -17.58 -19.85 -4.20
CA LYS E 592 -18.90 -20.06 -4.79
C LYS E 592 -18.72 -20.29 -6.28
N ILE E 593 -19.51 -21.21 -6.84
CA ILE E 593 -19.39 -21.54 -8.26
C ILE E 593 -20.69 -21.24 -9.00
N GLU E 594 -20.57 -20.52 -10.12
CA GLU E 594 -21.69 -20.15 -11.00
C GLU E 594 -21.30 -20.46 -12.44
N VAL E 595 -21.87 -21.56 -12.96
CA VAL E 595 -21.55 -22.03 -14.32
C VAL E 595 -22.79 -22.53 -15.08
N LYS E 596 -22.58 -22.68 -16.38
CA LYS E 596 -23.57 -23.20 -17.34
C LYS E 596 -23.02 -24.55 -17.82
N LEU E 597 -23.28 -25.60 -17.03
CA LEU E 597 -22.82 -26.97 -17.30
C LEU E 597 -23.37 -27.49 -18.63
N PRO E 598 -22.50 -27.76 -19.61
CA PRO E 598 -23.00 -28.27 -20.90
C PRO E 598 -23.54 -29.68 -20.65
N GLU E 599 -24.82 -29.88 -20.96
CA GLU E 599 -25.48 -31.18 -20.74
C GLU E 599 -24.79 -32.24 -21.60
N VAL E 600 -24.32 -33.25 -20.90
CA VAL E 600 -23.59 -34.36 -21.53
C VAL E 600 -24.43 -35.65 -21.38
N ARG E 601 -24.13 -36.61 -22.26
CA ARG E 601 -24.79 -37.92 -22.26
C ARG E 601 -24.21 -38.72 -21.08
N PRO E 602 -24.99 -39.62 -20.44
CA PRO E 602 -24.53 -40.44 -19.30
C PRO E 602 -23.13 -41.05 -19.42
N ALA E 603 -22.82 -41.59 -20.61
CA ALA E 603 -21.47 -42.12 -20.88
C ALA E 603 -20.72 -41.02 -21.61
N HIS E 604 -19.86 -40.29 -20.89
CA HIS E 604 -19.14 -39.15 -21.50
C HIS E 604 -17.64 -39.17 -21.18
N GLN E 605 -16.96 -38.23 -21.84
CA GLN E 605 -15.51 -38.00 -21.74
C GLN E 605 -15.26 -36.51 -21.49
N MET E 606 -15.75 -36.00 -20.36
CA MET E 606 -15.57 -34.58 -20.04
C MET E 606 -15.21 -34.38 -18.57
N VAL E 607 -14.40 -33.35 -18.35
CA VAL E 607 -13.93 -32.92 -17.02
C VAL E 607 -13.97 -31.40 -16.94
N LEU E 608 -14.05 -30.86 -15.73
CA LEU E 608 -14.07 -29.41 -15.54
C LEU E 608 -12.69 -28.96 -15.02
N VAL E 609 -12.04 -28.07 -15.76
CA VAL E 609 -10.69 -27.59 -15.42
C VAL E 609 -10.73 -26.14 -14.92
N PHE E 610 -10.10 -25.88 -13.77
CA PHE E 610 -10.07 -24.56 -13.13
C PHE E 610 -8.65 -23.95 -13.19
N SER E 611 -8.29 -23.41 -14.36
CA SER E 611 -6.97 -22.81 -14.56
C SER E 611 -7.07 -21.28 -14.61
N GLU E 612 -5.93 -20.63 -14.81
CA GLU E 612 -5.82 -19.17 -14.88
C GLU E 612 -6.16 -18.65 -16.28
N ARG E 613 -5.49 -19.19 -17.30
CA ARG E 613 -5.70 -18.82 -18.70
C ARG E 613 -6.28 -20.02 -19.45
N THR E 614 -6.82 -19.76 -20.64
CA THR E 614 -7.47 -20.76 -21.52
C THR E 614 -6.53 -21.95 -21.74
N PRO E 615 -6.93 -23.17 -21.30
CA PRO E 615 -6.17 -24.43 -21.42
C PRO E 615 -5.69 -24.79 -22.83
N VAL E 616 -4.41 -25.11 -22.91
CA VAL E 616 -3.77 -25.45 -24.19
C VAL E 616 -3.67 -26.97 -24.36
N VAL E 617 -4.72 -27.57 -24.95
CA VAL E 617 -4.77 -29.02 -25.18
C VAL E 617 -5.42 -29.35 -26.53
N ASP E 618 -5.25 -30.61 -26.93
CA ASP E 618 -5.75 -31.13 -28.21
C ASP E 618 -7.06 -31.88 -27.96
N VAL E 619 -8.05 -31.15 -27.43
CA VAL E 619 -9.40 -31.65 -27.12
C VAL E 619 -10.30 -30.45 -26.88
N PRO E 620 -11.64 -30.51 -27.18
CA PRO E 620 -12.55 -29.37 -26.96
C PRO E 620 -12.52 -28.62 -25.63
N VAL E 621 -12.18 -27.33 -25.66
CA VAL E 621 -12.06 -26.46 -24.47
C VAL E 621 -13.07 -25.31 -24.54
N LYS E 622 -14.14 -25.39 -23.73
CA LYS E 622 -15.18 -24.35 -23.66
C LYS E 622 -15.20 -23.71 -22.28
N GLU E 623 -15.25 -22.37 -22.23
CA GLU E 623 -15.29 -21.58 -20.98
C GLU E 623 -16.72 -21.55 -20.44
N ILE E 624 -16.95 -22.10 -19.24
CA ILE E 624 -18.32 -22.18 -18.72
C ILE E 624 -18.62 -21.28 -17.51
N GLY E 625 -17.64 -20.63 -16.90
CA GLY E 625 -18.00 -19.78 -15.77
C GLY E 625 -16.85 -19.34 -14.93
N THR E 626 -17.11 -19.13 -13.64
CA THR E 626 -16.09 -18.65 -12.70
C THR E 626 -16.29 -19.26 -11.31
N LEU E 627 -15.30 -19.01 -10.45
CA LEU E 627 -15.23 -19.42 -9.04
C LEU E 627 -14.62 -18.23 -8.31
N SER E 628 -15.39 -17.52 -7.47
CA SER E 628 -14.86 -16.31 -6.82
C SER E 628 -14.88 -16.36 -5.29
N ARG E 629 -14.59 -15.19 -4.70
CA ARG E 629 -14.51 -14.88 -3.26
C ARG E 629 -13.31 -15.59 -2.62
N MET F 1 -19.97 -68.53 49.15
CA MET F 1 -19.77 -67.47 48.17
C MET F 1 -21.07 -67.15 47.43
N PRO F 2 -22.00 -66.35 48.03
CA PRO F 2 -23.30 -66.00 47.43
C PRO F 2 -23.31 -64.81 46.45
N LEU F 3 -24.19 -64.91 45.43
CA LEU F 3 -24.34 -63.88 44.38
C LEU F 3 -25.56 -63.01 44.65
N PHE F 4 -25.41 -61.71 44.34
CA PHE F 4 -26.47 -60.70 44.50
C PHE F 4 -26.57 -59.88 43.21
N LYS F 5 -27.66 -60.08 42.47
CA LYS F 5 -27.93 -59.41 41.19
C LYS F 5 -28.42 -57.99 41.42
N PHE F 6 -27.79 -57.02 40.75
CA PHE F 6 -28.13 -55.59 40.87
C PHE F 6 -28.30 -54.96 39.49
N ALA F 7 -28.98 -53.81 39.45
CA ALA F 7 -29.23 -53.04 38.22
C ALA F 7 -29.21 -51.54 38.54
N ILE F 8 -28.18 -50.84 38.06
CA ILE F 8 -28.02 -49.40 38.34
C ILE F 8 -28.61 -48.57 37.19
N ASP F 9 -29.60 -47.74 37.51
CA ASP F 9 -30.24 -46.84 36.54
C ASP F 9 -29.56 -45.47 36.64
N VAL F 10 -28.79 -45.11 35.62
CA VAL F 10 -28.06 -43.82 35.58
C VAL F 10 -28.79 -42.88 34.62
N GLN F 11 -28.98 -41.62 35.03
CA GLN F 11 -29.66 -40.60 34.23
C GLN F 11 -29.01 -39.23 34.42
N TYR F 12 -29.17 -38.35 33.43
CA TYR F 12 -28.65 -36.98 33.53
C TYR F 12 -29.61 -36.21 34.44
N ARG F 13 -29.11 -35.23 35.19
CA ARG F 13 -29.95 -34.43 36.10
C ARG F 13 -31.15 -33.86 35.33
N SER F 14 -32.24 -33.77 36.07
CA SER F 14 -33.56 -33.33 35.59
C SER F 14 -33.56 -31.91 35.01
N ASN F 15 -32.40 -31.25 34.98
CA ASN F 15 -32.33 -29.88 34.43
C ASN F 15 -31.13 -29.74 33.49
N VAL F 16 -30.38 -30.82 33.35
CA VAL F 16 -29.26 -30.86 32.40
C VAL F 16 -29.86 -31.29 31.06
N ARG F 17 -29.69 -30.46 30.03
CA ARG F 17 -30.23 -30.73 28.69
C ARG F 17 -29.55 -31.94 28.04
N ASP F 18 -30.41 -32.78 27.47
CA ASP F 18 -29.99 -34.00 26.76
C ASP F 18 -30.69 -33.92 25.39
N PRO F 19 -30.04 -33.26 24.39
CA PRO F 19 -30.58 -33.11 23.03
C PRO F 19 -30.55 -34.41 22.24
N ARG F 20 -29.82 -35.39 22.76
CA ARG F 20 -29.76 -36.73 22.18
C ARG F 20 -31.15 -37.34 22.38
N GLY F 21 -31.77 -36.89 23.48
CA GLY F 21 -33.09 -37.30 23.91
C GLY F 21 -34.20 -36.43 23.38
N GLU F 22 -33.94 -35.15 23.10
CA GLU F 22 -34.97 -34.27 22.52
C GLU F 22 -35.13 -34.64 21.05
N THR F 23 -34.07 -35.20 20.45
CA THR F 23 -34.02 -35.67 19.06
C THR F 23 -34.87 -36.93 18.93
N ILE F 24 -34.88 -37.76 19.99
CA ILE F 24 -35.67 -38.99 20.02
C ILE F 24 -37.14 -38.67 20.25
N GLU F 25 -37.42 -37.60 20.98
CA GLU F 25 -38.79 -37.16 21.28
C GLU F 25 -39.42 -36.59 20.00
N ARG F 26 -38.59 -35.92 19.18
CA ARG F 26 -38.98 -35.33 17.88
C ARG F 26 -39.52 -36.45 17.00
N VAL F 27 -38.66 -37.42 16.70
CA VAL F 27 -39.03 -38.53 15.82
C VAL F 27 -40.34 -39.16 16.25
N LEU F 28 -40.27 -40.05 17.25
CA LEU F 28 -41.43 -40.82 17.67
C LEU F 28 -42.49 -39.93 18.30
N ARG F 29 -42.68 -38.75 17.73
CA ARG F 29 -43.98 -38.07 17.80
C ARG F 29 -44.40 -37.53 16.43
N GLU F 30 -43.41 -37.17 15.62
CA GLU F 30 -43.67 -36.55 14.31
C GLU F 30 -43.46 -37.54 13.18
N GLU F 31 -42.66 -38.58 13.40
CA GLU F 31 -42.37 -39.59 12.38
C GLU F 31 -43.03 -40.93 12.70
N LYS F 32 -43.31 -41.18 13.98
CA LYS F 32 -43.95 -42.45 14.40
C LYS F 32 -45.24 -42.14 15.16
N GLY F 33 -45.53 -40.84 15.33
CA GLY F 33 -46.75 -40.34 15.97
C GLY F 33 -47.47 -40.92 17.17
N LEU F 34 -46.79 -41.06 18.32
CA LEU F 34 -47.38 -41.61 19.56
C LEU F 34 -47.43 -40.51 20.62
N PRO F 35 -48.50 -40.46 21.47
CA PRO F 35 -48.55 -39.41 22.50
C PRO F 35 -47.60 -39.74 23.65
N VAL F 36 -46.36 -39.30 23.52
CA VAL F 36 -45.34 -39.58 24.52
C VAL F 36 -44.48 -38.35 24.80
N LYS F 37 -44.68 -37.76 25.98
CA LYS F 37 -43.98 -36.53 26.34
C LYS F 37 -42.86 -36.80 27.33
N LYS F 38 -41.89 -35.89 27.38
CA LYS F 38 -40.99 -35.79 28.53
C LYS F 38 -40.13 -37.05 28.66
N LEU F 39 -39.11 -37.15 27.83
CA LEU F 39 -38.34 -38.38 27.69
C LEU F 39 -36.85 -38.13 27.86
N ARG F 40 -36.25 -38.81 28.84
CA ARG F 40 -34.81 -38.66 29.10
C ARG F 40 -34.10 -39.96 28.71
N LEU F 41 -32.82 -39.86 28.32
CA LEU F 41 -32.04 -41.03 27.92
C LEU F 41 -30.78 -41.16 28.77
N GLY F 42 -30.45 -42.40 29.13
CA GLY F 42 -29.28 -42.69 29.97
C GLY F 42 -28.74 -44.12 29.87
N LYS F 43 -27.89 -44.52 30.83
CA LYS F 43 -27.26 -45.84 30.86
C LYS F 43 -27.97 -46.77 31.87
N SER F 44 -27.86 -48.09 31.63
CA SER F 44 -28.43 -49.13 32.50
C SER F 44 -27.39 -50.22 32.69
N ILE F 45 -26.79 -50.23 33.88
CA ILE F 45 -25.71 -51.18 34.20
C ILE F 45 -26.22 -52.28 35.14
N HIS F 46 -26.09 -53.52 34.68
CA HIS F 46 -26.44 -54.73 35.44
C HIS F 46 -25.13 -55.36 35.94
N LEU F 47 -25.05 -55.74 37.22
CA LEU F 47 -23.83 -56.36 37.74
C LEU F 47 -24.14 -57.29 38.93
N GLU F 48 -23.57 -58.49 38.88
CA GLU F 48 -23.71 -59.48 39.96
C GLU F 48 -22.47 -59.36 40.86
N VAL F 49 -22.64 -59.57 42.16
CA VAL F 49 -21.54 -59.36 43.12
C VAL F 49 -21.46 -60.51 44.14
N GLU F 50 -20.22 -60.84 44.53
CA GLU F 50 -19.89 -61.87 45.52
C GLU F 50 -19.48 -61.17 46.83
N ALA F 51 -20.06 -61.58 47.97
CA ALA F 51 -19.74 -61.00 49.28
C ALA F 51 -20.25 -61.92 50.39
N GLU F 52 -20.21 -61.43 51.63
CA GLU F 52 -20.68 -62.17 52.81
C GLU F 52 -22.20 -62.08 52.90
N ASN F 53 -22.72 -60.87 53.12
CA ASN F 53 -24.17 -60.62 53.22
C ASN F 53 -24.63 -59.64 52.14
N LYS F 54 -25.91 -59.27 52.16
CA LYS F 54 -26.51 -58.36 51.17
C LYS F 54 -26.16 -56.90 51.44
N GLU F 55 -25.99 -56.53 52.72
CA GLU F 55 -25.67 -55.15 53.09
C GLU F 55 -24.21 -54.81 52.76
N LYS F 56 -23.32 -55.80 52.76
CA LYS F 56 -21.90 -55.59 52.44
C LYS F 56 -21.68 -55.71 50.93
N ALA F 57 -22.67 -56.26 50.22
CA ALA F 57 -22.66 -56.44 48.77
C ALA F 57 -23.06 -55.12 48.09
N TYR F 58 -24.06 -54.46 48.68
CA TYR F 58 -24.58 -53.16 48.21
C TYR F 58 -23.47 -52.11 48.35
N GLU F 59 -22.56 -52.32 49.30
CA GLU F 59 -21.44 -51.40 49.57
C GLU F 59 -20.43 -51.40 48.41
N ILE F 60 -20.27 -52.55 47.75
CA ILE F 60 -19.34 -52.70 46.62
C ILE F 60 -19.87 -51.95 45.40
N VAL F 61 -21.19 -52.07 45.19
CA VAL F 61 -21.90 -51.41 44.08
C VAL F 61 -21.81 -49.89 44.27
N LYS F 62 -22.12 -49.45 45.49
CA LYS F 62 -22.11 -48.02 45.84
C LYS F 62 -20.68 -47.47 45.74
N LYS F 63 -19.66 -48.33 45.84
CA LYS F 63 -18.27 -47.86 45.73
C LYS F 63 -17.94 -47.67 44.25
N ALA F 64 -18.27 -48.69 43.45
CA ALA F 64 -18.01 -48.73 42.00
C ALA F 64 -18.65 -47.55 41.28
N CYS F 65 -19.77 -47.08 41.80
CA CYS F 65 -20.52 -45.97 41.20
C CYS F 65 -19.86 -44.62 41.46
N GLU F 66 -19.17 -44.46 42.58
CA GLU F 66 -18.57 -43.15 42.90
C GLU F 66 -17.19 -42.97 42.26
N GLU F 67 -16.42 -44.06 42.17
CA GLU F 67 -15.06 -43.97 41.62
C GLU F 67 -14.96 -44.43 40.16
N LEU F 68 -16.08 -44.74 39.48
CA LEU F 68 -15.99 -45.12 38.05
C LEU F 68 -17.29 -44.92 37.28
N LEU F 69 -18.23 -45.86 37.46
CA LEU F 69 -19.50 -45.94 36.73
C LEU F 69 -20.32 -44.65 36.59
N VAL F 70 -20.63 -43.95 37.68
CA VAL F 70 -21.44 -42.74 37.56
C VAL F 70 -20.58 -41.48 37.72
N ASN F 71 -20.85 -40.49 36.86
CA ASN F 71 -20.15 -39.19 36.92
C ASN F 71 -20.95 -38.30 37.87
N PRO F 72 -20.46 -38.12 39.11
CA PRO F 72 -21.19 -37.29 40.08
C PRO F 72 -21.49 -35.84 39.71
N VAL F 73 -20.97 -35.39 38.56
CA VAL F 73 -21.14 -33.99 38.13
C VAL F 73 -22.53 -33.73 37.56
N VAL F 74 -22.96 -34.56 36.60
CA VAL F 74 -24.25 -34.34 35.93
C VAL F 74 -25.12 -35.60 35.90
N GLU F 75 -24.68 -36.69 36.51
CA GLU F 75 -25.47 -37.92 36.49
C GLU F 75 -25.94 -38.28 37.90
N GLU F 76 -27.17 -38.76 38.02
CA GLU F 76 -27.76 -39.20 39.30
C GLU F 76 -28.04 -40.71 39.16
N TYR F 77 -27.91 -41.49 40.23
CA TYR F 77 -28.20 -42.93 40.09
C TYR F 77 -29.12 -43.46 41.20
N GLU F 78 -29.84 -44.52 40.84
CA GLU F 78 -30.77 -45.25 41.71
C GLU F 78 -30.62 -46.73 41.41
N VAL F 79 -30.21 -47.48 42.43
CA VAL F 79 -29.96 -48.92 42.30
C VAL F 79 -31.12 -49.73 42.90
N ARG F 80 -31.40 -50.86 42.27
CA ARG F 80 -32.46 -51.82 42.66
C ARG F 80 -31.94 -53.24 42.50
N GLU F 81 -32.64 -54.23 43.10
CA GLU F 81 -32.24 -55.64 43.04
C GLU F 81 -32.96 -56.37 41.91
N LEU F 82 -32.41 -57.54 41.56
CA LEU F 82 -32.96 -58.43 40.53
C LEU F 82 -32.94 -59.87 41.08
N MET G 1 -54.80 -35.71 29.69
CA MET G 1 -55.45 -36.66 30.61
C MET G 1 -55.51 -38.05 30.01
N PRO G 2 -54.83 -38.99 30.66
CA PRO G 2 -54.07 -38.70 31.87
C PRO G 2 -52.59 -39.02 31.70
N LEU G 3 -51.88 -39.21 32.81
CA LEU G 3 -50.43 -39.36 32.78
C LEU G 3 -50.01 -40.79 33.16
N PHE G 4 -48.79 -41.15 32.83
CA PHE G 4 -48.34 -42.53 32.93
C PHE G 4 -46.82 -42.63 32.80
N LYS G 5 -46.13 -42.71 33.92
CA LYS G 5 -44.66 -42.78 33.94
C LYS G 5 -44.16 -44.22 33.74
N PHE G 6 -43.09 -44.36 32.97
CA PHE G 6 -42.47 -45.67 32.67
C PHE G 6 -40.95 -45.55 32.67
N ALA G 7 -40.31 -46.73 32.57
CA ALA G 7 -38.85 -46.86 32.52
C ALA G 7 -38.51 -48.13 31.76
N ILE G 8 -37.74 -48.01 30.66
CA ILE G 8 -37.33 -49.14 29.84
C ILE G 8 -35.88 -49.52 30.15
N ASP G 9 -35.66 -50.81 30.30
CA ASP G 9 -34.33 -51.34 30.60
C ASP G 9 -33.89 -52.18 29.39
N VAL G 10 -33.12 -51.56 28.52
CA VAL G 10 -32.61 -52.22 27.31
C VAL G 10 -31.26 -52.89 27.62
N GLN G 11 -30.93 -53.95 26.88
CA GLN G 11 -29.69 -54.71 27.07
C GLN G 11 -29.43 -55.57 25.82
N TYR G 12 -28.17 -55.95 25.60
CA TYR G 12 -27.82 -56.84 24.50
C TYR G 12 -28.27 -58.25 24.91
N ARG G 13 -28.74 -59.06 23.97
CA ARG G 13 -29.25 -60.41 24.27
C ARG G 13 -28.19 -61.29 24.94
N SER G 14 -28.65 -62.37 25.59
CA SER G 14 -27.85 -63.34 26.34
C SER G 14 -26.70 -63.95 25.54
N ASN G 15 -26.95 -64.34 24.29
CA ASN G 15 -25.98 -64.98 23.39
C ASN G 15 -24.99 -64.01 22.76
N VAL G 16 -25.34 -62.71 22.65
CA VAL G 16 -24.46 -61.70 22.04
C VAL G 16 -23.52 -61.13 23.11
N ARG G 17 -22.22 -61.23 22.86
CA ARG G 17 -21.22 -60.72 23.80
C ARG G 17 -21.03 -59.22 23.58
N ASP G 18 -21.04 -58.47 24.69
CA ASP G 18 -20.87 -57.02 24.69
C ASP G 18 -19.47 -56.68 25.21
N PRO G 19 -18.55 -56.27 24.31
CA PRO G 19 -17.18 -55.91 24.69
C PRO G 19 -17.12 -54.65 25.55
N ARG G 20 -18.11 -53.76 25.39
CA ARG G 20 -18.21 -52.51 26.16
C ARG G 20 -18.35 -52.87 27.64
N GLY G 21 -19.31 -53.74 27.93
CA GLY G 21 -19.52 -54.18 29.29
C GLY G 21 -18.47 -55.16 29.82
N GLU G 22 -17.70 -55.77 28.92
CA GLU G 22 -16.68 -56.76 29.26
C GLU G 22 -15.33 -56.09 29.55
N THR G 23 -15.10 -54.89 29.00
CA THR G 23 -13.84 -54.18 29.25
C THR G 23 -13.95 -53.45 30.58
N ILE G 24 -15.18 -53.11 30.96
CA ILE G 24 -15.46 -52.43 32.24
C ILE G 24 -15.53 -53.47 33.36
N GLU G 25 -16.03 -54.66 33.03
CA GLU G 25 -16.10 -55.79 33.97
C GLU G 25 -14.67 -56.20 34.33
N ARG G 26 -13.75 -56.13 33.35
CA ARG G 26 -12.33 -56.48 33.54
C ARG G 26 -11.58 -55.37 34.28
N VAL G 27 -12.12 -54.15 34.29
CA VAL G 27 -11.48 -53.04 35.01
C VAL G 27 -11.86 -53.08 36.49
N LEU G 28 -13.15 -53.26 36.76
CA LEU G 28 -13.68 -53.28 38.14
C LEU G 28 -13.20 -54.50 38.94
N ARG G 29 -12.60 -55.50 38.28
CA ARG G 29 -12.14 -56.70 38.99
C ARG G 29 -10.62 -56.78 39.10
N GLU G 30 -9.88 -56.17 38.17
CA GLU G 30 -8.42 -56.26 38.20
C GLU G 30 -7.79 -54.92 38.61
N GLU G 31 -8.30 -53.80 38.13
CA GLU G 31 -7.74 -52.48 38.44
C GLU G 31 -8.34 -51.91 39.73
N LYS G 32 -9.64 -52.15 39.96
CA LYS G 32 -10.30 -51.63 41.17
C LYS G 32 -10.44 -52.73 42.23
N GLY G 33 -10.16 -53.97 41.83
CA GLY G 33 -10.21 -55.11 42.74
C GLY G 33 -11.49 -55.50 43.47
N LEU G 34 -12.63 -55.00 42.99
CA LEU G 34 -13.93 -55.30 43.61
C LEU G 34 -14.48 -56.60 43.03
N PRO G 35 -14.89 -57.51 43.91
CA PRO G 35 -15.39 -58.83 43.48
C PRO G 35 -16.70 -58.71 42.71
N VAL G 36 -16.63 -58.25 41.46
CA VAL G 36 -17.79 -58.22 40.59
C VAL G 36 -17.70 -59.30 39.52
N LYS G 37 -18.79 -60.05 39.35
CA LYS G 37 -18.91 -60.98 38.23
C LYS G 37 -19.87 -60.36 37.22
N LYS G 38 -19.51 -60.43 35.94
CA LYS G 38 -20.49 -60.44 34.87
C LYS G 38 -21.35 -59.24 34.49
N LEU G 39 -20.70 -58.13 34.14
CA LEU G 39 -21.39 -56.90 33.82
C LEU G 39 -22.02 -56.80 32.43
N ARG G 40 -23.28 -56.39 32.38
CA ARG G 40 -23.88 -55.91 31.13
C ARG G 40 -24.09 -54.40 31.17
N LEU G 41 -23.84 -53.75 30.04
CA LEU G 41 -23.98 -52.29 29.95
C LEU G 41 -24.98 -51.94 28.85
N GLY G 42 -26.13 -51.41 29.24
CA GLY G 42 -27.18 -51.05 28.30
C GLY G 42 -27.72 -49.63 28.44
N LYS G 43 -28.92 -49.41 27.90
CA LYS G 43 -29.59 -48.10 27.93
C LYS G 43 -30.83 -48.18 28.80
N SER G 44 -31.17 -47.08 29.50
CA SER G 44 -32.40 -47.02 30.32
C SER G 44 -33.18 -45.76 29.90
N ILE G 45 -34.32 -45.97 29.27
CA ILE G 45 -35.11 -44.85 28.74
C ILE G 45 -36.38 -44.63 29.57
N HIS G 46 -36.50 -43.42 30.12
CA HIS G 46 -37.67 -43.01 30.92
C HIS G 46 -38.59 -42.21 30.00
N LEU G 47 -39.90 -42.47 30.05
CA LEU G 47 -40.86 -41.73 29.21
C LEU G 47 -42.23 -41.68 29.87
N GLU G 48 -42.90 -40.55 29.68
CA GLU G 48 -44.25 -40.30 30.21
C GLU G 48 -45.22 -40.46 29.03
N VAL G 49 -46.31 -41.21 29.23
CA VAL G 49 -47.28 -41.46 28.16
C VAL G 49 -48.65 -40.86 28.54
N GLU G 50 -49.38 -40.42 27.52
CA GLU G 50 -50.71 -39.87 27.72
C GLU G 50 -51.77 -40.68 27.00
N ALA G 51 -52.54 -41.45 27.75
CA ALA G 51 -53.39 -42.50 27.16
C ALA G 51 -54.58 -42.79 28.05
N GLU G 52 -55.35 -43.82 27.68
CA GLU G 52 -56.73 -43.94 28.13
C GLU G 52 -56.82 -44.81 29.39
N ASN G 53 -56.37 -46.06 29.26
CA ASN G 53 -56.26 -46.94 30.42
C ASN G 53 -54.81 -47.30 30.73
N LYS G 54 -54.62 -48.24 31.66
CA LYS G 54 -53.28 -48.72 32.01
C LYS G 54 -52.77 -49.64 30.89
N GLU G 55 -53.73 -50.31 30.25
CA GLU G 55 -53.52 -51.27 29.16
C GLU G 55 -53.04 -50.57 27.89
N LYS G 56 -53.74 -49.49 27.52
CA LYS G 56 -53.45 -48.68 26.31
C LYS G 56 -52.07 -48.00 26.43
N ALA G 57 -51.66 -47.70 27.65
CA ALA G 57 -50.38 -47.03 27.94
C ALA G 57 -49.19 -47.98 27.72
N TYR G 58 -49.32 -49.22 28.18
CA TYR G 58 -48.25 -50.23 28.08
C TYR G 58 -47.99 -50.56 26.60
N GLU G 59 -49.03 -50.66 25.78
CA GLU G 59 -48.85 -51.02 24.36
C GLU G 59 -48.29 -49.84 23.56
N ILE G 60 -48.38 -48.61 24.10
CA ILE G 60 -47.82 -47.42 23.42
C ILE G 60 -46.29 -47.52 23.48
N VAL G 61 -45.79 -47.83 24.68
CA VAL G 61 -44.36 -47.99 24.96
C VAL G 61 -43.79 -49.14 24.13
N LYS G 62 -44.59 -50.19 23.92
CA LYS G 62 -44.20 -51.38 23.15
C LYS G 62 -44.05 -51.07 21.66
N LYS G 63 -44.83 -50.14 21.11
CA LYS G 63 -44.72 -49.80 19.69
C LYS G 63 -43.50 -48.91 19.46
N ALA G 64 -43.21 -48.04 20.43
CA ALA G 64 -42.08 -47.11 20.38
C ALA G 64 -40.76 -47.85 20.51
N CYS G 65 -40.81 -49.08 21.02
CA CYS G 65 -39.62 -49.91 21.17
C CYS G 65 -39.33 -50.68 19.88
N GLU G 66 -40.34 -51.38 19.38
CA GLU G 66 -40.15 -52.29 18.25
C GLU G 66 -39.80 -51.53 16.98
N GLU G 67 -40.01 -50.22 17.00
CA GLU G 67 -39.97 -49.42 15.78
C GLU G 67 -38.79 -48.46 15.81
N LEU G 68 -38.25 -48.22 17.00
CA LEU G 68 -37.15 -47.29 17.18
C LEU G 68 -36.07 -47.56 18.22
N LEU G 69 -36.49 -47.77 19.47
CA LEU G 69 -35.61 -47.58 20.61
C LEU G 69 -34.88 -48.89 20.85
N VAL G 70 -35.60 -50.00 20.67
CA VAL G 70 -35.02 -51.33 20.89
C VAL G 70 -34.85 -51.99 19.52
N ASN G 71 -33.60 -52.27 19.16
CA ASN G 71 -33.30 -52.96 17.90
C ASN G 71 -33.69 -54.43 18.09
N PRO G 72 -34.70 -54.93 17.34
CA PRO G 72 -35.15 -56.32 17.45
C PRO G 72 -34.17 -57.47 17.24
N VAL G 73 -33.03 -57.15 16.60
CA VAL G 73 -32.00 -58.15 16.25
C VAL G 73 -31.04 -58.45 17.41
N VAL G 74 -30.33 -57.45 17.93
CA VAL G 74 -29.35 -57.69 19.00
C VAL G 74 -29.80 -57.22 20.38
N GLU G 75 -30.84 -56.38 20.46
CA GLU G 75 -31.28 -55.87 21.76
C GLU G 75 -32.55 -56.57 22.27
N GLU G 76 -32.58 -56.71 23.60
CA GLU G 76 -33.66 -57.32 24.40
C GLU G 76 -34.14 -56.24 25.36
N TYR G 77 -35.36 -56.32 25.90
CA TYR G 77 -35.81 -55.26 26.81
C TYR G 77 -36.90 -55.74 27.77
N GLU G 78 -37.05 -55.00 28.88
CA GLU G 78 -38.08 -55.23 29.92
C GLU G 78 -38.45 -53.89 30.54
N VAL G 79 -39.74 -53.57 30.52
CA VAL G 79 -40.24 -52.29 31.04
C VAL G 79 -40.92 -52.46 32.40
N ARG G 80 -40.77 -51.43 33.23
CA ARG G 80 -41.32 -51.34 34.59
C ARG G 80 -41.97 -49.97 34.78
N GLU G 81 -43.00 -49.87 35.64
CA GLU G 81 -43.72 -48.62 35.91
C GLU G 81 -42.92 -47.75 36.89
N LEU G 82 -43.37 -46.51 37.08
CA LEU G 82 -42.76 -45.56 38.02
C LEU G 82 -43.87 -44.83 38.80
N MET H 1 19.93 -29.41 23.96
CA MET H 1 20.05 -27.95 23.80
C MET H 1 18.66 -27.33 23.58
N LYS H 2 17.62 -28.18 23.49
CA LYS H 2 16.23 -27.77 23.28
C LYS H 2 15.38 -28.26 24.45
N PRO H 3 14.22 -27.60 24.75
CA PRO H 3 13.34 -28.02 25.88
C PRO H 3 12.72 -29.42 25.78
N ARG H 4 12.40 -29.99 26.93
CA ARG H 4 11.85 -31.35 27.02
C ARG H 4 10.32 -31.34 27.09
N ALA H 5 9.71 -32.19 26.26
CA ALA H 5 8.25 -32.36 26.18
C ALA H 5 7.92 -33.85 26.10
N CYS H 6 6.69 -34.21 26.47
CA CYS H 6 6.27 -35.62 26.44
C CYS H 6 4.79 -35.78 26.04
N VAL H 7 4.52 -36.88 25.35
CA VAL H 7 3.19 -37.29 24.88
C VAL H 7 2.86 -38.62 25.56
N VAL H 8 1.75 -38.66 26.29
CA VAL H 8 1.36 -39.84 27.06
C VAL H 8 0.57 -40.85 26.22
N VAL H 9 1.20 -41.97 25.91
CA VAL H 9 0.55 -43.02 25.10
C VAL H 9 -0.29 -43.92 26.02
N TYR H 10 -1.58 -43.60 26.08
CA TYR H 10 -2.57 -44.37 26.83
C TYR H 10 -3.05 -45.51 25.92
N PRO H 11 -3.34 -46.71 26.48
CA PRO H 11 -3.82 -47.83 25.65
C PRO H 11 -5.11 -47.48 24.91
N GLY H 12 -4.93 -46.99 23.68
CA GLY H 12 -6.03 -46.60 22.84
C GLY H 12 -5.89 -45.24 22.17
N SER H 13 -4.82 -44.50 22.45
CA SER H 13 -4.59 -43.15 21.90
C SER H 13 -4.21 -43.20 20.42
N ASN H 14 -4.80 -42.29 19.65
CA ASN H 14 -4.63 -42.21 18.19
C ASN H 14 -3.81 -41.01 17.75
N CYS H 15 -3.92 -39.87 18.45
CA CYS H 15 -3.19 -38.65 18.06
C CYS H 15 -1.88 -38.49 18.81
N ASP H 16 -1.12 -39.58 18.94
CA ASP H 16 0.18 -39.49 19.62
C ASP H 16 1.27 -39.15 18.61
N ARG H 17 1.18 -39.78 17.43
CA ARG H 17 2.12 -39.60 16.30
C ARG H 17 2.00 -38.18 15.74
N ASP H 18 0.85 -37.55 16.00
CA ASP H 18 0.55 -36.19 15.54
C ASP H 18 1.12 -35.17 16.53
N ALA H 19 1.09 -35.53 17.81
CA ALA H 19 1.58 -34.66 18.90
C ALA H 19 3.11 -34.62 18.86
N TYR H 20 3.73 -35.79 18.66
CA TYR H 20 5.19 -35.97 18.58
C TYR H 20 5.75 -35.10 17.44
N HIS H 21 5.12 -35.23 16.28
CA HIS H 21 5.50 -34.54 15.04
C HIS H 21 5.32 -33.02 15.19
N ALA H 22 4.20 -32.62 15.82
CA ALA H 22 3.88 -31.20 16.02
C ALA H 22 4.86 -30.58 17.02
N LEU H 23 5.39 -31.41 17.90
CA LEU H 23 6.35 -30.96 18.92
C LEU H 23 7.77 -30.91 18.34
N GLU H 24 8.08 -31.84 17.42
CA GLU H 24 9.40 -31.95 16.81
C GLU H 24 9.71 -30.77 15.88
N ILE H 25 8.77 -30.39 15.03
CA ILE H 25 9.00 -29.30 14.07
C ILE H 25 8.71 -27.92 14.68
N ASN H 26 8.62 -27.83 16.01
CA ASN H 26 8.33 -26.54 16.67
C ASN H 26 9.26 -26.28 17.86
N GLY H 27 10.52 -26.69 17.72
CA GLY H 27 11.53 -26.44 18.73
C GLY H 27 11.65 -27.25 20.02
N PHE H 28 10.88 -28.33 20.12
CA PHE H 28 10.93 -29.19 21.31
C PHE H 28 11.67 -30.49 21.01
N GLU H 29 11.89 -31.28 22.07
CA GLU H 29 12.49 -32.61 22.00
C GLU H 29 11.51 -33.57 22.68
N PRO H 30 10.55 -34.10 21.90
CA PRO H 30 9.54 -35.03 22.44
C PRO H 30 10.02 -36.44 22.75
N SER H 31 9.31 -37.08 23.67
CA SER H 31 9.60 -38.46 24.07
C SER H 31 8.30 -39.12 24.54
N TYR H 32 8.00 -40.27 23.96
CA TYR H 32 6.79 -41.03 24.32
C TYR H 32 6.96 -41.61 25.72
N VAL H 33 5.97 -41.33 26.56
CA VAL H 33 5.95 -41.83 27.93
C VAL H 33 4.71 -42.70 28.14
N GLY H 34 4.92 -43.91 28.64
CA GLY H 34 3.80 -44.82 28.88
C GLY H 34 3.34 -44.80 30.31
N LEU H 35 2.71 -45.90 30.73
CA LEU H 35 2.22 -46.03 32.12
C LEU H 35 3.40 -46.47 33.00
N ASP H 36 3.29 -46.21 34.31
CA ASP H 36 4.29 -46.53 35.34
C ASP H 36 5.55 -45.69 35.19
N ASP H 37 5.56 -44.79 34.21
CA ASP H 37 6.68 -43.89 33.91
C ASP H 37 6.59 -42.63 34.79
N LYS H 38 7.71 -41.92 34.92
CA LYS H 38 7.80 -40.70 35.73
C LYS H 38 7.89 -39.48 34.82
N LEU H 39 7.20 -38.41 35.23
CA LEU H 39 7.12 -37.15 34.47
C LEU H 39 7.82 -36.00 35.18
N ASP H 40 8.92 -36.28 35.86
CA ASP H 40 9.66 -35.25 36.62
C ASP H 40 10.55 -34.43 35.69
N ASP H 41 11.24 -35.12 34.78
CA ASP H 41 12.24 -34.57 33.86
C ASP H 41 11.63 -33.71 32.74
N TYR H 42 10.32 -33.72 32.56
CA TYR H 42 9.70 -32.98 31.45
C TYR H 42 9.14 -31.62 31.88
N GLU H 43 9.09 -30.69 30.91
CA GLU H 43 8.62 -29.32 31.13
C GLU H 43 7.20 -29.11 30.57
N LEU H 44 6.80 -29.98 29.64
CA LEU H 44 5.47 -29.91 29.01
C LEU H 44 4.88 -31.31 28.91
N ILE H 45 3.70 -31.51 29.50
CA ILE H 45 3.01 -32.81 29.43
C ILE H 45 1.78 -32.67 28.53
N ILE H 46 1.84 -33.37 27.40
CA ILE H 46 0.76 -33.40 26.41
C ILE H 46 -0.05 -34.68 26.62
N LEU H 47 -1.35 -34.49 26.77
CA LEU H 47 -2.31 -35.60 26.88
C LEU H 47 -3.05 -35.66 25.54
N PRO H 48 -2.62 -36.57 24.64
CA PRO H 48 -3.13 -36.81 23.29
C PRO H 48 -4.60 -37.16 23.02
N GLY H 49 -4.94 -36.97 21.74
CA GLY H 49 -6.28 -37.22 21.26
C GLY H 49 -6.54 -38.65 20.88
N GLY H 50 -7.73 -38.88 20.36
CA GLY H 50 -8.13 -40.20 19.95
C GLY H 50 -9.21 -40.77 20.82
N PHE H 51 -9.18 -42.09 20.99
CA PHE H 51 -10.17 -42.83 21.77
C PHE H 51 -9.47 -43.68 22.84
N SER H 52 -9.05 -43.03 23.93
CA SER H 52 -8.37 -43.70 25.05
C SER H 52 -9.32 -44.71 25.72
N TYR H 53 -8.95 -45.98 25.60
CA TYR H 53 -9.69 -47.14 26.13
C TYR H 53 -11.02 -47.31 25.40
N GLY H 54 -10.93 -46.98 24.11
CA GLY H 54 -12.03 -47.06 23.17
C GLY H 54 -13.28 -46.32 23.56
N ASP H 55 -13.14 -45.38 24.51
CA ASP H 55 -14.22 -44.56 25.08
C ASP H 55 -15.28 -45.49 25.65
N TYR H 56 -14.84 -46.60 26.23
CA TYR H 56 -15.79 -47.65 26.63
C TYR H 56 -16.90 -47.31 27.63
N LEU H 57 -16.66 -46.55 28.70
CA LEU H 57 -17.83 -46.25 29.56
C LEU H 57 -18.25 -44.80 29.30
N ARG H 58 -17.21 -43.99 29.26
CA ARG H 58 -17.25 -42.54 29.05
C ARG H 58 -15.83 -42.17 28.63
N PRO H 59 -15.67 -41.16 27.77
CA PRO H 59 -14.36 -40.73 27.29
C PRO H 59 -13.21 -40.51 28.28
N GLY H 60 -12.21 -41.36 28.13
CA GLY H 60 -11.00 -41.31 28.96
C GLY H 60 -11.16 -41.45 30.45
N ALA H 61 -12.33 -41.90 30.89
CA ALA H 61 -12.65 -42.10 32.32
C ALA H 61 -11.90 -43.31 32.85
N VAL H 62 -11.65 -44.26 31.96
CA VAL H 62 -10.94 -45.52 32.26
C VAL H 62 -9.43 -45.27 32.18
N ALA H 63 -9.08 -44.08 31.72
CA ALA H 63 -7.69 -43.61 31.54
C ALA H 63 -7.36 -42.58 32.63
N ALA H 64 -8.40 -42.02 33.24
CA ALA H 64 -8.24 -41.02 34.30
C ALA H 64 -7.95 -41.75 35.62
N ARG H 65 -8.46 -42.97 35.73
CA ARG H 65 -8.26 -43.84 36.92
C ARG H 65 -7.10 -44.79 36.68
N GLU H 66 -6.05 -44.26 36.04
CA GLU H 66 -4.81 -44.98 35.73
C GLU H 66 -3.69 -44.45 36.63
N LYS H 67 -2.61 -45.22 36.72
CA LYS H 67 -1.45 -44.95 37.59
C LYS H 67 -0.73 -43.63 37.30
N ILE H 68 -0.63 -43.21 36.05
CA ILE H 68 0.09 -41.95 35.75
C ILE H 68 -0.73 -40.70 36.07
N ALA H 69 -1.86 -40.86 36.74
CA ALA H 69 -2.70 -39.73 37.18
C ALA H 69 -2.05 -39.13 38.43
N PHE H 70 -1.52 -40.03 39.24
CA PHE H 70 -0.80 -39.74 40.50
C PHE H 70 0.52 -39.05 40.14
N GLU H 71 0.87 -39.07 38.85
CA GLU H 71 2.10 -38.46 38.33
C GLU H 71 1.78 -37.18 37.56
N ILE H 72 0.56 -37.05 37.05
CA ILE H 72 0.15 -35.83 36.35
C ILE H 72 -0.27 -34.78 37.37
N ALA H 73 -0.95 -35.23 38.44
CA ALA H 73 -1.45 -34.38 39.53
C ALA H 73 -0.29 -33.76 40.30
N LYS H 74 0.78 -34.55 40.46
CA LYS H 74 2.02 -34.17 41.14
C LYS H 74 2.75 -33.09 40.32
N ALA H 75 2.64 -33.20 38.99
CA ALA H 75 3.28 -32.25 38.06
C ALA H 75 2.40 -31.01 37.88
N ALA H 76 1.10 -31.13 38.21
CA ALA H 76 0.14 -30.03 38.11
C ALA H 76 0.31 -29.06 39.28
N GLU H 77 0.38 -29.61 40.49
CA GLU H 77 0.57 -28.83 41.73
C GLU H 77 1.95 -28.17 41.72
N ARG H 78 2.92 -28.84 41.08
CA ARG H 78 4.30 -28.31 40.96
C ARG H 78 4.29 -27.10 40.03
N GLY H 79 3.35 -27.05 39.09
CA GLY H 79 3.25 -25.92 38.17
C GLY H 79 3.73 -26.10 36.73
N LYS H 80 4.07 -27.34 36.35
CA LYS H 80 4.51 -27.63 34.99
C LYS H 80 3.27 -27.60 34.07
N LEU H 81 3.44 -26.94 32.94
CA LEU H 81 2.37 -26.73 31.94
C LEU H 81 1.87 -28.07 31.38
N ILE H 82 0.55 -28.25 31.44
CA ILE H 82 -0.11 -29.47 30.92
C ILE H 82 -1.20 -29.07 29.92
N MET H 83 -1.18 -29.69 28.74
CA MET H 83 -2.16 -29.41 27.68
C MET H 83 -2.80 -30.72 27.23
N GLY H 84 -4.11 -30.78 27.43
CA GLY H 84 -4.86 -31.95 27.03
C GLY H 84 -5.69 -31.53 25.85
N ILE H 85 -5.49 -32.20 24.72
CA ILE H 85 -6.24 -31.90 23.49
C ILE H 85 -7.50 -32.76 23.45
N ASN H 87 -9.23 -35.56 23.20
CA ASN H 87 -9.52 -36.64 24.16
C ASN H 87 -8.85 -36.37 25.51
N GLY H 88 -7.74 -35.64 25.50
CA GLY H 88 -7.01 -35.31 26.72
C GLY H 88 -7.73 -34.38 27.70
N PHE H 89 -8.57 -33.51 27.14
CA PHE H 89 -9.40 -32.54 27.88
C PHE H 89 -10.42 -33.35 28.67
N GLN H 90 -10.94 -34.37 28.00
CA GLN H 90 -11.95 -35.27 28.58
C GLN H 90 -11.34 -36.07 29.73
N ILE H 91 -10.03 -36.25 29.71
CA ILE H 91 -9.31 -37.00 30.74
C ILE H 91 -9.07 -36.10 31.95
N LEU H 92 -8.74 -34.85 31.66
CA LEU H 92 -8.44 -33.82 32.67
C LEU H 92 -9.69 -33.44 33.47
N ILE H 93 -10.88 -33.53 32.87
CA ILE H 93 -12.11 -33.18 33.60
C ILE H 93 -12.51 -34.33 34.53
N GLU H 94 -12.08 -35.54 34.17
CA GLU H 94 -12.39 -36.74 34.97
C GLU H 94 -11.33 -36.92 36.05
N MET H 95 -10.18 -36.24 35.88
CA MET H 95 -9.08 -36.27 36.85
C MET H 95 -9.32 -35.18 37.90
N GLY H 96 -10.06 -34.15 37.48
CA GLY H 96 -10.41 -33.04 38.35
C GLY H 96 -9.50 -31.84 38.31
N LEU H 97 -8.56 -31.83 37.37
CA LEU H 97 -7.60 -30.71 37.21
C LEU H 97 -8.28 -29.58 36.44
N LEU H 98 -9.39 -29.92 35.78
CA LEU H 98 -10.22 -28.98 35.02
C LEU H 98 -11.67 -29.08 35.49
N LYS H 99 -12.34 -27.93 35.53
CA LYS H 99 -13.74 -27.82 35.98
C LYS H 99 -14.73 -28.15 34.86
N GLY H 100 -15.93 -28.60 35.26
CA GLY H 100 -16.99 -28.93 34.31
C GLY H 100 -17.00 -30.36 33.79
N ALA H 101 -17.68 -30.57 32.65
CA ALA H 101 -17.77 -31.89 32.00
C ALA H 101 -18.06 -31.76 30.51
N LEU H 102 -17.72 -32.83 29.78
CA LEU H 102 -17.90 -32.93 28.32
C LEU H 102 -18.82 -34.11 27.99
N LEU H 103 -19.97 -33.75 27.42
CA LEU H 103 -21.06 -34.67 27.03
C LEU H 103 -21.15 -34.74 25.50
N GLN H 104 -22.11 -35.53 25.00
CA GLN H 104 -22.33 -35.77 23.57
C GLN H 104 -22.82 -34.50 22.86
N ASN H 105 -22.39 -34.31 21.60
CA ASN H 105 -22.75 -33.15 20.78
C ASN H 105 -24.26 -33.10 20.60
N SER H 106 -24.85 -31.90 20.55
CA SER H 106 -26.30 -31.74 20.39
C SER H 106 -26.76 -32.40 19.09
N SER H 107 -25.95 -32.20 18.05
CA SER H 107 -26.19 -32.75 16.71
C SER H 107 -25.75 -34.22 16.69
N GLY H 108 -26.39 -34.99 17.57
CA GLY H 108 -26.18 -36.42 17.69
C GLY H 108 -24.85 -37.16 17.53
N LYS H 109 -24.18 -37.03 16.38
CA LYS H 109 -22.90 -37.74 16.20
C LYS H 109 -21.76 -36.81 15.78
N PHE H 110 -20.61 -37.48 15.70
CA PHE H 110 -19.24 -37.06 15.36
C PHE H 110 -19.20 -35.87 14.40
N ILE H 111 -18.27 -34.94 14.67
CA ILE H 111 -18.03 -33.77 13.81
C ILE H 111 -16.53 -33.66 13.53
N CYS H 112 -16.15 -33.70 12.26
CA CYS H 112 -14.76 -33.55 11.81
C CYS H 112 -14.75 -32.48 10.71
N LYS H 113 -14.42 -31.26 11.12
CA LYS H 113 -14.49 -30.09 10.25
C LYS H 113 -13.40 -29.09 10.65
N TRP H 114 -13.19 -28.11 9.79
CA TRP H 114 -12.25 -27.01 10.06
C TRP H 114 -13.07 -25.84 10.62
N VAL H 115 -13.04 -25.70 11.96
CA VAL H 115 -13.81 -24.70 12.71
C VAL H 115 -13.01 -23.42 13.01
N ASP H 116 -13.74 -22.31 12.92
CA ASP H 116 -13.28 -20.95 13.16
C ASP H 116 -13.45 -20.61 14.64
N LEU H 117 -12.36 -20.14 15.27
CA LEU H 117 -12.35 -19.79 16.70
C LEU H 117 -11.81 -18.39 16.94
N ILE H 118 -12.23 -17.83 18.07
CA ILE H 118 -11.79 -16.50 18.54
C ILE H 118 -11.12 -16.69 19.91
N VAL H 119 -9.88 -16.22 20.01
CA VAL H 119 -9.10 -16.33 21.25
C VAL H 119 -9.55 -15.21 22.19
N GLU H 120 -10.39 -15.56 23.16
CA GLU H 120 -10.93 -14.58 24.11
C GLU H 120 -9.89 -14.24 25.18
N ASN H 121 -8.73 -14.89 25.17
CA ASN H 121 -7.75 -14.62 26.23
C ASN H 121 -6.32 -15.01 25.87
N ASN H 122 -5.41 -14.02 25.87
CA ASN H 122 -3.96 -14.28 25.75
C ASN H 122 -3.43 -14.22 27.18
N ASP H 123 -2.23 -13.70 27.46
CA ASP H 123 -1.69 -13.62 28.83
C ASP H 123 -1.65 -15.02 29.46
N THR H 124 -1.95 -16.01 28.62
CA THR H 124 -1.97 -17.44 28.96
C THR H 124 -0.76 -18.09 28.29
N PRO H 125 0.01 -18.90 29.04
CA PRO H 125 1.21 -19.59 28.53
C PRO H 125 1.05 -20.39 27.24
N PHE H 126 -0.19 -20.49 26.75
CA PHE H 126 -0.50 -21.26 25.54
C PHE H 126 -1.08 -20.37 24.45
N THR H 127 -1.40 -19.09 24.75
CA THR H 127 -2.02 -18.22 23.75
C THR H 127 -1.47 -16.79 23.74
N ASN H 128 -0.17 -16.59 23.94
CA ASN H 128 0.40 -15.23 23.98
C ASN H 128 1.02 -14.82 22.65
N ALA H 129 0.95 -15.69 21.62
CA ALA H 129 1.48 -15.40 20.28
C ALA H 129 0.35 -14.91 19.38
N PHE H 130 -0.82 -14.77 20.00
CA PHE H 130 -2.07 -14.31 19.37
C PHE H 130 -2.46 -12.96 19.97
N GLU H 131 -3.26 -12.20 19.22
CA GLU H 131 -3.81 -10.90 19.64
C GLU H 131 -5.05 -11.17 20.50
N LYS H 132 -5.61 -10.16 21.15
CA LYS H 132 -6.81 -10.42 21.97
C LYS H 132 -8.05 -10.45 21.08
N GLY H 133 -8.33 -11.67 20.59
CA GLY H 133 -9.48 -11.90 19.73
C GLY H 133 -9.17 -12.30 18.29
N GLU H 134 -8.04 -12.96 18.05
CA GLU H 134 -7.64 -13.36 16.69
C GLU H 134 -8.52 -14.50 16.18
N LYS H 135 -8.97 -14.35 14.93
CA LYS H 135 -9.82 -15.34 14.25
C LYS H 135 -8.90 -16.42 13.66
N ILE H 136 -8.84 -17.57 14.33
CA ILE H 136 -7.97 -18.68 13.89
C ILE H 136 -8.75 -19.88 13.38
N ARG H 137 -8.15 -20.54 12.39
CA ARG H 137 -8.70 -21.75 11.76
C ARG H 137 -7.88 -22.94 12.23
N ILE H 138 -8.52 -23.74 13.08
CA ILE H 138 -7.92 -24.95 13.69
C ILE H 138 -9.02 -26.01 13.74
N PRO H 139 -8.79 -27.26 13.21
CA PRO H 139 -9.73 -28.39 13.15
C PRO H 139 -10.24 -29.12 14.40
N ILE H 140 -11.27 -29.96 14.25
CA ILE H 140 -11.85 -30.71 15.36
C ILE H 140 -12.14 -32.16 14.95
N ALA H 141 -12.44 -33.00 15.95
CA ALA H 141 -13.13 -34.26 15.70
C ALA H 141 -13.85 -34.75 16.96
N HIS H 142 -15.09 -34.29 17.14
CA HIS H 142 -15.85 -34.61 18.34
C HIS H 142 -16.86 -35.71 18.09
N GLY H 143 -17.10 -36.53 19.10
CA GLY H 143 -18.43 -37.03 19.39
C GLY H 143 -18.93 -36.61 20.76
N PHE H 144 -17.99 -36.28 21.64
CA PHE H 144 -18.33 -35.72 22.96
C PHE H 144 -17.57 -34.41 23.18
N GLY H 145 -18.09 -33.32 22.62
CA GLY H 145 -17.44 -32.03 22.76
C GLY H 145 -18.28 -30.91 23.34
N ARG H 146 -19.43 -31.28 23.91
CA ARG H 146 -20.37 -30.32 24.51
C ARG H 146 -19.91 -29.97 25.93
N TYR H 147 -19.31 -28.79 26.07
CA TYR H 147 -18.84 -28.34 27.38
C TYR H 147 -20.03 -27.82 28.19
N VAL H 148 -19.98 -28.09 29.49
CA VAL H 148 -21.01 -27.63 30.43
C VAL H 148 -20.31 -26.97 31.61
N LYS H 149 -20.62 -25.67 31.79
CA LYS H 149 -20.05 -24.81 32.84
C LYS H 149 -20.66 -25.17 34.19
N ILE H 150 -19.77 -25.39 35.15
CA ILE H 150 -20.17 -25.78 36.52
C ILE H 150 -19.70 -24.72 37.51
N ASP H 151 -18.61 -24.04 37.16
CA ASP H 151 -17.99 -22.99 37.97
C ASP H 151 -17.54 -21.91 37.01
N ASP H 152 -17.48 -20.64 37.44
CA ASP H 152 -17.01 -19.55 36.56
C ASP H 152 -15.55 -19.83 36.21
N VAL H 153 -15.38 -20.62 35.14
CA VAL H 153 -14.05 -21.05 34.68
C VAL H 153 -13.47 -20.03 33.71
N ASN H 154 -12.16 -20.16 33.48
CA ASN H 154 -11.41 -19.25 32.60
C ASN H 154 -11.48 -19.70 31.14
N VAL H 155 -12.30 -18.97 30.40
CA VAL H 155 -12.55 -19.18 28.96
C VAL H 155 -11.34 -18.70 28.16
N VAL H 156 -10.83 -19.54 27.27
CA VAL H 156 -9.65 -19.22 26.45
C VAL H 156 -10.07 -19.16 24.98
N LEU H 157 -10.50 -20.32 24.47
CA LEU H 157 -10.93 -20.47 23.07
C LEU H 157 -12.44 -20.66 23.00
N ARG H 158 -13.05 -19.95 22.06
CA ARG H 158 -14.49 -20.00 21.80
C ARG H 158 -14.74 -20.23 20.32
N TYR H 159 -15.69 -21.10 19.96
CA TYR H 159 -16.03 -21.36 18.55
C TYR H 159 -16.78 -20.14 18.01
N VAL H 160 -16.78 -19.95 16.70
CA VAL H 160 -17.42 -18.79 16.09
C VAL H 160 -18.89 -19.06 15.80
N LYS H 161 -19.26 -20.33 15.79
CA LYS H 161 -20.59 -20.75 15.33
C LYS H 161 -20.88 -22.19 15.74
N ASP H 162 -21.18 -22.38 17.02
CA ASP H 162 -22.38 -23.10 17.44
C ASP H 162 -22.23 -24.60 17.20
N VAL H 163 -21.05 -25.13 17.50
CA VAL H 163 -20.64 -26.42 16.96
C VAL H 163 -21.19 -27.67 17.66
N ASN H 164 -21.11 -27.67 18.98
CA ASN H 164 -21.57 -28.82 19.76
C ASN H 164 -22.75 -28.36 20.61
N GLY H 165 -22.88 -27.04 20.77
CA GLY H 165 -23.91 -26.48 21.61
C GLY H 165 -23.29 -26.42 22.99
N SER H 166 -21.97 -26.27 22.99
CA SER H 166 -21.16 -26.17 24.21
C SER H 166 -21.47 -24.80 24.83
N ASP H 167 -21.76 -24.76 26.14
CA ASP H 167 -22.09 -23.54 26.89
C ASP H 167 -21.12 -22.41 26.52
N GLU H 168 -21.70 -21.25 26.24
CA GLU H 168 -20.96 -20.02 25.87
C GLU H 168 -19.96 -20.28 24.74
N ARG H 169 -20.26 -21.27 23.89
CA ARG H 169 -19.46 -21.68 22.74
C ARG H 169 -18.01 -21.96 23.14
N ILE H 170 -17.84 -22.65 24.26
CA ILE H 170 -16.52 -22.95 24.83
C ILE H 170 -15.81 -24.11 24.15
N ALA H 171 -14.58 -23.82 23.71
CA ALA H 171 -13.68 -24.77 23.03
C ALA H 171 -12.48 -25.10 23.91
N GLY H 172 -12.00 -24.10 24.66
CA GLY H 172 -10.85 -24.30 25.53
C GLY H 172 -10.92 -23.57 26.85
N VAL H 173 -10.54 -24.26 27.93
CA VAL H 173 -10.55 -23.68 29.28
C VAL H 173 -9.18 -23.82 29.95
N LEU H 174 -9.00 -23.08 31.05
CA LEU H 174 -7.76 -23.10 31.83
C LEU H 174 -8.06 -23.43 33.30
N ASN H 175 -6.98 -23.66 34.02
CA ASN H 175 -6.94 -23.99 35.45
C ASN H 175 -7.13 -22.72 36.27
N GLU H 176 -7.04 -22.88 37.60
CA GLU H 176 -7.15 -21.79 38.59
C GLU H 176 -5.88 -20.94 38.46
N SER H 177 -4.75 -21.66 38.54
CA SER H 177 -3.38 -21.14 38.47
C SER H 177 -3.10 -20.69 37.04
N GLY H 178 -3.27 -21.60 36.10
CA GLY H 178 -3.06 -21.30 34.69
C GLY H 178 -2.01 -22.15 34.00
N ASN H 179 -1.73 -23.34 34.55
CA ASN H 179 -0.73 -24.26 34.01
C ASN H 179 -1.38 -25.41 33.25
N VAL H 180 -2.63 -25.74 33.58
CA VAL H 180 -3.34 -26.85 32.90
C VAL H 180 -4.33 -26.28 31.88
N PHE H 181 -4.21 -26.74 30.64
CA PHE H 181 -5.03 -26.30 29.50
C PHE H 181 -5.92 -27.44 28.98
N GLY H 182 -7.19 -27.09 28.79
CA GLY H 182 -8.19 -27.99 28.25
C GLY H 182 -8.56 -27.46 26.88
N LEU H 183 -8.47 -28.30 25.85
CA LEU H 183 -8.74 -27.87 24.47
C LEU H 183 -9.54 -28.93 23.73
N MET H 184 -10.49 -28.49 22.92
CA MET H 184 -11.25 -29.43 22.08
C MET H 184 -10.64 -29.45 20.67
N PRO H 185 -10.40 -28.26 20.04
CA PRO H 185 -9.79 -28.32 18.69
C PRO H 185 -8.36 -28.85 18.69
N HIS H 186 -8.04 -29.64 17.67
CA HIS H 186 -6.72 -30.27 17.50
C HIS H 186 -5.71 -29.26 16.96
N PRO H 187 -4.70 -28.88 17.76
CA PRO H 187 -3.72 -27.92 17.28
C PRO H 187 -2.54 -28.57 16.56
N GLU H 188 -2.38 -29.87 16.80
CA GLU H 188 -1.28 -30.64 16.21
C GLU H 188 -1.55 -30.89 14.72
N ARG H 189 -2.70 -30.43 14.24
CA ARG H 189 -3.07 -30.63 12.82
C ARG H 189 -2.87 -29.34 12.03
N ALA H 190 -2.85 -28.20 12.72
CA ALA H 190 -2.67 -26.90 12.05
C ALA H 190 -1.23 -26.43 12.20
N VAL H 191 -0.28 -27.24 11.73
CA VAL H 191 1.16 -26.96 11.83
C VAL H 191 1.78 -26.78 10.44
N GLU H 192 1.25 -27.51 9.46
CA GLU H 192 1.72 -27.46 8.08
C GLU H 192 0.55 -27.05 7.19
N GLU H 193 0.85 -26.33 6.10
CA GLU H 193 -0.16 -25.85 5.15
C GLU H 193 -0.61 -26.94 4.18
N LEU H 194 0.03 -28.11 4.28
CA LEU H 194 -0.32 -29.27 3.44
C LEU H 194 -1.62 -29.89 3.97
N ILE H 195 -1.70 -30.04 5.30
CA ILE H 195 -2.88 -30.62 5.97
C ILE H 195 -4.02 -29.60 6.07
N GLY H 196 -3.72 -28.29 5.96
CA GLY H 196 -4.73 -27.23 5.98
C GLY H 196 -4.49 -25.80 6.46
N GLY H 197 -3.77 -25.64 7.58
CA GLY H 197 -3.48 -24.33 8.13
C GLY H 197 -2.22 -24.29 8.98
N GLU H 198 -1.85 -23.09 9.43
CA GLU H 198 -0.66 -22.87 10.25
C GLU H 198 -0.99 -22.05 11.50
N ASP H 199 -2.27 -21.72 11.66
CA ASP H 199 -2.79 -20.91 12.76
C ASP H 199 -2.54 -21.58 14.11
N GLY H 200 -2.26 -22.87 14.08
CA GLY H 200 -2.04 -23.62 15.29
C GLY H 200 -0.60 -23.92 15.70
N LYS H 201 0.39 -23.45 14.94
CA LYS H 201 1.78 -23.68 15.36
C LYS H 201 2.21 -22.56 16.32
N LYS H 202 1.30 -21.59 16.46
CA LYS H 202 1.49 -20.44 17.35
C LYS H 202 1.09 -20.81 18.77
N VAL H 203 0.36 -21.91 18.92
CA VAL H 203 -0.06 -22.41 20.24
C VAL H 203 1.17 -22.99 20.93
N PHE H 204 2.08 -23.49 20.09
CA PHE H 204 3.34 -24.09 20.53
C PHE H 204 4.42 -23.01 20.71
N GLN H 205 4.43 -22.00 19.83
CA GLN H 205 5.40 -20.90 19.91
C GLN H 205 5.19 -20.12 21.21
N SER H 206 3.98 -20.22 21.73
CA SER H 206 3.55 -19.55 22.96
C SER H 206 4.10 -20.27 24.19
N ILE H 207 4.37 -21.56 24.07
CA ILE H 207 4.90 -22.35 25.17
C ILE H 207 6.41 -22.13 25.32
N LEU H 208 7.07 -21.90 24.18
CA LEU H 208 8.52 -21.62 24.18
C LEU H 208 8.75 -20.22 24.73
N ASN H 209 7.76 -19.35 24.54
CA ASN H 209 7.81 -17.95 24.97
C ASN H 209 7.63 -17.82 26.48
N TYR H 210 7.01 -18.82 27.12
CA TYR H 210 6.81 -18.81 28.58
C TYR H 210 8.08 -19.30 29.27
N LEU H 211 8.73 -20.27 28.63
CA LEU H 211 9.97 -20.89 29.14
C LEU H 211 11.17 -20.05 28.71
N LYS H 212 10.97 -18.73 28.72
CA LYS H 212 11.88 -17.62 28.38
C LYS H 212 12.87 -18.00 27.27
N LYS I 28 34.69 3.81 32.82
CA LYS I 28 35.04 2.37 32.98
C LYS I 28 36.12 2.15 34.06
N LEU I 29 36.10 3.02 35.08
CA LEU I 29 37.03 3.03 36.22
C LEU I 29 36.35 2.44 37.45
N ARG I 30 35.02 2.25 37.38
CA ARG I 30 34.20 1.72 38.48
C ARG I 30 32.98 0.99 37.92
N TYR I 31 32.64 1.27 36.66
CA TYR I 31 31.51 0.70 35.92
C TYR I 31 31.83 -0.72 35.43
N LEU I 32 33.03 -1.21 35.73
CA LEU I 32 33.51 -2.55 35.34
C LEU I 32 32.80 -3.64 36.14
N ASN I 33 32.65 -3.39 37.45
CA ASN I 33 32.04 -4.30 38.43
C ASN I 33 30.54 -4.48 38.17
N ILE I 34 29.92 -3.47 37.54
CA ILE I 34 28.49 -3.44 37.20
C ILE I 34 28.23 -4.24 35.92
N LEU I 35 29.28 -4.43 35.11
CA LEU I 35 29.23 -5.16 33.84
C LEU I 35 29.44 -6.66 34.06
N LYS I 36 30.29 -7.00 35.03
CA LYS I 36 30.62 -8.40 35.36
C LYS I 36 29.42 -9.17 35.92
N GLU I 37 28.53 -8.49 36.65
CA GLU I 37 27.34 -9.13 37.26
C GLU I 37 26.18 -9.28 36.26
N LYS I 38 26.26 -8.61 35.11
CA LYS I 38 25.21 -8.68 34.08
C LYS I 38 25.59 -9.68 32.98
N LEU I 39 26.89 -10.03 32.91
CA LEU I 39 27.41 -10.98 31.92
C LEU I 39 27.61 -12.35 32.56
N GLY I 40 27.89 -12.36 33.87
CA GLY I 40 28.08 -13.58 34.64
C GLY I 40 29.46 -14.22 34.56
N ARG I 41 30.42 -13.48 34.01
CA ARG I 41 31.82 -13.92 33.82
C ARG I 41 32.71 -12.69 33.61
N GLU I 42 33.95 -12.92 33.16
CA GLU I 42 34.92 -11.87 32.86
C GLU I 42 34.81 -11.48 31.38
N PRO I 43 34.90 -10.15 31.04
CA PRO I 43 34.81 -9.71 29.62
C PRO I 43 36.04 -10.02 28.77
N THR I 44 35.86 -10.29 27.46
CA THR I 44 36.97 -10.55 26.54
C THR I 44 37.60 -9.22 26.10
N PHE I 45 38.67 -9.26 25.30
CA PHE I 45 39.37 -8.04 24.87
C PHE I 45 38.53 -7.26 23.84
N VAL I 46 37.57 -7.96 23.23
CA VAL I 46 36.67 -7.38 22.23
C VAL I 46 35.57 -6.59 22.94
N GLU I 47 35.09 -7.15 24.06
CA GLU I 47 34.00 -6.59 24.88
C GLU I 47 34.50 -5.45 25.77
N LEU I 48 35.74 -5.56 26.27
CA LEU I 48 36.35 -4.55 27.16
C LEU I 48 36.54 -3.23 26.43
N GLN I 49 36.93 -3.30 25.15
CA GLN I 49 37.16 -2.10 24.33
C GLN I 49 35.83 -1.55 23.79
N ALA I 50 34.83 -2.42 23.66
CA ALA I 50 33.51 -2.06 23.14
C ALA I 50 32.72 -1.23 24.15
N PHE I 51 32.71 -1.68 25.41
CA PHE I 51 31.98 -1.02 26.50
C PHE I 51 32.79 0.11 27.15
N SER I 52 34.05 0.27 26.76
CA SER I 52 34.87 1.36 27.32
C SER I 52 34.58 2.65 26.54
N VAL I 53 33.98 2.48 25.35
CA VAL I 53 33.62 3.56 24.43
C VAL I 53 32.10 3.75 24.39
N MET I 54 31.34 2.66 24.56
CA MET I 54 29.87 2.70 24.53
C MET I 54 29.30 3.23 25.86
N TRP I 55 30.02 2.95 26.95
CA TRP I 55 29.61 3.36 28.29
C TRP I 55 30.51 4.49 28.81
N SER I 56 31.00 5.33 27.88
CA SER I 56 31.82 6.49 28.22
C SER I 56 30.87 7.66 28.48
N GLU I 57 31.37 8.86 28.74
CA GLU I 57 30.47 9.98 29.01
C GLU I 57 30.12 10.73 27.71
N HIS I 58 30.72 10.31 26.59
CA HIS I 58 30.43 10.95 25.31
C HIS I 58 29.16 10.37 24.68
N CYS I 59 29.15 9.06 24.38
CA CYS I 59 27.97 8.42 23.77
C CYS I 59 27.33 7.41 24.72
N GLY I 60 27.36 7.73 26.02
CA GLY I 60 26.77 6.86 27.03
C GLY I 60 25.70 7.60 27.82
N TYR I 61 25.99 8.86 28.17
CA TYR I 61 25.13 9.78 28.93
C TYR I 61 24.69 9.15 30.26
N SER I 62 25.63 9.03 31.20
CA SER I 62 25.35 8.43 32.50
C SER I 62 24.84 9.47 33.51
N HIS I 63 25.43 10.68 33.50
CA HIS I 63 25.06 11.75 34.44
C HIS I 63 24.01 12.70 33.86
N THR I 64 23.34 12.34 32.75
CA THR I 64 22.37 13.27 32.13
C THR I 64 21.08 12.60 31.66
N LYS I 65 21.10 11.27 31.41
CA LYS I 65 19.98 10.48 30.88
C LYS I 65 18.67 10.68 31.65
N LYS I 66 18.74 10.71 32.98
CA LYS I 66 17.54 10.85 33.82
C LYS I 66 16.97 12.27 33.79
N TYR I 67 17.83 13.31 33.67
CA TYR I 67 17.38 14.71 33.62
C TYR I 67 16.76 15.02 32.25
N ILE I 68 17.29 14.36 31.21
CA ILE I 68 16.89 14.53 29.80
C ILE I 68 15.48 14.01 29.51
N ARG I 69 14.93 13.17 30.38
CA ARG I 69 13.57 12.64 30.21
C ARG I 69 12.54 13.61 30.83
N ARG I 70 13.00 14.43 31.79
CA ARG I 70 12.19 15.41 32.51
C ARG I 70 11.93 16.67 31.67
N LEU I 71 12.75 16.90 30.64
CA LEU I 71 12.61 18.07 29.76
C LEU I 71 11.57 17.78 28.68
N PRO I 72 10.62 18.72 28.43
CA PRO I 72 9.57 18.53 27.41
C PRO I 72 10.08 18.49 25.96
N LYS I 73 9.86 17.35 25.28
CA LYS I 73 10.30 17.14 23.89
C LYS I 73 9.16 17.39 22.90
N THR I 74 9.41 17.16 21.59
CA THR I 74 8.40 17.34 20.53
C THR I 74 7.80 15.99 20.15
N GLY I 78 7.32 10.49 15.31
CA GLY I 78 8.09 10.03 16.45
C GLY I 78 9.59 10.04 16.20
N ASN I 79 10.13 11.20 15.85
CA ASN I 79 11.56 11.38 15.56
C ASN I 79 12.11 12.56 16.37
N ALA I 80 13.27 12.35 16.99
CA ALA I 80 13.96 13.36 17.81
C ALA I 80 15.02 14.07 16.96
N GLY I 81 14.72 15.32 16.59
CA GLY I 81 15.62 16.14 15.77
C GLY I 81 14.94 16.95 14.66
N VAL I 82 13.65 16.67 14.39
CA VAL I 82 12.85 17.32 13.33
C VAL I 82 11.66 18.08 13.93
N VAL I 83 11.32 19.23 13.32
CA VAL I 83 10.20 20.09 13.72
C VAL I 83 9.38 20.41 12.48
N ASN I 84 8.05 20.33 12.57
CA ASN I 84 7.16 20.64 11.44
C ASN I 84 7.05 22.15 11.25
N LEU I 85 7.25 22.60 10.02
CA LEU I 85 7.23 24.04 9.70
C LEU I 85 5.98 24.43 8.89
N ASP I 86 5.74 23.75 7.77
CA ASP I 86 4.62 24.12 6.89
C ASP I 86 3.70 22.96 6.49
N ASP I 87 3.78 21.80 7.17
CA ASP I 87 2.98 20.59 6.92
C ASP I 87 3.34 19.96 5.57
N TYR I 88 4.03 20.78 4.78
CA TYR I 88 4.56 20.48 3.44
C TYR I 88 6.04 20.19 3.72
N TYR I 89 6.69 21.06 4.51
CA TYR I 89 8.11 20.93 4.87
C TYR I 89 8.33 20.82 6.39
N SER I 90 9.56 20.43 6.75
CA SER I 90 10.01 20.28 8.15
C SER I 90 11.53 20.46 8.24
N VAL I 91 11.96 21.28 9.21
CA VAL I 91 13.38 21.60 9.43
C VAL I 91 13.97 20.64 10.47
N ALA I 92 15.15 20.10 10.16
CA ALA I 92 15.88 19.17 11.05
C ALA I 92 17.14 19.86 11.58
N PHE I 93 17.30 19.91 12.89
CA PHE I 93 18.49 20.55 13.47
C PHE I 93 18.94 19.88 14.77
N LYS I 94 20.24 19.96 15.00
CA LYS I 94 20.90 19.39 16.19
C LYS I 94 22.21 20.16 16.41
N ILE I 95 22.72 20.07 17.61
CA ILE I 95 23.98 20.72 18.00
C ILE I 95 24.84 19.70 18.73
N GLU I 96 26.12 19.62 18.35
CA GLU I 96 27.06 18.70 19.01
C GLU I 96 28.23 19.51 19.55
N SER I 97 28.96 18.88 20.48
CA SER I 97 30.11 19.53 21.14
C SER I 97 31.39 18.74 20.92
N HIS I 98 32.32 19.41 20.25
CA HIS I 98 33.65 18.84 20.00
C HIS I 98 34.68 19.78 20.62
N ASN I 99 34.78 19.74 21.95
CA ASN I 99 35.69 20.56 22.75
C ASN I 99 37.01 19.83 23.01
N HIS I 100 36.89 18.51 23.16
CA HIS I 100 37.99 17.59 23.47
C HIS I 100 38.96 17.47 22.28
N PRO I 101 38.49 17.13 21.03
CA PRO I 101 39.52 17.06 19.98
C PRO I 101 40.07 18.42 19.56
N SER I 102 39.36 19.50 19.95
CA SER I 102 39.73 20.89 19.66
C SER I 102 40.78 21.37 20.66
N ALA I 103 40.89 20.68 21.80
CA ALA I 103 41.85 21.00 22.86
C ALA I 103 43.27 20.69 22.37
N ILE I 104 43.48 19.47 21.87
CA ILE I 104 44.77 18.99 21.37
C ILE I 104 45.13 19.66 20.04
N GLU I 105 44.23 19.61 19.07
CA GLU I 105 44.44 20.23 17.75
C GLU I 105 43.22 21.08 17.34
N PRO I 106 43.41 22.42 17.24
CA PRO I 106 42.35 23.35 16.85
C PRO I 106 41.72 23.22 15.46
N TYR I 107 42.53 23.27 14.39
CA TYR I 107 42.04 23.17 13.01
C TYR I 107 41.33 21.83 12.79
N ASN I 108 42.08 20.72 12.82
CA ASN I 108 41.53 19.39 12.57
C ASN I 108 40.53 18.97 13.65
N GLY I 109 40.27 19.85 14.62
CA GLY I 109 39.30 19.57 15.68
C GLY I 109 37.92 20.13 15.38
N ALA I 110 37.88 21.42 15.03
CA ALA I 110 36.64 22.14 14.69
C ALA I 110 36.16 21.63 13.34
N ALA I 111 37.12 21.31 12.47
CA ALA I 111 36.88 20.77 11.11
C ALA I 111 36.14 19.43 11.26
N THR I 112 36.68 18.58 12.13
CA THR I 112 36.10 17.26 12.44
C THR I 112 34.70 17.46 13.02
N GLY I 113 34.54 18.54 13.80
CA GLY I 113 33.27 18.90 14.43
C GLY I 113 32.10 19.16 13.49
N VAL I 114 32.35 19.92 12.42
CA VAL I 114 31.34 20.25 11.40
C VAL I 114 30.96 18.96 10.66
N GLY I 115 31.91 18.03 10.52
CA GLY I 115 31.68 16.76 9.87
C GLY I 115 30.68 15.85 10.55
N GLY I 116 30.88 15.63 11.86
CA GLY I 116 30.00 14.78 12.63
C GLY I 116 28.58 15.28 12.87
N ILE I 117 28.39 16.60 12.77
CA ILE I 117 27.07 17.21 12.98
C ILE I 117 26.31 17.30 11.67
N ILE I 118 27.03 17.48 10.55
CA ILE I 118 26.41 17.56 9.22
C ILE I 118 25.77 16.22 8.88
N ARG I 119 26.41 15.13 9.31
CA ARG I 119 25.92 13.77 9.03
C ARG I 119 24.70 13.43 9.88
N ASP I 120 24.65 13.94 11.12
CA ASP I 120 23.54 13.68 12.05
C ASP I 120 22.26 14.36 11.59
N VAL I 121 22.38 15.30 10.66
CA VAL I 121 21.25 16.04 10.08
C VAL I 121 20.83 15.34 8.78
N LEU I 122 21.83 14.82 8.05
CA LEU I 122 21.62 14.13 6.77
C LEU I 122 20.92 12.79 6.99
N ALA I 123 21.07 12.21 8.18
CA ALA I 123 20.47 10.92 8.56
C ALA I 123 18.94 11.02 8.61
N MET I 124 18.41 12.24 8.58
CA MET I 124 16.96 12.49 8.61
C MET I 124 16.44 12.77 7.20
N GLY I 125 17.34 12.68 6.21
CA GLY I 125 17.01 12.90 4.80
C GLY I 125 16.95 14.35 4.37
N ALA I 126 17.54 15.21 5.19
CA ALA I 126 17.54 16.66 4.94
C ALA I 126 18.85 17.12 4.30
N ARG I 127 18.72 18.14 3.46
CA ARG I 127 19.90 18.76 2.83
C ARG I 127 20.41 19.79 3.84
N PRO I 128 21.67 19.65 4.28
CA PRO I 128 22.26 20.59 5.23
C PRO I 128 22.17 22.00 4.62
N THR I 129 21.35 22.84 5.25
CA THR I 129 21.11 24.20 4.74
C THR I 129 21.71 25.31 5.60
N ALA I 130 22.19 25.04 6.81
CA ALA I 130 22.76 26.11 7.65
C ALA I 130 23.58 25.56 8.81
N ILE I 131 24.78 26.13 9.04
CA ILE I 131 25.61 25.72 10.18
C ILE I 131 25.93 26.93 11.06
N PHE I 132 26.04 26.66 12.37
CA PHE I 132 26.37 27.67 13.38
C PHE I 132 27.59 27.23 14.19
N ASP I 133 28.41 28.19 14.62
CA ASP I 133 29.62 27.86 15.40
C ASP I 133 29.65 28.66 16.71
N SER I 134 29.51 27.95 17.83
CA SER I 134 29.53 28.61 19.14
C SER I 134 30.92 28.43 19.77
N LEU I 135 31.75 29.45 19.56
CA LEU I 135 33.15 29.46 20.03
C LEU I 135 33.30 30.23 21.33
N HIS I 136 34.08 29.65 22.24
CA HIS I 136 34.41 30.20 23.56
C HIS I 136 35.90 29.95 23.80
N MET I 137 36.73 30.99 23.62
CA MET I 137 38.19 30.88 23.73
C MET I 137 38.79 32.06 24.50
N SER I 138 40.14 32.09 24.61
CA SER I 138 40.91 33.14 25.30
C SER I 138 41.24 34.29 24.35
N ARG I 139 41.43 33.92 23.08
CA ARG I 139 41.74 34.83 21.98
C ARG I 139 41.12 34.22 20.71
N ILE I 140 40.87 35.03 19.69
CA ILE I 140 40.32 34.51 18.42
C ILE I 140 41.35 33.60 17.77
N ILE I 141 41.36 32.32 18.18
CA ILE I 141 42.31 31.31 17.68
C ILE I 141 42.06 31.07 16.20
N ASP I 142 42.99 31.56 15.38
CA ASP I 142 42.95 31.47 13.90
C ASP I 142 42.75 30.02 13.47
N GLY I 143 43.23 29.09 14.30
CA GLY I 143 43.11 27.67 14.05
C GLY I 143 41.70 27.10 14.06
N ILE I 144 40.91 27.41 15.08
CA ILE I 144 39.52 26.92 15.21
C ILE I 144 38.63 27.57 14.16
N ILE I 145 38.87 28.86 13.90
CA ILE I 145 38.12 29.65 12.92
C ILE I 145 38.31 29.06 11.51
N GLU I 146 39.57 28.93 11.07
CA GLU I 146 39.91 28.36 9.75
C GLU I 146 39.41 26.92 9.64
N GLY I 147 39.11 26.31 10.80
CA GLY I 147 38.62 24.94 10.86
C GLY I 147 37.23 24.77 10.33
N ILE I 148 36.34 25.61 10.84
CA ILE I 148 34.93 25.61 10.43
C ILE I 148 34.82 26.13 8.99
N ALA I 149 35.73 27.03 8.61
CA ALA I 149 35.77 27.68 7.29
C ALA I 149 36.09 26.69 6.17
N ASP I 150 37.28 26.11 6.20
CA ASP I 150 37.76 25.18 5.16
C ASP I 150 36.85 23.95 5.04
N TYR I 151 36.01 23.71 6.04
CA TYR I 151 35.12 22.54 5.97
C TYR I 151 33.72 22.96 5.52
N GLY I 152 33.16 23.97 6.18
CA GLY I 152 31.81 24.46 5.86
C GLY I 152 31.65 24.97 4.45
N ASN I 153 32.66 25.69 3.98
CA ASN I 153 32.67 26.27 2.64
C ASN I 153 32.85 25.18 1.58
N SER I 154 33.57 24.11 1.93
CA SER I 154 33.85 23.02 0.98
C SER I 154 32.64 22.12 0.73
N ILE I 155 31.65 22.15 1.61
CA ILE I 155 30.47 21.29 1.44
C ILE I 155 29.26 22.09 0.95
N GLY I 156 29.45 23.40 0.80
CA GLY I 156 28.38 24.27 0.31
C GLY I 156 27.19 24.46 1.23
N VAL I 157 27.51 24.50 2.51
CA VAL I 157 26.53 24.71 3.60
C VAL I 157 26.85 26.07 4.22
N PRO I 158 25.95 27.05 4.09
CA PRO I 158 26.22 28.36 4.66
C PRO I 158 26.34 28.47 6.18
N THR I 159 27.42 29.12 6.60
CA THR I 159 27.65 29.38 8.03
C THR I 159 27.01 30.75 8.31
N VAL I 160 25.71 30.71 8.61
CA VAL I 160 24.89 31.91 8.78
C VAL I 160 24.87 32.48 10.20
N GLY I 161 25.93 32.27 10.97
CA GLY I 161 25.96 32.84 12.31
C GLY I 161 26.61 31.98 13.36
N GLY I 162 26.89 32.57 14.50
CA GLY I 162 27.51 31.83 15.57
C GLY I 162 27.90 32.76 16.67
N GLU I 163 28.45 32.18 17.74
CA GLU I 163 28.90 32.95 18.92
C GLU I 163 30.42 33.08 18.93
N LEU I 164 30.87 34.09 19.69
CA LEU I 164 32.28 34.43 19.87
C LEU I 164 32.47 35.06 21.26
N ARG I 165 32.27 34.24 22.29
CA ARG I 165 32.43 34.67 23.68
C ARG I 165 33.90 34.50 24.07
N ILE I 166 34.64 35.62 23.99
CA ILE I 166 36.08 35.64 24.30
C ILE I 166 36.33 36.13 25.73
N SER I 167 36.92 35.24 26.55
CA SER I 167 37.29 35.50 27.95
C SER I 167 38.43 34.56 28.35
N SER I 168 39.28 35.06 29.24
CA SER I 168 40.46 34.34 29.76
C SER I 168 40.08 33.23 30.73
N LEU I 169 38.78 33.01 30.90
CA LEU I 169 38.29 31.92 31.75
C LEU I 169 38.29 30.60 30.99
N TYR I 170 38.30 30.67 29.67
CA TYR I 170 38.26 29.48 28.83
C TYR I 170 39.66 29.07 28.39
N ALA I 171 40.67 29.75 28.92
CA ALA I 171 41.98 29.81 28.28
C ALA I 171 42.49 28.41 27.95
N HIS I 172 42.52 27.54 28.95
CA HIS I 172 43.07 26.19 28.79
C HIS I 172 41.94 25.18 28.53
N ASN I 173 40.76 25.68 28.22
CA ASN I 173 39.61 24.79 27.97
C ASN I 173 38.64 25.47 27.00
N PRO I 174 38.88 25.33 25.68
CA PRO I 174 37.97 25.96 24.71
C PRO I 174 36.77 25.07 24.37
N LEU I 175 35.67 25.74 24.01
CA LEU I 175 34.41 25.06 23.66
C LEU I 175 34.03 25.41 22.21
N VAL I 176 33.65 24.38 21.46
CA VAL I 176 33.24 24.51 20.07
C VAL I 176 31.93 23.73 19.88
N ASN I 177 30.82 24.47 19.85
CA ASN I 177 29.49 23.87 19.62
C ASN I 177 28.99 24.24 18.23
N VAL I 178 29.00 23.25 17.35
CA VAL I 178 28.56 23.44 15.97
C VAL I 178 27.11 22.99 15.83
N LEU I 179 26.27 23.83 15.23
CA LEU I 179 24.85 23.49 15.05
C LEU I 179 24.52 23.41 13.55
N ALA I 180 24.27 22.18 13.07
CA ALA I 180 23.89 21.98 11.67
C ALA I 180 22.37 21.94 11.56
N ALA I 181 21.85 22.44 10.44
CA ALA I 181 20.40 22.48 10.20
C ALA I 181 20.11 22.06 8.76
N GLY I 182 18.95 21.43 8.56
CA GLY I 182 18.57 20.98 7.23
C GLY I 182 17.08 21.00 6.98
N VAL I 183 16.70 21.17 5.72
CA VAL I 183 15.28 21.21 5.32
C VAL I 183 14.93 19.88 4.64
N VAL I 184 13.69 19.43 4.82
CA VAL I 184 13.23 18.17 4.22
C VAL I 184 11.71 18.17 4.08
N ARG I 185 11.20 17.44 3.09
CA ARG I 185 9.76 17.26 2.88
C ARG I 185 9.30 16.21 3.89
N ASN I 186 8.04 16.24 4.31
CA ASN I 186 7.55 15.27 5.30
C ASN I 186 7.22 13.93 4.66
N ASP I 187 7.02 13.93 3.34
CA ASP I 187 6.70 12.72 2.56
C ASP I 187 7.97 12.03 2.05
N MET I 188 9.13 12.52 2.51
CA MET I 188 10.45 11.99 2.13
C MET I 188 11.30 11.77 3.39
N LEU I 189 10.71 11.92 4.58
CA LEU I 189 11.42 11.78 5.86
C LEU I 189 11.92 10.35 6.09
N VAL I 190 13.10 10.28 6.71
CA VAL I 190 13.79 9.02 7.02
C VAL I 190 13.80 8.81 8.54
N ASP I 191 13.66 7.55 8.92
CA ASP I 191 13.66 7.09 10.32
C ASP I 191 15.10 7.04 10.85
N SER I 192 15.27 6.61 12.10
CA SER I 192 16.59 6.46 12.72
C SER I 192 16.64 5.15 13.51
N LYS I 193 15.95 4.14 12.97
CA LYS I 193 15.82 2.79 13.55
C LYS I 193 15.45 1.77 12.46
N ALA I 194 15.77 0.50 12.71
CA ALA I 194 15.41 -0.61 11.82
C ALA I 194 14.00 -1.05 12.25
N SER I 195 13.04 -0.93 11.34
CA SER I 195 11.64 -1.23 11.66
C SER I 195 11.32 -2.73 11.69
N ARG I 196 11.61 -3.48 10.62
CA ARG I 196 11.23 -4.91 10.57
C ARG I 196 12.44 -5.81 10.28
N PRO I 197 12.36 -7.13 10.65
CA PRO I 197 13.45 -8.09 10.39
C PRO I 197 13.46 -8.58 8.94
N GLY I 198 14.62 -9.02 8.48
CA GLY I 198 14.78 -9.46 7.09
C GLY I 198 15.40 -8.32 6.28
N GLN I 199 15.72 -7.23 6.99
CA GLN I 199 16.35 -6.01 6.45
C GLN I 199 17.87 -6.11 6.62
N VAL I 200 18.61 -5.34 5.81
CA VAL I 200 20.08 -5.31 5.84
C VAL I 200 20.58 -3.87 6.07
N ILE I 201 21.69 -3.75 6.79
CA ILE I 201 22.32 -2.44 7.06
C ILE I 201 23.55 -2.30 6.16
N VAL I 202 23.56 -1.24 5.35
CA VAL I 202 24.67 -0.96 4.42
C VAL I 202 25.50 0.20 4.96
N ILE I 203 26.83 0.00 4.97
CA ILE I 203 27.81 0.99 5.39
C ILE I 203 28.52 1.49 4.13
N PHE I 204 28.55 2.82 3.94
CA PHE I 204 29.24 3.41 2.78
C PHE I 204 29.89 4.73 3.19
N GLY I 205 30.64 5.30 2.26
CA GLY I 205 31.32 6.56 2.51
C GLY I 205 32.79 6.36 2.32
N GLY I 206 33.60 7.01 3.16
CA GLY I 206 35.04 6.88 3.07
C GLY I 206 35.58 5.52 3.50
N ALA I 207 36.90 5.41 3.49
CA ALA I 207 37.58 4.17 3.91
C ALA I 207 37.57 4.09 5.43
N THR I 208 37.50 2.86 5.97
CA THR I 208 37.48 2.60 7.42
C THR I 208 38.88 2.14 7.86
N GLY I 209 39.65 3.03 8.51
CA GLY I 209 41.01 2.70 8.95
C GLY I 209 41.34 2.80 10.43
N ARG I 210 42.63 3.03 10.74
CA ARG I 210 43.10 3.15 12.13
C ARG I 210 43.07 4.61 12.59
N ASP I 211 41.91 5.00 13.13
CA ASP I 211 41.65 6.36 13.63
C ASP I 211 41.16 6.30 15.08
N GLY I 212 41.06 5.09 15.64
CA GLY I 212 40.62 4.91 17.02
C GLY I 212 40.62 3.47 17.47
N THR I 229 47.03 12.00 21.12
CA THR I 229 48.30 12.46 20.53
C THR I 229 48.86 11.37 19.59
N LYS I 230 48.12 10.28 19.45
CA LYS I 230 48.52 9.21 18.54
C LYS I 230 47.31 8.61 17.83
N LEU I 231 46.41 8.01 18.61
CA LEU I 231 45.32 7.22 18.05
C LEU I 231 43.99 7.95 18.17
N SER I 232 44.02 9.27 17.99
CA SER I 232 42.89 10.11 18.32
C SER I 232 42.82 11.35 17.43
N ILE I 233 43.88 11.55 16.64
CA ILE I 233 43.94 12.67 15.71
C ILE I 233 43.65 12.22 14.28
N GLN I 234 42.70 12.89 13.64
CA GLN I 234 42.27 12.53 12.28
C GLN I 234 41.89 13.79 11.51
N VAL I 235 42.18 13.81 10.21
CA VAL I 235 41.83 14.97 9.38
C VAL I 235 40.54 14.64 8.62
N GLY I 236 39.69 15.65 8.48
CA GLY I 236 38.44 15.48 7.77
C GLY I 236 38.62 15.70 6.28
N ASP I 237 37.83 14.97 5.48
CA ASP I 237 37.80 15.04 4.02
C ASP I 237 36.47 15.69 3.62
N PRO I 238 36.39 17.06 3.65
CA PRO I 238 35.14 17.72 3.28
C PRO I 238 34.61 17.42 1.87
N PHE I 239 35.50 16.96 0.99
CA PHE I 239 35.13 16.62 -0.39
C PHE I 239 34.31 15.32 -0.36
N ALA I 240 34.76 14.33 0.41
CA ALA I 240 34.03 13.05 0.49
C ALA I 240 32.67 13.28 1.18
N GLU I 241 32.61 14.29 2.06
CA GLU I 241 31.39 14.64 2.81
C GLU I 241 30.33 15.18 1.85
N LYS I 242 30.77 15.95 0.85
CA LYS I 242 29.84 16.49 -0.16
C LYS I 242 29.36 15.35 -1.05
N MET I 243 30.25 14.41 -1.39
CA MET I 243 29.88 13.26 -2.22
C MET I 243 28.99 12.30 -1.44
N LEU I 244 29.05 12.41 -0.12
CA LEU I 244 28.25 11.60 0.79
C LEU I 244 26.84 12.21 0.88
N ILE I 245 26.77 13.54 0.84
CA ILE I 245 25.50 14.25 0.92
C ILE I 245 24.68 14.02 -0.35
N GLU I 246 25.29 14.26 -1.52
CA GLU I 246 24.62 14.09 -2.81
C GLU I 246 24.36 12.61 -3.12
N ALA I 247 25.08 11.71 -2.45
CA ALA I 247 24.88 10.27 -2.64
C ALA I 247 23.63 9.82 -1.86
N PHE I 248 23.57 10.21 -0.57
CA PHE I 248 22.48 9.88 0.36
C PHE I 248 21.16 10.49 -0.11
N LEU I 249 21.18 11.76 -0.51
CA LEU I 249 19.97 12.46 -0.95
C LEU I 249 19.41 11.92 -2.28
N GLU I 250 20.16 11.08 -2.99
CA GLU I 250 19.64 10.48 -4.23
C GLU I 250 19.01 9.13 -3.88
N MET I 251 19.50 8.54 -2.79
CA MET I 251 19.02 7.26 -2.25
C MET I 251 17.66 7.49 -1.57
N VAL I 252 17.48 8.69 -1.03
CA VAL I 252 16.24 9.11 -0.34
C VAL I 252 15.13 9.29 -1.38
N GLU I 253 15.42 10.05 -2.44
CA GLU I 253 14.46 10.33 -3.52
C GLU I 253 14.16 9.08 -4.34
N GLU I 254 15.04 8.08 -4.25
CA GLU I 254 14.85 6.80 -4.95
C GLU I 254 13.99 5.89 -4.06
N GLY I 255 13.75 6.36 -2.82
CA GLY I 255 12.96 5.66 -1.83
C GLY I 255 13.55 4.35 -1.32
N LEU I 256 14.87 4.32 -1.20
CA LEU I 256 15.56 3.10 -0.76
C LEU I 256 16.01 3.24 0.71
N VAL I 257 15.76 4.40 1.31
CA VAL I 257 16.17 4.60 2.71
C VAL I 257 14.97 4.43 3.64
N GLU I 258 15.05 3.37 4.47
CA GLU I 258 14.02 2.98 5.43
C GLU I 258 14.49 3.29 6.86
N GLY I 259 15.75 3.72 6.99
CA GLY I 259 16.33 4.07 8.28
C GLY I 259 17.80 4.39 8.11
N ALA I 260 18.36 5.25 8.97
CA ALA I 260 19.77 5.64 8.87
C ALA I 260 20.31 6.26 10.16
N GLN I 261 21.64 6.18 10.32
CA GLN I 261 22.37 6.75 11.46
C GLN I 261 23.80 7.12 11.02
N ASP I 262 24.31 8.20 11.61
CA ASP I 262 25.66 8.70 11.33
C ASP I 262 26.70 7.87 12.06
N LEU I 263 27.93 7.90 11.56
CA LEU I 263 29.04 7.19 12.20
C LEU I 263 30.07 8.22 12.69
N GLY I 264 29.87 8.64 13.93
CA GLY I 264 30.75 9.60 14.56
C GLY I 264 31.49 8.83 15.64
N ALA I 265 31.10 9.09 16.88
CA ALA I 265 31.66 8.43 18.06
C ALA I 265 31.27 6.95 18.09
N GLY I 266 32.23 6.09 18.41
CA GLY I 266 31.99 4.65 18.47
C GLY I 266 32.06 3.93 17.13
N GLY I 267 31.65 4.63 16.07
CA GLY I 267 31.69 4.06 14.73
C GLY I 267 30.65 3.01 14.43
N VAL I 268 31.08 1.93 13.75
CA VAL I 268 30.25 0.80 13.30
C VAL I 268 29.50 0.17 14.48
N LEU I 269 30.13 0.18 15.66
CA LEU I 269 29.55 -0.38 16.89
C LEU I 269 28.37 0.45 17.36
N SER I 270 28.60 1.74 17.60
CA SER I 270 27.58 2.68 18.10
C SER I 270 26.58 3.08 17.02
N ALA I 271 26.74 2.58 15.80
CA ALA I 271 25.80 2.93 14.72
C ALA I 271 24.82 1.77 14.46
N THR I 272 25.34 0.56 14.24
CA THR I 272 24.51 -0.62 13.97
C THR I 272 23.77 -1.08 15.23
N SER I 273 24.33 -0.76 16.41
CA SER I 273 23.70 -1.15 17.68
C SER I 273 22.55 -0.21 18.04
N GLU I 274 22.71 1.09 17.77
CA GLU I 274 21.67 2.09 18.07
C GLU I 274 20.58 2.11 16.98
N LEU I 275 20.81 1.38 15.88
CA LEU I 275 19.85 1.29 14.76
C LEU I 275 18.83 0.17 15.02
N VAL I 276 19.17 -0.76 15.90
CA VAL I 276 18.30 -1.89 16.24
C VAL I 276 17.88 -1.84 17.71
N ALA I 277 18.42 -0.86 18.46
CA ALA I 277 18.12 -0.68 19.90
C ALA I 277 16.86 0.15 20.08
N LYS I 278 16.59 1.04 19.12
CA LYS I 278 15.39 1.88 19.13
C LYS I 278 14.27 1.17 18.36
N GLY I 279 14.57 -0.05 17.91
CA GLY I 279 13.62 -0.88 17.17
C GLY I 279 13.28 -2.16 17.92
N ASN I 280 14.03 -2.39 19.02
CA ASN I 280 13.92 -3.54 19.94
C ASN I 280 14.29 -4.87 19.27
N LEU I 281 14.93 -4.78 18.10
CA LEU I 281 15.35 -5.94 17.30
C LEU I 281 16.86 -6.16 17.45
N GLY I 282 17.41 -7.05 16.63
CA GLY I 282 18.85 -7.37 16.70
C GLY I 282 19.60 -7.29 15.38
N ALA I 283 20.87 -7.74 15.38
CA ALA I 283 21.70 -7.69 14.17
C ALA I 283 22.91 -8.63 14.24
N ILE I 284 23.27 -9.19 13.07
CA ILE I 284 24.45 -10.06 12.88
C ILE I 284 25.43 -9.25 12.02
N VAL I 285 26.54 -8.79 12.58
CA VAL I 285 27.49 -7.96 11.82
C VAL I 285 28.68 -8.77 11.29
N HIS I 286 28.86 -8.70 9.97
CA HIS I 286 29.98 -9.34 9.25
C HIS I 286 31.03 -8.24 8.98
N LEU I 287 32.15 -8.26 9.70
CA LEU I 287 33.19 -7.22 9.61
C LEU I 287 34.15 -7.41 8.43
N ASP I 288 34.02 -8.50 7.68
CA ASP I 288 34.89 -8.78 6.52
C ASP I 288 34.42 -7.99 5.29
N ARG I 289 33.19 -7.49 5.39
CA ARG I 289 32.52 -6.75 4.31
C ARG I 289 32.68 -5.24 4.48
N VAL I 290 33.36 -4.79 5.53
CA VAL I 290 33.57 -3.36 5.79
C VAL I 290 34.71 -2.84 4.90
N PRO I 291 34.52 -1.70 4.17
CA PRO I 291 35.55 -1.12 3.30
C PRO I 291 36.81 -0.72 4.07
N LEU I 292 37.81 -1.59 4.04
CA LEU I 292 39.07 -1.37 4.77
C LEU I 292 40.04 -0.54 3.92
N ARG I 293 40.86 0.28 4.60
CA ARG I 293 41.91 1.10 3.99
C ARG I 293 43.22 0.31 4.11
N GLU I 294 43.41 -0.28 5.29
CA GLU I 294 44.57 -1.14 5.62
C GLU I 294 44.01 -2.54 5.88
N PRO I 295 44.09 -3.48 4.90
CA PRO I 295 43.56 -4.86 5.09
C PRO I 295 44.10 -5.71 6.25
N ASP I 296 45.18 -5.25 6.86
CA ASP I 296 45.88 -5.89 7.98
C ASP I 296 45.29 -5.48 9.34
N MET I 297 43.99 -5.21 9.38
CA MET I 297 43.33 -4.79 10.63
C MET I 297 42.70 -6.00 11.33
N GLU I 298 42.83 -5.98 12.67
CA GLU I 298 42.27 -7.01 13.56
C GLU I 298 40.79 -6.69 13.80
N PRO I 299 39.91 -7.72 13.82
CA PRO I 299 38.46 -7.54 14.03
C PRO I 299 37.90 -6.50 15.00
N TRP I 300 38.59 -6.23 16.11
CA TRP I 300 38.09 -5.24 17.09
C TRP I 300 38.32 -3.81 16.63
N GLU I 301 39.38 -3.59 15.83
CA GLU I 301 39.75 -2.27 15.30
C GLU I 301 38.79 -1.83 14.19
N ILE I 302 38.14 -2.79 13.53
CA ILE I 302 37.17 -2.52 12.45
C ILE I 302 35.85 -2.07 13.06
N LEU I 303 35.58 -2.58 14.25
CA LEU I 303 34.36 -2.29 15.01
C LEU I 303 34.47 -0.95 15.73
N ILE I 304 35.56 -0.75 16.48
CA ILE I 304 35.78 0.47 17.28
C ILE I 304 36.29 1.65 16.44
N SER I 305 36.50 1.44 15.13
CA SER I 305 37.01 2.46 14.21
C SER I 305 36.09 3.68 14.17
N GLU I 306 36.63 4.81 14.59
CA GLU I 306 35.90 6.08 14.64
C GLU I 306 36.29 6.96 13.45
N SER I 307 36.46 6.32 12.29
CA SER I 307 36.82 6.99 11.03
C SER I 307 35.63 7.81 10.54
N GLN I 308 35.93 9.00 10.01
CA GLN I 308 34.90 9.93 9.54
C GLN I 308 34.47 9.66 8.10
N GLU I 309 33.47 10.44 7.68
CA GLU I 309 32.83 10.47 6.36
C GLU I 309 32.07 9.18 6.04
N ARG I 310 31.68 8.44 7.07
CA ARG I 310 30.93 7.20 6.89
C ARG I 310 29.49 7.38 7.31
N MET I 311 28.60 6.55 6.74
CA MET I 311 27.15 6.59 6.98
C MET I 311 26.57 5.18 7.04
N ALA I 312 25.43 5.03 7.72
CA ALA I 312 24.73 3.75 7.88
C ALA I 312 23.31 3.87 7.34
N VAL I 313 22.89 2.92 6.49
CA VAL I 313 21.54 2.92 5.89
C VAL I 313 20.89 1.55 6.08
N VAL I 314 19.61 1.54 6.45
CA VAL I 314 18.82 0.31 6.63
C VAL I 314 17.86 0.19 5.43
N THR I 315 18.03 -0.88 4.66
CA THR I 315 17.21 -1.13 3.47
C THR I 315 16.94 -2.63 3.31
N SER I 316 16.13 -3.00 2.31
CA SER I 316 15.79 -4.39 2.01
C SER I 316 16.82 -4.97 1.03
N PRO I 317 17.13 -6.29 1.13
CA PRO I 317 18.12 -6.94 0.24
C PRO I 317 17.93 -6.94 -1.28
N GLN I 318 16.77 -6.48 -1.76
CA GLN I 318 16.47 -6.41 -3.20
C GLN I 318 16.82 -5.02 -3.72
N LYS I 319 16.82 -4.06 -2.79
CA LYS I 319 17.09 -2.63 -3.05
C LYS I 319 18.54 -2.28 -2.71
N ALA I 320 19.38 -3.28 -2.43
CA ALA I 320 20.78 -3.05 -2.07
C ALA I 320 21.69 -3.03 -3.30
N SER I 321 21.24 -3.63 -4.41
CA SER I 321 22.02 -3.70 -5.65
C SER I 321 22.01 -2.35 -6.38
N ARG I 322 21.02 -1.51 -6.04
CA ARG I 322 20.84 -0.17 -6.62
C ARG I 322 21.47 0.89 -5.72
N ILE I 323 21.70 0.57 -4.44
CA ILE I 323 22.25 1.51 -3.46
C ILE I 323 23.78 1.61 -3.56
N LEU I 324 24.41 0.49 -3.91
CA LEU I 324 25.88 0.41 -4.05
C LEU I 324 26.32 1.05 -5.36
N GLU I 325 25.44 1.04 -6.36
CA GLU I 325 25.74 1.64 -7.66
C GLU I 325 25.72 3.17 -7.55
N ILE I 326 24.98 3.72 -6.57
CA ILE I 326 24.89 5.17 -6.33
C ILE I 326 26.15 5.64 -5.60
N ALA I 327 26.70 4.75 -4.76
CA ALA I 327 27.92 5.03 -3.99
C ALA I 327 29.14 5.04 -4.91
N ARG I 328 29.26 4.02 -5.77
CA ARG I 328 30.37 3.87 -6.72
C ARG I 328 30.35 4.98 -7.77
N LYS I 329 29.17 5.57 -7.97
CA LYS I 329 28.97 6.68 -8.93
C LYS I 329 29.49 7.97 -8.28
N HIS I 330 29.38 8.06 -6.96
CA HIS I 330 29.81 9.25 -6.21
C HIS I 330 31.20 9.08 -5.58
N LEU I 331 31.99 8.19 -6.19
CA LEU I 331 33.38 7.86 -5.82
C LEU I 331 33.52 7.26 -4.42
N LEU I 332 32.42 6.82 -3.81
CA LEU I 332 32.45 6.24 -2.45
C LEU I 332 32.47 4.70 -2.50
N PHE I 333 32.90 4.10 -1.38
CA PHE I 333 33.01 2.64 -1.25
C PHE I 333 31.96 2.14 -0.26
N GLY I 334 31.32 1.03 -0.59
CA GLY I 334 30.30 0.48 0.28
C GLY I 334 29.92 -0.95 -0.01
N ASP I 335 29.37 -1.61 1.01
CA ASP I 335 28.92 -3.02 0.94
C ASP I 335 27.92 -3.27 2.08
N VAL I 336 27.27 -4.44 2.05
CA VAL I 336 26.31 -4.90 3.05
C VAL I 336 27.08 -5.51 4.22
N VAL I 337 26.84 -5.01 5.44
CA VAL I 337 27.60 -5.46 6.62
C VAL I 337 26.76 -6.23 7.64
N ALA I 338 25.56 -5.75 7.96
CA ALA I 338 24.74 -6.40 9.00
C ALA I 338 23.38 -6.85 8.46
N GLU I 339 22.77 -7.80 9.18
CA GLU I 339 21.45 -8.39 8.91
C GLU I 339 20.58 -8.22 10.16
N VAL I 340 19.37 -7.68 9.99
CA VAL I 340 18.45 -7.45 11.12
C VAL I 340 17.63 -8.72 11.38
N ILE I 341 17.79 -9.27 12.59
CA ILE I 341 17.06 -10.47 13.03
C ILE I 341 15.95 -10.09 14.01
N GLU I 342 15.21 -11.12 14.46
CA GLU I 342 14.08 -10.94 15.40
C GLU I 342 14.55 -10.94 16.85
N GLU I 343 15.49 -11.83 17.20
CA GLU I 343 16.03 -11.99 18.56
C GLU I 343 16.83 -10.76 18.99
N PRO I 344 16.48 -10.09 20.15
CA PRO I 344 17.19 -8.89 20.63
C PRO I 344 18.62 -9.07 21.18
N VAL I 345 19.48 -9.58 20.29
CA VAL I 345 20.91 -9.85 20.58
C VAL I 345 21.77 -9.21 19.48
N TYR I 346 23.02 -8.89 19.83
CA TYR I 346 23.99 -8.27 18.93
C TYR I 346 25.13 -9.26 18.67
N ARG I 347 25.15 -9.84 17.46
CA ARG I 347 26.18 -10.83 17.08
C ARG I 347 27.20 -10.18 16.14
N VAL I 348 28.49 -10.30 16.48
CA VAL I 348 29.60 -9.74 15.69
C VAL I 348 30.58 -10.87 15.36
N MET I 349 30.84 -11.05 14.05
CA MET I 349 31.76 -12.08 13.56
C MET I 349 32.55 -11.60 12.34
N TYR I 350 33.61 -12.31 12.00
CA TYR I 350 34.54 -11.89 10.97
C TYR I 350 34.72 -12.97 9.90
N ARG I 351 33.77 -13.05 8.98
CA ARG I 351 33.52 -14.28 8.24
C ARG I 351 32.91 -15.35 9.13
N ASN I 352 33.67 -16.40 9.42
CA ASN I 352 33.13 -17.62 9.99
C ASN I 352 33.27 -17.68 11.51
N ASP I 353 34.33 -17.04 12.01
CA ASP I 353 34.66 -17.11 13.43
C ASP I 353 34.07 -15.92 14.18
N LEU I 354 33.63 -16.16 15.42
CA LEU I 354 32.99 -15.12 16.24
C LEU I 354 34.04 -14.34 17.05
N VAL I 355 33.66 -13.16 17.53
CA VAL I 355 34.54 -12.31 18.35
C VAL I 355 33.79 -11.74 19.56
N MET I 356 32.49 -11.43 19.38
CA MET I 356 31.68 -10.86 20.46
C MET I 356 30.19 -11.11 20.22
N GLU I 357 29.47 -11.38 21.31
CA GLU I 357 28.01 -11.55 21.35
C GLU I 357 27.50 -11.18 22.73
N VAL I 358 26.67 -10.12 22.80
CA VAL I 358 26.07 -9.58 24.02
C VAL I 358 24.67 -9.05 23.71
N PRO I 359 23.75 -8.96 24.72
CA PRO I 359 22.39 -8.44 24.44
C PRO I 359 22.43 -7.00 23.93
N VAL I 360 21.55 -6.70 22.97
CA VAL I 360 21.50 -5.39 22.29
C VAL I 360 21.20 -4.24 23.24
N GLN I 361 20.24 -4.40 24.15
CA GLN I 361 19.81 -3.34 25.08
C GLN I 361 20.86 -3.03 26.16
N LEU I 362 21.87 -3.90 26.31
CA LEU I 362 22.94 -3.72 27.30
C LEU I 362 23.97 -2.71 26.79
N LEU I 363 23.87 -2.35 25.51
CA LEU I 363 24.81 -1.44 24.86
C LEU I 363 24.27 0.00 24.76
N ALA I 364 23.04 0.19 24.27
CA ALA I 364 22.44 1.52 24.09
C ALA I 364 22.08 2.18 25.42
N ASN I 365 21.77 1.37 26.44
CA ASN I 365 21.39 1.89 27.76
C ASN I 365 22.55 1.73 28.75
N ALA I 366 23.15 2.88 29.06
CA ALA I 366 24.28 3.01 29.98
C ALA I 366 23.75 3.08 31.42
N PRO I 367 24.59 2.79 32.45
CA PRO I 367 24.13 2.85 33.84
C PRO I 367 23.76 4.28 34.24
N GLU I 368 22.46 4.45 34.42
CA GLU I 368 21.82 5.74 34.76
C GLU I 368 22.12 6.12 36.21
N GLU I 369 22.83 7.24 36.39
CA GLU I 369 23.17 7.77 37.71
C GLU I 369 21.95 8.51 38.27
N ASP I 370 21.96 8.70 39.59
CA ASP I 370 20.82 9.34 40.27
C ASP I 370 20.95 10.87 40.31
N ILE I 371 19.78 11.46 40.09
CA ILE I 371 19.54 12.91 40.05
C ILE I 371 19.50 13.48 41.47
N VAL I 372 19.92 14.73 41.59
CA VAL I 372 19.89 15.47 42.86
C VAL I 372 19.10 16.77 42.60
N GLU I 373 17.77 16.59 42.45
CA GLU I 373 16.76 17.62 42.15
C GLU I 373 17.03 18.94 42.87
N TYR I 374 17.00 20.04 42.13
CA TYR I 374 17.36 21.34 42.67
C TYR I 374 16.20 22.32 42.58
N THR I 375 15.98 23.08 43.65
CA THR I 375 14.83 23.98 43.74
C THR I 375 15.28 25.43 43.82
N PRO I 376 14.48 26.32 43.23
CA PRO I 376 14.99 27.59 42.73
C PRO I 376 15.14 28.63 43.84
N GLY I 377 16.19 29.44 43.76
CA GLY I 377 16.40 30.51 44.73
C GLY I 377 16.27 31.88 44.09
N LYS I 378 16.51 32.91 44.89
CA LYS I 378 16.12 34.27 44.54
C LYS I 378 16.98 34.83 43.42
N ILE I 379 16.38 35.67 42.57
CA ILE I 379 17.11 36.25 41.43
C ILE I 379 18.21 37.16 41.98
N PRO I 380 19.50 36.72 41.93
CA PRO I 380 20.54 37.59 42.48
C PRO I 380 20.89 38.89 41.76
N GLU I 381 21.65 39.73 42.46
CA GLU I 381 22.15 41.01 41.93
C GLU I 381 23.46 40.68 41.20
N PHE I 382 23.41 40.76 39.86
CA PHE I 382 24.53 40.42 38.97
C PHE I 382 25.48 41.60 38.72
N LYS I 383 26.78 41.32 38.90
CA LYS I 383 27.86 42.29 38.62
C LYS I 383 28.38 41.95 37.22
N ARG I 384 28.85 42.95 36.47
CA ARG I 384 29.31 42.72 35.10
C ARG I 384 30.66 42.01 35.01
N VAL I 385 30.64 40.85 34.34
CA VAL I 385 31.84 40.04 34.06
C VAL I 385 32.29 40.44 32.65
N GLU I 386 33.50 41.00 32.57
CA GLU I 386 34.08 41.52 31.32
C GLU I 386 34.48 40.42 30.34
N PHE I 387 33.74 40.45 29.23
CA PHE I 387 33.92 39.58 28.06
C PHE I 387 34.36 40.50 26.92
N GLU I 388 35.56 40.26 26.39
CA GLU I 388 36.15 41.10 25.33
C GLU I 388 35.19 41.29 24.15
N GLU I 389 34.79 42.55 23.96
CA GLU I 389 33.89 42.98 22.88
C GLU I 389 34.65 42.99 21.56
N VAL I 390 34.38 41.97 20.73
CA VAL I 390 35.06 41.83 19.44
C VAL I 390 34.07 41.99 18.27
N ASN I 391 34.68 42.18 17.10
CA ASN I 391 34.01 42.36 15.80
C ASN I 391 33.84 40.98 15.18
N ALA I 392 32.59 40.54 15.01
CA ALA I 392 32.31 39.20 14.45
C ALA I 392 32.50 39.16 12.92
N ARG I 393 32.48 40.33 12.26
CA ARG I 393 32.67 40.41 10.80
C ARG I 393 33.97 39.74 10.37
N GLU I 394 35.06 40.00 11.10
CA GLU I 394 36.41 39.44 10.85
C GLU I 394 36.38 37.92 10.91
N VAL I 395 35.39 37.34 11.59
CA VAL I 395 35.29 35.88 11.72
C VAL I 395 34.30 35.30 10.70
N PHE I 396 33.18 35.98 10.42
CA PHE I 396 32.27 35.36 9.46
C PHE I 396 32.52 35.76 8.00
N GLU I 397 33.34 36.78 7.74
CA GLU I 397 33.68 37.17 6.37
C GLU I 397 34.71 36.17 5.82
N GLN I 398 34.98 35.15 6.63
CA GLN I 398 35.88 34.03 6.31
C GLN I 398 35.03 32.79 6.02
N TYR I 399 33.72 32.93 6.23
CA TYR I 399 32.75 31.85 6.02
C TYR I 399 31.80 32.21 4.87
N ASP I 400 31.45 31.23 4.03
CA ASP I 400 30.50 31.45 2.93
C ASP I 400 29.10 31.39 3.54
N HIS I 401 28.54 32.58 3.79
CA HIS I 401 27.22 32.69 4.41
C HIS I 401 26.13 33.08 3.40
N MET I 402 26.35 32.78 2.11
CA MET I 402 25.35 33.12 1.08
C MET I 402 25.07 31.96 0.12
N VAL I 403 25.90 30.92 0.15
CA VAL I 403 25.75 29.74 -0.72
C VAL I 403 24.38 29.08 -0.50
N GLY I 404 23.86 28.48 -1.56
CA GLY I 404 22.55 27.84 -1.54
C GLY I 404 21.50 28.83 -1.99
N THR I 405 21.88 30.13 -1.96
CA THR I 405 21.10 31.32 -2.33
C THR I 405 19.86 31.47 -1.45
N ASP I 406 19.82 30.68 -0.38
CA ASP I 406 18.66 30.62 0.54
C ASP I 406 18.83 31.51 1.76
N THR I 407 19.89 32.31 1.89
CA THR I 407 20.04 33.14 3.09
C THR I 407 19.42 34.52 2.89
N VAL I 408 18.34 34.80 3.63
CA VAL I 408 17.59 36.07 3.57
C VAL I 408 18.26 37.12 4.46
N VAL I 409 18.54 36.74 5.71
CA VAL I 409 19.22 37.64 6.66
C VAL I 409 20.61 37.10 6.99
N PRO I 410 21.66 37.79 6.48
CA PRO I 410 23.04 37.40 6.73
C PRO I 410 23.37 37.76 8.18
N PRO I 411 24.35 37.10 8.80
CA PRO I 411 24.69 37.41 10.19
C PRO I 411 25.28 38.80 10.47
N GLY I 412 25.20 39.20 11.74
CA GLY I 412 25.69 40.49 12.21
C GLY I 412 24.72 40.97 13.26
N PHE I 413 23.46 41.10 12.85
CA PHE I 413 22.35 41.53 13.72
C PHE I 413 21.67 40.29 14.32
N GLY I 414 22.41 39.60 15.19
CA GLY I 414 21.91 38.40 15.87
C GLY I 414 21.35 37.23 15.08
N ALA I 415 20.03 37.08 15.16
CA ALA I 415 19.26 36.00 14.51
C ALA I 415 19.43 36.03 12.99
N ALA I 416 19.36 34.83 12.40
CA ALA I 416 19.51 34.64 10.94
C ALA I 416 18.24 34.02 10.37
N VAL I 417 17.74 34.59 9.26
CA VAL I 417 16.52 34.12 8.59
C VAL I 417 16.87 33.49 7.23
N MET I 418 16.24 32.36 6.95
CA MET I 418 16.43 31.59 5.71
C MET I 418 15.09 31.43 4.98
N ARG I 419 15.12 30.67 3.87
CA ARG I 419 13.92 30.40 3.06
C ARG I 419 14.03 29.02 2.39
N ILE I 420 12.99 28.64 1.67
CA ILE I 420 12.98 27.37 0.95
C ILE I 420 12.64 27.56 -0.52
N LYS I 421 12.86 28.78 -1.02
CA LYS I 421 12.90 29.02 -2.45
C LYS I 421 11.49 29.11 -3.04
N ARG I 422 10.50 28.76 -2.22
CA ARG I 422 9.11 28.73 -2.67
C ARG I 422 8.15 29.08 -1.54
N ASP I 423 8.51 28.68 -0.32
CA ASP I 423 7.51 28.25 0.65
C ASP I 423 7.14 29.39 1.60
N GLY I 424 8.15 30.03 2.17
CA GLY I 424 8.25 30.16 3.61
C GLY I 424 9.66 29.95 4.12
N GLY I 425 9.90 30.33 5.37
CA GLY I 425 11.22 30.21 5.97
C GLY I 425 11.38 29.89 7.45
N TYR I 426 12.64 29.89 7.92
CA TYR I 426 13.00 29.58 9.31
C TYR I 426 14.10 30.51 9.84
N SER I 427 14.07 30.75 11.15
CA SER I 427 15.04 31.64 11.82
C SER I 427 15.74 30.89 12.94
N LEU I 428 17.06 30.92 12.87
CA LEU I 428 17.89 30.24 13.88
C LEU I 428 18.77 31.27 14.60
N VAL I 429 18.90 31.06 15.91
CA VAL I 429 19.72 31.91 16.79
C VAL I 429 20.47 31.00 17.77
N THR I 430 21.66 31.43 18.17
CA THR I 430 22.48 30.68 19.14
C THR I 430 22.88 31.64 20.25
N HIS I 431 22.57 31.26 21.50
CA HIS I 431 22.86 32.12 22.65
C HIS I 431 23.25 31.31 23.89
N SER I 432 24.09 31.94 24.73
CA SER I 432 24.60 31.38 25.98
C SER I 432 25.04 32.51 26.90
N ARG I 433 24.31 32.70 28.01
CA ARG I 433 24.72 33.73 28.97
C ARG I 433 25.68 33.07 29.96
N ALA I 434 26.95 33.04 29.53
CA ALA I 434 28.06 32.44 30.26
C ALA I 434 28.50 33.32 31.43
N ASP I 435 28.48 34.65 31.25
CA ASP I 435 28.92 35.63 32.26
C ASP I 435 28.03 35.66 33.51
N LEU I 436 26.74 35.36 33.32
CA LEU I 436 25.76 35.34 34.42
C LEU I 436 25.75 33.97 35.10
N ALA I 437 25.95 32.91 34.31
CA ALA I 437 25.96 31.50 34.74
C ALA I 437 27.06 31.22 35.76
N LEU I 438 28.07 32.10 35.81
CA LEU I 438 29.20 32.00 36.74
C LEU I 438 28.74 32.33 38.15
N GLN I 439 28.00 33.44 38.29
CA GLN I 439 27.47 33.91 39.58
C GLN I 439 26.31 33.03 40.03
N ASP I 440 25.44 32.67 39.09
CA ASP I 440 24.30 31.79 39.40
C ASP I 440 24.08 30.77 38.29
N THR I 441 24.31 29.51 38.64
CA THR I 441 24.20 28.33 37.77
C THR I 441 22.77 28.12 37.29
N TYR I 442 21.78 28.72 37.96
CA TYR I 442 20.37 28.56 37.56
C TYR I 442 19.88 29.75 36.74
N TRP I 443 19.74 30.92 37.37
CA TRP I 443 19.22 32.15 36.75
C TRP I 443 20.06 32.61 35.57
N GLY I 444 21.36 32.28 35.56
CA GLY I 444 22.20 32.65 34.44
C GLY I 444 21.86 31.84 33.20
N THR I 445 21.61 30.56 33.43
CA THR I 445 21.25 29.56 32.41
C THR I 445 19.78 29.74 31.98
N LEU I 446 18.92 30.20 32.90
CA LEU I 446 17.51 30.41 32.58
C LEU I 446 17.34 31.66 31.71
N ILE I 447 18.05 32.76 32.03
CA ILE I 447 17.99 34.01 31.26
C ILE I 447 18.53 33.77 29.84
N ALA I 448 19.40 32.77 29.71
CA ALA I 448 19.99 32.39 28.41
C ALA I 448 18.91 31.82 27.48
N VAL I 449 18.01 31.00 28.02
CA VAL I 449 16.91 30.38 27.25
C VAL I 449 15.83 31.41 26.90
N LEU I 450 15.64 32.38 27.79
CA LEU I 450 14.63 33.44 27.61
C LEU I 450 15.15 34.51 26.65
N GLU I 451 16.41 34.92 26.81
CA GLU I 451 17.02 35.95 25.95
C GLU I 451 17.23 35.39 24.54
N SER I 452 17.11 34.07 24.40
CA SER I 452 17.22 33.38 23.10
C SER I 452 15.91 33.60 22.35
N VAL I 453 14.79 33.40 23.07
CA VAL I 453 13.42 33.57 22.55
C VAL I 453 13.19 35.05 22.22
N ARG I 454 13.95 35.93 22.89
CA ARG I 454 13.85 37.40 22.72
C ARG I 454 14.48 37.79 21.38
N LYS I 455 15.56 37.10 21.01
CA LYS I 455 16.29 37.35 19.76
C LYS I 455 15.53 36.74 18.56
N THR I 456 14.72 35.70 18.80
CA THR I 456 13.96 34.99 17.74
C THR I 456 12.72 35.79 17.33
N LEU I 457 12.22 36.62 18.24
CA LEU I 457 11.04 37.45 17.98
C LEU I 457 11.45 38.80 17.39
N SER I 458 12.74 39.11 17.46
CA SER I 458 13.30 40.38 16.98
C SER I 458 13.26 40.49 15.46
N VAL I 459 13.28 39.35 14.76
CA VAL I 459 13.24 39.33 13.29
C VAL I 459 11.79 39.29 12.80
N GLY I 460 10.95 38.59 13.57
CA GLY I 460 9.55 38.47 13.25
C GLY I 460 9.16 37.01 13.14
N ALA I 461 9.78 36.18 13.97
CA ALA I 461 9.51 34.74 13.93
C ALA I 461 8.92 34.26 15.25
N GLU I 462 7.90 33.42 15.13
CA GLU I 462 7.25 32.79 16.29
C GLU I 462 7.98 31.47 16.55
N PRO I 463 8.65 31.35 17.73
CA PRO I 463 9.42 30.16 18.15
C PRO I 463 8.76 28.79 17.95
N LEU I 464 9.58 27.76 17.69
CA LEU I 464 9.09 26.39 17.46
C LEU I 464 9.82 25.39 18.36
N ALA I 465 11.16 25.46 18.39
CA ALA I 465 11.96 24.53 19.21
C ALA I 465 13.26 25.16 19.68
N ILE I 466 13.90 24.41 20.59
CA ILE I 466 15.18 24.72 21.25
C ILE I 466 16.09 23.50 21.10
N THR I 467 17.40 23.73 21.19
CA THR I 467 18.39 22.64 21.17
C THR I 467 19.49 22.99 22.17
N ASN I 468 19.60 22.16 23.20
CA ASN I 468 20.54 22.36 24.33
C ASN I 468 21.91 21.73 24.06
N CYS I 469 22.86 22.21 24.83
CA CYS I 469 24.25 21.73 24.82
C CYS I 469 24.86 22.12 26.17
N VAL I 470 25.05 21.10 27.00
CA VAL I 470 25.59 21.30 28.36
C VAL I 470 27.12 21.17 28.35
N ASN I 471 27.79 22.22 28.81
CA ASN I 471 29.26 22.29 28.87
C ASN I 471 29.69 22.51 30.31
N TYR I 472 29.35 21.55 31.16
CA TYR I 472 29.66 21.61 32.60
C TYR I 472 31.05 21.06 32.90
N GLY I 473 31.56 21.40 34.09
CA GLY I 473 32.86 20.95 34.56
C GLY I 473 32.84 19.50 35.07
N ASP I 474 33.29 19.24 36.30
CA ASP I 474 33.27 17.87 36.85
C ASP I 474 31.95 17.61 37.55
N PRO I 475 31.13 16.63 37.05
CA PRO I 475 29.82 16.25 37.60
C PRO I 475 29.76 15.29 38.79
N ASP I 476 30.91 14.98 39.37
CA ASP I 476 30.97 14.10 40.55
C ASP I 476 31.40 14.92 41.76
N VAL I 477 32.19 15.96 41.53
CA VAL I 477 32.69 16.88 42.56
C VAL I 477 31.60 17.90 42.90
N ASP I 478 30.71 18.15 41.92
CA ASP I 478 29.61 19.11 42.10
C ASP I 478 28.39 18.67 41.29
N PRO I 479 27.70 17.54 41.66
CA PRO I 479 26.51 17.11 40.90
C PRO I 479 25.29 18.02 41.14
N VAL I 480 25.53 19.05 41.95
CA VAL I 480 24.56 20.08 42.38
C VAL I 480 24.38 21.15 41.30
N GLY I 481 25.49 21.67 40.76
CA GLY I 481 25.45 22.70 39.72
C GLY I 481 24.86 22.27 38.38
N LEU I 482 25.03 20.97 38.04
CA LEU I 482 24.52 20.35 36.79
C LEU I 482 22.99 20.34 36.82
N SER I 483 22.43 20.09 38.01
CA SER I 483 20.99 20.04 38.25
C SER I 483 20.36 21.43 38.17
N ALA I 484 21.08 22.44 38.67
CA ALA I 484 20.63 23.85 38.65
C ALA I 484 20.55 24.37 37.21
N MET I 485 21.27 23.68 36.33
CA MET I 485 21.36 24.01 34.90
C MET I 485 20.26 23.28 34.12
N MET I 486 20.14 21.96 34.34
CA MET I 486 19.16 21.08 33.67
C MET I 486 17.73 21.43 34.09
N THR I 487 17.57 21.90 35.33
CA THR I 487 16.25 22.31 35.84
C THR I 487 15.97 23.74 35.38
N ALA I 488 17.04 24.48 35.03
CA ALA I 488 16.90 25.86 34.53
C ALA I 488 16.45 25.83 33.07
N LEU I 489 16.74 24.71 32.40
CA LEU I 489 16.36 24.48 31.00
C LEU I 489 14.98 23.80 30.95
N LYS I 490 14.63 23.03 31.98
CA LYS I 490 13.32 22.34 32.06
C LYS I 490 12.20 23.36 32.31
N ASN I 491 12.42 24.25 33.29
CA ASN I 491 11.46 25.28 33.71
C ASN I 491 11.33 26.39 32.65
N ALA I 492 12.42 26.74 31.97
CA ALA I 492 12.43 27.79 30.95
C ALA I 492 11.69 27.35 29.68
N CYS I 493 11.47 26.03 29.53
CA CYS I 493 10.77 25.43 28.38
C CYS I 493 9.28 25.26 28.68
N GLU I 494 8.92 25.34 29.96
CA GLU I 494 7.53 25.24 30.40
C GLU I 494 6.94 26.66 30.48
N PHE I 495 7.79 27.65 30.74
CA PHE I 495 7.46 29.08 30.87
C PHE I 495 7.15 29.67 29.49
N SER I 496 7.96 29.32 28.51
CA SER I 496 7.82 29.81 27.13
C SER I 496 6.97 28.83 26.30
N GLY I 497 6.78 27.61 26.82
CA GLY I 497 6.01 26.56 26.16
C GLY I 497 6.70 26.03 24.92
N VAL I 498 8.01 26.29 24.83
CA VAL I 498 8.88 25.91 23.71
C VAL I 498 9.62 24.61 24.04
N PRO I 499 9.30 23.51 23.33
CA PRO I 499 9.93 22.20 23.55
C PRO I 499 11.38 22.06 23.06
N VAL I 500 12.07 21.02 23.53
CA VAL I 500 13.46 20.73 23.14
C VAL I 500 13.46 19.57 22.15
N ALA I 501 13.98 19.80 20.95
CA ALA I 501 14.02 18.78 19.89
C ALA I 501 15.12 17.75 20.15
N SER I 502 16.37 18.21 20.25
CA SER I 502 17.54 17.36 20.48
C SER I 502 18.56 18.06 21.38
N GLY I 503 19.48 17.30 21.95
CA GLY I 503 20.49 17.87 22.83
C GLY I 503 21.85 17.22 22.80
N ASN I 504 22.71 17.65 23.73
CA ASN I 504 24.08 17.12 23.86
C ASN I 504 24.67 17.54 25.21
N ALA I 505 25.74 16.85 25.62
CA ALA I 505 26.42 17.13 26.90
C ALA I 505 27.86 16.63 26.88
N SER I 506 28.79 17.58 27.04
CA SER I 506 30.22 17.29 27.12
C SER I 506 30.70 17.74 28.50
N LEU I 507 30.87 16.74 29.36
CA LEU I 507 31.29 16.96 30.76
C LEU I 507 32.78 16.68 30.91
N TYR I 508 33.28 16.87 32.15
CA TYR I 508 34.68 16.65 32.59
C TYR I 508 35.68 17.63 31.96
N ASN I 509 35.29 18.90 31.83
CA ASN I 509 36.16 19.94 31.24
C ASN I 509 36.90 20.65 32.37
N THR I 510 38.13 20.18 32.69
CA THR I 510 38.94 20.74 33.76
C THR I 510 40.42 20.85 33.38
N TYR I 511 41.08 21.85 33.96
CA TYR I 511 42.53 22.10 33.87
C TYR I 511 42.99 22.52 35.27
N GLN I 512 44.04 21.86 35.77
CA GLN I 512 44.63 22.01 37.12
C GLN I 512 43.65 21.42 38.13
N GLY I 513 42.56 20.84 37.62
CA GLY I 513 41.50 20.27 38.43
C GLY I 513 40.32 21.25 38.59
N LYS I 514 40.57 22.53 38.29
CA LYS I 514 39.61 23.65 38.38
C LYS I 514 38.58 23.58 37.25
N PRO I 515 37.25 23.50 37.58
CA PRO I 515 36.22 23.44 36.53
C PRO I 515 35.97 24.70 35.70
N ILE I 516 35.33 24.46 34.57
CA ILE I 516 34.99 25.45 33.54
C ILE I 516 33.68 26.17 33.90
N PRO I 517 33.53 27.47 33.53
CA PRO I 517 32.28 28.19 33.83
C PRO I 517 31.09 27.48 33.15
N PRO I 518 30.06 27.05 33.94
CA PRO I 518 28.87 26.35 33.40
C PRO I 518 28.11 27.09 32.29
N THR I 519 28.42 26.71 31.06
CA THR I 519 27.85 27.34 29.85
C THR I 519 26.84 26.41 29.17
N LEU I 520 25.60 26.90 29.05
CA LEU I 520 24.56 26.16 28.31
C LEU I 520 24.29 26.94 27.03
N VAL I 521 24.47 26.26 25.89
CA VAL I 521 24.26 26.87 24.57
C VAL I 521 22.88 26.44 24.05
N VAL I 522 22.05 27.45 23.83
CA VAL I 522 20.67 27.28 23.32
C VAL I 522 20.68 27.58 21.82
N GLY I 523 19.86 26.85 21.08
CA GLY I 523 19.74 27.05 19.65
C GLY I 523 18.26 27.10 19.31
N MET I 524 17.77 28.29 18.95
CA MET I 524 16.35 28.50 18.63
C MET I 524 16.05 28.23 17.15
N LEU I 525 14.77 27.99 16.90
CA LEU I 525 14.21 27.78 15.57
C LEU I 525 12.83 28.43 15.57
N GLY I 526 12.53 29.20 14.53
CA GLY I 526 11.23 29.86 14.45
C GLY I 526 10.64 29.88 13.06
N LYS I 527 9.30 29.95 12.96
CA LYS I 527 8.62 30.03 11.66
C LYS I 527 8.41 31.51 11.30
N VAL I 528 8.73 31.85 10.06
CA VAL I 528 8.62 33.23 9.56
C VAL I 528 8.40 33.22 8.05
N ASN I 529 7.87 34.35 7.57
CA ASN I 529 7.65 34.60 6.14
C ASN I 529 8.83 35.46 5.68
N PRO I 530 9.65 34.94 4.72
CA PRO I 530 10.82 35.66 4.19
C PRO I 530 10.58 37.04 3.59
N GLN I 531 9.31 37.40 3.40
CA GLN I 531 8.95 38.71 2.86
C GLN I 531 8.74 39.71 4.00
N LYS I 532 8.18 39.23 5.11
CA LYS I 532 7.90 40.07 6.30
C LYS I 532 9.11 40.06 7.24
N VAL I 533 10.25 40.51 6.70
CA VAL I 533 11.49 40.59 7.50
C VAL I 533 11.99 42.03 7.56
N ALA I 534 12.63 42.30 8.69
CA ALA I 534 13.19 43.62 9.02
C ALA I 534 14.56 43.82 8.38
N LYS I 535 14.60 44.75 7.42
CA LYS I 535 15.83 45.15 6.73
C LYS I 535 16.14 46.59 7.14
N PRO I 536 17.37 46.88 7.64
CA PRO I 536 17.78 48.22 8.08
C PRO I 536 17.62 49.44 7.18
N LYS I 537 16.59 50.23 7.50
CA LYS I 537 16.23 51.46 6.79
C LYS I 537 16.67 52.67 7.62
N PRO I 538 16.89 53.87 7.00
CA PRO I 538 17.29 55.06 7.79
C PRO I 538 16.15 55.51 8.69
N SER I 539 16.30 55.36 10.01
CA SER I 539 15.24 55.72 10.96
C SER I 539 15.80 56.23 12.29
N LYS I 540 14.90 56.47 13.24
CA LYS I 540 15.23 56.96 14.59
C LYS I 540 15.28 55.76 15.54
N VAL I 541 16.24 55.75 16.47
CA VAL I 541 16.43 54.63 17.40
C VAL I 541 15.73 54.88 18.73
N PHE I 542 14.98 53.88 19.18
CA PHE I 542 14.22 53.92 20.45
C PHE I 542 14.64 52.74 21.33
N ALA I 543 14.90 53.02 22.60
CA ALA I 543 15.26 51.95 23.54
C ALA I 543 13.97 51.55 24.27
N VAL I 544 13.42 50.36 23.94
CA VAL I 544 12.18 49.90 24.58
C VAL I 544 12.44 48.77 25.58
N GLY I 545 11.77 48.87 26.73
CA GLY I 545 11.92 47.90 27.82
C GLY I 545 12.40 48.62 29.07
N TRP I 546 12.74 47.87 30.12
CA TRP I 546 13.23 48.48 31.35
C TRP I 546 14.65 47.98 31.67
N ASN I 547 15.41 48.81 32.38
CA ASN I 547 16.83 48.63 32.76
C ASN I 547 17.08 47.41 33.64
N ASP I 548 16.10 47.06 34.49
CA ASP I 548 16.18 45.96 35.47
C ASP I 548 15.50 44.69 34.95
N PHE I 549 15.71 43.57 35.65
CA PHE I 549 15.11 42.28 35.28
C PHE I 549 14.16 41.80 36.38
N GLU I 550 13.03 41.25 35.92
CA GLU I 550 11.97 40.66 36.74
C GLU I 550 11.13 39.74 35.85
N LEU I 551 11.25 38.42 36.08
CA LEU I 551 10.56 37.34 35.35
C LEU I 551 9.04 37.51 35.39
N GLU I 552 8.55 38.08 36.50
CA GLU I 552 7.13 38.34 36.81
C GLU I 552 6.44 39.15 35.71
N ARG I 553 7.21 39.80 34.83
CA ARG I 553 6.66 40.63 33.75
C ARG I 553 7.61 40.63 32.55
N GLU I 554 8.03 39.40 32.16
CA GLU I 554 8.91 39.15 31.01
C GLU I 554 8.07 38.93 29.75
N LYS I 555 6.97 38.17 29.88
CA LYS I 555 6.05 37.85 28.77
C LYS I 555 5.48 39.14 28.17
N GLU I 556 5.53 40.24 28.94
CA GLU I 556 5.04 41.57 28.55
C GLU I 556 6.01 42.27 27.58
N LEU I 557 7.26 41.81 27.54
CA LEU I 557 8.25 42.37 26.60
C LEU I 557 8.12 41.64 25.27
N TRP I 558 7.86 40.31 25.32
CA TRP I 558 7.72 39.44 24.15
C TRP I 558 6.50 39.85 23.32
N ARG I 559 5.37 40.05 24.01
CA ARG I 559 4.11 40.47 23.39
C ARG I 559 4.13 41.97 23.05
N ALA I 560 5.26 42.65 23.32
CA ALA I 560 5.48 44.07 23.00
C ALA I 560 6.35 44.15 21.75
N ILE I 561 7.24 43.17 21.59
CA ILE I 561 8.13 43.04 20.43
C ILE I 561 7.30 42.56 19.23
N ARG I 562 6.34 41.65 19.49
CA ARG I 562 5.43 41.09 18.48
C ARG I 562 4.57 42.19 17.88
N LYS I 563 4.03 43.06 18.74
CA LYS I 563 3.17 44.18 18.32
C LYS I 563 3.99 45.24 17.57
N LEU I 564 5.31 45.09 17.57
CA LEU I 564 6.22 46.04 16.88
C LEU I 564 6.83 45.44 15.61
N SER I 565 6.87 44.11 15.49
CA SER I 565 7.48 43.47 14.31
C SER I 565 6.53 43.39 13.12
N GLU I 566 5.30 42.91 13.30
CA GLU I 566 4.33 42.84 12.19
C GLU I 566 3.83 44.25 11.84
N GLU I 567 4.38 45.25 12.54
CA GLU I 567 4.08 46.67 12.32
C GLU I 567 5.16 47.23 11.36
N GLY I 568 6.21 46.43 11.15
CA GLY I 568 7.30 46.79 10.25
C GLY I 568 8.57 47.45 10.77
N ALA I 569 8.96 47.13 12.02
CA ALA I 569 10.15 47.73 12.63
C ALA I 569 11.30 46.73 12.75
N PHE I 570 12.51 47.29 12.91
CA PHE I 570 13.76 46.53 13.08
C PHE I 570 14.13 46.53 14.56
N ILE I 571 14.11 45.34 15.18
CA ILE I 571 14.42 45.20 16.61
C ILE I 571 15.81 44.56 16.77
N LEU I 572 16.48 44.85 17.88
CA LEU I 572 17.83 44.33 18.19
C LEU I 572 17.94 44.02 19.69
N SER I 573 17.95 42.73 20.04
CA SER I 573 18.08 42.30 21.44
C SER I 573 19.49 41.78 21.70
N SER I 574 20.28 42.52 22.48
CA SER I 574 21.64 42.08 22.82
C SER I 574 21.96 42.41 24.27
N SER I 575 22.86 41.59 24.82
CA SER I 575 23.35 41.66 26.21
C SER I 575 23.94 43.04 26.52
N GLN I 576 24.65 43.63 25.55
CA GLN I 576 25.28 44.95 25.71
C GLN I 576 24.58 46.00 24.83
N LEU I 577 23.30 45.73 24.51
CA LEU I 577 22.39 46.56 23.70
C LEU I 577 22.85 46.72 22.25
N LEU I 578 24.06 47.26 22.07
CA LEU I 578 24.66 47.50 20.75
C LEU I 578 26.15 47.13 20.82
N THR I 579 26.61 46.23 19.94
CA THR I 579 28.02 45.82 19.95
C THR I 579 28.80 46.40 18.77
N ARG I 580 30.11 46.18 18.83
CA ARG I 580 31.11 46.60 17.84
C ARG I 580 30.71 46.00 16.48
N THR I 581 30.13 44.80 16.57
CA THR I 581 29.64 43.98 15.44
C THR I 581 28.45 44.64 14.75
N HIS I 582 27.53 45.18 15.54
CA HIS I 582 26.32 45.84 15.05
C HIS I 582 26.65 47.09 14.25
N VAL I 583 27.63 47.90 14.69
CA VAL I 583 28.03 49.14 14.03
C VAL I 583 28.76 48.88 12.71
N GLU I 584 29.44 47.73 12.65
CA GLU I 584 30.21 47.33 11.47
C GLU I 584 29.31 46.70 10.40
N THR I 585 28.22 46.03 10.82
CA THR I 585 27.27 45.41 9.87
C THR I 585 26.32 46.50 9.36
N PHE I 586 26.22 47.59 10.13
CA PHE I 586 25.39 48.74 9.77
C PHE I 586 26.13 49.55 8.71
N ARG I 587 27.46 49.61 8.82
CA ARG I 587 28.29 50.36 7.87
C ARG I 587 28.29 49.68 6.50
N GLU I 588 28.10 48.35 6.48
CA GLU I 588 28.08 47.57 5.24
C GLU I 588 26.78 47.83 4.47
N TYR I 589 25.77 48.35 5.18
CA TYR I 589 24.48 48.73 4.60
C TYR I 589 24.48 50.24 4.33
N GLY I 590 25.66 50.86 4.55
CA GLY I 590 25.87 52.29 4.35
C GLY I 590 25.17 53.17 5.37
N LEU I 591 25.18 52.75 6.65
CA LEU I 591 24.50 53.46 7.74
C LEU I 591 25.44 53.68 8.93
N LYS I 592 25.29 54.84 9.57
CA LYS I 592 26.05 55.22 10.76
C LYS I 592 25.08 55.43 11.93
N ILE I 593 25.47 55.00 13.12
CA ILE I 593 24.59 55.11 14.30
C ILE I 593 25.26 56.00 15.36
N GLU I 594 24.49 56.97 15.86
CA GLU I 594 24.91 57.89 16.92
C GLU I 594 23.80 57.96 17.98
N VAL I 595 24.03 57.27 19.10
CA VAL I 595 23.03 57.16 20.18
C VAL I 595 23.64 57.31 21.58
N LYS I 596 22.75 57.52 22.54
CA LYS I 596 23.06 57.63 23.98
C LYS I 596 22.42 56.41 24.63
N LEU I 597 23.15 55.28 24.61
CA LEU I 597 22.71 53.99 25.16
C LEU I 597 22.45 54.10 26.66
N PRO I 598 21.18 53.90 27.10
CA PRO I 598 20.90 53.99 28.54
C PRO I 598 21.56 52.78 29.20
N GLU I 599 22.47 53.05 30.13
CA GLU I 599 23.22 52.01 30.85
C GLU I 599 22.24 51.13 31.62
N VAL I 600 22.28 49.85 31.27
CA VAL I 600 21.40 48.83 31.87
C VAL I 600 22.24 47.87 32.70
N ARG I 601 21.57 47.19 33.62
CA ARG I 601 22.19 46.18 34.48
C ARG I 601 22.41 44.92 33.63
N PRO I 602 23.47 44.12 33.91
CA PRO I 602 23.78 42.88 33.15
C PRO I 602 22.59 41.97 32.83
N ALA I 603 21.71 41.76 33.80
CA ALA I 603 20.49 40.99 33.57
C ALA I 603 19.39 42.02 33.29
N HIS I 604 19.04 42.22 32.01
CA HIS I 604 18.03 43.24 31.65
C HIS I 604 16.97 42.71 30.69
N GLN I 605 15.97 43.56 30.47
CA GLN I 605 14.81 43.33 29.59
C GLN I 605 14.65 44.54 28.65
N MET I 606 15.65 44.77 27.81
CA MET I 606 15.62 45.93 26.90
C MET I 606 16.12 45.54 25.51
N VAL I 607 15.52 46.18 24.51
CA VAL I 607 15.83 46.00 23.08
C VAL I 607 15.82 47.38 22.40
N LEU I 608 16.54 47.51 21.29
CA LEU I 608 16.59 48.78 20.53
C LEU I 608 15.71 48.65 19.28
N VAL I 609 14.70 49.51 19.15
CA VAL I 609 13.75 49.49 18.04
C VAL I 609 13.98 50.65 17.08
N PHE I 610 14.10 50.34 15.77
CA PHE I 610 14.36 51.32 14.70
C PHE I 610 13.12 51.48 13.80
N SER I 611 12.12 52.21 14.29
CA SER I 611 10.88 52.44 13.53
C SER I 611 10.84 53.87 12.97
N GLU I 612 9.73 54.23 12.32
CA GLU I 612 9.52 55.55 11.72
C GLU I 612 8.98 56.57 12.73
N ARG I 613 7.89 56.22 13.41
CA ARG I 613 7.27 57.07 14.43
C ARG I 613 7.39 56.38 15.78
N THR I 614 7.15 57.13 16.87
CA THR I 614 7.24 56.66 18.27
C THR I 614 6.42 55.38 18.49
N PRO I 615 7.08 54.25 18.86
CA PRO I 615 6.46 52.93 19.11
C PRO I 615 5.30 52.93 20.11
N VAL I 616 4.22 52.31 19.68
CA VAL I 616 2.99 52.22 20.48
C VAL I 616 2.90 50.87 21.19
N VAL I 617 3.46 50.81 22.41
CA VAL I 617 3.48 49.60 23.24
C VAL I 617 3.27 49.92 24.71
N ASP I 618 2.98 48.86 25.47
CA ASP I 618 2.72 48.88 26.93
C ASP I 618 3.98 48.50 27.69
N VAL I 619 5.05 49.27 27.47
CA VAL I 619 6.38 49.09 28.07
C VAL I 619 7.18 50.37 27.81
N PRO I 620 8.12 50.80 28.74
CA PRO I 620 8.91 52.04 28.55
C PRO I 620 9.60 52.28 27.20
N VAL I 621 9.21 53.37 26.51
CA VAL I 621 9.74 53.73 25.18
C VAL I 621 10.48 55.07 25.23
N LYS I 622 11.82 55.02 25.18
CA LYS I 622 12.65 56.24 25.20
C LYS I 622 13.41 56.38 23.88
N GLU I 623 13.41 57.60 23.31
CA GLU I 623 14.08 57.94 22.06
C GLU I 623 15.57 58.21 22.34
N ILE I 624 16.48 57.40 21.76
CA ILE I 624 17.91 57.53 22.06
C ILE I 624 18.78 58.07 20.91
N GLY I 625 18.26 58.18 19.68
CA GLY I 625 19.11 58.68 18.62
C GLY I 625 18.59 58.51 17.21
N THR I 626 19.52 58.37 16.25
CA THR I 626 19.20 58.23 14.82
C THR I 626 20.17 57.27 14.12
N LEU I 627 19.83 56.95 12.85
CA LEU I 627 20.57 56.07 11.95
C LEU I 627 20.48 56.67 10.54
N SER I 628 21.16 57.81 10.34
CA SER I 628 21.14 58.57 9.08
C SER I 628 22.02 57.97 7.98
N ARG I 629 21.83 58.50 6.75
CA ARG I 629 22.50 58.15 5.50
C ARG I 629 22.37 56.66 5.17
N MET J 1 59.73 -5.26 -10.70
CA MET J 1 58.96 -4.05 -10.47
C MET J 1 59.60 -3.19 -9.39
N PRO J 2 60.65 -2.38 -9.75
CA PRO J 2 61.37 -1.52 -8.79
C PRO J 2 60.78 -0.13 -8.50
N LEU J 3 60.96 0.31 -7.26
CA LEU J 3 60.45 1.60 -6.75
C LEU J 3 61.57 2.65 -6.73
N PHE J 4 61.21 3.89 -7.05
CA PHE J 4 62.12 5.04 -7.07
C PHE J 4 61.44 6.21 -6.35
N LYS J 5 61.93 6.54 -5.14
CA LYS J 5 61.39 7.60 -4.30
C LYS J 5 61.82 8.98 -4.83
N PHE J 6 60.88 9.90 -4.99
CA PHE J 6 61.17 11.25 -5.49
C PHE J 6 60.51 12.31 -4.59
N ALA J 7 60.97 13.55 -4.67
CA ALA J 7 60.43 14.68 -3.90
C ALA J 7 60.48 15.94 -4.74
N ILE J 8 59.30 16.46 -5.15
CA ILE J 8 59.22 17.65 -6.01
C ILE J 8 59.03 18.91 -5.16
N ASP J 9 59.96 19.85 -5.27
CA ASP J 9 59.89 21.13 -4.56
C ASP J 9 59.29 22.16 -5.53
N VAL J 10 58.08 22.60 -5.24
CA VAL J 10 57.37 23.60 -6.07
C VAL J 10 57.37 24.95 -5.35
N GLN J 11 57.66 26.03 -6.08
CA GLN J 11 57.73 27.37 -5.50
C GLN J 11 57.20 28.41 -6.50
N TYR J 12 56.74 29.55 -6.01
CA TYR J 12 56.27 30.62 -6.89
C TYR J 12 57.52 31.33 -7.44
N ARG J 13 57.45 31.86 -8.66
CA ARG J 13 58.60 32.54 -9.29
C ARG J 13 59.15 33.60 -8.32
N SER J 14 60.46 33.77 -8.43
CA SER J 14 61.28 34.67 -7.61
C SER J 14 60.86 36.13 -7.73
N ASN J 15 59.84 36.44 -8.53
CA ASN J 15 59.37 37.82 -8.69
C ASN J 15 57.84 37.91 -8.60
N VAL J 16 57.20 36.77 -8.38
CA VAL J 16 55.75 36.72 -8.17
C VAL J 16 55.53 36.88 -6.67
N ARG J 17 54.76 37.90 -6.30
CA ARG J 17 54.49 38.22 -4.89
C ARG J 17 53.65 37.13 -4.22
N ASP J 18 54.10 36.74 -3.01
CA ASP J 18 53.45 35.73 -2.15
C ASP J 18 53.28 36.40 -0.78
N PRO J 19 52.16 37.12 -0.59
CA PRO J 19 51.86 37.82 0.66
C PRO J 19 51.49 36.85 1.78
N ARG J 20 51.24 35.60 1.40
CA ARG J 20 50.95 34.53 2.38
C ARG J 20 52.27 34.28 3.12
N GLY J 21 53.36 34.55 2.39
CA GLY J 21 54.72 34.40 2.87
C GLY J 21 55.31 35.66 3.49
N GLU J 22 54.84 36.84 3.06
CA GLU J 22 55.32 38.09 3.65
C GLU J 22 54.68 38.26 5.04
N THR J 23 53.50 37.64 5.20
CA THR J 23 52.73 37.62 6.45
C THR J 23 53.44 36.71 7.47
N ILE J 24 54.10 35.65 6.97
CA ILE J 24 54.85 34.70 7.81
C ILE J 24 56.18 35.33 8.23
N GLU J 25 56.75 36.17 7.37
CA GLU J 25 58.02 36.87 7.62
C GLU J 25 57.79 37.93 8.71
N ARG J 26 56.61 38.59 8.67
CA ARG J 26 56.17 39.61 9.63
C ARG J 26 56.21 39.00 11.03
N VAL J 27 55.40 37.96 11.23
CA VAL J 27 55.28 37.32 12.54
C VAL J 27 56.65 36.96 13.09
N LEU J 28 57.20 35.82 12.66
CA LEU J 28 58.44 35.31 13.19
C LEU J 28 59.61 36.22 12.84
N ARG J 29 59.39 37.52 12.91
CA ARG J 29 60.45 38.48 13.19
C ARG J 29 60.03 39.49 14.25
N GLU J 30 58.74 39.80 14.28
CA GLU J 30 58.21 40.84 15.17
C GLU J 30 57.48 40.21 16.36
N GLU J 31 57.00 38.98 16.20
CA GLU J 31 56.26 38.29 17.27
C GLU J 31 57.08 37.13 17.85
N LYS J 32 58.02 36.59 17.08
CA LYS J 32 58.87 35.49 17.57
C LYS J 32 60.34 35.89 17.50
N GLY J 33 60.58 37.11 17.00
CA GLY J 33 61.92 37.70 16.90
C GLY J 33 63.23 36.99 16.53
N LEU J 34 63.28 36.34 15.35
CA LEU J 34 64.49 35.63 14.89
C LEU J 34 65.05 36.33 13.64
N PRO J 35 66.41 36.41 13.49
CA PRO J 35 66.95 37.08 12.29
C PRO J 35 66.82 36.17 11.07
N VAL J 36 65.67 36.25 10.39
CA VAL J 36 65.37 35.42 9.23
C VAL J 36 64.71 36.24 8.12
N LYS J 37 65.54 36.79 7.23
CA LYS J 37 65.05 37.53 6.07
C LYS J 37 64.71 36.59 4.92
N LYS J 38 63.84 37.04 4.04
CA LYS J 38 63.77 36.49 2.68
C LYS J 38 63.23 35.07 2.68
N LEU J 39 61.90 34.95 2.72
CA LEU J 39 61.26 33.66 2.93
C LEU J 39 60.09 33.45 1.97
N ARG J 40 60.17 32.38 1.18
CA ARG J 40 59.11 32.05 0.22
C ARG J 40 58.38 30.80 0.71
N LEU J 41 57.11 30.65 0.32
CA LEU J 41 56.30 29.49 0.72
C LEU J 41 55.73 28.79 -0.50
N GLY J 42 55.76 27.45 -0.45
CA GLY J 42 55.26 26.63 -1.55
C GLY J 42 54.86 25.21 -1.17
N LYS J 43 54.70 24.33 -2.17
CA LYS J 43 54.27 22.93 -1.98
C LYS J 43 55.46 21.97 -2.02
N SER J 44 55.33 20.81 -1.37
CA SER J 44 56.36 19.75 -1.36
C SER J 44 55.66 18.41 -1.59
N ILE J 45 55.80 17.89 -2.80
CA ILE J 45 55.15 16.63 -3.20
C ILE J 45 56.14 15.48 -3.25
N HIS J 46 55.88 14.44 -2.46
CA HIS J 46 56.68 13.21 -2.43
C HIS J 46 55.91 12.14 -3.20
N LEU J 47 56.55 11.40 -4.09
CA LEU J 47 55.86 10.33 -4.82
C LEU J 47 56.79 9.20 -5.26
N GLU J 48 56.41 7.96 -4.98
CA GLU J 48 57.19 6.77 -5.35
C GLU J 48 56.67 6.28 -6.71
N VAL J 49 57.53 5.72 -7.55
CA VAL J 49 57.13 5.33 -8.90
C VAL J 49 57.69 3.95 -9.30
N GLU J 50 56.90 3.19 -10.05
CA GLU J 50 57.27 1.87 -10.57
C GLU J 50 57.59 2.01 -12.06
N ALA J 51 58.71 1.44 -12.51
CA ALA J 51 59.12 1.50 -13.92
C ALA J 51 60.22 0.47 -14.18
N GLU J 52 60.82 0.53 -15.37
CA GLU J 52 61.91 -0.38 -15.77
C GLU J 52 63.22 0.10 -15.13
N ASN J 53 63.68 1.29 -15.54
CA ASN J 53 64.92 1.90 -15.03
C ASN J 53 64.64 3.25 -14.37
N LYS J 54 65.69 3.92 -13.89
CA LYS J 54 65.57 5.20 -13.19
C LYS J 54 65.36 6.34 -14.18
N GLU J 55 65.89 6.22 -15.40
CA GLU J 55 65.76 7.31 -16.39
C GLU J 55 64.35 7.34 -16.96
N LYS J 56 63.66 6.19 -16.98
CA LYS J 56 62.29 6.10 -17.49
C LYS J 56 61.28 6.41 -16.38
N ALA J 57 61.75 6.35 -15.13
CA ALA J 57 60.94 6.63 -13.93
C ALA J 57 60.83 8.14 -13.74
N TYR J 58 61.94 8.83 -13.99
CA TYR J 58 62.03 10.29 -13.88
C TYR J 58 61.12 10.91 -14.95
N GLU J 59 60.91 10.18 -16.04
CA GLU J 59 60.06 10.65 -17.16
C GLU J 59 58.60 10.75 -16.74
N ILE J 60 58.17 9.85 -15.85
CA ILE J 60 56.79 9.80 -15.33
C ILE J 60 56.52 10.99 -14.42
N VAL J 61 57.51 11.32 -13.58
CA VAL J 61 57.44 12.44 -12.65
C VAL J 61 57.37 13.76 -13.43
N LYS J 62 58.25 13.86 -14.42
CA LYS J 62 58.33 15.06 -15.28
C LYS J 62 57.05 15.22 -16.10
N LYS J 63 56.33 14.13 -16.35
CA LYS J 63 55.07 14.21 -17.11
C LYS J 63 53.97 14.74 -16.18
N ALA J 64 53.88 14.13 -15.00
CA ALA J 64 52.87 14.45 -13.98
C ALA J 64 52.95 15.93 -13.57
N CYS J 65 54.14 16.49 -13.65
CA CYS J 65 54.36 17.89 -13.25
C CYS J 65 53.84 18.87 -14.30
N GLU J 66 53.94 18.51 -15.58
CA GLU J 66 53.60 19.41 -16.67
C GLU J 66 52.09 19.53 -16.83
N GLU J 67 51.37 18.48 -16.45
CA GLU J 67 49.99 18.30 -16.88
C GLU J 67 49.06 18.12 -15.68
N LEU J 68 49.62 18.27 -14.48
CA LEU J 68 48.82 18.34 -13.27
C LEU J 68 49.50 19.17 -12.19
N LEU J 69 50.62 18.67 -11.68
CA LEU J 69 51.06 18.98 -10.32
C LEU J 69 51.56 20.42 -10.23
N VAL J 70 52.31 20.85 -11.24
CA VAL J 70 52.87 22.19 -11.25
C VAL J 70 52.18 23.08 -12.27
N ASN J 71 51.87 24.31 -11.86
CA ASN J 71 51.23 25.28 -12.75
C ASN J 71 52.35 26.03 -13.47
N PRO J 72 52.62 25.68 -14.75
CA PRO J 72 53.69 26.35 -15.50
C PRO J 72 53.63 27.87 -15.65
N VAL J 73 52.55 28.49 -15.18
CA VAL J 73 52.36 29.95 -15.31
C VAL J 73 53.19 30.73 -14.29
N VAL J 74 53.07 30.38 -13.01
CA VAL J 74 53.77 31.13 -11.95
C VAL J 74 54.56 30.22 -11.01
N GLU J 75 54.59 28.91 -11.27
CA GLU J 75 55.33 28.00 -10.39
C GLU J 75 56.53 27.39 -11.13
N GLU J 76 57.65 27.23 -10.42
CA GLU J 76 58.87 26.60 -10.95
C GLU J 76 59.14 25.35 -10.09
N TYR J 77 59.67 24.29 -10.68
CA TYR J 77 59.92 23.11 -9.85
C TYR J 77 61.32 22.53 -10.05
N GLU J 78 61.79 21.84 -9.02
CA GLU J 78 63.10 21.17 -8.98
C GLU J 78 62.90 19.85 -8.23
N VAL J 79 63.17 18.76 -8.92
CA VAL J 79 62.98 17.42 -8.35
C VAL J 79 64.31 16.80 -7.94
N ARG J 80 64.29 16.04 -6.84
CA ARG J 80 65.44 15.35 -6.26
C ARG J 80 65.03 13.95 -5.81
N GLU J 81 66.00 13.05 -5.56
CA GLU J 81 65.73 11.67 -5.15
C GLU J 81 65.75 11.53 -3.63
N LEU J 82 65.20 10.42 -3.14
CA LEU J 82 65.16 10.07 -1.71
C LEU J 82 65.51 8.59 -1.56
N MET K 1 75.87 40.13 8.56
CA MET K 1 77.01 39.26 8.36
C MET K 1 76.95 38.02 9.26
N PRO K 2 76.79 36.78 8.71
CA PRO K 2 76.70 36.24 7.33
C PRO K 2 75.35 35.69 6.88
N LEU K 3 75.28 35.21 5.63
CA LEU K 3 74.08 34.62 5.00
C LEU K 3 74.08 33.10 5.20
N PHE K 4 72.91 32.44 5.19
CA PHE K 4 72.75 30.99 5.34
C PHE K 4 71.42 30.52 4.75
N LYS K 5 71.45 29.96 3.54
CA LYS K 5 70.23 29.49 2.85
C LYS K 5 69.81 28.11 3.33
N PHE K 6 68.49 27.92 3.47
CA PHE K 6 67.89 26.65 3.92
C PHE K 6 66.61 26.35 3.14
N ALA K 7 66.10 25.15 3.35
CA ALA K 7 64.86 24.65 2.74
C ALA K 7 64.24 23.62 3.67
N ILE K 8 63.01 23.85 4.11
CA ILE K 8 62.30 22.95 5.02
C ILE K 8 61.31 22.12 4.20
N ASP K 9 61.25 20.83 4.51
CA ASP K 9 60.34 19.90 3.83
C ASP K 9 59.37 19.37 4.89
N VAL K 10 58.19 19.98 4.96
CA VAL K 10 57.14 19.61 5.92
C VAL K 10 56.23 18.54 5.31
N GLN K 11 55.65 17.70 6.16
CA GLN K 11 54.76 16.62 5.71
C GLN K 11 53.93 16.13 6.89
N TYR K 12 52.79 15.50 6.61
CA TYR K 12 51.95 14.93 7.67
C TYR K 12 52.64 13.64 8.11
N ARG K 13 52.57 13.31 9.41
CA ARG K 13 53.24 12.12 9.96
C ARG K 13 52.79 10.82 9.28
N SER K 14 53.60 9.76 9.47
CA SER K 14 53.43 8.43 8.86
C SER K 14 52.06 7.80 9.15
N ASN K 15 51.61 7.91 10.40
CA ASN K 15 50.35 7.32 10.88
C ASN K 15 49.10 8.13 10.50
N VAL K 16 49.25 9.43 10.25
CA VAL K 16 48.11 10.30 9.88
C VAL K 16 47.88 10.25 8.37
N ARG K 17 46.66 9.87 7.97
CA ARG K 17 46.32 9.80 6.53
C ARG K 17 45.96 11.19 6.02
N ASP K 18 46.51 11.52 4.86
CA ASP K 18 46.27 12.81 4.21
C ASP K 18 45.37 12.59 2.99
N PRO K 19 44.09 13.01 3.08
CA PRO K 19 43.14 12.84 1.98
C PRO K 19 43.49 13.72 0.77
N ARG K 20 44.12 14.87 1.02
CA ARG K 20 44.53 15.80 -0.04
C ARG K 20 45.49 15.07 -0.97
N GLY K 21 46.49 14.42 -0.39
CA GLY K 21 47.46 13.68 -1.18
C GLY K 21 46.93 12.36 -1.69
N GLU K 22 45.84 11.86 -1.10
CA GLU K 22 45.27 10.57 -1.47
C GLU K 22 44.28 10.73 -2.63
N THR K 23 43.70 11.92 -2.78
CA THR K 23 42.75 12.16 -3.86
C THR K 23 43.54 12.42 -5.15
N ILE K 24 44.73 12.99 -4.97
CA ILE K 24 45.61 13.30 -6.11
C ILE K 24 46.34 12.03 -6.55
N GLU K 25 46.63 11.17 -5.57
CA GLU K 25 47.30 9.88 -5.82
C GLU K 25 46.33 9.01 -6.65
N ARG K 26 45.04 9.11 -6.33
CA ARG K 26 44.00 8.35 -7.02
C ARG K 26 43.73 8.94 -8.41
N VAL K 27 44.10 10.19 -8.63
CA VAL K 27 43.88 10.83 -9.94
C VAL K 27 45.01 10.44 -10.89
N LEU K 28 46.23 10.55 -10.41
CA LEU K 28 47.43 10.27 -11.23
C LEU K 28 47.53 8.79 -11.60
N ARG K 29 46.75 7.92 -10.97
CA ARG K 29 46.85 6.48 -11.28
C ARG K 29 45.65 5.97 -12.08
N GLU K 30 44.48 6.61 -11.94
CA GLU K 30 43.28 6.12 -12.65
C GLU K 30 42.89 7.04 -13.81
N GLU K 31 42.96 8.36 -13.62
CA GLU K 31 42.59 9.32 -14.67
C GLU K 31 43.78 9.62 -15.59
N LYS K 32 45.00 9.68 -15.06
CA LYS K 32 46.19 9.98 -15.88
C LYS K 32 46.95 8.69 -16.21
N GLY K 33 46.59 7.60 -15.54
CA GLY K 33 47.19 6.29 -15.78
C GLY K 33 48.68 6.07 -15.59
N LEU K 34 49.34 6.95 -14.85
CA LEU K 34 50.79 6.86 -14.57
C LEU K 34 51.02 5.98 -13.34
N PRO K 35 51.90 4.95 -13.44
CA PRO K 35 52.16 4.07 -12.29
C PRO K 35 52.85 4.75 -11.11
N VAL K 36 52.05 5.35 -10.24
CA VAL K 36 52.57 6.10 -9.09
C VAL K 36 51.98 5.56 -7.79
N LYS K 37 52.83 4.89 -7.00
CA LYS K 37 52.42 4.40 -5.70
C LYS K 37 52.84 5.35 -4.58
N LYS K 38 51.89 6.12 -4.08
CA LYS K 38 51.74 6.34 -2.65
C LYS K 38 52.21 7.73 -2.25
N LEU K 39 51.40 8.74 -2.57
CA LEU K 39 51.87 10.12 -2.62
C LEU K 39 51.66 10.81 -1.27
N ARG K 40 52.47 11.82 -1.00
CA ARG K 40 52.26 12.70 0.15
C ARG K 40 52.31 14.15 -0.37
N LEU K 41 51.48 15.03 0.16
CA LEU K 41 51.45 16.44 -0.29
C LEU K 41 51.65 17.36 0.91
N GLY K 42 52.79 18.05 0.96
CA GLY K 42 53.10 18.93 2.07
C GLY K 42 53.56 20.31 1.69
N LYS K 43 54.25 20.99 2.60
CA LYS K 43 54.71 22.37 2.38
C LYS K 43 56.25 22.38 2.32
N SER K 44 56.83 23.27 1.51
CA SER K 44 58.30 23.42 1.42
C SER K 44 58.62 24.89 1.63
N ILE K 45 59.24 25.22 2.75
CA ILE K 45 59.55 26.62 3.09
C ILE K 45 61.05 26.89 2.97
N HIS K 46 61.37 27.87 2.13
CA HIS K 46 62.75 28.33 1.91
C HIS K 46 62.96 29.57 2.76
N LEU K 47 64.10 29.67 3.46
CA LEU K 47 64.39 30.85 4.28
C LEU K 47 65.89 31.07 4.41
N GLU K 48 66.28 32.35 4.42
CA GLU K 48 67.67 32.79 4.55
C GLU K 48 67.84 33.27 6.00
N VAL K 49 68.90 32.82 6.66
CA VAL K 49 69.15 33.17 8.07
C VAL K 49 70.44 33.96 8.20
N GLU K 50 70.43 34.93 9.12
CA GLU K 50 71.59 35.76 9.46
C GLU K 50 72.01 35.40 10.88
N ALA K 51 73.10 34.65 11.02
CA ALA K 51 73.54 34.22 12.35
C ALA K 51 75.04 34.45 12.53
N GLU K 52 75.69 33.48 13.18
CA GLU K 52 77.13 33.50 13.49
C GLU K 52 77.81 32.34 12.76
N ASN K 53 77.70 31.14 13.35
CA ASN K 53 78.29 29.88 12.85
C ASN K 53 77.23 29.08 12.09
N LYS K 54 77.64 27.91 11.59
CA LYS K 54 76.74 27.01 10.85
C LYS K 54 75.77 26.36 11.86
N GLU K 55 76.25 26.20 13.09
CA GLU K 55 75.54 25.59 14.23
C GLU K 55 74.39 26.48 14.70
N LYS K 56 74.69 27.77 14.91
CA LYS K 56 73.73 28.78 15.39
C LYS K 56 72.61 28.99 14.37
N ALA K 57 72.90 28.79 13.08
CA ALA K 57 71.96 28.97 11.97
C ALA K 57 70.91 27.85 11.94
N TYR K 58 71.35 26.61 12.13
CA TYR K 58 70.47 25.43 12.10
C TYR K 58 69.47 25.49 13.26
N GLU K 59 69.90 25.93 14.44
CA GLU K 59 69.00 25.98 15.60
C GLU K 59 68.02 27.16 15.51
N ILE K 60 68.30 28.13 14.62
CA ILE K 60 67.38 29.27 14.40
C ILE K 60 66.14 28.74 13.67
N VAL K 61 66.40 27.97 12.62
CA VAL K 61 65.38 27.35 11.76
C VAL K 61 64.52 26.39 12.59
N LYS K 62 65.13 25.72 13.55
CA LYS K 62 64.47 24.76 14.44
C LYS K 62 63.50 25.45 15.41
N LYS K 63 63.80 26.68 15.83
CA LYS K 63 62.91 27.40 16.75
C LYS K 63 61.70 27.96 15.99
N ALA K 64 61.94 28.38 14.75
CA ALA K 64 60.91 28.94 13.88
C ALA K 64 59.93 27.84 13.43
N CYS K 65 60.33 26.58 13.60
CA CYS K 65 59.50 25.42 13.20
C CYS K 65 58.58 25.00 14.35
N GLU K 66 59.16 24.72 15.52
CA GLU K 66 58.43 24.26 16.71
C GLU K 66 57.47 25.32 17.25
N GLU K 67 57.70 26.59 16.89
CA GLU K 67 56.87 27.70 17.38
C GLU K 67 55.84 28.16 16.34
N LEU K 68 56.02 27.89 15.04
CA LEU K 68 55.02 28.34 14.05
C LEU K 68 54.71 27.51 12.80
N LEU K 69 55.72 27.33 11.96
CA LEU K 69 55.69 26.66 10.64
C LEU K 69 55.30 25.19 10.73
N VAL K 70 55.90 24.43 11.63
CA VAL K 70 55.58 23.00 11.75
C VAL K 70 54.73 22.77 12.99
N ASN K 71 53.51 22.26 12.78
CA ASN K 71 52.62 21.94 13.90
C ASN K 71 53.14 20.64 14.52
N PRO K 72 53.59 20.68 15.80
CA PRO K 72 54.14 19.50 16.49
C PRO K 72 53.26 18.24 16.64
N VAL K 73 51.96 18.41 16.43
CA VAL K 73 50.98 17.33 16.61
C VAL K 73 50.85 16.44 15.37
N VAL K 74 50.48 17.00 14.22
CA VAL K 74 50.26 16.20 13.00
C VAL K 74 51.37 16.34 11.96
N GLU K 75 52.20 17.37 12.06
CA GLU K 75 53.26 17.58 11.07
C GLU K 75 54.63 17.11 11.56
N GLU K 76 55.40 16.61 10.60
CA GLU K 76 56.77 16.09 10.73
C GLU K 76 57.63 16.94 9.79
N TYR K 77 58.95 17.02 9.99
CA TYR K 77 59.77 17.84 9.08
C TYR K 77 61.24 17.41 9.05
N GLU K 78 61.91 17.80 7.97
CA GLU K 78 63.34 17.55 7.75
C GLU K 78 63.91 18.70 6.91
N VAL K 79 64.94 19.36 7.42
CA VAL K 79 65.56 20.50 6.74
C VAL K 79 66.88 20.12 6.05
N ARG K 80 67.18 20.77 4.93
CA ARG K 80 68.39 20.58 4.11
C ARG K 80 68.94 21.95 3.72
N GLU K 81 70.26 22.05 3.52
CA GLU K 81 70.91 23.31 3.16
C GLU K 81 70.74 23.61 1.67
N LEU K 82 71.12 24.82 1.24
CA LEU K 82 71.07 25.23 -0.17
C LEU K 82 72.37 25.94 -0.54
N MET L 1 10.37 26.66 -26.38
CA MET L 1 10.09 28.01 -26.91
C MET L 1 11.05 29.03 -26.32
N LYS L 2 11.92 28.59 -25.39
CA LYS L 2 12.92 29.42 -24.70
C LYS L 2 14.32 28.88 -25.00
N PRO L 3 15.41 29.70 -24.94
CA PRO L 3 16.78 29.24 -25.21
C PRO L 3 17.34 28.18 -24.25
N ARG L 4 18.30 27.40 -24.75
CA ARG L 4 18.89 26.29 -23.99
C ARG L 4 20.20 26.70 -23.31
N ALA L 5 20.29 26.37 -22.01
CA ALA L 5 21.46 26.66 -21.18
C ALA L 5 21.79 25.42 -20.34
N CYS L 6 23.04 25.33 -19.87
CA CYS L 6 23.47 24.18 -19.06
C CYS L 6 24.48 24.58 -17.98
N VAL L 7 24.38 23.88 -16.85
CA VAL L 7 25.25 24.04 -15.67
C VAL L 7 25.99 22.72 -15.47
N VAL L 8 27.33 22.78 -15.47
CA VAL L 8 28.16 21.57 -15.38
C VAL L 8 28.40 21.14 -13.92
N VAL L 9 27.79 20.02 -13.53
CA VAL L 9 27.95 19.49 -12.18
C VAL L 9 29.20 18.62 -12.10
N TYR L 10 30.29 19.26 -11.64
CA TYR L 10 31.59 18.63 -11.41
C TYR L 10 31.55 18.03 -10.00
N PRO L 11 32.15 16.84 -9.80
CA PRO L 11 32.16 16.21 -8.46
C PRO L 11 32.79 17.13 -7.40
N GLY L 12 31.91 17.90 -6.76
CA GLY L 12 32.32 18.82 -5.73
C GLY L 12 31.74 20.22 -5.84
N SER L 13 30.98 20.50 -6.92
CA SER L 13 30.40 21.83 -7.16
C SER L 13 29.26 22.15 -6.18
N ASN L 14 29.25 23.40 -5.68
CA ASN L 14 28.29 23.86 -4.68
C ASN L 14 27.28 24.87 -5.24
N CYS L 15 27.69 25.71 -6.18
CA CYS L 15 26.79 26.72 -6.74
C CYS L 15 26.13 26.26 -8.05
N ASP L 16 25.64 25.03 -8.07
CA ASP L 16 24.94 24.52 -9.26
C ASP L 16 23.44 24.81 -9.14
N ARG L 17 22.91 24.64 -7.92
CA ARG L 17 21.49 24.88 -7.59
C ARG L 17 21.18 26.38 -7.69
N ASP L 18 22.22 27.20 -7.59
CA ASP L 18 22.11 28.67 -7.65
C ASP L 18 22.14 29.13 -9.11
N ALA L 19 22.89 28.40 -9.94
CA ALA L 19 23.04 28.71 -11.37
C ALA L 19 21.75 28.33 -12.10
N TYR L 20 21.20 27.14 -11.78
CA TYR L 20 19.97 26.60 -12.37
C TYR L 20 18.82 27.58 -12.13
N HIS L 21 18.67 28.00 -10.87
CA HIS L 21 17.63 28.92 -10.37
C HIS L 21 17.77 30.29 -11.02
N ALA L 22 19.00 30.79 -11.12
CA ALA L 22 19.30 32.10 -11.70
C ALA L 22 19.03 32.09 -13.21
N LEU L 23 19.11 30.89 -13.79
CA LEU L 23 18.87 30.73 -15.23
C LEU L 23 17.37 30.54 -15.49
N GLU L 24 16.66 29.88 -14.57
CA GLU L 24 15.23 29.59 -14.71
C GLU L 24 14.37 30.85 -14.64
N ILE L 25 14.67 31.75 -13.69
CA ILE L 25 13.88 32.99 -13.51
C ILE L 25 14.36 34.13 -14.39
N ASN L 26 15.17 33.82 -15.41
CA ASN L 26 15.68 34.86 -16.31
C ASN L 26 15.56 34.46 -17.79
N GLY L 27 14.46 33.78 -18.13
CA GLY L 27 14.16 33.39 -19.49
C GLY L 27 14.84 32.22 -20.20
N PHE L 28 15.61 31.43 -19.47
CA PHE L 28 16.31 30.28 -20.07
C PHE L 28 15.62 28.97 -19.65
N GLU L 29 16.10 27.88 -20.24
CA GLU L 29 15.66 26.52 -19.93
C GLU L 29 16.91 25.72 -19.57
N PRO L 30 17.31 25.75 -18.28
CA PRO L 30 18.49 25.03 -17.82
C PRO L 30 18.35 23.51 -17.71
N SER L 31 19.48 22.84 -17.82
CA SER L 31 19.57 21.37 -17.70
C SER L 31 20.96 21.01 -17.14
N TYR L 32 20.96 20.24 -16.05
CA TYR L 32 22.21 19.78 -15.43
C TYR L 32 22.91 18.79 -16.35
N VAL L 33 24.17 19.07 -16.65
CA VAL L 33 25.00 18.19 -17.49
C VAL L 33 26.20 17.71 -16.67
N GLY L 34 26.39 16.39 -16.65
CA GLY L 34 27.49 15.81 -15.90
C GLY L 34 28.67 15.50 -16.80
N LEU L 35 29.49 14.55 -16.36
CA LEU L 35 30.67 14.14 -17.12
C LEU L 35 30.23 13.13 -18.19
N ASP L 36 31.03 12.99 -19.25
CA ASP L 36 30.81 12.09 -20.39
C ASP L 36 29.63 12.55 -21.25
N ASP L 37 29.03 13.67 -20.87
CA ASP L 37 27.87 14.26 -21.57
C ASP L 37 28.37 15.14 -22.72
N LYS L 38 27.47 15.43 -23.66
CA LYS L 38 27.75 16.27 -24.85
C LYS L 38 27.09 17.63 -24.69
N LEU L 39 27.80 18.68 -25.11
CA LEU L 39 27.35 20.07 -25.00
C LEU L 39 27.10 20.72 -26.37
N ASP L 40 26.61 19.93 -27.33
CA ASP L 40 26.35 20.43 -28.69
C ASP L 40 25.04 21.21 -28.75
N ASP L 41 24.01 20.64 -28.12
CA ASP L 41 22.63 21.14 -28.11
C ASP L 41 22.45 22.45 -27.30
N TYR L 42 23.44 22.87 -26.52
CA TYR L 42 23.28 24.06 -25.66
C TYR L 42 23.89 25.32 -26.29
N GLU L 43 23.32 26.47 -25.92
CA GLU L 43 23.73 27.78 -26.42
C GLU L 43 24.55 28.55 -25.37
N LEU L 44 24.43 28.17 -24.09
CA LEU L 44 25.17 28.82 -23.01
C LEU L 44 25.70 27.75 -22.05
N ILE L 45 27.02 27.73 -21.85
CA ILE L 45 27.63 26.76 -20.93
C ILE L 45 28.12 27.51 -19.69
N ILE L 46 27.51 27.20 -18.56
CA ILE L 46 27.85 27.79 -17.27
C ILE L 46 28.72 26.80 -16.49
N LEU L 47 29.87 27.30 -16.06
CA LEU L 47 30.79 26.52 -15.22
C LEU L 47 30.66 27.11 -13.81
N PRO L 48 29.86 26.43 -12.96
CA PRO L 48 29.54 26.77 -11.57
C PRO L 48 30.62 26.96 -10.51
N GLY L 49 30.18 27.62 -9.44
CA GLY L 49 31.03 27.92 -8.31
C GLY L 49 31.12 26.79 -7.29
N GLY L 50 31.82 27.10 -6.21
CA GLY L 50 32.02 26.13 -5.16
C GLY L 50 33.44 25.65 -5.05
N PHE L 51 33.58 24.39 -4.65
CA PHE L 51 34.90 23.77 -4.46
C PHE L 51 34.98 22.48 -5.27
N SER L 52 35.22 22.61 -6.58
CA SER L 52 35.33 21.46 -7.50
C SER L 52 36.54 20.61 -7.14
N TYR L 53 36.25 19.37 -6.73
CA TYR L 53 37.21 18.35 -6.27
C TYR L 53 37.89 18.79 -4.98
N GLY L 54 37.10 19.51 -4.18
CA GLY L 54 37.49 20.05 -2.88
C GLY L 54 38.69 20.98 -2.87
N ASP L 55 39.06 21.47 -4.06
CA ASP L 55 40.23 22.35 -4.30
C ASP L 55 41.50 21.62 -3.83
N TYR L 56 41.54 20.31 -4.03
CA TYR L 56 42.62 19.50 -3.45
C TYR L 56 44.07 19.81 -3.83
N LEU L 57 44.41 20.07 -5.09
CA LEU L 57 45.82 20.43 -5.32
C LEU L 57 45.91 21.94 -5.50
N ARG L 58 44.99 22.40 -6.33
CA ARG L 58 44.81 23.80 -6.73
C ARG L 58 43.37 23.87 -7.25
N PRO L 59 42.69 25.00 -7.07
CA PRO L 59 41.31 25.17 -7.53
C PRO L 59 40.90 24.74 -8.94
N GLY L 60 40.05 23.72 -8.98
CA GLY L 60 39.52 23.17 -10.22
C GLY L 60 40.49 22.62 -11.23
N ALA L 61 41.73 22.43 -10.81
CA ALA L 61 42.80 21.90 -11.68
C ALA L 61 42.55 20.42 -11.94
N VAL L 62 41.91 19.77 -10.97
CA VAL L 62 41.59 18.33 -11.03
C VAL L 62 40.31 18.14 -11.84
N ALA L 63 39.68 19.27 -12.10
CA ALA L 63 38.42 19.36 -12.85
C ALA L 63 38.68 19.85 -14.27
N ALA L 64 39.83 20.47 -14.46
CA ALA L 64 40.22 20.99 -15.77
C ALA L 64 40.76 19.83 -16.61
N ARG L 65 41.31 18.84 -15.93
CA ARG L 65 41.87 17.65 -16.60
C ARG L 65 40.84 16.52 -16.58
N GLU L 66 39.58 16.91 -16.83
CA GLU L 66 38.43 16.00 -16.90
C GLU L 66 37.99 15.87 -18.36
N LYS L 67 37.18 14.84 -18.62
CA LYS L 67 36.71 14.48 -19.97
C LYS L 67 35.89 15.57 -20.65
N ILE L 68 35.06 16.31 -19.91
CA ILE L 68 34.21 17.33 -20.55
C ILE L 68 34.97 18.60 -20.92
N ALA L 69 36.30 18.55 -20.83
CA ALA L 69 37.15 19.68 -21.22
C ALA L 69 37.28 19.65 -22.75
N PHE L 70 37.34 18.42 -23.28
CA PHE L 70 37.44 18.12 -24.71
C PHE L 70 36.13 18.49 -25.39
N GLU L 71 35.11 18.76 -24.56
CA GLU L 71 33.76 19.12 -25.00
C GLU L 71 33.51 20.62 -24.79
N ILE L 72 34.21 21.24 -23.85
CA ILE L 72 34.05 22.69 -23.61
C ILE L 72 34.92 23.46 -24.62
N ALA L 73 36.09 22.90 -24.92
CA ALA L 73 37.07 23.48 -25.86
C ALA L 73 36.49 23.46 -27.27
N LYS L 74 35.77 22.38 -27.58
CA LYS L 74 35.11 22.17 -28.87
C LYS L 74 34.00 23.21 -29.05
N ALA L 75 33.34 23.54 -27.93
CA ALA L 75 32.23 24.51 -27.90
C ALA L 75 32.77 25.94 -27.88
N ALA L 76 34.02 26.08 -27.43
CA ALA L 76 34.68 27.39 -27.34
C ALA L 76 35.13 27.86 -28.72
N GLU L 77 35.76 26.96 -29.47
CA GLU L 77 36.26 27.22 -30.82
C GLU L 77 35.06 27.44 -31.77
N ARG L 78 33.94 26.77 -31.46
CA ARG L 78 32.71 26.89 -32.26
C ARG L 78 32.11 28.28 -32.05
N GLY L 79 32.36 28.89 -30.90
CA GLY L 79 31.85 30.22 -30.62
C GLY L 79 30.67 30.37 -29.68
N LYS L 80 30.27 29.26 -29.03
CA LYS L 80 29.16 29.28 -28.07
C LYS L 80 29.66 29.95 -26.78
N LEU L 81 28.84 30.87 -26.27
CA LEU L 81 29.14 31.66 -25.07
C LEU L 81 29.34 30.76 -23.85
N ILE L 82 30.48 30.96 -23.17
CA ILE L 82 30.82 30.21 -21.95
C ILE L 82 31.12 31.19 -20.82
N MET L 83 30.50 30.96 -19.66
CA MET L 83 30.68 31.81 -18.47
C MET L 83 31.04 30.94 -17.27
N GLY L 84 32.22 31.21 -16.75
CA GLY L 84 32.70 30.49 -15.59
C GLY L 84 32.70 31.47 -14.45
N ILE L 85 31.95 31.14 -13.42
CA ILE L 85 31.87 32.02 -12.23
C ILE L 85 32.96 31.62 -11.24
N ASN L 87 34.46 29.66 -9.04
CA ASN L 87 35.31 28.46 -9.19
C ASN L 87 35.47 28.11 -10.67
N GLY L 88 34.50 28.48 -11.49
CA GLY L 88 34.55 28.18 -12.92
C GLY L 88 35.64 28.93 -13.68
N PHE L 89 35.97 30.12 -13.20
CA PHE L 89 37.00 31.01 -13.76
C PHE L 89 38.35 30.31 -13.56
N GLN L 90 38.48 29.76 -12.37
CA GLN L 90 39.69 29.05 -11.96
C GLN L 90 39.87 27.80 -12.82
N ILE L 91 38.77 27.27 -13.36
CA ILE L 91 38.80 26.06 -14.20
C ILE L 91 39.22 26.43 -15.63
N LEU L 92 38.72 27.57 -16.08
CA LEU L 92 38.98 28.08 -17.43
C LEU L 92 40.42 28.56 -17.60
N ILE L 93 41.07 28.99 -16.51
CA ILE L 93 42.47 29.44 -16.62
C ILE L 93 43.40 28.22 -16.65
N GLU L 94 42.92 27.11 -16.09
CA GLU L 94 43.69 25.86 -16.05
C GLU L 94 43.42 25.04 -17.31
N MET L 95 42.34 25.40 -18.03
CA MET L 95 41.99 24.75 -19.30
C MET L 95 42.69 25.49 -20.44
N GLY L 96 42.98 26.77 -20.19
CA GLY L 96 43.70 27.60 -21.14
C GLY L 96 42.85 28.45 -22.05
N LEU L 97 41.54 28.48 -21.77
CA LEU L 97 40.60 29.26 -22.58
C LEU L 97 40.65 30.72 -22.14
N LEU L 98 41.23 30.93 -20.95
CA LEU L 98 41.41 32.26 -20.35
C LEU L 98 42.88 32.45 -19.96
N LYS L 99 43.38 33.67 -20.16
CA LYS L 99 44.77 34.06 -19.87
C LYS L 99 44.98 34.37 -18.39
N GLY L 100 46.22 34.18 -17.93
CA GLY L 100 46.59 34.44 -16.54
C GLY L 100 46.41 33.30 -15.55
N ALA L 101 46.35 33.67 -14.26
CA ALA L 101 46.14 32.69 -13.17
C ALA L 101 45.53 33.37 -11.93
N LEU L 102 44.94 32.51 -11.10
CA LEU L 102 44.28 32.91 -9.84
C LEU L 102 44.93 32.21 -8.65
N LEU L 103 45.54 33.04 -7.80
CA LEU L 103 46.28 32.64 -6.59
C LEU L 103 45.50 33.07 -5.34
N GLN L 104 46.08 32.81 -4.16
CA GLN L 104 45.47 33.11 -2.86
C GLN L 104 45.39 34.61 -2.60
N ASN L 105 44.31 35.05 -1.93
CA ASN L 105 44.07 36.47 -1.61
C ASN L 105 45.23 36.98 -0.74
N SER L 106 45.60 38.25 -0.93
CA SER L 106 46.69 38.86 -0.15
C SER L 106 46.38 38.80 1.34
N SER L 107 45.12 39.06 1.66
CA SER L 107 44.60 39.03 3.03
C SER L 107 44.30 37.58 3.45
N GLY L 108 45.37 36.77 3.41
CA GLY L 108 45.38 35.37 3.81
C GLY L 108 44.26 34.37 3.59
N LYS L 109 43.05 34.65 4.10
CA LYS L 109 41.95 33.69 3.91
C LYS L 109 40.71 34.34 3.29
N PHE L 110 39.75 33.45 3.08
CA PHE L 110 38.41 33.58 2.50
C PHE L 110 37.76 34.94 2.73
N ILE L 111 37.09 35.45 1.68
CA ILE L 111 36.33 36.70 1.74
C ILE L 111 34.92 36.46 1.17
N CYS L 112 33.89 36.71 1.98
CA CYS L 112 32.48 36.59 1.58
C CYS L 112 31.78 37.89 1.97
N LYS L 113 31.68 38.77 0.99
CA LYS L 113 31.15 40.13 1.21
C LYS L 113 30.44 40.61 -0.05
N TRP L 114 29.69 41.71 0.09
CA TRP L 114 28.98 42.35 -1.02
C TRP L 114 29.89 43.47 -1.54
N VAL L 115 30.61 43.15 -2.62
CA VAL L 115 31.61 44.04 -3.22
C VAL L 115 31.04 44.90 -4.36
N ASP L 116 31.53 46.14 -4.40
CA ASP L 116 31.19 47.17 -5.40
C ASP L 116 32.13 47.05 -6.59
N LEU L 117 31.57 46.97 -7.81
CA LEU L 117 32.32 46.85 -9.07
C LEU L 117 31.90 47.90 -10.09
N ILE L 118 32.83 48.19 -10.99
CA ILE L 118 32.64 49.12 -12.12
C ILE L 118 32.87 48.34 -13.42
N VAL L 119 31.87 48.38 -14.30
CA VAL L 119 31.93 47.69 -15.60
C VAL L 119 32.74 48.55 -16.57
N GLU L 120 34.00 48.18 -16.75
CA GLU L 120 34.92 48.92 -17.63
C GLU L 120 34.64 48.60 -19.11
N ASN L 121 33.71 47.69 -19.38
CA ASN L 121 33.47 47.31 -20.78
C ASN L 121 32.10 46.66 -21.01
N ASN L 122 31.28 47.29 -21.88
CA ASN L 122 30.05 46.67 -22.38
C ASN L 122 30.43 46.37 -23.83
N ASP L 123 29.52 45.97 -24.73
CA ASP L 123 29.88 45.67 -26.13
C ASP L 123 30.54 44.31 -25.89
N THR L 124 30.01 43.60 -24.91
CA THR L 124 30.45 42.26 -24.51
C THR L 124 29.12 41.53 -24.30
N PRO L 125 28.95 40.34 -24.94
CA PRO L 125 27.74 39.54 -24.84
C PRO L 125 27.21 39.26 -23.43
N PHE L 126 27.96 39.67 -22.43
CA PHE L 126 27.59 39.43 -21.04
C PHE L 126 27.38 40.75 -20.28
N THR L 127 27.73 41.88 -20.88
CA THR L 127 27.60 43.17 -20.18
C THR L 127 27.06 44.32 -21.04
N ASN L 128 26.07 44.07 -21.91
CA ASN L 128 25.53 45.12 -22.77
C ASN L 128 24.23 45.73 -22.22
N ALA L 129 23.78 45.29 -21.03
CA ALA L 129 22.57 45.81 -20.37
C ALA L 129 22.97 46.83 -19.32
N PHE L 130 24.28 47.12 -19.30
CA PHE L 130 24.92 48.09 -18.39
C PHE L 130 25.50 49.24 -19.22
N GLU L 131 25.70 50.38 -18.56
CA GLU L 131 26.28 51.59 -19.16
C GLU L 131 27.81 51.43 -19.10
N LYS L 132 28.57 52.31 -19.75
CA LYS L 132 30.04 52.17 -19.70
C LYS L 132 30.57 52.76 -18.39
N GLY L 133 30.62 51.92 -17.36
CA GLY L 133 31.10 52.30 -16.04
C GLY L 133 30.06 52.28 -14.92
N GLU L 134 29.02 51.46 -15.04
CA GLU L 134 27.96 51.39 -14.03
C GLU L 134 28.48 50.76 -12.73
N LYS L 135 28.12 51.39 -11.61
CA LYS L 135 28.50 50.93 -10.26
C LYS L 135 27.48 49.90 -9.80
N ILE L 136 27.87 48.62 -9.86
CA ILE L 136 26.98 47.51 -9.50
C ILE L 136 27.41 46.79 -8.22
N ARG L 137 26.40 46.33 -7.49
CA ARG L 137 26.60 45.58 -6.23
C ARG L 137 26.28 44.10 -6.48
N ILE L 138 27.34 43.29 -6.51
CA ILE L 138 27.31 41.84 -6.76
C ILE L 138 28.33 41.16 -5.84
N PRO L 139 27.91 40.16 -5.01
CA PRO L 139 28.74 39.42 -4.03
C PRO L 139 29.90 38.52 -4.46
N ILE L 140 30.71 38.10 -3.49
CA ILE L 140 31.89 37.23 -3.75
C ILE L 140 31.99 36.12 -2.69
N ALA L 141 32.84 35.14 -2.97
CA ALA L 141 33.35 34.25 -1.93
C ALA L 141 34.69 33.64 -2.35
N HIS L 142 35.78 34.33 -2.04
CA HIS L 142 37.10 33.91 -2.47
C HIS L 142 37.87 33.27 -1.31
N GLY L 143 38.73 32.30 -1.64
CA GLY L 143 40.02 32.19 -1.00
C GLY L 143 41.17 32.25 -1.99
N PHE L 144 40.86 31.98 -3.26
CA PHE L 144 41.83 32.17 -4.35
C PHE L 144 41.24 33.07 -5.44
N GLY L 145 41.28 34.40 -5.22
CA GLY L 145 40.74 35.35 -6.18
C GLY L 145 41.68 36.42 -6.68
N ARG L 146 42.96 36.25 -6.39
CA ARG L 146 44.01 37.19 -6.79
C ARG L 146 44.41 36.94 -8.25
N TYR L 147 43.90 37.80 -9.13
CA TYR L 147 44.21 37.66 -10.56
C TYR L 147 45.61 38.23 -10.83
N VAL L 148 46.33 37.55 -11.72
CA VAL L 148 47.66 37.99 -12.13
C VAL L 148 47.72 38.04 -13.66
N LYS L 149 47.96 39.25 -14.18
CA LYS L 149 48.02 39.52 -15.62
C LYS L 149 49.30 38.94 -16.22
N ILE L 150 49.13 38.20 -17.30
CA ILE L 150 50.25 37.55 -18.00
C ILE L 150 50.34 38.06 -19.43
N ASP L 151 49.21 38.48 -19.96
CA ASP L 151 49.07 38.98 -21.34
C ASP L 151 48.07 40.15 -21.27
N ASP L 152 48.20 41.15 -22.14
CA ASP L 152 47.24 42.27 -22.15
C ASP L 152 45.86 41.71 -22.47
N VAL L 153 45.18 41.27 -21.42
CA VAL L 153 43.86 40.64 -21.54
C VAL L 153 42.76 41.71 -21.51
N ASN L 154 41.56 41.30 -21.92
CA ASN L 154 40.39 42.19 -21.99
C ASN L 154 39.66 42.26 -20.65
N VAL L 155 39.87 43.37 -19.96
CA VAL L 155 39.29 43.68 -18.64
C VAL L 155 37.80 44.01 -18.81
N VAL L 156 36.96 43.35 -18.01
CA VAL L 156 35.50 43.57 -18.08
C VAL L 156 35.01 44.19 -16.78
N LEU L 157 35.16 43.43 -15.70
CA LEU L 157 34.73 43.88 -14.37
C LEU L 157 35.95 44.16 -13.49
N ARG L 158 35.88 45.28 -12.77
CA ARG L 158 36.93 45.73 -11.86
C ARG L 158 36.32 46.04 -10.50
N TYR L 159 36.97 45.65 -9.40
CA TYR L 159 36.47 45.93 -8.05
C TYR L 159 36.71 47.42 -7.78
N VAL L 160 35.99 47.99 -6.83
CA VAL L 160 36.13 49.40 -6.49
C VAL L 160 37.36 49.59 -5.61
N LYS L 161 37.69 48.56 -4.83
CA LYS L 161 38.68 48.69 -3.77
C LYS L 161 39.13 47.23 -3.61
N ASP L 162 40.33 46.94 -4.09
CA ASP L 162 41.37 46.37 -3.24
C ASP L 162 41.20 45.07 -2.46
N VAL L 163 40.26 44.24 -2.92
CA VAL L 163 39.84 43.08 -2.15
C VAL L 163 40.91 42.01 -2.02
N ASN L 164 41.29 41.41 -3.14
CA ASN L 164 42.27 40.31 -3.15
C ASN L 164 43.67 40.84 -3.46
N GLY L 165 43.73 42.03 -4.05
CA GLY L 165 45.02 42.58 -4.44
C GLY L 165 45.29 42.02 -5.82
N SER L 166 44.18 41.76 -6.53
CA SER L 166 44.20 41.26 -7.91
C SER L 166 44.71 42.38 -8.79
N ASP L 167 45.68 42.10 -9.68
CA ASP L 167 46.29 43.06 -10.61
C ASP L 167 45.22 43.94 -11.24
N GLU L 168 45.46 45.26 -11.25
CA GLU L 168 44.56 46.28 -11.81
C GLU L 168 43.11 46.12 -11.32
N ARG L 169 42.94 45.57 -10.11
CA ARG L 169 41.68 45.31 -9.43
C ARG L 169 40.71 44.52 -10.33
N ILE L 170 41.24 43.50 -11.00
CA ILE L 170 40.50 42.67 -11.96
C ILE L 170 39.62 41.62 -11.28
N ALA L 171 38.34 41.66 -11.67
CA ALA L 171 37.27 40.76 -11.19
C ALA L 171 36.80 39.83 -12.31
N GLY L 172 36.75 40.37 -13.54
CA GLY L 172 36.31 39.59 -14.69
C GLY L 172 37.04 39.88 -15.99
N VAL L 173 37.37 38.82 -16.72
CA VAL L 173 38.10 38.94 -18.00
C VAL L 173 37.35 38.22 -19.12
N LEU L 174 37.78 38.50 -20.36
CA LEU L 174 37.20 37.89 -21.56
C LEU L 174 38.29 37.22 -22.40
N ASN L 175 37.81 36.48 -23.39
CA ASN L 175 38.61 35.72 -24.37
C ASN L 175 39.14 36.69 -25.44
N GLU L 176 39.84 36.11 -26.42
CA GLU L 176 40.40 36.82 -27.58
C GLU L 176 39.22 37.26 -28.46
N SER L 177 38.39 36.26 -28.79
CA SER L 177 37.18 36.38 -29.62
C SER L 177 36.11 37.15 -28.85
N GLY L 178 35.76 36.64 -27.67
CA GLY L 178 34.78 37.29 -26.82
C GLY L 178 33.60 36.43 -26.44
N ASN L 179 33.77 35.11 -26.50
CA ASN L 179 32.70 34.15 -26.19
C ASN L 179 32.89 33.53 -24.80
N VAL L 180 34.13 33.48 -24.30
CA VAL L 180 34.40 32.90 -22.98
C VAL L 180 34.60 34.01 -21.95
N PHE L 181 33.85 33.93 -20.86
CA PHE L 181 33.86 34.91 -19.76
C PHE L 181 34.39 34.29 -18.47
N GLY L 182 35.28 35.05 -17.84
CA GLY L 182 35.88 34.67 -16.58
C GLY L 182 35.37 35.69 -15.57
N LEU L 183 34.79 35.22 -14.48
CA LEU L 183 34.20 36.10 -13.46
C LEU L 183 34.52 35.59 -12.05
N MET L 184 34.82 36.52 -11.14
CA MET L 184 35.05 36.14 -9.74
C MET L 184 33.77 36.39 -8.94
N PRO L 185 33.13 37.59 -9.04
CA PRO L 185 31.90 37.78 -8.27
C PRO L 185 30.75 36.88 -8.75
N HIS L 186 29.97 36.39 -7.80
CA HIS L 186 28.83 35.50 -8.06
C HIS L 186 27.62 36.28 -8.56
N PRO L 187 27.22 36.09 -9.84
CA PRO L 187 26.06 36.84 -10.35
C PRO L 187 24.73 36.15 -10.10
N GLU L 188 24.81 34.84 -9.82
CA GLU L 188 23.63 34.01 -9.56
C GLU L 188 23.06 34.30 -8.17
N ARG L 189 23.69 35.23 -7.46
CA ARG L 189 23.21 35.58 -6.12
C ARG L 189 22.51 36.93 -6.13
N ALA L 190 22.79 37.77 -7.15
CA ALA L 190 22.18 39.10 -7.28
C ALA L 190 21.05 39.08 -8.30
N VAL L 191 20.05 38.22 -8.05
CA VAL L 191 18.89 38.04 -8.95
C VAL L 191 17.61 38.47 -8.24
N GLU L 192 17.56 38.23 -6.93
CA GLU L 192 16.39 38.57 -6.10
C GLU L 192 16.85 39.55 -5.01
N GLU L 193 15.95 40.46 -4.63
CA GLU L 193 16.22 41.48 -3.60
C GLU L 193 16.11 40.90 -2.19
N LEU L 194 15.70 39.63 -2.10
CA LEU L 194 15.59 38.94 -0.81
C LEU L 194 16.99 38.58 -0.31
N ILE L 195 17.81 38.07 -1.24
CA ILE L 195 19.20 37.67 -0.94
C ILE L 195 20.12 38.89 -0.88
N GLY L 196 19.70 40.01 -1.50
CA GLY L 196 20.50 41.24 -1.45
C GLY L 196 20.46 42.31 -2.54
N GLY L 197 20.49 41.91 -3.80
CA GLY L 197 20.47 42.85 -4.92
C GLY L 197 19.90 42.26 -6.20
N GLU L 198 19.80 43.10 -7.23
CA GLU L 198 19.24 42.69 -8.53
C GLU L 198 20.16 43.15 -9.66
N ASP L 199 21.27 43.81 -9.29
CA ASP L 199 22.25 44.36 -10.23
C ASP L 199 22.83 43.26 -11.12
N GLY L 200 22.63 42.01 -10.70
CA GLY L 200 23.18 40.87 -11.41
C GLY L 200 22.28 40.06 -12.29
N LYS L 201 21.00 40.43 -12.38
CA LYS L 201 20.12 39.69 -13.30
C LYS L 201 20.25 40.29 -14.69
N LYS L 202 21.01 41.40 -14.77
CA LYS L 202 21.27 42.13 -16.02
C LYS L 202 22.43 41.47 -16.78
N VAL L 203 23.19 40.62 -16.08
CA VAL L 203 24.31 39.89 -16.69
C VAL L 203 23.71 38.80 -17.58
N PHE L 204 22.53 38.35 -17.18
CA PHE L 204 21.77 37.30 -17.88
C PHE L 204 20.91 37.91 -18.98
N GLN L 205 20.33 39.10 -18.72
CA GLN L 205 19.50 39.79 -19.71
C GLN L 205 20.35 40.18 -20.93
N SER L 206 21.66 40.27 -20.70
CA SER L 206 22.65 40.63 -21.72
C SER L 206 22.93 39.44 -22.63
N ILE L 207 22.72 38.22 -22.14
CA ILE L 207 22.97 37.00 -22.94
C ILE L 207 21.79 36.73 -23.87
N LEU L 208 20.59 37.09 -23.42
CA LEU L 208 19.37 36.93 -24.23
C LEU L 208 19.38 37.97 -25.36
N ASN L 209 20.04 39.10 -25.09
CA ASN L 209 20.14 40.24 -26.02
C ASN L 209 21.13 39.94 -27.14
N TYR L 210 22.08 39.01 -26.92
CA TYR L 210 23.06 38.63 -27.95
C TYR L 210 22.42 37.60 -28.89
N LEU L 211 21.60 36.73 -28.31
CA LEU L 211 20.91 35.66 -29.04
C LEU L 211 19.60 36.20 -29.63
N LYS L 212 19.69 37.46 -30.09
CA LYS L 212 18.67 38.32 -30.72
C LYS L 212 17.26 38.02 -30.20
#